data_2NPU
#
_entry.id   2NPU
#
_entity_poly.entity_id   1
_entity_poly.type   'polypeptide(L)'
_entity_poly.pdbx_seq_one_letter_code
;MSYYHHHHHHDYDIPTTENLYFQGAMELIRVPILWHEMWHEGLEEASRLYFGERNVKGMFEVLEPLHAMMERGPQTLKET
SFNQAYGRDLMEAQEWCRKYMKSGNVKDLTQAWDLYYHVFRRISKQ
;
_entity_poly.pdbx_strand_id   A
#
# COMPACT_ATOMS: atom_id res chain seq x y z
N MET A 26 -20.03 3.89 -3.78
CA MET A 26 -20.93 2.75 -3.84
C MET A 26 -21.35 2.46 -5.28
N GLU A 27 -20.43 1.89 -6.03
CA GLU A 27 -20.70 1.56 -7.42
C GLU A 27 -20.74 0.04 -7.62
N LEU A 28 -20.07 -0.65 -6.70
CA LEU A 28 -20.02 -2.10 -6.76
C LEU A 28 -19.34 -2.53 -8.07
N ILE A 29 -18.67 -1.58 -8.70
CA ILE A 29 -17.99 -1.85 -9.95
C ILE A 29 -16.49 -2.00 -9.68
N ARG A 30 -15.89 -2.93 -10.42
CA ARG A 30 -14.46 -3.18 -10.27
C ARG A 30 -13.80 -3.28 -11.65
N VAL A 31 -12.65 -2.64 -11.76
CA VAL A 31 -11.91 -2.67 -13.01
C VAL A 31 -10.68 -3.56 -12.85
N PRO A 32 -10.36 -4.31 -13.95
CA PRO A 32 -9.23 -5.21 -13.95
C PRO A 32 -7.91 -4.43 -14.07
N ILE A 33 -7.82 -3.65 -15.14
CA ILE A 33 -6.63 -2.86 -15.37
C ILE A 33 -6.86 -1.43 -14.88
N LEU A 34 -6.51 -1.21 -13.62
CA LEU A 34 -6.68 0.09 -13.01
C LEU A 34 -5.66 0.26 -11.87
N TRP A 35 -5.96 1.19 -10.99
CA TRP A 35 -5.08 1.47 -9.86
C TRP A 35 -5.21 0.29 -8.88
N HIS A 36 -6.44 0.00 -8.51
CA HIS A 36 -6.71 -1.10 -7.59
C HIS A 36 -5.93 -2.34 -8.03
N GLU A 37 -5.60 -2.37 -9.32
CA GLU A 37 -4.86 -3.49 -9.86
C GLU A 37 -3.41 -3.47 -9.37
N MET A 38 -2.91 -2.26 -9.18
CA MET A 38 -1.54 -2.08 -8.70
C MET A 38 -1.44 -2.36 -7.20
N TRP A 39 -2.54 -2.08 -6.50
CA TRP A 39 -2.59 -2.30 -5.07
C TRP A 39 -2.61 -3.81 -4.81
N HIS A 40 -3.53 -4.47 -5.50
CA HIS A 40 -3.66 -5.92 -5.36
C HIS A 40 -2.34 -6.59 -5.73
N GLU A 41 -1.92 -6.36 -6.97
CA GLU A 41 -0.68 -6.94 -7.46
C GLU A 41 0.51 -6.41 -6.66
N GLY A 42 0.41 -5.13 -6.28
CA GLY A 42 1.46 -4.50 -5.52
C GLY A 42 1.69 -5.21 -4.18
N LEU A 43 0.65 -5.16 -3.35
CA LEU A 43 0.73 -5.81 -2.05
C LEU A 43 0.96 -7.30 -2.22
N GLU A 44 0.36 -7.84 -3.29
CA GLU A 44 0.49 -9.26 -3.58
C GLU A 44 1.96 -9.66 -3.64
N GLU A 45 2.74 -8.83 -4.33
CA GLU A 45 4.17 -9.08 -4.47
C GLU A 45 4.88 -8.81 -3.15
N ALA A 46 4.61 -7.64 -2.60
CA ALA A 46 5.22 -7.23 -1.34
C ALA A 46 5.00 -8.34 -0.30
N SER A 47 3.76 -8.77 -0.19
CA SER A 47 3.40 -9.81 0.75
C SER A 47 4.10 -11.12 0.37
N ARG A 48 3.93 -11.51 -0.89
CA ARG A 48 4.54 -12.73 -1.39
C ARG A 48 6.03 -12.75 -1.05
N LEU A 49 6.70 -11.66 -1.35
CA LEU A 49 8.12 -11.55 -1.07
C LEU A 49 8.34 -11.43 0.43
N TYR A 50 7.49 -10.64 1.06
CA TYR A 50 7.58 -10.44 2.50
C TYR A 50 7.58 -11.78 3.24
N PHE A 51 6.55 -12.56 2.99
CA PHE A 51 6.42 -13.87 3.63
C PHE A 51 7.46 -14.84 3.08
N GLY A 52 7.83 -14.62 1.81
CA GLY A 52 8.79 -15.47 1.16
C GLY A 52 10.01 -15.72 2.05
N GLU A 53 10.78 -14.66 2.26
CA GLU A 53 11.96 -14.74 3.09
C GLU A 53 11.98 -13.62 4.13
N ARG A 54 10.83 -13.43 4.77
CA ARG A 54 10.69 -12.39 5.78
C ARG A 54 11.50 -11.16 5.37
N ASN A 55 11.49 -10.88 4.08
CA ASN A 55 12.21 -9.74 3.55
C ASN A 55 11.22 -8.61 3.23
N VAL A 56 11.08 -7.70 4.19
CA VAL A 56 10.17 -6.58 4.02
C VAL A 56 10.78 -5.58 3.04
N LYS A 57 12.08 -5.73 2.81
CA LYS A 57 12.79 -4.85 1.91
C LYS A 57 12.01 -4.74 0.59
N GLY A 58 11.69 -5.91 0.04
CA GLY A 58 10.95 -5.95 -1.21
C GLY A 58 9.66 -5.13 -1.13
N MET A 59 8.92 -5.36 -0.06
CA MET A 59 7.67 -4.65 0.16
C MET A 59 7.88 -3.14 0.06
N PHE A 60 8.89 -2.67 0.78
CA PHE A 60 9.21 -1.25 0.78
C PHE A 60 9.54 -0.75 -0.62
N GLU A 61 10.25 -1.59 -1.36
CA GLU A 61 10.64 -1.25 -2.71
C GLU A 61 9.45 -1.40 -3.67
N VAL A 62 8.43 -2.08 -3.17
CA VAL A 62 7.22 -2.31 -3.95
C VAL A 62 6.30 -1.09 -3.83
N LEU A 63 6.15 -0.63 -2.60
CA LEU A 63 5.30 0.52 -2.33
C LEU A 63 6.03 1.80 -2.76
N GLU A 64 7.30 1.87 -2.39
CA GLU A 64 8.11 3.03 -2.72
C GLU A 64 7.73 3.56 -4.10
N PRO A 65 7.81 2.65 -5.11
CA PRO A 65 7.47 3.02 -6.48
C PRO A 65 5.96 3.14 -6.66
N LEU A 66 5.27 2.08 -6.26
CA LEU A 66 3.82 2.04 -6.36
C LEU A 66 3.24 3.34 -5.79
N HIS A 67 3.57 3.60 -4.54
CA HIS A 67 3.09 4.79 -3.87
C HIS A 67 3.55 6.03 -4.63
N ALA A 68 4.85 6.08 -4.89
CA ALA A 68 5.42 7.20 -5.61
C ALA A 68 4.63 7.43 -6.91
N MET A 69 4.45 6.34 -7.65
CA MET A 69 3.72 6.42 -8.90
C MET A 69 2.38 7.11 -8.71
N MET A 70 1.74 6.82 -7.58
CA MET A 70 0.46 7.42 -7.27
C MET A 70 0.60 8.91 -6.96
N GLU A 71 1.75 9.26 -6.41
CA GLU A 71 2.03 10.64 -6.07
C GLU A 71 2.38 11.45 -7.32
N ARG A 72 3.48 11.06 -7.95
CA ARG A 72 3.93 11.74 -9.15
C ARG A 72 3.04 11.37 -10.33
N GLY A 73 2.36 10.24 -10.19
CA GLY A 73 1.47 9.76 -11.24
C GLY A 73 0.02 9.75 -10.75
N PRO A 74 -0.64 10.94 -10.87
CA PRO A 74 -2.02 11.06 -10.46
C PRO A 74 -2.96 10.40 -11.46
N GLN A 75 -4.23 10.78 -11.38
CA GLN A 75 -5.25 10.24 -12.27
C GLN A 75 -6.26 11.31 -12.65
N THR A 76 -7.17 11.56 -11.71
CA THR A 76 -8.20 12.57 -11.93
C THR A 76 -8.87 12.95 -10.60
N LEU A 77 -9.75 13.94 -10.68
CA LEU A 77 -10.44 14.40 -9.50
C LEU A 77 -11.22 13.24 -8.88
N LYS A 78 -11.64 12.33 -9.74
CA LYS A 78 -12.40 11.17 -9.30
C LYS A 78 -11.49 10.26 -8.47
N GLU A 79 -10.22 10.25 -8.86
CA GLU A 79 -9.23 9.42 -8.17
C GLU A 79 -8.65 10.19 -6.98
N THR A 80 -8.78 11.51 -7.05
CA THR A 80 -8.27 12.37 -5.99
C THR A 80 -8.82 11.93 -4.64
N SER A 81 -10.10 11.55 -4.65
CA SER A 81 -10.75 11.11 -3.44
C SER A 81 -10.13 9.81 -2.93
N PHE A 82 -9.70 9.00 -3.88
CA PHE A 82 -9.09 7.72 -3.55
C PHE A 82 -7.76 7.94 -2.82
N ASN A 83 -6.89 8.71 -3.45
CA ASN A 83 -5.58 9.00 -2.89
C ASN A 83 -5.76 9.73 -1.56
N GLN A 84 -6.85 10.48 -1.47
CA GLN A 84 -7.16 11.23 -0.26
C GLN A 84 -7.74 10.30 0.81
N ALA A 85 -8.62 9.43 0.37
CA ALA A 85 -9.26 8.48 1.27
C ALA A 85 -8.18 7.77 2.10
N TYR A 86 -7.14 7.34 1.40
CA TYR A 86 -6.04 6.65 2.05
C TYR A 86 -4.87 7.61 2.32
N GLY A 87 -4.91 8.74 1.64
CA GLY A 87 -3.87 9.74 1.81
C GLY A 87 -3.42 9.83 3.26
N ARG A 88 -4.40 9.83 4.15
CA ARG A 88 -4.11 9.92 5.58
C ARG A 88 -3.69 8.55 6.12
N ASP A 89 -4.38 7.52 5.63
CA ASP A 89 -4.10 6.16 6.05
C ASP A 89 -2.64 5.83 5.73
N LEU A 90 -2.32 5.89 4.45
CA LEU A 90 -0.97 5.61 3.99
C LEU A 90 0.02 6.45 4.79
N MET A 91 -0.35 7.71 5.01
CA MET A 91 0.49 8.62 5.76
C MET A 91 0.86 8.04 7.12
N GLU A 92 -0.14 7.50 7.80
CA GLU A 92 0.07 6.91 9.11
C GLU A 92 0.98 5.68 8.99
N ALA A 93 0.53 4.72 8.21
CA ALA A 93 1.29 3.50 8.01
C ALA A 93 2.70 3.85 7.53
N GLN A 94 2.76 4.84 6.66
CA GLN A 94 4.03 5.29 6.12
C GLN A 94 4.97 5.73 7.25
N GLU A 95 4.39 6.42 8.21
CA GLU A 95 5.15 6.91 9.35
C GLU A 95 5.65 5.73 10.19
N TRP A 96 4.78 4.74 10.32
CA TRP A 96 5.12 3.55 11.09
C TRP A 96 6.25 2.82 10.37
N CYS A 97 6.27 2.98 9.05
CA CYS A 97 7.30 2.35 8.23
C CYS A 97 8.63 3.04 8.50
N ARG A 98 8.64 4.35 8.24
CA ARG A 98 9.83 5.14 8.44
C ARG A 98 10.33 4.99 9.87
N LYS A 99 9.39 4.97 10.80
CA LYS A 99 9.72 4.82 12.21
C LYS A 99 10.35 3.44 12.44
N TYR A 100 9.82 2.45 11.74
CA TYR A 100 10.32 1.10 11.86
C TYR A 100 11.70 0.96 11.21
N MET A 101 11.80 1.49 10.01
CA MET A 101 13.06 1.43 9.28
C MET A 101 14.18 2.13 10.05
N LYS A 102 13.81 3.20 10.74
CA LYS A 102 14.77 3.97 11.52
C LYS A 102 14.91 3.32 12.90
N SER A 103 13.78 3.18 13.58
CA SER A 103 13.77 2.60 14.90
C SER A 103 14.08 1.10 14.81
N GLY A 104 13.14 0.36 14.23
CA GLY A 104 13.31 -1.07 14.08
C GLY A 104 12.47 -1.83 15.10
N ASN A 105 11.26 -2.16 14.70
CA ASN A 105 10.35 -2.89 15.58
C ASN A 105 9.27 -3.57 14.73
N VAL A 106 9.20 -4.88 14.85
CA VAL A 106 8.22 -5.66 14.10
C VAL A 106 6.82 -5.14 14.43
N LYS A 107 6.61 -4.85 15.71
CA LYS A 107 5.33 -4.35 16.16
C LYS A 107 4.89 -3.20 15.26
N ASP A 108 5.82 -2.27 15.04
CA ASP A 108 5.53 -1.11 14.20
C ASP A 108 5.32 -1.58 12.76
N LEU A 109 6.12 -2.56 12.37
CA LEU A 109 6.03 -3.10 11.02
C LEU A 109 4.65 -3.75 10.82
N THR A 110 4.24 -4.51 11.82
CA THR A 110 2.96 -5.18 11.77
C THR A 110 1.83 -4.16 11.65
N GLN A 111 1.94 -3.10 12.45
CA GLN A 111 0.94 -2.06 12.44
C GLN A 111 0.83 -1.42 11.05
N ALA A 112 2.00 -1.19 10.46
CA ALA A 112 2.05 -0.59 9.14
C ALA A 112 1.37 -1.52 8.13
N TRP A 113 1.60 -2.81 8.32
CA TRP A 113 1.02 -3.82 7.45
C TRP A 113 -0.49 -3.84 7.70
N ASP A 114 -0.86 -3.53 8.93
CA ASP A 114 -2.26 -3.51 9.31
C ASP A 114 -2.96 -2.34 8.61
N LEU A 115 -2.36 -1.17 8.75
CA LEU A 115 -2.92 0.03 8.15
C LEU A 115 -3.11 -0.20 6.65
N TYR A 116 -2.04 -0.69 6.02
CA TYR A 116 -2.08 -0.96 4.59
C TYR A 116 -3.25 -1.87 4.23
N TYR A 117 -3.28 -3.02 4.90
CA TYR A 117 -4.33 -3.99 4.67
C TYR A 117 -5.71 -3.33 4.71
N HIS A 118 -5.85 -2.38 5.62
CA HIS A 118 -7.11 -1.66 5.77
C HIS A 118 -7.42 -0.90 4.48
N VAL A 119 -6.42 -0.18 4.00
CA VAL A 119 -6.58 0.58 2.77
C VAL A 119 -6.69 -0.36 1.58
N PHE A 120 -5.76 -1.30 1.53
CA PHE A 120 -5.75 -2.28 0.44
C PHE A 120 -7.01 -3.13 0.46
N ARG A 121 -7.55 -3.32 1.66
CA ARG A 121 -8.75 -4.11 1.84
C ARG A 121 -9.98 -3.33 1.35
N ARG A 122 -9.95 -2.03 1.61
CA ARG A 122 -11.04 -1.16 1.20
C ARG A 122 -11.16 -1.12 -0.32
N ILE A 123 -10.03 -0.86 -0.96
CA ILE A 123 -10.00 -0.79 -2.42
C ILE A 123 -10.69 -2.03 -2.99
N SER A 124 -10.53 -3.14 -2.27
CA SER A 124 -11.13 -4.39 -2.70
C SER A 124 -12.58 -4.48 -2.20
N LYS A 125 -12.74 -4.23 -0.91
CA LYS A 125 -14.05 -4.28 -0.29
C LYS A 125 -15.02 -3.42 -1.11
N GLN A 126 -16.15 -4.02 -1.45
CA GLN A 126 -17.17 -3.32 -2.22
C GLN A 126 -18.44 -4.15 -2.30
N MET A 26 -10.21 -9.47 -2.19
CA MET A 26 -10.57 -9.79 -3.57
C MET A 26 -9.38 -10.37 -4.33
N GLU A 27 -9.38 -11.68 -4.46
CA GLU A 27 -8.31 -12.37 -5.16
C GLU A 27 -8.83 -13.00 -6.46
N LEU A 28 -10.12 -12.79 -6.70
CA LEU A 28 -10.75 -13.31 -7.89
C LEU A 28 -10.93 -12.18 -8.91
N ILE A 29 -12.05 -12.24 -9.61
CA ILE A 29 -12.36 -11.23 -10.61
C ILE A 29 -11.80 -9.88 -10.16
N ARG A 30 -11.23 -9.16 -11.11
CA ARG A 30 -10.65 -7.85 -10.82
C ARG A 30 -10.18 -7.19 -12.12
N VAL A 31 -10.43 -5.90 -12.21
CA VAL A 31 -10.05 -5.13 -13.37
C VAL A 31 -8.52 -5.15 -13.50
N PRO A 32 -8.04 -5.48 -14.74
CA PRO A 32 -6.62 -5.53 -15.00
C PRO A 32 -6.02 -4.13 -15.11
N ILE A 33 -6.82 -3.22 -15.66
CA ILE A 33 -6.39 -1.85 -15.83
C ILE A 33 -7.11 -0.96 -14.81
N LEU A 34 -6.45 -0.76 -13.68
CA LEU A 34 -7.01 0.06 -12.62
C LEU A 34 -6.02 0.15 -11.46
N TRP A 35 -6.05 1.29 -10.78
CA TRP A 35 -5.17 1.51 -9.66
C TRP A 35 -5.25 0.29 -8.73
N HIS A 36 -6.48 -0.06 -8.39
CA HIS A 36 -6.71 -1.19 -7.51
C HIS A 36 -5.90 -2.39 -8.00
N GLU A 37 -5.58 -2.37 -9.29
CA GLU A 37 -4.79 -3.43 -9.88
C GLU A 37 -3.38 -3.45 -9.31
N MET A 38 -2.88 -2.25 -9.03
CA MET A 38 -1.54 -2.11 -8.48
C MET A 38 -1.52 -2.45 -7.00
N TRP A 39 -2.63 -2.15 -6.33
CA TRP A 39 -2.74 -2.42 -4.92
C TRP A 39 -2.70 -3.94 -4.72
N HIS A 40 -3.48 -4.63 -5.52
CA HIS A 40 -3.54 -6.09 -5.45
C HIS A 40 -2.18 -6.67 -5.84
N GLU A 41 -1.76 -6.35 -7.05
CA GLU A 41 -0.48 -6.84 -7.55
C GLU A 41 0.65 -6.41 -6.61
N GLY A 42 0.51 -5.21 -6.06
CA GLY A 42 1.50 -4.68 -5.14
C GLY A 42 1.70 -5.61 -3.94
N LEU A 43 0.64 -5.75 -3.17
CA LEU A 43 0.68 -6.60 -1.99
C LEU A 43 0.99 -8.04 -2.41
N GLU A 44 0.57 -8.37 -3.62
CA GLU A 44 0.80 -9.70 -4.15
C GLU A 44 2.29 -10.05 -4.09
N GLU A 45 3.10 -9.14 -4.61
CA GLU A 45 4.54 -9.34 -4.62
C GLU A 45 5.12 -9.00 -3.25
N ALA A 46 4.72 -7.85 -2.73
CA ALA A 46 5.19 -7.40 -1.43
C ALA A 46 4.93 -8.49 -0.39
N SER A 47 3.72 -9.03 -0.46
CA SER A 47 3.32 -10.08 0.46
C SER A 47 4.03 -11.39 0.12
N ARG A 48 4.02 -11.70 -1.16
CA ARG A 48 4.66 -12.92 -1.63
C ARG A 48 6.09 -13.00 -1.12
N LEU A 49 6.83 -11.92 -1.33
CA LEU A 49 8.21 -11.85 -0.90
C LEU A 49 8.26 -11.83 0.63
N TYR A 50 7.32 -11.11 1.21
CA TYR A 50 7.24 -10.98 2.66
C TYR A 50 7.02 -12.35 3.30
N PHE A 51 5.98 -13.04 2.85
CA PHE A 51 5.65 -14.34 3.37
C PHE A 51 6.62 -15.40 2.83
N GLY A 52 6.91 -15.31 1.55
CA GLY A 52 7.81 -16.24 0.91
C GLY A 52 9.24 -16.11 1.46
N GLU A 53 9.63 -14.85 1.66
CA GLU A 53 10.95 -14.56 2.19
C GLU A 53 10.86 -13.96 3.59
N ARG A 54 11.97 -13.41 4.04
CA ARG A 54 12.02 -12.80 5.37
C ARG A 54 12.55 -11.37 5.27
N ASN A 55 12.46 -10.82 4.07
CA ASN A 55 12.92 -9.46 3.84
C ASN A 55 11.72 -8.57 3.46
N VAL A 56 11.25 -7.83 4.46
CA VAL A 56 10.11 -6.95 4.25
C VAL A 56 10.54 -5.79 3.35
N LYS A 57 11.84 -5.68 3.16
CA LYS A 57 12.39 -4.62 2.32
C LYS A 57 11.66 -4.61 0.98
N GLY A 58 11.34 -5.81 0.50
CA GLY A 58 10.65 -5.95 -0.76
C GLY A 58 9.31 -5.20 -0.74
N MET A 59 8.51 -5.52 0.26
CA MET A 59 7.20 -4.89 0.41
C MET A 59 7.33 -3.37 0.44
N PHE A 60 8.36 -2.91 1.14
CA PHE A 60 8.61 -1.48 1.26
C PHE A 60 9.02 -0.87 -0.09
N GLU A 61 9.82 -1.64 -0.82
CA GLU A 61 10.28 -1.20 -2.12
C GLU A 61 9.17 -1.35 -3.16
N VAL A 62 8.15 -2.09 -2.78
CA VAL A 62 7.01 -2.32 -3.66
C VAL A 62 6.04 -1.14 -3.56
N LEU A 63 5.77 -0.74 -2.31
CA LEU A 63 4.87 0.36 -2.07
C LEU A 63 5.57 1.68 -2.37
N GLU A 64 6.80 1.78 -1.89
CA GLU A 64 7.60 2.99 -2.11
C GLU A 64 7.30 3.57 -3.49
N PRO A 65 7.48 2.72 -4.53
CA PRO A 65 7.24 3.14 -5.90
C PRO A 65 5.74 3.22 -6.18
N LEU A 66 5.05 2.13 -5.87
CA LEU A 66 3.61 2.06 -6.09
C LEU A 66 2.96 3.32 -5.52
N HIS A 67 3.20 3.54 -4.23
CA HIS A 67 2.63 4.69 -3.55
C HIS A 67 3.09 5.97 -4.26
N ALA A 68 4.40 6.09 -4.42
CA ALA A 68 4.99 7.25 -5.07
C ALA A 68 4.29 7.48 -6.41
N MET A 69 4.15 6.39 -7.16
CA MET A 69 3.52 6.45 -8.46
C MET A 69 2.16 7.15 -8.37
N MET A 70 1.44 6.83 -7.31
CA MET A 70 0.12 7.41 -7.09
C MET A 70 0.23 8.91 -6.75
N GLU A 71 1.32 9.24 -6.07
CA GLU A 71 1.56 10.63 -5.68
C GLU A 71 1.91 11.47 -6.91
N ARG A 72 3.03 11.12 -7.52
CA ARG A 72 3.50 11.83 -8.70
C ARG A 72 2.64 11.47 -9.92
N GLY A 73 1.96 10.34 -9.80
CA GLY A 73 1.10 9.87 -10.88
C GLY A 73 -0.37 9.84 -10.44
N PRO A 74 -1.01 11.04 -10.49
CA PRO A 74 -2.40 11.17 -10.11
C PRO A 74 -3.32 10.59 -11.18
N GLN A 75 -4.58 11.00 -11.12
CA GLN A 75 -5.56 10.53 -12.08
C GLN A 75 -6.54 11.66 -12.43
N THR A 76 -7.44 11.94 -11.49
CA THR A 76 -8.42 12.99 -11.69
C THR A 76 -9.06 13.37 -10.35
N LEU A 77 -9.71 14.53 -10.36
CA LEU A 77 -10.36 15.03 -9.16
C LEU A 77 -11.27 13.92 -8.59
N LYS A 78 -11.73 13.06 -9.49
CA LYS A 78 -12.61 11.96 -9.09
C LYS A 78 -11.79 10.93 -8.32
N GLU A 79 -10.61 10.63 -8.86
CA GLU A 79 -9.72 9.65 -8.24
C GLU A 79 -8.99 10.28 -7.06
N THR A 80 -8.95 11.61 -7.06
CA THR A 80 -8.29 12.34 -5.99
C THR A 80 -8.84 11.92 -4.63
N SER A 81 -10.09 11.46 -4.64
CA SER A 81 -10.74 11.03 -3.42
C SER A 81 -10.08 9.75 -2.91
N PHE A 82 -9.69 8.90 -3.86
CA PHE A 82 -9.05 7.64 -3.52
C PHE A 82 -7.69 7.88 -2.84
N ASN A 83 -6.86 8.66 -3.51
CA ASN A 83 -5.54 8.97 -2.99
C ASN A 83 -5.69 9.76 -1.68
N GLN A 84 -6.78 10.50 -1.60
CA GLN A 84 -7.05 11.30 -0.41
C GLN A 84 -7.59 10.42 0.71
N ALA A 85 -8.63 9.66 0.38
CA ALA A 85 -9.25 8.78 1.36
C ALA A 85 -8.16 8.07 2.16
N TYR A 86 -7.19 7.51 1.44
CA TYR A 86 -6.10 6.81 2.07
C TYR A 86 -4.88 7.72 2.22
N GLY A 87 -4.92 8.84 1.51
CA GLY A 87 -3.83 9.79 1.56
C GLY A 87 -3.30 9.95 2.98
N ARG A 88 -4.23 9.96 3.93
CA ARG A 88 -3.86 10.09 5.34
C ARG A 88 -3.36 8.75 5.88
N ASP A 89 -4.18 7.73 5.70
CA ASP A 89 -3.85 6.41 6.18
C ASP A 89 -2.45 6.03 5.67
N LEU A 90 -2.28 6.11 4.36
CA LEU A 90 -1.00 5.79 3.74
C LEU A 90 0.11 6.58 4.43
N MET A 91 -0.23 7.82 4.79
CA MET A 91 0.73 8.69 5.45
C MET A 91 1.17 8.09 6.79
N GLU A 92 0.19 7.66 7.57
CA GLU A 92 0.46 7.07 8.86
C GLU A 92 1.29 5.81 8.71
N ALA A 93 0.80 4.90 7.88
CA ALA A 93 1.49 3.65 7.64
C ALA A 93 2.93 3.94 7.22
N GLN A 94 3.08 4.98 6.40
CA GLN A 94 4.39 5.37 5.93
C GLN A 94 5.28 5.79 7.10
N GLU A 95 4.67 6.50 8.03
CA GLU A 95 5.39 6.98 9.20
C GLU A 95 5.91 5.79 10.02
N TRP A 96 5.08 4.78 10.11
CA TRP A 96 5.43 3.58 10.86
C TRP A 96 6.52 2.84 10.07
N CYS A 97 6.44 2.96 8.76
CA CYS A 97 7.40 2.31 7.89
C CYS A 97 8.79 2.86 8.20
N ARG A 98 8.87 4.19 8.20
CA ARG A 98 10.13 4.86 8.49
C ARG A 98 10.61 4.51 9.90
N LYS A 99 9.66 4.50 10.83
CA LYS A 99 9.97 4.19 12.22
C LYS A 99 10.75 2.87 12.27
N TYR A 100 10.19 1.87 11.60
CA TYR A 100 10.81 0.56 11.57
C TYR A 100 12.09 0.57 10.75
N MET A 101 12.01 1.22 9.59
CA MET A 101 13.15 1.33 8.71
C MET A 101 14.33 2.01 9.40
N LYS A 102 14.05 3.14 10.02
CA LYS A 102 15.07 3.89 10.72
C LYS A 102 15.61 3.05 11.87
N SER A 103 14.71 2.67 12.78
CA SER A 103 15.09 1.86 13.92
C SER A 103 13.88 1.64 14.83
N GLY A 104 12.86 1.00 14.26
CA GLY A 104 11.65 0.74 15.00
C GLY A 104 11.60 -0.73 15.46
N ASN A 105 10.41 -1.30 15.37
CA ASN A 105 10.23 -2.69 15.76
C ASN A 105 9.14 -3.32 14.89
N VAL A 106 9.16 -4.64 14.84
CA VAL A 106 8.20 -5.39 14.05
C VAL A 106 6.79 -4.84 14.33
N LYS A 107 6.54 -4.54 15.60
CA LYS A 107 5.26 -4.00 16.02
C LYS A 107 4.88 -2.84 15.10
N ASP A 108 5.85 -1.98 14.85
CA ASP A 108 5.63 -0.83 14.00
C ASP A 108 5.43 -1.29 12.56
N LEU A 109 6.16 -2.33 12.19
CA LEU A 109 6.08 -2.89 10.85
C LEU A 109 4.67 -3.44 10.63
N THR A 110 4.22 -4.23 11.59
CA THR A 110 2.90 -4.84 11.51
C THR A 110 1.82 -3.75 11.45
N GLN A 111 2.02 -2.73 12.26
CA GLN A 111 1.08 -1.63 12.31
C GLN A 111 0.92 -1.00 10.93
N ALA A 112 2.06 -0.71 10.31
CA ALA A 112 2.07 -0.10 8.99
C ALA A 112 1.30 -1.01 8.02
N TRP A 113 1.65 -2.28 8.03
CA TRP A 113 1.01 -3.25 7.16
C TRP A 113 -0.48 -3.26 7.48
N ASP A 114 -0.78 -3.16 8.78
CA ASP A 114 -2.16 -3.14 9.22
C ASP A 114 -2.91 -2.00 8.53
N LEU A 115 -2.31 -0.82 8.61
CA LEU A 115 -2.91 0.36 8.01
C LEU A 115 -3.18 0.08 6.52
N TYR A 116 -2.13 -0.34 5.83
CA TYR A 116 -2.23 -0.64 4.41
C TYR A 116 -3.33 -1.66 4.16
N TYR A 117 -3.22 -2.79 4.84
CA TYR A 117 -4.20 -3.86 4.69
C TYR A 117 -5.62 -3.31 4.79
N HIS A 118 -5.79 -2.33 5.66
CA HIS A 118 -7.09 -1.71 5.85
C HIS A 118 -7.54 -1.02 4.56
N VAL A 119 -6.66 -0.14 4.07
CA VAL A 119 -6.95 0.59 2.86
C VAL A 119 -6.98 -0.39 1.67
N PHE A 120 -6.01 -1.28 1.66
CA PHE A 120 -5.91 -2.26 0.60
C PHE A 120 -7.09 -3.24 0.65
N ARG A 121 -7.59 -3.45 1.86
CA ARG A 121 -8.72 -4.35 2.06
C ARG A 121 -10.01 -3.68 1.61
N ARG A 122 -10.05 -2.37 1.75
CA ARG A 122 -11.22 -1.60 1.36
C ARG A 122 -11.34 -1.54 -0.17
N ILE A 123 -10.24 -1.14 -0.79
CA ILE A 123 -10.21 -1.04 -2.25
C ILE A 123 -10.90 -2.26 -2.85
N SER A 124 -10.85 -3.36 -2.11
CA SER A 124 -11.45 -4.60 -2.56
C SER A 124 -12.87 -4.72 -2.01
N LYS A 125 -12.98 -4.54 -0.70
CA LYS A 125 -14.27 -4.62 -0.04
C LYS A 125 -15.33 -3.95 -0.91
N GLN A 126 -14.89 -2.96 -1.67
CA GLN A 126 -15.80 -2.23 -2.55
C GLN A 126 -16.45 -3.19 -3.55
N MET A 26 -11.67 3.60 -17.06
CA MET A 26 -12.61 2.67 -16.47
C MET A 26 -13.18 1.72 -17.53
N GLU A 27 -13.16 0.43 -17.21
CA GLU A 27 -13.67 -0.58 -18.12
C GLU A 27 -15.04 -1.07 -17.65
N LEU A 28 -15.27 -0.95 -16.35
CA LEU A 28 -16.53 -1.38 -15.77
C LEU A 28 -16.50 -1.11 -14.27
N ILE A 29 -17.40 -1.80 -13.56
CA ILE A 29 -17.50 -1.63 -12.12
C ILE A 29 -16.09 -1.71 -11.51
N ARG A 30 -15.66 -2.93 -11.24
CA ARG A 30 -14.34 -3.15 -10.66
C ARG A 30 -13.35 -3.58 -11.74
N VAL A 31 -12.97 -2.61 -12.56
CA VAL A 31 -12.03 -2.87 -13.63
C VAL A 31 -10.78 -3.55 -13.06
N PRO A 32 -10.32 -4.61 -13.78
CA PRO A 32 -9.15 -5.35 -13.36
C PRO A 32 -7.87 -4.57 -13.63
N ILE A 33 -7.93 -3.76 -14.68
CA ILE A 33 -6.79 -2.94 -15.06
C ILE A 33 -6.98 -1.52 -14.56
N LEU A 34 -6.46 -1.26 -13.37
CA LEU A 34 -6.57 0.06 -12.76
C LEU A 34 -5.59 0.16 -11.59
N TRP A 35 -5.88 1.11 -10.71
CA TRP A 35 -5.04 1.32 -9.54
C TRP A 35 -5.16 0.09 -8.64
N HIS A 36 -6.41 -0.27 -8.36
CA HIS A 36 -6.69 -1.42 -7.51
C HIS A 36 -5.84 -2.60 -7.96
N GLU A 37 -5.41 -2.54 -9.21
CA GLU A 37 -4.60 -3.61 -9.77
C GLU A 37 -3.17 -3.51 -9.24
N MET A 38 -2.72 -2.28 -9.05
CA MET A 38 -1.38 -2.04 -8.55
C MET A 38 -1.27 -2.41 -7.07
N TRP A 39 -2.38 -2.25 -6.37
CA TRP A 39 -2.42 -2.56 -4.95
C TRP A 39 -2.45 -4.09 -4.81
N HIS A 40 -3.38 -4.71 -5.52
CA HIS A 40 -3.52 -6.15 -5.48
C HIS A 40 -2.17 -6.80 -5.82
N GLU A 41 -1.64 -6.43 -6.98
CA GLU A 41 -0.37 -6.97 -7.42
C GLU A 41 0.77 -6.45 -6.55
N GLY A 42 0.64 -5.18 -6.17
CA GLY A 42 1.65 -4.54 -5.33
C GLY A 42 1.85 -5.32 -4.03
N LEU A 43 0.80 -5.34 -3.22
CA LEU A 43 0.85 -6.05 -1.95
C LEU A 43 1.12 -7.52 -2.19
N GLU A 44 0.60 -8.01 -3.31
CA GLU A 44 0.79 -9.41 -3.67
C GLU A 44 2.27 -9.77 -3.66
N GLU A 45 3.07 -8.91 -4.27
CA GLU A 45 4.51 -9.13 -4.34
C GLU A 45 5.15 -8.80 -2.98
N ALA A 46 4.83 -7.62 -2.49
CA ALA A 46 5.37 -7.18 -1.21
C ALA A 46 5.13 -8.26 -0.16
N SER A 47 3.91 -8.79 -0.16
CA SER A 47 3.56 -9.83 0.78
C SER A 47 4.35 -11.11 0.49
N ARG A 48 4.35 -11.48 -0.78
CA ARG A 48 5.06 -12.67 -1.20
C ARG A 48 6.50 -12.65 -0.68
N LEU A 49 7.16 -11.53 -0.90
CA LEU A 49 8.53 -11.35 -0.46
C LEU A 49 8.55 -11.24 1.07
N TYR A 50 7.58 -10.51 1.59
CA TYR A 50 7.48 -10.31 3.03
C TYR A 50 7.47 -11.65 3.77
N PHE A 51 6.51 -12.49 3.38
CA PHE A 51 6.37 -13.80 4.00
C PHE A 51 7.48 -14.74 3.53
N GLY A 52 7.95 -14.50 2.31
CA GLY A 52 9.00 -15.32 1.74
C GLY A 52 10.16 -15.52 2.73
N GLU A 53 10.86 -14.43 2.98
CA GLU A 53 11.99 -14.47 3.91
C GLU A 53 11.96 -13.24 4.82
N ARG A 54 10.82 -13.03 5.46
CA ARG A 54 10.65 -11.91 6.36
C ARG A 54 11.46 -10.71 5.86
N ASN A 55 11.44 -10.53 4.55
CA ASN A 55 12.17 -9.43 3.93
C ASN A 55 11.16 -8.37 3.46
N VAL A 56 10.84 -7.46 4.37
CA VAL A 56 9.90 -6.40 4.06
C VAL A 56 10.57 -5.39 3.13
N LYS A 57 11.87 -5.55 2.98
CA LYS A 57 12.64 -4.66 2.12
C LYS A 57 11.94 -4.55 0.76
N GLY A 58 11.62 -5.71 0.21
CA GLY A 58 10.96 -5.77 -1.09
C GLY A 58 9.69 -4.92 -1.09
N MET A 59 8.87 -5.13 -0.07
CA MET A 59 7.62 -4.40 0.07
C MET A 59 7.86 -2.90 -0.03
N PHE A 60 8.73 -2.41 0.85
CA PHE A 60 9.06 -0.99 0.89
C PHE A 60 9.41 -0.48 -0.52
N GLU A 61 10.17 -1.30 -1.24
CA GLU A 61 10.58 -0.94 -2.58
C GLU A 61 9.42 -1.15 -3.56
N VAL A 62 8.43 -1.89 -3.11
CA VAL A 62 7.26 -2.17 -3.93
C VAL A 62 6.26 -1.02 -3.79
N LEU A 63 6.07 -0.60 -2.54
CA LEU A 63 5.15 0.49 -2.25
C LEU A 63 5.79 1.82 -2.63
N GLU A 64 7.05 1.96 -2.25
CA GLU A 64 7.79 3.18 -2.54
C GLU A 64 7.41 3.72 -3.91
N PRO A 65 7.53 2.84 -4.95
CA PRO A 65 7.20 3.22 -6.31
C PRO A 65 5.68 3.27 -6.50
N LEU A 66 5.02 2.19 -6.12
CA LEU A 66 3.57 2.10 -6.25
C LEU A 66 2.95 3.38 -5.68
N HIS A 67 3.28 3.67 -4.43
CA HIS A 67 2.75 4.85 -3.77
C HIS A 67 3.19 6.10 -4.53
N ALA A 68 4.49 6.20 -4.73
CA ALA A 68 5.06 7.33 -5.44
C ALA A 68 4.30 7.54 -6.75
N MET A 69 4.20 6.46 -7.51
CA MET A 69 3.50 6.50 -8.79
C MET A 69 2.12 7.14 -8.64
N MET A 70 1.48 6.82 -7.53
CA MET A 70 0.15 7.35 -7.25
C MET A 70 0.21 8.87 -7.00
N GLU A 71 1.32 9.29 -6.42
CA GLU A 71 1.51 10.70 -6.12
C GLU A 71 1.89 11.47 -7.40
N ARG A 72 3.05 11.12 -7.94
CA ARG A 72 3.53 11.77 -9.15
C ARG A 72 2.67 11.34 -10.35
N GLY A 73 1.97 10.24 -10.17
CA GLY A 73 1.11 9.72 -11.23
C GLY A 73 -0.36 9.68 -10.78
N PRO A 74 -0.99 10.89 -10.82
CA PRO A 74 -2.38 11.01 -10.42
C PRO A 74 -3.31 10.46 -11.50
N GLN A 75 -4.56 10.85 -11.41
CA GLN A 75 -5.56 10.39 -12.38
C GLN A 75 -6.56 11.51 -12.67
N THR A 76 -7.30 11.89 -11.65
CA THR A 76 -8.30 12.94 -11.78
C THR A 76 -8.97 13.21 -10.43
N LEU A 77 -9.84 14.22 -10.43
CA LEU A 77 -10.56 14.59 -9.23
C LEU A 77 -11.30 13.35 -8.69
N LYS A 78 -11.67 12.48 -9.61
CA LYS A 78 -12.38 11.26 -9.24
C LYS A 78 -11.45 10.37 -8.42
N GLU A 79 -10.20 10.32 -8.84
CA GLU A 79 -9.21 9.50 -8.16
C GLU A 79 -8.64 10.25 -6.95
N THR A 80 -8.79 11.56 -7.00
CA THR A 80 -8.30 12.40 -5.91
C THR A 80 -8.87 11.94 -4.57
N SER A 81 -10.06 11.34 -4.64
CA SER A 81 -10.71 10.84 -3.45
C SER A 81 -9.99 9.59 -2.94
N PHE A 82 -9.53 8.79 -3.88
CA PHE A 82 -8.83 7.56 -3.54
C PHE A 82 -7.51 7.87 -2.82
N ASN A 83 -6.73 8.76 -3.43
CA ASN A 83 -5.46 9.15 -2.86
C ASN A 83 -5.68 9.88 -1.54
N GLN A 84 -6.83 10.52 -1.45
CA GLN A 84 -7.19 11.27 -0.25
C GLN A 84 -7.68 10.30 0.84
N ALA A 85 -8.67 9.50 0.48
CA ALA A 85 -9.24 8.53 1.40
C ALA A 85 -8.10 7.85 2.17
N TYR A 86 -7.11 7.39 1.42
CA TYR A 86 -5.96 6.72 2.01
C TYR A 86 -4.82 7.71 2.26
N GLY A 87 -4.93 8.86 1.62
CA GLY A 87 -3.91 9.89 1.77
C GLY A 87 -3.39 9.94 3.20
N ARG A 88 -4.32 10.00 4.13
CA ARG A 88 -3.97 10.06 5.55
C ARG A 88 -3.50 8.68 6.03
N ASP A 89 -4.29 7.67 5.70
CA ASP A 89 -3.97 6.31 6.09
C ASP A 89 -2.53 5.99 5.68
N LEU A 90 -2.28 6.11 4.39
CA LEU A 90 -0.95 5.83 3.85
C LEU A 90 0.08 6.64 4.64
N MET A 91 -0.27 7.89 4.90
CA MET A 91 0.61 8.78 5.63
C MET A 91 1.00 8.18 6.99
N GLU A 92 -0.01 7.63 7.66
CA GLU A 92 0.21 7.02 8.97
C GLU A 92 1.09 5.77 8.82
N ALA A 93 0.61 4.85 8.00
CA ALA A 93 1.33 3.61 7.77
C ALA A 93 2.77 3.93 7.37
N GLN A 94 2.91 4.94 6.53
CA GLN A 94 4.23 5.35 6.06
C GLN A 94 5.10 5.77 7.25
N GLU A 95 4.49 6.53 8.16
CA GLU A 95 5.19 7.00 9.34
C GLU A 95 5.67 5.81 10.18
N TRP A 96 4.84 4.77 10.20
CA TRP A 96 5.17 3.58 10.97
C TRP A 96 6.32 2.86 10.25
N CYS A 97 6.33 2.97 8.93
CA CYS A 97 7.36 2.35 8.13
C CYS A 97 8.71 2.94 8.53
N ARG A 98 8.73 4.28 8.59
CA ARG A 98 9.95 4.97 8.97
C ARG A 98 10.38 4.59 10.38
N LYS A 99 9.39 4.54 11.27
CA LYS A 99 9.66 4.18 12.66
C LYS A 99 10.41 2.86 12.70
N TYR A 100 9.96 1.92 11.89
CA TYR A 100 10.59 0.61 11.82
C TYR A 100 11.94 0.69 11.12
N MET A 101 11.92 1.25 9.93
CA MET A 101 13.14 1.39 9.15
C MET A 101 14.29 1.93 10.00
N LYS A 102 13.92 2.72 11.00
CA LYS A 102 14.90 3.30 11.90
C LYS A 102 15.79 2.18 12.46
N SER A 103 15.15 1.22 13.08
CA SER A 103 15.86 0.09 13.67
C SER A 103 14.91 -1.09 13.89
N GLY A 104 14.26 -1.48 12.81
CA GLY A 104 13.32 -2.59 12.87
C GLY A 104 12.24 -2.35 13.94
N ASN A 105 11.16 -3.11 13.83
CA ASN A 105 10.06 -2.98 14.77
C ASN A 105 8.81 -3.63 14.18
N VAL A 106 8.75 -4.95 14.31
CA VAL A 106 7.62 -5.70 13.80
C VAL A 106 6.31 -5.03 14.26
N LYS A 107 6.36 -4.50 15.47
CA LYS A 107 5.20 -3.84 16.05
C LYS A 107 4.72 -2.75 15.08
N ASP A 108 5.65 -1.92 14.66
CA ASP A 108 5.33 -0.84 13.74
C ASP A 108 5.00 -1.43 12.36
N LEU A 109 5.78 -2.44 11.99
CA LEU A 109 5.58 -3.10 10.72
C LEU A 109 4.15 -3.66 10.64
N THR A 110 3.78 -4.36 11.70
CA THR A 110 2.46 -4.95 11.77
C THR A 110 1.38 -3.86 11.71
N GLN A 111 1.62 -2.78 12.43
CA GLN A 111 0.70 -1.67 12.45
C GLN A 111 0.57 -1.05 11.06
N ALA A 112 1.72 -0.83 10.44
CA ALA A 112 1.75 -0.24 9.12
C ALA A 112 1.07 -1.18 8.12
N TRP A 113 1.48 -2.44 8.19
CA TRP A 113 0.92 -3.46 7.30
C TRP A 113 -0.60 -3.47 7.50
N ASP A 114 -1.00 -3.26 8.74
CA ASP A 114 -2.42 -3.24 9.07
C ASP A 114 -3.10 -2.08 8.32
N LEU A 115 -2.50 -0.91 8.46
CA LEU A 115 -3.03 0.28 7.81
C LEU A 115 -3.19 0.01 6.31
N TYR A 116 -2.08 -0.44 5.71
CA TYR A 116 -2.08 -0.73 4.28
C TYR A 116 -3.20 -1.72 3.92
N TYR A 117 -3.17 -2.86 4.59
CA TYR A 117 -4.18 -3.88 4.36
C TYR A 117 -5.58 -3.30 4.38
N HIS A 118 -5.78 -2.34 5.28
CA HIS A 118 -7.07 -1.68 5.41
C HIS A 118 -7.41 -0.95 4.11
N VAL A 119 -6.41 -0.25 3.59
CA VAL A 119 -6.58 0.49 2.36
C VAL A 119 -6.55 -0.47 1.17
N PHE A 120 -5.66 -1.45 1.27
CA PHE A 120 -5.51 -2.44 0.21
C PHE A 120 -6.74 -3.34 0.14
N ARG A 121 -7.33 -3.58 1.30
CA ARG A 121 -8.50 -4.43 1.37
C ARG A 121 -9.75 -3.64 0.97
N ARG A 122 -9.73 -2.37 1.31
CA ARG A 122 -10.86 -1.49 0.99
C ARG A 122 -11.01 -1.36 -0.53
N ILE A 123 -9.91 -1.03 -1.18
CA ILE A 123 -9.90 -0.86 -2.62
C ILE A 123 -10.68 -2.03 -3.26
N SER A 124 -10.67 -3.16 -2.57
CA SER A 124 -11.36 -4.33 -3.05
C SER A 124 -12.76 -4.41 -2.43
N LYS A 125 -12.78 -4.39 -1.11
CA LYS A 125 -14.04 -4.46 -0.37
C LYS A 125 -15.08 -3.60 -1.09
N GLN A 126 -16.33 -4.02 -0.98
CA GLN A 126 -17.42 -3.31 -1.61
C GLN A 126 -17.12 -3.06 -3.09
N MET A 26 -18.92 -12.90 -1.23
CA MET A 26 -18.19 -12.94 -2.48
C MET A 26 -16.91 -12.10 -2.39
N GLU A 27 -16.07 -12.26 -3.40
CA GLU A 27 -14.82 -11.52 -3.45
C GLU A 27 -14.96 -10.29 -4.35
N LEU A 28 -16.02 -10.31 -5.15
CA LEU A 28 -16.28 -9.21 -6.07
C LEU A 28 -15.12 -9.08 -7.05
N ILE A 29 -15.44 -9.26 -8.33
CA ILE A 29 -14.44 -9.16 -9.36
C ILE A 29 -13.74 -7.80 -9.28
N ARG A 30 -12.74 -7.63 -10.13
CA ARG A 30 -11.99 -6.39 -10.17
C ARG A 30 -11.52 -6.09 -11.58
N VAL A 31 -10.95 -4.91 -11.75
CA VAL A 31 -10.45 -4.49 -13.05
C VAL A 31 -8.95 -4.80 -13.14
N PRO A 32 -8.56 -5.41 -14.29
CA PRO A 32 -7.17 -5.76 -14.51
C PRO A 32 -6.33 -4.52 -14.84
N ILE A 33 -7.00 -3.53 -15.41
CA ILE A 33 -6.34 -2.29 -15.77
C ILE A 33 -6.91 -1.14 -14.93
N LEU A 34 -6.21 -0.85 -13.84
CA LEU A 34 -6.63 0.22 -12.95
C LEU A 34 -5.64 0.33 -11.79
N TRP A 35 -6.02 1.13 -10.81
CA TRP A 35 -5.18 1.33 -9.64
C TRP A 35 -5.32 0.10 -8.74
N HIS A 36 -6.56 -0.24 -8.43
CA HIS A 36 -6.84 -1.39 -7.60
C HIS A 36 -6.02 -2.59 -8.07
N GLU A 37 -5.61 -2.53 -9.33
CA GLU A 37 -4.82 -3.60 -9.91
C GLU A 37 -3.39 -3.56 -9.36
N MET A 38 -2.91 -2.35 -9.13
CA MET A 38 -1.57 -2.15 -8.61
C MET A 38 -1.49 -2.55 -7.13
N TRP A 39 -2.60 -2.35 -6.44
CA TRP A 39 -2.68 -2.68 -5.03
C TRP A 39 -2.73 -4.20 -4.91
N HIS A 40 -3.63 -4.80 -5.66
CA HIS A 40 -3.79 -6.25 -5.65
C HIS A 40 -2.45 -6.91 -5.94
N GLU A 41 -1.91 -6.59 -7.10
CA GLU A 41 -0.63 -7.15 -7.52
C GLU A 41 0.50 -6.59 -6.64
N GLY A 42 0.30 -5.36 -6.19
CA GLY A 42 1.29 -4.70 -5.36
C GLY A 42 1.49 -5.45 -4.04
N LEU A 43 0.42 -5.51 -3.26
CA LEU A 43 0.47 -6.19 -1.98
C LEU A 43 0.80 -7.68 -2.21
N GLU A 44 0.32 -8.19 -3.33
CA GLU A 44 0.56 -9.58 -3.68
C GLU A 44 2.06 -9.88 -3.66
N GLU A 45 2.81 -9.07 -4.40
CA GLU A 45 4.25 -9.23 -4.48
C GLU A 45 4.90 -8.87 -3.15
N ALA A 46 4.53 -7.69 -2.66
CA ALA A 46 5.06 -7.21 -1.40
C ALA A 46 4.86 -8.27 -0.32
N SER A 47 3.64 -8.77 -0.26
CA SER A 47 3.29 -9.80 0.72
C SER A 47 4.20 -11.00 0.55
N ARG A 48 4.35 -11.44 -0.70
CA ARG A 48 5.20 -12.58 -1.00
C ARG A 48 6.60 -12.36 -0.45
N LEU A 49 7.05 -11.12 -0.52
CA LEU A 49 8.37 -10.78 -0.03
C LEU A 49 8.39 -10.86 1.51
N TYR A 50 7.26 -10.49 2.08
CA TYR A 50 7.12 -10.52 3.54
C TYR A 50 6.90 -11.94 4.04
N PHE A 51 5.88 -12.58 3.48
CA PHE A 51 5.55 -13.94 3.86
C PHE A 51 6.59 -14.93 3.31
N GLY A 52 6.91 -14.75 2.04
CA GLY A 52 7.88 -15.62 1.39
C GLY A 52 9.22 -15.59 2.13
N GLU A 53 9.75 -14.39 2.30
CA GLU A 53 11.02 -14.23 2.99
C GLU A 53 10.95 -13.04 3.94
N ARG A 54 12.08 -12.74 4.55
CA ARG A 54 12.17 -11.63 5.49
C ARG A 54 12.76 -10.39 4.81
N ASN A 55 12.39 -10.23 3.55
CA ASN A 55 12.87 -9.09 2.77
C ASN A 55 11.83 -7.98 2.81
N VAL A 56 11.83 -7.25 3.92
CA VAL A 56 10.89 -6.15 4.08
C VAL A 56 11.19 -5.07 3.05
N LYS A 57 12.33 -5.22 2.38
CA LYS A 57 12.74 -4.27 1.36
C LYS A 57 11.84 -4.42 0.14
N GLY A 58 11.52 -5.66 -0.17
CA GLY A 58 10.66 -5.95 -1.32
C GLY A 58 9.31 -5.26 -1.18
N MET A 59 8.63 -5.57 -0.09
CA MET A 59 7.33 -4.99 0.19
C MET A 59 7.40 -3.47 0.19
N PHE A 60 8.44 -2.95 0.83
CA PHE A 60 8.63 -1.52 0.92
C PHE A 60 9.00 -0.93 -0.45
N GLU A 61 9.79 -1.69 -1.19
CA GLU A 61 10.21 -1.26 -2.51
C GLU A 61 9.08 -1.41 -3.52
N VAL A 62 8.05 -2.14 -3.09
CA VAL A 62 6.90 -2.36 -3.94
C VAL A 62 5.92 -1.19 -3.80
N LEU A 63 5.71 -0.79 -2.56
CA LEU A 63 4.81 0.31 -2.27
C LEU A 63 5.51 1.63 -2.61
N GLU A 64 6.75 1.73 -2.17
CA GLU A 64 7.54 2.93 -2.42
C GLU A 64 7.20 3.51 -3.79
N PRO A 65 7.34 2.65 -4.83
CA PRO A 65 7.07 3.08 -6.20
C PRO A 65 5.55 3.17 -6.43
N LEU A 66 4.86 2.10 -6.08
CA LEU A 66 3.42 2.05 -6.25
C LEU A 66 2.80 3.33 -5.70
N HIS A 67 3.11 3.59 -4.43
CA HIS A 67 2.59 4.79 -3.77
C HIS A 67 3.07 6.03 -4.52
N ALA A 68 4.38 6.09 -4.72
CA ALA A 68 4.97 7.22 -5.42
C ALA A 68 4.25 7.45 -6.75
N MET A 69 4.14 6.37 -7.51
CA MET A 69 3.48 6.42 -8.80
C MET A 69 2.10 7.08 -8.69
N MET A 70 1.44 6.77 -7.58
CA MET A 70 0.11 7.31 -7.34
C MET A 70 0.18 8.82 -7.09
N GLU A 71 1.28 9.24 -6.49
CA GLU A 71 1.48 10.65 -6.19
C GLU A 71 1.89 11.41 -7.45
N ARG A 72 3.06 11.02 -7.97
CA ARG A 72 3.58 11.66 -9.18
C ARG A 72 2.77 11.22 -10.40
N GLY A 73 1.96 10.20 -10.19
CA GLY A 73 1.13 9.68 -11.27
C GLY A 73 -0.34 9.65 -10.86
N PRO A 74 -0.93 10.87 -10.77
CA PRO A 74 -2.33 11.00 -10.40
C PRO A 74 -3.25 10.60 -11.56
N GLN A 75 -4.50 11.03 -11.45
CA GLN A 75 -5.48 10.73 -12.48
C GLN A 75 -6.44 11.91 -12.66
N THR A 76 -7.45 11.94 -11.82
CA THR A 76 -8.44 13.00 -11.88
C THR A 76 -9.06 13.22 -10.49
N LEU A 77 -10.12 14.01 -10.48
CA LEU A 77 -10.81 14.32 -9.23
C LEU A 77 -11.08 13.02 -8.47
N LYS A 78 -11.25 11.95 -9.23
CA LYS A 78 -11.50 10.64 -8.64
C LYS A 78 -10.31 10.22 -7.80
N GLU A 79 -9.14 10.26 -8.42
CA GLU A 79 -7.90 9.89 -7.75
C GLU A 79 -7.68 10.78 -6.52
N THR A 80 -8.09 12.04 -6.66
CA THR A 80 -7.95 12.99 -5.58
C THR A 80 -8.61 12.46 -4.31
N SER A 81 -9.76 11.84 -4.50
CA SER A 81 -10.51 11.28 -3.37
C SER A 81 -9.82 10.00 -2.88
N PHE A 82 -9.34 9.23 -3.83
CA PHE A 82 -8.66 7.98 -3.50
C PHE A 82 -7.38 8.24 -2.73
N ASN A 83 -6.54 9.08 -3.31
CA ASN A 83 -5.27 9.43 -2.69
C ASN A 83 -5.53 10.07 -1.32
N GLN A 84 -6.67 10.73 -1.23
CA GLN A 84 -7.05 11.38 0.02
C GLN A 84 -7.60 10.36 1.01
N ALA A 85 -8.56 9.58 0.53
CA ALA A 85 -9.18 8.56 1.36
C ALA A 85 -8.10 7.83 2.17
N TYR A 86 -7.08 7.38 1.45
CA TYR A 86 -5.98 6.67 2.08
C TYR A 86 -4.83 7.62 2.39
N GLY A 87 -4.89 8.80 1.80
CA GLY A 87 -3.86 9.81 1.99
C GLY A 87 -3.43 9.86 3.46
N ARG A 88 -4.41 9.82 4.33
CA ARG A 88 -4.14 9.86 5.77
C ARG A 88 -3.64 8.51 6.25
N ASP A 89 -4.34 7.47 5.82
CA ASP A 89 -3.98 6.11 6.21
C ASP A 89 -2.53 5.83 5.77
N LEU A 90 -2.30 5.95 4.47
CA LEU A 90 -0.97 5.71 3.93
C LEU A 90 0.04 6.56 4.69
N MET A 91 -0.36 7.78 5.01
CA MET A 91 0.50 8.68 5.75
C MET A 91 0.94 8.07 7.08
N GLU A 92 -0.03 7.52 7.79
CA GLU A 92 0.24 6.90 9.08
C GLU A 92 1.14 5.67 8.89
N ALA A 93 0.65 4.73 8.10
CA ALA A 93 1.39 3.51 7.84
C ALA A 93 2.79 3.87 7.35
N GLN A 94 2.85 4.87 6.49
CA GLN A 94 4.12 5.31 5.94
C GLN A 94 5.06 5.73 7.07
N GLU A 95 4.51 6.45 8.04
CA GLU A 95 5.27 6.91 9.18
C GLU A 95 5.79 5.71 9.99
N TRP A 96 4.95 4.69 10.09
CA TRP A 96 5.31 3.50 10.83
C TRP A 96 6.49 2.83 10.11
N CYS A 97 6.45 2.92 8.78
CA CYS A 97 7.51 2.33 7.96
C CYS A 97 8.82 3.04 8.30
N ARG A 98 8.82 4.36 8.12
CA ARG A 98 9.99 5.15 8.40
C ARG A 98 10.49 4.90 9.82
N LYS A 99 9.53 4.65 10.72
CA LYS A 99 9.86 4.39 12.10
C LYS A 99 10.53 3.01 12.22
N TYR A 100 10.11 2.12 11.34
CA TYR A 100 10.65 0.77 11.34
C TYR A 100 12.01 0.73 10.64
N MET A 101 12.08 1.42 9.52
CA MET A 101 13.32 1.48 8.76
C MET A 101 14.43 2.19 9.54
N LYS A 102 14.02 3.20 10.29
CA LYS A 102 14.96 3.96 11.09
C LYS A 102 15.48 3.08 12.23
N SER A 103 14.54 2.62 13.04
CA SER A 103 14.88 1.77 14.17
C SER A 103 13.63 1.43 14.97
N GLY A 104 12.75 0.66 14.34
CA GLY A 104 11.51 0.27 14.98
C GLY A 104 11.54 -1.22 15.35
N ASN A 105 10.36 -1.83 15.35
CA ASN A 105 10.24 -3.24 15.69
C ASN A 105 9.15 -3.87 14.83
N VAL A 106 9.20 -5.19 14.75
CA VAL A 106 8.21 -5.93 13.96
C VAL A 106 6.81 -5.43 14.30
N LYS A 107 6.59 -5.23 15.59
CA LYS A 107 5.29 -4.76 16.05
C LYS A 107 4.87 -3.54 15.24
N ASP A 108 5.82 -2.63 15.07
CA ASP A 108 5.57 -1.42 14.31
C ASP A 108 5.33 -1.78 12.84
N LEU A 109 6.16 -2.68 12.36
CA LEU A 109 6.04 -3.12 10.97
C LEU A 109 4.67 -3.73 10.74
N THR A 110 4.27 -4.57 11.69
CA THR A 110 2.98 -5.24 11.61
C THR A 110 1.85 -4.21 11.56
N GLN A 111 1.97 -3.21 12.41
CA GLN A 111 0.97 -2.15 12.48
C GLN A 111 0.80 -1.49 11.11
N ALA A 112 1.94 -1.17 10.50
CA ALA A 112 1.93 -0.53 9.20
C ALA A 112 1.27 -1.48 8.18
N TRP A 113 1.54 -2.76 8.34
CA TRP A 113 0.98 -3.76 7.45
C TRP A 113 -0.53 -3.76 7.65
N ASP A 114 -0.95 -3.46 8.87
CA ASP A 114 -2.36 -3.42 9.19
C ASP A 114 -3.02 -2.26 8.46
N LEU A 115 -2.37 -1.11 8.56
CA LEU A 115 -2.88 0.09 7.92
C LEU A 115 -3.10 -0.18 6.42
N TYR A 116 -2.04 -0.68 5.79
CA TYR A 116 -2.10 -0.99 4.38
C TYR A 116 -3.27 -1.93 4.07
N TYR A 117 -3.28 -3.05 4.77
CA TYR A 117 -4.33 -4.04 4.58
C TYR A 117 -5.71 -3.38 4.62
N HIS A 118 -5.84 -2.40 5.50
CA HIS A 118 -7.10 -1.68 5.64
C HIS A 118 -7.43 -0.96 4.34
N VAL A 119 -6.45 -0.20 3.85
CA VAL A 119 -6.63 0.54 2.62
C VAL A 119 -6.73 -0.44 1.44
N PHE A 120 -5.79 -1.37 1.41
CA PHE A 120 -5.76 -2.37 0.35
C PHE A 120 -7.04 -3.21 0.37
N ARG A 121 -7.59 -3.38 1.57
CA ARG A 121 -8.80 -4.17 1.73
C ARG A 121 -10.02 -3.36 1.28
N ARG A 122 -9.94 -2.06 1.50
CA ARG A 122 -11.02 -1.17 1.11
C ARG A 122 -11.18 -1.13 -0.40
N ILE A 123 -10.06 -0.86 -1.07
CA ILE A 123 -10.06 -0.80 -2.53
C ILE A 123 -10.85 -1.98 -3.09
N SER A 124 -10.68 -3.12 -2.45
CA SER A 124 -11.38 -4.32 -2.87
C SER A 124 -12.82 -4.31 -2.35
N LYS A 125 -12.96 -4.06 -1.06
CA LYS A 125 -14.26 -4.00 -0.44
C LYS A 125 -15.24 -3.29 -1.37
N GLN A 126 -16.39 -3.90 -1.57
CA GLN A 126 -17.41 -3.33 -2.44
C GLN A 126 -17.83 -1.95 -1.92
N MET A 26 -18.75 6.36 -3.29
CA MET A 26 -19.33 5.43 -4.26
C MET A 26 -18.47 4.17 -4.38
N GLU A 27 -18.94 3.25 -5.22
CA GLU A 27 -18.23 2.01 -5.43
C GLU A 27 -16.92 2.26 -6.20
N LEU A 28 -16.86 3.43 -6.81
CA LEU A 28 -15.68 3.81 -7.58
C LEU A 28 -15.53 2.86 -8.76
N ILE A 29 -16.58 2.09 -9.01
CA ILE A 29 -16.57 1.15 -10.12
C ILE A 29 -15.48 0.11 -9.89
N ARG A 30 -15.82 -1.14 -10.18
CA ARG A 30 -14.87 -2.23 -10.00
C ARG A 30 -14.23 -2.60 -11.35
N VAL A 31 -12.94 -2.35 -11.44
CA VAL A 31 -12.20 -2.67 -12.66
C VAL A 31 -10.92 -3.41 -12.30
N PRO A 32 -10.64 -4.47 -13.10
CA PRO A 32 -9.45 -5.28 -12.87
C PRO A 32 -8.20 -4.56 -13.36
N ILE A 33 -8.41 -3.62 -14.27
CA ILE A 33 -7.31 -2.84 -14.82
C ILE A 33 -7.42 -1.39 -14.33
N LEU A 34 -6.65 -1.09 -13.30
CA LEU A 34 -6.65 0.24 -12.73
C LEU A 34 -5.67 0.29 -11.55
N TRP A 35 -5.88 1.27 -10.69
CA TRP A 35 -5.03 1.44 -9.53
C TRP A 35 -5.20 0.21 -8.63
N HIS A 36 -6.45 -0.09 -8.33
CA HIS A 36 -6.77 -1.24 -7.48
C HIS A 36 -5.96 -2.44 -7.95
N GLU A 37 -5.62 -2.44 -9.23
CA GLU A 37 -4.86 -3.52 -9.81
C GLU A 37 -3.41 -3.49 -9.29
N MET A 38 -2.92 -2.29 -9.09
CA MET A 38 -1.56 -2.10 -8.60
C MET A 38 -1.44 -2.52 -7.14
N TRP A 39 -2.54 -2.34 -6.41
CA TRP A 39 -2.58 -2.69 -5.01
C TRP A 39 -2.60 -4.21 -4.90
N HIS A 40 -3.54 -4.81 -5.63
CA HIS A 40 -3.68 -6.26 -5.63
C HIS A 40 -2.33 -6.91 -5.94
N GLU A 41 -1.80 -6.56 -7.11
CA GLU A 41 -0.52 -7.10 -7.54
C GLU A 41 0.60 -6.57 -6.66
N GLY A 42 0.44 -5.32 -6.23
CA GLY A 42 1.44 -4.69 -5.38
C GLY A 42 1.64 -5.47 -4.08
N LEU A 43 0.57 -5.53 -3.30
CA LEU A 43 0.61 -6.25 -2.04
C LEU A 43 0.97 -7.72 -2.29
N GLU A 44 0.52 -8.20 -3.44
CA GLU A 44 0.79 -9.58 -3.82
C GLU A 44 2.30 -9.87 -3.75
N GLU A 45 3.05 -9.03 -4.44
CA GLU A 45 4.49 -9.19 -4.48
C GLU A 45 5.09 -8.86 -3.11
N ALA A 46 4.70 -7.70 -2.59
CA ALA A 46 5.19 -7.27 -1.29
C ALA A 46 4.98 -8.39 -0.27
N SER A 47 3.76 -8.91 -0.25
CA SER A 47 3.42 -9.98 0.66
C SER A 47 4.29 -11.21 0.39
N ARG A 48 4.54 -11.45 -0.89
CA ARG A 48 5.36 -12.57 -1.29
C ARG A 48 6.76 -12.46 -0.69
N LEU A 49 7.22 -11.21 -0.60
CA LEU A 49 8.55 -10.95 -0.06
C LEU A 49 8.53 -11.23 1.45
N TYR A 50 7.52 -10.69 2.11
CA TYR A 50 7.38 -10.86 3.53
C TYR A 50 7.29 -12.35 3.90
N PHE A 51 6.32 -13.02 3.29
CA PHE A 51 6.12 -14.43 3.54
C PHE A 51 7.23 -15.27 2.90
N GLY A 52 7.52 -14.93 1.65
CA GLY A 52 8.54 -15.64 0.91
C GLY A 52 9.86 -15.69 1.69
N GLU A 53 10.43 -14.51 1.90
CA GLU A 53 11.68 -14.41 2.64
C GLU A 53 11.55 -13.38 3.76
N ARG A 54 12.70 -12.94 4.25
CA ARG A 54 12.73 -11.96 5.33
C ARG A 54 13.22 -10.62 4.79
N ASN A 55 12.95 -10.37 3.52
CA ASN A 55 13.36 -9.14 2.89
C ASN A 55 12.16 -8.21 2.77
N VAL A 56 11.90 -7.49 3.86
CA VAL A 56 10.77 -6.56 3.89
C VAL A 56 11.02 -5.45 2.87
N LYS A 57 12.27 -5.31 2.46
CA LYS A 57 12.64 -4.30 1.49
C LYS A 57 11.72 -4.41 0.27
N GLY A 58 11.36 -5.64 -0.05
CA GLY A 58 10.50 -5.89 -1.19
C GLY A 58 9.15 -5.18 -1.01
N MET A 59 8.56 -5.36 0.16
CA MET A 59 7.29 -4.74 0.46
C MET A 59 7.39 -3.21 0.44
N PHE A 60 8.49 -2.73 1.02
CA PHE A 60 8.73 -1.29 1.08
C PHE A 60 9.11 -0.75 -0.30
N GLU A 61 9.91 -1.53 -1.01
CA GLU A 61 10.36 -1.13 -2.33
C GLU A 61 9.23 -1.31 -3.34
N VAL A 62 8.21 -2.04 -2.93
CA VAL A 62 7.07 -2.28 -3.79
C VAL A 62 6.08 -1.12 -3.68
N LEU A 63 5.88 -0.68 -2.44
CA LEU A 63 4.96 0.42 -2.18
C LEU A 63 5.64 1.75 -2.56
N GLU A 64 6.88 1.88 -2.10
CA GLU A 64 7.66 3.08 -2.38
C GLU A 64 7.32 3.62 -3.77
N PRO A 65 7.46 2.73 -4.79
CA PRO A 65 7.18 3.09 -6.16
C PRO A 65 5.67 3.18 -6.40
N LEU A 66 4.98 2.11 -6.03
CA LEU A 66 3.53 2.05 -6.21
C LEU A 66 2.91 3.34 -5.65
N HIS A 67 3.20 3.61 -4.40
CA HIS A 67 2.68 4.80 -3.75
C HIS A 67 3.15 6.05 -4.49
N ALA A 68 4.47 6.13 -4.67
CA ALA A 68 5.07 7.25 -5.36
C ALA A 68 4.34 7.47 -6.69
N MET A 69 4.22 6.39 -7.45
CA MET A 69 3.55 6.47 -8.74
C MET A 69 2.18 7.12 -8.61
N MET A 70 1.50 6.80 -7.53
CA MET A 70 0.19 7.35 -7.27
C MET A 70 0.25 8.85 -7.01
N GLU A 71 1.37 9.26 -6.41
CA GLU A 71 1.58 10.67 -6.10
C GLU A 71 1.99 11.44 -7.36
N ARG A 72 3.14 11.08 -7.89
CA ARG A 72 3.65 11.73 -9.08
C ARG A 72 2.81 11.33 -10.30
N GLY A 73 2.13 10.21 -10.16
CA GLY A 73 1.29 9.70 -11.23
C GLY A 73 -0.18 9.67 -10.81
N PRO A 74 -0.82 10.87 -10.90
CA PRO A 74 -2.22 11.00 -10.54
C PRO A 74 -3.12 10.39 -11.62
N GLN A 75 -4.39 10.79 -11.57
CA GLN A 75 -5.36 10.29 -12.54
C GLN A 75 -6.36 11.40 -12.90
N THR A 76 -7.30 11.62 -12.00
CA THR A 76 -8.32 12.65 -12.21
C THR A 76 -8.92 13.08 -10.88
N LEU A 77 -9.91 13.96 -10.98
CA LEU A 77 -10.58 14.47 -9.79
C LEU A 77 -11.18 13.30 -9.00
N LYS A 78 -11.50 12.25 -9.73
CA LYS A 78 -12.08 11.06 -9.13
C LYS A 78 -11.00 10.33 -8.32
N GLU A 79 -9.82 10.24 -8.92
CA GLU A 79 -8.71 9.57 -8.27
C GLU A 79 -8.14 10.45 -7.16
N THR A 80 -8.43 11.74 -7.26
CA THR A 80 -7.95 12.70 -6.27
C THR A 80 -8.50 12.35 -4.88
N SER A 81 -9.75 11.92 -4.86
CA SER A 81 -10.40 11.55 -3.61
C SER A 81 -9.85 10.21 -3.11
N PHE A 82 -9.45 9.39 -4.07
CA PHE A 82 -8.91 8.07 -3.74
C PHE A 82 -7.55 8.19 -3.05
N ASN A 83 -6.66 8.92 -3.70
CA ASN A 83 -5.32 9.12 -3.17
C ASN A 83 -5.42 9.84 -1.82
N GLN A 84 -6.46 10.65 -1.70
CA GLN A 84 -6.68 11.41 -0.47
C GLN A 84 -7.28 10.50 0.60
N ALA A 85 -8.25 9.70 0.17
CA ALA A 85 -8.92 8.78 1.08
C ALA A 85 -7.87 8.04 1.92
N TYR A 86 -6.92 7.44 1.21
CA TYR A 86 -5.86 6.70 1.87
C TYR A 86 -4.68 7.61 2.21
N GLY A 87 -4.59 8.70 1.47
CA GLY A 87 -3.52 9.66 1.67
C GLY A 87 -3.18 9.78 3.16
N ARG A 88 -4.22 9.68 3.98
CA ARG A 88 -4.04 9.78 5.42
C ARG A 88 -3.53 8.45 5.99
N ASP A 89 -4.30 7.40 5.73
CA ASP A 89 -3.93 6.07 6.20
C ASP A 89 -2.48 5.77 5.80
N LEU A 90 -2.23 5.87 4.51
CA LEU A 90 -0.90 5.61 3.98
C LEU A 90 0.12 6.45 4.76
N MET A 91 -0.29 7.66 5.09
CA MET A 91 0.57 8.57 5.83
C MET A 91 0.96 7.98 7.18
N GLU A 92 -0.04 7.47 7.88
CA GLU A 92 0.19 6.88 9.19
C GLU A 92 1.09 5.65 9.06
N ALA A 93 0.61 4.68 8.29
CA ALA A 93 1.35 3.45 8.08
C ALA A 93 2.77 3.80 7.62
N GLN A 94 2.85 4.78 6.73
CA GLN A 94 4.13 5.22 6.21
C GLN A 94 5.05 5.64 7.34
N GLU A 95 4.48 6.39 8.28
CA GLU A 95 5.24 6.86 9.43
C GLU A 95 5.76 5.69 10.25
N TRP A 96 4.92 4.67 10.36
CA TRP A 96 5.27 3.48 11.12
C TRP A 96 6.44 2.80 10.41
N CYS A 97 6.43 2.90 9.08
CA CYS A 97 7.47 2.30 8.27
C CYS A 97 8.79 3.01 8.60
N ARG A 98 8.78 4.32 8.38
CA ARG A 98 9.96 5.12 8.63
C ARG A 98 10.45 4.92 10.07
N LYS A 99 9.48 4.85 10.98
CA LYS A 99 9.80 4.66 12.38
C LYS A 99 10.51 3.31 12.57
N TYR A 100 10.04 2.33 11.81
CA TYR A 100 10.62 1.00 11.87
C TYR A 100 11.98 0.96 11.18
N MET A 101 11.99 1.42 9.94
CA MET A 101 13.23 1.45 9.16
C MET A 101 14.35 2.17 9.92
N LYS A 102 13.95 3.14 10.72
CA LYS A 102 14.89 3.91 11.50
C LYS A 102 15.44 3.03 12.63
N SER A 103 14.52 2.56 13.46
CA SER A 103 14.89 1.72 14.58
C SER A 103 13.65 1.36 15.41
N GLY A 104 12.78 0.59 14.79
CA GLY A 104 11.54 0.17 15.44
C GLY A 104 11.53 -1.34 15.69
N ASN A 105 10.37 -1.93 15.47
CA ASN A 105 10.22 -3.36 15.64
C ASN A 105 9.09 -3.88 14.75
N VAL A 106 9.07 -5.19 14.57
CA VAL A 106 8.05 -5.81 13.74
C VAL A 106 6.67 -5.29 14.14
N LYS A 107 6.53 -5.03 15.44
CA LYS A 107 5.27 -4.53 15.97
C LYS A 107 4.81 -3.34 15.13
N ASP A 108 5.73 -2.42 14.90
CA ASP A 108 5.43 -1.23 14.12
C ASP A 108 5.22 -1.64 12.65
N LEU A 109 6.00 -2.63 12.23
CA LEU A 109 5.91 -3.11 10.87
C LEU A 109 4.53 -3.71 10.64
N THR A 110 4.09 -4.52 11.59
CA THR A 110 2.79 -5.16 11.51
C THR A 110 1.68 -4.11 11.46
N GLN A 111 1.80 -3.13 12.34
CA GLN A 111 0.82 -2.06 12.41
C GLN A 111 0.68 -1.38 11.05
N ALA A 112 1.82 -1.08 10.45
CA ALA A 112 1.84 -0.44 9.14
C ALA A 112 1.18 -1.35 8.11
N TRP A 113 1.47 -2.64 8.24
CA TRP A 113 0.93 -3.62 7.33
C TRP A 113 -0.59 -3.66 7.54
N ASP A 114 -1.00 -3.42 8.77
CA ASP A 114 -2.41 -3.42 9.11
C ASP A 114 -3.11 -2.27 8.37
N LEU A 115 -2.53 -1.09 8.51
CA LEU A 115 -3.09 0.09 7.86
C LEU A 115 -3.24 -0.17 6.37
N TYR A 116 -2.15 -0.61 5.76
CA TYR A 116 -2.15 -0.90 4.33
C TYR A 116 -3.27 -1.88 3.98
N TYR A 117 -3.25 -3.02 4.65
CA TYR A 117 -4.25 -4.05 4.42
C TYR A 117 -5.66 -3.45 4.44
N HIS A 118 -5.84 -2.48 5.32
CA HIS A 118 -7.14 -1.82 5.46
C HIS A 118 -7.48 -1.09 4.16
N VAL A 119 -6.48 -0.38 3.64
CA VAL A 119 -6.65 0.36 2.41
C VAL A 119 -6.63 -0.60 1.23
N PHE A 120 -5.77 -1.60 1.33
CA PHE A 120 -5.64 -2.59 0.28
C PHE A 120 -6.89 -3.48 0.21
N ARG A 121 -7.46 -3.72 1.38
CA ARG A 121 -8.65 -4.55 1.46
C ARG A 121 -9.90 -3.73 1.11
N ARG A 122 -9.81 -2.44 1.39
CA ARG A 122 -10.92 -1.54 1.11
C ARG A 122 -11.10 -1.37 -0.40
N ILE A 123 -10.00 -1.03 -1.07
CA ILE A 123 -10.03 -0.83 -2.51
C ILE A 123 -10.86 -1.94 -3.15
N SER A 124 -10.79 -3.12 -2.54
CA SER A 124 -11.53 -4.27 -3.03
C SER A 124 -12.96 -4.25 -2.50
N LYS A 125 -13.06 -4.23 -1.17
CA LYS A 125 -14.36 -4.21 -0.52
C LYS A 125 -15.30 -3.29 -1.31
N GLN A 126 -16.42 -3.86 -1.72
CA GLN A 126 -17.42 -3.10 -2.47
C GLN A 126 -17.68 -1.76 -1.80
N MET A 26 -18.51 -13.58 -4.69
CA MET A 26 -17.74 -14.01 -5.85
C MET A 26 -16.24 -13.79 -5.63
N GLU A 27 -15.46 -14.15 -6.63
CA GLU A 27 -14.03 -14.00 -6.56
C GLU A 27 -13.65 -12.52 -6.55
N LEU A 28 -14.62 -11.70 -6.92
CA LEU A 28 -14.41 -10.26 -6.95
C LEU A 28 -13.40 -9.93 -8.07
N ILE A 29 -13.88 -10.04 -9.30
CA ILE A 29 -13.05 -9.75 -10.45
C ILE A 29 -12.18 -8.53 -10.16
N ARG A 30 -10.89 -8.67 -10.47
CA ARG A 30 -9.95 -7.58 -10.24
C ARG A 30 -9.49 -7.00 -11.58
N VAL A 31 -10.14 -5.90 -11.96
CA VAL A 31 -9.80 -5.24 -13.21
C VAL A 31 -8.28 -5.23 -13.39
N PRO A 32 -7.84 -5.63 -14.62
CA PRO A 32 -6.42 -5.67 -14.93
C PRO A 32 -5.87 -4.26 -15.14
N ILE A 33 -6.77 -3.35 -15.50
CA ILE A 33 -6.38 -1.97 -15.73
C ILE A 33 -7.09 -1.07 -14.72
N LEU A 34 -6.41 -0.85 -13.60
CA LEU A 34 -6.96 -0.01 -12.55
C LEU A 34 -5.98 0.04 -11.38
N TRP A 35 -6.00 1.16 -10.68
CA TRP A 35 -5.12 1.35 -9.53
C TRP A 35 -5.24 0.11 -8.64
N HIS A 36 -6.48 -0.26 -8.34
CA HIS A 36 -6.74 -1.41 -7.51
C HIS A 36 -5.89 -2.59 -7.99
N GLU A 37 -5.49 -2.52 -9.25
CA GLU A 37 -4.68 -3.57 -9.84
C GLU A 37 -3.25 -3.51 -9.29
N MET A 38 -2.79 -2.29 -9.06
CA MET A 38 -1.45 -2.08 -8.54
C MET A 38 -1.38 -2.47 -7.07
N TRP A 39 -2.48 -2.26 -6.37
CA TRP A 39 -2.54 -2.59 -4.95
C TRP A 39 -2.57 -4.11 -4.82
N HIS A 40 -3.49 -4.72 -5.55
CA HIS A 40 -3.63 -6.17 -5.52
C HIS A 40 -2.27 -6.81 -5.82
N GLU A 41 -1.75 -6.51 -7.00
CA GLU A 41 -0.47 -7.05 -7.41
C GLU A 41 0.65 -6.49 -6.53
N GLY A 42 0.48 -5.24 -6.13
CA GLY A 42 1.47 -4.59 -5.30
C GLY A 42 1.66 -5.34 -3.99
N LEU A 43 0.60 -5.38 -3.19
CA LEU A 43 0.64 -6.07 -1.91
C LEU A 43 0.97 -7.54 -2.14
N GLU A 44 0.55 -8.05 -3.29
CA GLU A 44 0.78 -9.43 -3.64
C GLU A 44 2.28 -9.75 -3.55
N GLU A 45 3.06 -8.94 -4.25
CA GLU A 45 4.50 -9.12 -4.27
C GLU A 45 5.10 -8.79 -2.90
N ALA A 46 4.71 -7.62 -2.38
CA ALA A 46 5.19 -7.18 -1.09
C ALA A 46 4.87 -8.24 -0.04
N SER A 47 3.62 -8.67 -0.05
CA SER A 47 3.16 -9.68 0.89
C SER A 47 4.03 -10.93 0.78
N ARG A 48 4.30 -11.32 -0.46
CA ARG A 48 5.11 -12.50 -0.73
C ARG A 48 6.51 -12.31 -0.15
N LEU A 49 6.97 -11.06 -0.20
CA LEU A 49 8.30 -10.75 0.31
C LEU A 49 8.30 -10.87 1.83
N TYR A 50 7.16 -10.54 2.42
CA TYR A 50 7.01 -10.61 3.87
C TYR A 50 6.66 -12.03 4.31
N PHE A 51 5.60 -12.56 3.73
CA PHE A 51 5.15 -13.91 4.06
C PHE A 51 6.10 -14.95 3.47
N GLY A 52 6.41 -14.77 2.19
CA GLY A 52 7.30 -15.69 1.50
C GLY A 52 8.71 -15.66 2.12
N GLU A 53 9.30 -14.48 2.10
CA GLU A 53 10.64 -14.31 2.65
C GLU A 53 10.60 -13.34 3.83
N ARG A 54 11.78 -13.10 4.39
CA ARG A 54 11.90 -12.19 5.53
C ARG A 54 12.60 -10.90 5.10
N ASN A 55 12.37 -10.52 3.85
CA ASN A 55 12.97 -9.31 3.31
C ASN A 55 11.88 -8.26 3.10
N VAL A 56 11.47 -7.65 4.20
CA VAL A 56 10.44 -6.62 4.15
C VAL A 56 10.84 -5.56 3.13
N LYS A 57 12.13 -5.51 2.84
CA LYS A 57 12.65 -4.55 1.89
C LYS A 57 11.82 -4.63 0.60
N GLY A 58 11.44 -5.84 0.25
CA GLY A 58 10.65 -6.07 -0.95
C GLY A 58 9.39 -5.19 -0.96
N MET A 59 8.62 -5.33 0.11
CA MET A 59 7.39 -4.56 0.24
C MET A 59 7.68 -3.06 0.18
N PHE A 60 8.56 -2.62 1.05
CA PHE A 60 8.93 -1.21 1.10
C PHE A 60 9.29 -0.69 -0.29
N GLU A 61 10.05 -1.50 -1.01
CA GLU A 61 10.46 -1.12 -2.35
C GLU A 61 9.31 -1.29 -3.34
N VAL A 62 8.31 -2.03 -2.89
CA VAL A 62 7.13 -2.28 -3.72
C VAL A 62 6.14 -1.13 -3.56
N LEU A 63 5.94 -0.73 -2.31
CA LEU A 63 5.03 0.36 -2.01
C LEU A 63 5.70 1.69 -2.34
N GLU A 64 6.97 1.79 -1.99
CA GLU A 64 7.74 2.99 -2.24
C GLU A 64 7.36 3.58 -3.60
N PRO A 65 7.49 2.72 -4.65
CA PRO A 65 7.17 3.14 -6.00
C PRO A 65 5.65 3.23 -6.21
N LEU A 66 4.98 2.15 -5.84
CA LEU A 66 3.53 2.10 -5.98
C LEU A 66 2.92 3.37 -5.40
N HIS A 67 3.25 3.63 -4.15
CA HIS A 67 2.75 4.82 -3.48
C HIS A 67 3.19 6.07 -4.23
N ALA A 68 4.49 6.15 -4.46
CA ALA A 68 5.06 7.29 -5.16
C ALA A 68 4.31 7.50 -6.48
N MET A 69 4.20 6.42 -7.24
CA MET A 69 3.51 6.46 -8.51
C MET A 69 2.13 7.09 -8.37
N MET A 70 1.50 6.80 -7.24
CA MET A 70 0.18 7.34 -6.97
C MET A 70 0.23 8.85 -6.70
N GLU A 71 1.35 9.28 -6.12
CA GLU A 71 1.54 10.69 -5.82
C GLU A 71 1.90 11.46 -7.10
N ARG A 72 3.07 11.12 -7.64
CA ARG A 72 3.54 11.76 -8.84
C ARG A 72 2.71 11.32 -10.05
N GLY A 73 2.13 10.14 -9.93
CA GLY A 73 1.31 9.59 -10.99
C GLY A 73 -0.15 9.44 -10.55
N PRO A 74 -0.88 10.58 -10.62
CA PRO A 74 -2.29 10.58 -10.23
C PRO A 74 -3.15 9.91 -11.29
N GLN A 75 -4.45 10.20 -11.23
CA GLN A 75 -5.39 9.63 -12.17
C GLN A 75 -6.33 10.70 -12.70
N THR A 76 -7.09 11.29 -11.79
CA THR A 76 -8.04 12.34 -12.15
C THR A 76 -8.40 13.17 -10.93
N LEU A 77 -9.41 14.01 -11.10
CA LEU A 77 -9.87 14.87 -10.03
C LEU A 77 -10.53 14.02 -8.94
N LYS A 78 -11.08 12.90 -9.38
CA LYS A 78 -11.76 11.99 -8.47
C LYS A 78 -10.71 11.24 -7.64
N GLU A 79 -9.57 11.00 -8.27
CA GLU A 79 -8.48 10.28 -7.60
C GLU A 79 -8.27 10.85 -6.19
N THR A 80 -8.65 12.12 -6.03
CA THR A 80 -8.50 12.78 -4.75
C THR A 80 -9.19 11.98 -3.65
N SER A 81 -10.43 11.60 -3.93
CA SER A 81 -11.20 10.82 -2.97
C SER A 81 -10.42 9.58 -2.53
N PHE A 82 -9.80 8.95 -3.52
CA PHE A 82 -9.01 7.75 -3.25
C PHE A 82 -7.71 8.10 -2.53
N ASN A 83 -6.96 9.02 -3.14
CA ASN A 83 -5.70 9.44 -2.58
C ASN A 83 -5.93 10.03 -1.19
N GLN A 84 -7.11 10.64 -1.03
CA GLN A 84 -7.47 11.24 0.25
C GLN A 84 -7.97 10.18 1.21
N ALA A 85 -8.94 9.40 0.73
CA ALA A 85 -9.52 8.34 1.54
C ALA A 85 -8.41 7.61 2.30
N TYR A 86 -7.33 7.34 1.59
CA TYR A 86 -6.20 6.65 2.18
C TYR A 86 -5.06 7.63 2.49
N GLY A 87 -5.16 8.81 1.89
CA GLY A 87 -4.15 9.84 2.10
C GLY A 87 -3.68 9.86 3.55
N ARG A 88 -4.64 9.95 4.44
CA ARG A 88 -4.34 9.98 5.87
C ARG A 88 -3.84 8.62 6.34
N ASP A 89 -4.47 7.58 5.80
CA ASP A 89 -4.10 6.22 6.14
C ASP A 89 -2.64 5.97 5.75
N LEU A 90 -2.39 6.08 4.46
CA LEU A 90 -1.05 5.87 3.93
C LEU A 90 -0.06 6.74 4.72
N MET A 91 -0.51 7.94 5.05
CA MET A 91 0.32 8.86 5.80
C MET A 91 0.76 8.26 7.13
N GLU A 92 -0.20 7.70 7.83
CA GLU A 92 0.07 7.08 9.12
C GLU A 92 1.02 5.89 8.94
N ALA A 93 0.59 4.93 8.15
CA ALA A 93 1.38 3.75 7.89
C ALA A 93 2.77 4.18 7.41
N GLN A 94 2.79 5.18 6.55
CA GLN A 94 4.03 5.69 6.01
C GLN A 94 4.98 6.08 7.15
N GLU A 95 4.42 6.76 8.14
CA GLU A 95 5.19 7.20 9.29
C GLU A 95 5.72 5.99 10.07
N TRP A 96 4.89 4.96 10.12
CA TRP A 96 5.26 3.74 10.83
C TRP A 96 6.35 3.04 10.01
N CYS A 97 6.25 3.19 8.70
CA CYS A 97 7.22 2.57 7.81
C CYS A 97 8.61 3.14 8.14
N ARG A 98 8.67 4.45 8.21
CA ARG A 98 9.92 5.12 8.50
C ARG A 98 10.42 4.73 9.90
N LYS A 99 9.50 4.69 10.84
CA LYS A 99 9.81 4.34 12.21
C LYS A 99 10.63 3.03 12.21
N TYR A 100 10.11 2.06 11.47
CA TYR A 100 10.77 0.76 11.37
C TYR A 100 12.07 0.87 10.57
N MET A 101 11.94 1.43 9.38
CA MET A 101 13.10 1.60 8.51
C MET A 101 14.29 2.16 9.28
N LYS A 102 13.98 2.87 10.35
CA LYS A 102 15.02 3.47 11.18
C LYS A 102 15.93 2.36 11.72
N SER A 103 15.31 1.26 12.12
CA SER A 103 16.04 0.14 12.66
C SER A 103 15.33 -1.17 12.30
N GLY A 104 14.03 -1.18 12.55
CA GLY A 104 13.22 -2.35 12.26
C GLY A 104 12.34 -2.71 13.46
N ASN A 105 11.16 -2.12 13.49
CA ASN A 105 10.22 -2.37 14.56
C ASN A 105 9.03 -3.17 14.02
N VAL A 106 9.10 -4.48 14.21
CA VAL A 106 8.04 -5.35 13.74
C VAL A 106 6.68 -4.77 14.15
N LYS A 107 6.63 -4.32 15.40
CA LYS A 107 5.40 -3.74 15.92
C LYS A 107 4.93 -2.62 14.98
N ASP A 108 5.87 -1.77 14.60
CA ASP A 108 5.56 -0.66 13.71
C ASP A 108 5.24 -1.20 12.33
N LEU A 109 6.12 -2.06 11.84
CA LEU A 109 5.94 -2.66 10.53
C LEU A 109 4.57 -3.31 10.45
N THR A 110 4.24 -4.04 11.51
CA THR A 110 2.95 -4.72 11.58
C THR A 110 1.81 -3.71 11.48
N GLN A 111 1.91 -2.66 12.27
CA GLN A 111 0.89 -1.62 12.27
C GLN A 111 0.73 -1.04 10.87
N ALA A 112 1.85 -0.85 10.20
CA ALA A 112 1.84 -0.31 8.85
C ALA A 112 1.18 -1.32 7.90
N TRP A 113 1.37 -2.59 8.22
CA TRP A 113 0.81 -3.65 7.41
C TRP A 113 -0.70 -3.68 7.65
N ASP A 114 -1.08 -3.28 8.84
CA ASP A 114 -2.49 -3.26 9.21
C ASP A 114 -3.19 -2.13 8.45
N LEU A 115 -2.61 -0.94 8.53
CA LEU A 115 -3.15 0.22 7.86
C LEU A 115 -3.31 -0.09 6.37
N TYR A 116 -2.23 -0.57 5.78
CA TYR A 116 -2.23 -0.90 4.37
C TYR A 116 -3.38 -1.85 4.03
N TYR A 117 -3.41 -2.97 4.73
CA TYR A 117 -4.45 -3.97 4.52
C TYR A 117 -5.84 -3.31 4.53
N HIS A 118 -6.00 -2.35 5.42
CA HIS A 118 -7.26 -1.64 5.54
C HIS A 118 -7.59 -0.95 4.21
N VAL A 119 -6.61 -0.21 3.71
CA VAL A 119 -6.78 0.51 2.45
C VAL A 119 -6.80 -0.49 1.30
N PHE A 120 -5.82 -1.38 1.31
CA PHE A 120 -5.72 -2.39 0.27
C PHE A 120 -6.96 -3.27 0.24
N ARG A 121 -7.55 -3.45 1.41
CA ARG A 121 -8.75 -4.27 1.55
C ARG A 121 -9.97 -3.49 1.07
N ARG A 122 -9.96 -2.19 1.33
CA ARG A 122 -11.06 -1.33 0.94
C ARG A 122 -11.17 -1.27 -0.58
N ILE A 123 -10.03 -1.00 -1.22
CA ILE A 123 -10.00 -0.92 -2.66
C ILE A 123 -10.70 -2.13 -3.26
N SER A 124 -10.54 -3.26 -2.59
CA SER A 124 -11.15 -4.50 -3.05
C SER A 124 -12.62 -4.54 -2.62
N LYS A 125 -12.85 -4.15 -1.38
CA LYS A 125 -14.20 -4.13 -0.84
C LYS A 125 -15.14 -3.46 -1.84
N GLN A 126 -16.26 -4.12 -2.10
CA GLN A 126 -17.24 -3.61 -3.03
C GLN A 126 -18.56 -4.38 -2.90
N MET A 26 -0.76 -4.12 -17.44
CA MET A 26 -1.33 -5.42 -17.77
C MET A 26 -0.89 -6.48 -16.77
N GLU A 27 -1.81 -6.83 -15.88
CA GLU A 27 -1.53 -7.83 -14.87
C GLU A 27 -2.45 -9.04 -15.05
N LEU A 28 -3.49 -8.84 -15.85
CA LEU A 28 -4.44 -9.90 -16.12
C LEU A 28 -5.40 -10.03 -14.94
N ILE A 29 -6.44 -10.83 -15.14
CA ILE A 29 -7.43 -11.04 -14.10
C ILE A 29 -8.16 -9.72 -13.82
N ARG A 30 -7.67 -9.00 -12.84
CA ARG A 30 -8.26 -7.72 -12.47
C ARG A 30 -8.27 -6.77 -13.66
N VAL A 31 -8.53 -5.50 -13.37
CA VAL A 31 -8.57 -4.49 -14.41
C VAL A 31 -7.15 -3.98 -14.65
N PRO A 32 -6.86 -3.69 -15.95
CA PRO A 32 -5.54 -3.18 -16.32
C PRO A 32 -5.39 -1.71 -15.93
N ILE A 33 -6.20 -0.87 -16.56
CA ILE A 33 -6.16 0.55 -16.29
C ILE A 33 -6.90 0.84 -14.98
N LEU A 34 -6.45 0.20 -13.92
CA LEU A 34 -7.06 0.37 -12.62
C LEU A 34 -5.97 0.46 -11.55
N TRP A 35 -6.28 1.22 -10.51
CA TRP A 35 -5.33 1.41 -9.42
C TRP A 35 -5.38 0.16 -8.53
N HIS A 36 -6.59 -0.23 -8.19
CA HIS A 36 -6.80 -1.41 -7.36
C HIS A 36 -5.93 -2.56 -7.89
N GLU A 37 -5.58 -2.47 -9.16
CA GLU A 37 -4.77 -3.49 -9.80
C GLU A 37 -3.35 -3.45 -9.25
N MET A 38 -2.88 -2.23 -9.00
CA MET A 38 -1.54 -2.04 -8.48
C MET A 38 -1.46 -2.40 -7.00
N TRP A 39 -2.57 -2.18 -6.31
CA TRP A 39 -2.65 -2.49 -4.90
C TRP A 39 -2.67 -4.01 -4.74
N HIS A 40 -3.57 -4.64 -5.47
CA HIS A 40 -3.71 -6.08 -5.42
C HIS A 40 -2.36 -6.73 -5.74
N GLU A 41 -1.79 -6.31 -6.86
CA GLU A 41 -0.51 -6.83 -7.30
C GLU A 41 0.61 -6.35 -6.37
N GLY A 42 0.44 -5.14 -5.88
CA GLY A 42 1.42 -4.55 -4.99
C GLY A 42 1.59 -5.39 -3.72
N LEU A 43 0.51 -5.44 -2.95
CA LEU A 43 0.52 -6.22 -1.70
C LEU A 43 0.78 -7.68 -2.03
N GLU A 44 0.30 -8.10 -3.20
CA GLU A 44 0.48 -9.47 -3.63
C GLU A 44 1.95 -9.86 -3.59
N GLU A 45 2.77 -9.01 -4.18
CA GLU A 45 4.20 -9.26 -4.23
C GLU A 45 4.85 -8.90 -2.88
N ALA A 46 4.54 -7.70 -2.41
CA ALA A 46 5.07 -7.23 -1.14
C ALA A 46 4.78 -8.27 -0.05
N SER A 47 3.56 -8.78 -0.09
CA SER A 47 3.14 -9.79 0.88
C SER A 47 3.80 -11.12 0.57
N ARG A 48 3.69 -11.52 -0.70
CA ARG A 48 4.27 -12.78 -1.14
C ARG A 48 5.73 -12.88 -0.68
N LEU A 49 6.47 -11.80 -0.93
CA LEU A 49 7.87 -11.76 -0.55
C LEU A 49 7.98 -11.68 0.97
N TYR A 50 7.19 -10.79 1.55
CA TYR A 50 7.19 -10.61 2.98
C TYR A 50 6.96 -11.93 3.71
N PHE A 51 5.89 -12.60 3.32
CA PHE A 51 5.55 -13.88 3.92
C PHE A 51 6.48 -14.98 3.44
N GLY A 52 6.71 -15.00 2.13
CA GLY A 52 7.58 -15.99 1.53
C GLY A 52 9.00 -15.89 2.11
N GLU A 53 9.40 -14.67 2.41
CA GLU A 53 10.73 -14.42 2.96
C GLU A 53 10.70 -13.21 3.87
N ARG A 54 11.45 -13.30 4.96
CA ARG A 54 11.53 -12.21 5.92
C ARG A 54 12.32 -11.04 5.33
N ASN A 55 11.84 -10.55 4.20
CA ASN A 55 12.49 -9.44 3.53
C ASN A 55 11.45 -8.36 3.23
N VAL A 56 11.03 -7.67 4.29
CA VAL A 56 10.04 -6.61 4.16
C VAL A 56 10.56 -5.57 3.16
N LYS A 57 11.87 -5.57 2.98
CA LYS A 57 12.50 -4.64 2.06
C LYS A 57 11.76 -4.66 0.72
N GLY A 58 11.42 -5.85 0.29
CA GLY A 58 10.71 -6.04 -0.96
C GLY A 58 9.44 -5.18 -1.00
N MET A 59 8.62 -5.37 0.02
CA MET A 59 7.36 -4.63 0.12
C MET A 59 7.61 -3.12 0.00
N PHE A 60 8.49 -2.63 0.87
CA PHE A 60 8.82 -1.21 0.85
C PHE A 60 9.20 -0.74 -0.55
N GLU A 61 9.93 -1.60 -1.24
CA GLU A 61 10.36 -1.28 -2.59
C GLU A 61 9.21 -1.45 -3.58
N VAL A 62 8.18 -2.16 -3.12
CA VAL A 62 7.02 -2.40 -3.95
C VAL A 62 6.03 -1.24 -3.79
N LEU A 63 5.86 -0.81 -2.55
CA LEU A 63 4.96 0.29 -2.26
C LEU A 63 5.63 1.62 -2.62
N GLU A 64 6.92 1.68 -2.32
CA GLU A 64 7.69 2.87 -2.60
C GLU A 64 7.32 3.44 -3.96
N PRO A 65 7.41 2.57 -5.00
CA PRO A 65 7.07 2.97 -6.36
C PRO A 65 5.56 3.08 -6.54
N LEU A 66 4.87 2.04 -6.11
CA LEU A 66 3.41 2.00 -6.22
C LEU A 66 2.84 3.31 -5.67
N HIS A 67 3.21 3.62 -4.45
CA HIS A 67 2.75 4.83 -3.80
C HIS A 67 3.19 6.06 -4.61
N ALA A 68 4.48 6.11 -4.88
CA ALA A 68 5.05 7.21 -5.65
C ALA A 68 4.25 7.38 -6.94
N MET A 69 4.10 6.28 -7.65
CA MET A 69 3.35 6.30 -8.91
C MET A 69 1.99 6.96 -8.73
N MET A 70 1.39 6.70 -7.58
CA MET A 70 0.09 7.26 -7.28
C MET A 70 0.17 8.78 -7.07
N GLU A 71 1.32 9.20 -6.54
CA GLU A 71 1.53 10.61 -6.29
C GLU A 71 1.84 11.35 -7.59
N ARG A 72 2.96 10.96 -8.21
CA ARG A 72 3.37 11.57 -9.46
C ARG A 72 2.46 11.13 -10.60
N GLY A 73 1.79 10.00 -10.37
CA GLY A 73 0.88 9.46 -11.36
C GLY A 73 -0.56 9.46 -10.85
N PRO A 74 -1.21 10.65 -10.94
CA PRO A 74 -2.58 10.80 -10.48
C PRO A 74 -3.55 10.15 -11.47
N GLN A 75 -4.82 10.55 -11.36
CA GLN A 75 -5.85 10.03 -12.23
C GLN A 75 -6.87 11.11 -12.57
N THR A 76 -7.72 11.41 -11.60
CA THR A 76 -8.74 12.43 -11.78
C THR A 76 -9.32 12.85 -10.43
N LEU A 77 -10.03 13.96 -10.45
CA LEU A 77 -10.64 14.49 -9.23
C LEU A 77 -11.51 13.40 -8.60
N LYS A 78 -12.01 12.52 -9.46
CA LYS A 78 -12.86 11.43 -9.00
C LYS A 78 -12.01 10.42 -8.24
N GLU A 79 -10.79 10.25 -8.70
CA GLU A 79 -9.87 9.30 -8.07
C GLU A 79 -9.14 9.98 -6.91
N THR A 80 -9.15 11.31 -6.95
CA THR A 80 -8.49 12.09 -5.90
C THR A 80 -9.00 11.67 -4.53
N SER A 81 -10.22 11.16 -4.51
CA SER A 81 -10.84 10.73 -3.26
C SER A 81 -10.14 9.47 -2.75
N PHE A 82 -9.78 8.60 -3.69
CA PHE A 82 -9.11 7.36 -3.35
C PHE A 82 -7.74 7.63 -2.72
N ASN A 83 -6.99 8.51 -3.37
CA ASN A 83 -5.67 8.86 -2.88
C ASN A 83 -5.81 9.68 -1.59
N GLN A 84 -6.92 10.38 -1.48
CA GLN A 84 -7.19 11.19 -0.31
C GLN A 84 -7.65 10.31 0.86
N ALA A 85 -8.67 9.52 0.60
CA ALA A 85 -9.21 8.63 1.61
C ALA A 85 -8.06 7.97 2.36
N TYR A 86 -7.15 7.38 1.59
CA TYR A 86 -6.00 6.72 2.18
C TYR A 86 -4.81 7.67 2.30
N GLY A 87 -4.92 8.79 1.60
CA GLY A 87 -3.87 9.78 1.62
C GLY A 87 -3.29 9.94 3.03
N ARG A 88 -4.18 9.98 4.00
CA ARG A 88 -3.77 10.11 5.38
C ARG A 88 -3.25 8.78 5.93
N ASP A 89 -4.07 7.75 5.72
CA ASP A 89 -3.70 6.42 6.18
C ASP A 89 -2.29 6.07 5.67
N LEU A 90 -2.12 6.18 4.38
CA LEU A 90 -0.84 5.88 3.75
C LEU A 90 0.26 6.69 4.46
N MET A 91 -0.10 7.92 4.81
CA MET A 91 0.84 8.79 5.49
C MET A 91 1.28 8.21 6.84
N GLU A 92 0.28 7.76 7.60
CA GLU A 92 0.55 7.17 8.89
C GLU A 92 1.40 5.91 8.75
N ALA A 93 0.91 5.00 7.93
CA ALA A 93 1.61 3.74 7.68
C ALA A 93 3.05 4.04 7.26
N GLN A 94 3.19 5.08 6.44
CA GLN A 94 4.50 5.48 5.96
C GLN A 94 5.38 5.92 7.13
N GLU A 95 4.77 6.63 8.07
CA GLU A 95 5.50 7.11 9.23
C GLU A 95 6.00 5.93 10.07
N TRP A 96 5.16 4.90 10.16
CA TRP A 96 5.51 3.72 10.92
C TRP A 96 6.64 3.00 10.18
N CYS A 97 6.58 3.07 8.86
CA CYS A 97 7.59 2.43 8.03
C CYS A 97 8.96 3.00 8.41
N ARG A 98 9.07 4.32 8.32
CA ARG A 98 10.31 5.00 8.66
C ARG A 98 10.71 4.69 10.11
N LYS A 99 9.70 4.61 10.96
CA LYS A 99 9.94 4.32 12.36
C LYS A 99 10.70 2.99 12.48
N TYR A 100 10.20 1.99 11.78
CA TYR A 100 10.81 0.68 11.80
C TYR A 100 12.15 0.69 11.06
N MET A 101 12.13 1.30 9.89
CA MET A 101 13.33 1.39 9.07
C MET A 101 14.48 2.04 9.85
N LYS A 102 14.09 2.94 10.75
CA LYS A 102 15.09 3.64 11.57
C LYS A 102 15.25 2.90 12.90
N SER A 103 14.14 2.76 13.60
CA SER A 103 14.15 2.08 14.89
C SER A 103 14.40 0.58 14.69
N GLY A 104 13.47 -0.06 13.99
CA GLY A 104 13.58 -1.48 13.72
C GLY A 104 12.75 -2.30 14.72
N ASN A 105 11.47 -2.42 14.41
CA ASN A 105 10.57 -3.17 15.27
C ASN A 105 9.42 -3.73 14.42
N VAL A 106 9.24 -5.04 14.53
CA VAL A 106 8.19 -5.71 13.78
C VAL A 106 6.83 -5.16 14.23
N LYS A 107 6.73 -4.91 15.52
CA LYS A 107 5.49 -4.39 16.08
C LYS A 107 5.03 -3.19 15.26
N ASP A 108 5.95 -2.25 15.08
CA ASP A 108 5.66 -1.05 14.31
C ASP A 108 5.37 -1.43 12.85
N LEU A 109 6.19 -2.34 12.34
CA LEU A 109 6.05 -2.80 10.97
C LEU A 109 4.64 -3.39 10.79
N THR A 110 4.27 -4.23 11.74
CA THR A 110 2.96 -4.86 11.69
C THR A 110 1.85 -3.81 11.65
N GLN A 111 1.99 -2.81 12.50
CA GLN A 111 1.02 -1.74 12.56
C GLN A 111 0.84 -1.10 11.19
N ALA A 112 1.97 -0.79 10.57
CA ALA A 112 1.95 -0.17 9.25
C ALA A 112 1.25 -1.11 8.26
N TRP A 113 1.64 -2.37 8.31
CA TRP A 113 1.06 -3.37 7.44
C TRP A 113 -0.46 -3.40 7.68
N ASP A 114 -0.82 -3.09 8.92
CA ASP A 114 -2.23 -3.07 9.29
C ASP A 114 -2.94 -1.95 8.55
N LEU A 115 -2.34 -0.77 8.62
CA LEU A 115 -2.90 0.39 7.95
C LEU A 115 -3.13 0.08 6.47
N TYR A 116 -2.07 -0.40 5.84
CA TYR A 116 -2.14 -0.75 4.43
C TYR A 116 -3.28 -1.73 4.15
N TYR A 117 -3.24 -2.84 4.87
CA TYR A 117 -4.27 -3.86 4.72
C TYR A 117 -5.67 -3.24 4.78
N HIS A 118 -5.81 -2.25 5.64
CA HIS A 118 -7.08 -1.56 5.80
C HIS A 118 -7.47 -0.89 4.48
N VAL A 119 -6.54 -0.14 3.94
CA VAL A 119 -6.77 0.56 2.68
C VAL A 119 -6.83 -0.46 1.54
N PHE A 120 -5.83 -1.32 1.52
CA PHE A 120 -5.75 -2.35 0.48
C PHE A 120 -6.98 -3.25 0.53
N ARG A 121 -7.53 -3.41 1.72
CA ARG A 121 -8.69 -4.25 1.91
C ARG A 121 -9.95 -3.52 1.43
N ARG A 122 -10.00 -2.23 1.71
CA ARG A 122 -11.14 -1.42 1.30
C ARG A 122 -11.26 -1.40 -0.22
N ILE A 123 -10.15 -1.09 -0.88
CA ILE A 123 -10.13 -1.05 -2.32
C ILE A 123 -10.82 -2.29 -2.89
N SER A 124 -10.56 -3.42 -2.23
CA SER A 124 -11.15 -4.67 -2.65
C SER A 124 -12.57 -4.80 -2.11
N LYS A 125 -12.69 -4.63 -0.80
CA LYS A 125 -13.99 -4.71 -0.14
C LYS A 125 -15.03 -4.02 -1.01
N GLN A 126 -15.95 -4.83 -1.52
CA GLN A 126 -17.02 -4.32 -2.36
C GLN A 126 -18.10 -3.64 -1.50
N MET A 26 -19.68 8.46 -4.89
CA MET A 26 -19.65 7.14 -4.28
C MET A 26 -20.39 6.12 -5.14
N GLU A 27 -19.61 5.31 -5.85
CA GLU A 27 -20.18 4.29 -6.71
C GLU A 27 -19.87 2.89 -6.16
N LEU A 28 -18.95 2.87 -5.21
CA LEU A 28 -18.56 1.60 -4.60
C LEU A 28 -18.13 0.62 -5.69
N ILE A 29 -17.27 1.11 -6.58
CA ILE A 29 -16.78 0.30 -7.67
C ILE A 29 -15.25 0.22 -7.59
N ARG A 30 -14.73 -0.97 -7.85
CA ARG A 30 -13.29 -1.19 -7.82
C ARG A 30 -12.81 -1.79 -9.14
N VAL A 31 -12.83 -0.96 -10.18
CA VAL A 31 -12.40 -1.39 -11.49
C VAL A 31 -11.17 -2.28 -11.36
N PRO A 32 -11.11 -3.32 -12.23
CA PRO A 32 -10.00 -4.25 -12.22
C PRO A 32 -8.75 -3.62 -12.84
N ILE A 33 -8.70 -3.65 -14.17
CA ILE A 33 -7.57 -3.09 -14.88
C ILE A 33 -7.46 -1.60 -14.55
N LEU A 34 -6.84 -1.32 -13.42
CA LEU A 34 -6.66 0.04 -12.98
C LEU A 34 -5.65 0.08 -11.83
N TRP A 35 -5.70 1.16 -11.07
CA TRP A 35 -4.81 1.33 -9.94
C TRP A 35 -4.98 0.12 -9.01
N HIS A 36 -6.24 -0.18 -8.73
CA HIS A 36 -6.56 -1.31 -7.86
C HIS A 36 -5.74 -2.53 -8.29
N GLU A 37 -5.36 -2.53 -9.56
CA GLU A 37 -4.58 -3.64 -10.11
C GLU A 37 -3.16 -3.60 -9.55
N MET A 38 -2.67 -2.39 -9.31
CA MET A 38 -1.34 -2.21 -8.78
C MET A 38 -1.29 -2.55 -7.29
N TRP A 39 -2.41 -2.31 -6.63
CA TRP A 39 -2.50 -2.59 -5.21
C TRP A 39 -2.52 -4.11 -5.01
N HIS A 40 -3.42 -4.76 -5.76
CA HIS A 40 -3.55 -6.20 -5.68
C HIS A 40 -2.21 -6.85 -6.01
N GLU A 41 -1.70 -6.54 -7.19
CA GLU A 41 -0.44 -7.10 -7.62
C GLU A 41 0.70 -6.56 -6.76
N GLY A 42 0.56 -5.30 -6.37
CA GLY A 42 1.56 -4.65 -5.55
C GLY A 42 1.73 -5.38 -4.21
N LEU A 43 0.66 -5.38 -3.43
CA LEU A 43 0.68 -6.03 -2.13
C LEU A 43 1.05 -7.50 -2.32
N GLU A 44 0.57 -8.07 -3.40
CA GLU A 44 0.85 -9.47 -3.70
C GLU A 44 2.35 -9.72 -3.67
N GLU A 45 3.07 -8.93 -4.44
CA GLU A 45 4.53 -9.06 -4.51
C GLU A 45 5.14 -8.81 -3.14
N ALA A 46 4.75 -7.69 -2.54
CA ALA A 46 5.25 -7.33 -1.23
C ALA A 46 5.01 -8.47 -0.25
N SER A 47 3.82 -9.07 -0.37
CA SER A 47 3.45 -10.17 0.49
C SER A 47 4.24 -11.43 0.11
N ARG A 48 4.18 -11.75 -1.18
CA ARG A 48 4.88 -12.92 -1.69
C ARG A 48 6.34 -12.91 -1.21
N LEU A 49 6.99 -11.78 -1.43
CA LEU A 49 8.38 -11.64 -1.04
C LEU A 49 8.47 -11.62 0.49
N TYR A 50 7.58 -10.85 1.09
CA TYR A 50 7.54 -10.74 2.55
C TYR A 50 7.45 -12.12 3.21
N PHE A 51 6.52 -12.91 2.70
CA PHE A 51 6.31 -14.25 3.23
C PHE A 51 7.38 -15.21 2.71
N GLY A 52 7.64 -15.11 1.40
CA GLY A 52 8.63 -15.96 0.77
C GLY A 52 10.04 -15.46 1.05
N GLU A 53 10.38 -14.35 0.41
CA GLU A 53 11.69 -13.76 0.57
C GLU A 53 11.99 -13.54 2.05
N ARG A 54 10.93 -13.53 2.84
CA ARG A 54 11.07 -13.33 4.28
C ARG A 54 11.72 -11.98 4.57
N ASN A 55 11.55 -11.07 3.63
CA ASN A 55 12.13 -9.73 3.77
C ASN A 55 11.01 -8.69 3.64
N VAL A 56 10.87 -7.90 4.70
CA VAL A 56 9.85 -6.86 4.72
C VAL A 56 10.32 -5.67 3.88
N LYS A 57 11.64 -5.51 3.83
CA LYS A 57 12.23 -4.42 3.07
C LYS A 57 11.60 -4.38 1.67
N GLY A 58 11.41 -5.56 1.12
CA GLY A 58 10.83 -5.67 -0.21
C GLY A 58 9.45 -5.01 -0.25
N MET A 59 8.60 -5.39 0.70
CA MET A 59 7.27 -4.84 0.78
C MET A 59 7.30 -3.31 0.79
N PHE A 60 8.21 -2.77 1.59
CA PHE A 60 8.34 -1.33 1.69
C PHE A 60 8.83 -0.72 0.37
N GLU A 61 9.68 -1.47 -0.30
CA GLU A 61 10.22 -1.03 -1.58
C GLU A 61 9.19 -1.20 -2.68
N VAL A 62 8.14 -1.96 -2.37
CA VAL A 62 7.08 -2.21 -3.32
C VAL A 62 6.07 -1.05 -3.25
N LEU A 63 5.76 -0.66 -2.03
CA LEU A 63 4.81 0.43 -1.81
C LEU A 63 5.49 1.76 -2.10
N GLU A 64 6.69 1.91 -1.56
CA GLU A 64 7.45 3.12 -1.75
C GLU A 64 7.21 3.69 -3.15
N PRO A 65 7.45 2.83 -4.17
CA PRO A 65 7.27 3.24 -5.56
C PRO A 65 5.78 3.29 -5.91
N LEU A 66 5.09 2.20 -5.60
CA LEU A 66 3.67 2.12 -5.89
C LEU A 66 2.97 3.36 -5.35
N HIS A 67 3.15 3.60 -4.07
CA HIS A 67 2.55 4.76 -3.43
C HIS A 67 3.05 6.04 -4.11
N ALA A 68 4.37 6.15 -4.17
CA ALA A 68 4.98 7.31 -4.80
C ALA A 68 4.35 7.56 -6.15
N MET A 69 4.29 6.50 -6.96
CA MET A 69 3.72 6.59 -8.28
C MET A 69 2.33 7.23 -8.24
N MET A 70 1.59 6.89 -7.20
CA MET A 70 0.25 7.42 -7.02
C MET A 70 0.30 8.92 -6.73
N GLU A 71 1.35 9.33 -6.04
CA GLU A 71 1.52 10.73 -5.68
C GLU A 71 2.00 11.53 -6.89
N ARG A 72 3.21 11.20 -7.34
CA ARG A 72 3.79 11.88 -8.49
C ARG A 72 3.04 11.50 -9.76
N GLY A 73 2.36 10.36 -9.70
CA GLY A 73 1.59 9.89 -10.84
C GLY A 73 0.10 9.86 -10.53
N PRO A 74 -0.55 11.03 -10.72
CA PRO A 74 -1.97 11.15 -10.46
C PRO A 74 -2.79 10.47 -11.57
N GLN A 75 -4.06 10.85 -11.63
CA GLN A 75 -4.95 10.29 -12.64
C GLN A 75 -6.06 11.29 -12.96
N THR A 76 -7.00 11.42 -12.03
CA THR A 76 -8.12 12.33 -12.21
C THR A 76 -8.71 12.72 -10.86
N LEU A 77 -9.71 13.60 -10.90
CA LEU A 77 -10.37 14.05 -9.69
C LEU A 77 -11.04 12.87 -9.00
N LYS A 78 -11.40 11.89 -9.81
CA LYS A 78 -12.05 10.70 -9.29
C LYS A 78 -11.05 9.88 -8.46
N GLU A 79 -9.81 9.89 -8.93
CA GLU A 79 -8.75 9.17 -8.24
C GLU A 79 -8.22 10.00 -7.08
N THR A 80 -8.41 11.31 -7.18
CA THR A 80 -7.95 12.22 -6.15
C THR A 80 -8.54 11.82 -4.79
N SER A 81 -9.77 11.32 -4.83
CA SER A 81 -10.46 10.90 -3.62
C SER A 81 -9.85 9.58 -3.12
N PHE A 82 -9.50 8.72 -4.07
CA PHE A 82 -8.92 7.43 -3.74
C PHE A 82 -7.58 7.60 -3.03
N ASN A 83 -6.73 8.44 -3.62
CA ASN A 83 -5.42 8.70 -3.05
C ASN A 83 -5.57 9.43 -1.72
N GLN A 84 -6.66 10.18 -1.61
CA GLN A 84 -6.94 10.92 -0.39
C GLN A 84 -7.53 10.01 0.67
N ALA A 85 -8.57 9.30 0.28
CA ALA A 85 -9.24 8.38 1.18
C ALA A 85 -8.19 7.61 1.99
N TYR A 86 -7.08 7.33 1.33
CA TYR A 86 -5.99 6.60 1.97
C TYR A 86 -4.80 7.52 2.25
N GLY A 87 -4.78 8.63 1.52
CA GLY A 87 -3.70 9.60 1.67
C GLY A 87 -3.29 9.73 3.14
N ARG A 88 -4.29 9.69 4.01
CA ARG A 88 -4.05 9.80 5.44
C ARG A 88 -3.54 8.47 6.00
N ASP A 89 -4.25 7.41 5.64
CA ASP A 89 -3.89 6.08 6.09
C ASP A 89 -2.44 5.77 5.68
N LEU A 90 -2.20 5.86 4.37
CA LEU A 90 -0.88 5.61 3.84
C LEU A 90 0.15 6.46 4.59
N MET A 91 -0.25 7.68 4.88
CA MET A 91 0.61 8.60 5.60
C MET A 91 1.05 8.02 6.94
N GLU A 92 0.07 7.52 7.68
CA GLU A 92 0.33 6.93 8.98
C GLU A 92 1.29 5.74 8.84
N ALA A 93 0.89 4.80 8.00
CA ALA A 93 1.70 3.61 7.77
C ALA A 93 3.09 4.03 7.32
N GLN A 94 3.12 5.01 6.43
CA GLN A 94 4.38 5.52 5.91
C GLN A 94 5.30 5.93 7.06
N GLU A 95 4.70 6.54 8.07
CA GLU A 95 5.46 7.00 9.22
C GLU A 95 5.97 5.79 10.02
N TRP A 96 5.14 4.77 10.08
CA TRP A 96 5.49 3.56 10.80
C TRP A 96 6.52 2.79 9.97
N CYS A 97 6.50 3.05 8.67
CA CYS A 97 7.43 2.41 7.76
C CYS A 97 8.84 2.89 8.07
N ARG A 98 9.01 4.20 7.97
CA ARG A 98 10.30 4.81 8.24
C ARG A 98 10.70 4.60 9.71
N LYS A 99 9.68 4.46 10.54
CA LYS A 99 9.91 4.25 11.96
C LYS A 99 10.69 2.95 12.16
N TYR A 100 10.14 1.87 11.61
CA TYR A 100 10.77 0.57 11.72
C TYR A 100 12.08 0.52 10.93
N MET A 101 12.08 1.24 9.81
CA MET A 101 13.27 1.29 8.96
C MET A 101 14.42 2.02 9.66
N LYS A 102 14.09 3.20 10.17
CA LYS A 102 15.07 4.01 10.86
C LYS A 102 15.58 3.26 12.09
N SER A 103 14.64 2.92 12.96
CA SER A 103 14.97 2.20 14.18
C SER A 103 13.71 1.99 15.03
N GLY A 104 12.80 1.20 14.50
CA GLY A 104 11.55 0.91 15.19
C GLY A 104 11.50 -0.55 15.64
N ASN A 105 10.38 -1.19 15.32
CA ASN A 105 10.20 -2.59 15.70
C ASN A 105 9.08 -3.19 14.83
N VAL A 106 8.98 -4.50 14.90
CA VAL A 106 7.96 -5.21 14.13
C VAL A 106 6.60 -4.60 14.42
N LYS A 107 6.43 -4.15 15.66
CA LYS A 107 5.17 -3.53 16.08
C LYS A 107 4.78 -2.46 15.06
N ASP A 108 5.74 -1.60 14.75
CA ASP A 108 5.50 -0.52 13.81
C ASP A 108 5.31 -1.11 12.41
N LEU A 109 6.03 -2.20 12.15
CA LEU A 109 5.95 -2.86 10.87
C LEU A 109 4.55 -3.45 10.69
N THR A 110 4.11 -4.17 11.71
CA THR A 110 2.79 -4.79 11.68
C THR A 110 1.71 -3.74 11.50
N GLN A 111 1.88 -2.64 12.21
CA GLN A 111 0.91 -1.54 12.14
C GLN A 111 0.83 -1.01 10.71
N ALA A 112 2.00 -0.85 10.10
CA ALA A 112 2.08 -0.35 8.74
C ALA A 112 1.40 -1.34 7.80
N TRP A 113 1.64 -2.62 8.06
CA TRP A 113 1.05 -3.67 7.24
C TRP A 113 -0.45 -3.71 7.52
N ASP A 114 -0.81 -3.32 8.74
CA ASP A 114 -2.20 -3.31 9.14
C ASP A 114 -2.93 -2.18 8.41
N LEU A 115 -2.35 -0.99 8.48
CA LEU A 115 -2.93 0.16 7.82
C LEU A 115 -3.14 -0.14 6.33
N TYR A 116 -2.05 -0.59 5.70
CA TYR A 116 -2.11 -0.92 4.29
C TYR A 116 -3.21 -1.94 4.00
N TYR A 117 -3.13 -3.06 4.70
CA TYR A 117 -4.12 -4.12 4.53
C TYR A 117 -5.54 -3.55 4.57
N HIS A 118 -5.72 -2.53 5.40
CA HIS A 118 -7.01 -1.90 5.54
C HIS A 118 -7.38 -1.19 4.24
N VAL A 119 -6.48 -0.34 3.79
CA VAL A 119 -6.70 0.40 2.56
C VAL A 119 -6.78 -0.57 1.38
N PHE A 120 -5.79 -1.45 1.32
CA PHE A 120 -5.75 -2.45 0.25
C PHE A 120 -7.02 -3.30 0.25
N ARG A 121 -7.60 -3.45 1.43
CA ARG A 121 -8.82 -4.23 1.56
C ARG A 121 -10.03 -3.44 1.05
N ARG A 122 -10.01 -2.14 1.33
CA ARG A 122 -11.09 -1.27 0.90
C ARG A 122 -11.18 -1.27 -0.63
N ILE A 123 -10.04 -1.02 -1.26
CA ILE A 123 -9.98 -0.98 -2.71
C ILE A 123 -10.70 -2.20 -3.29
N SER A 124 -10.69 -3.27 -2.49
CA SER A 124 -11.32 -4.51 -2.91
C SER A 124 -12.76 -4.57 -2.36
N LYS A 125 -12.87 -4.33 -1.06
CA LYS A 125 -14.17 -4.35 -0.41
C LYS A 125 -15.20 -3.70 -1.33
N GLN A 126 -16.27 -4.45 -1.58
CA GLN A 126 -17.34 -3.95 -2.43
C GLN A 126 -16.76 -3.14 -3.59
N MET A 26 -13.45 2.78 -19.39
CA MET A 26 -14.65 2.72 -18.57
C MET A 26 -15.53 1.55 -18.98
N GLU A 27 -15.72 0.64 -18.04
CA GLU A 27 -16.55 -0.53 -18.30
C GLU A 27 -17.93 -0.36 -17.65
N LEU A 28 -18.03 0.65 -16.81
CA LEU A 28 -19.28 0.94 -16.13
C LEU A 28 -19.53 -0.14 -15.06
N ILE A 29 -18.44 -0.67 -14.53
CA ILE A 29 -18.52 -1.70 -13.52
C ILE A 29 -17.32 -1.57 -12.57
N ARG A 30 -16.26 -2.28 -12.93
CA ARG A 30 -15.05 -2.25 -12.12
C ARG A 30 -13.85 -2.68 -12.96
N VAL A 31 -13.28 -1.71 -13.66
CA VAL A 31 -12.13 -1.97 -14.50
C VAL A 31 -11.19 -2.95 -13.79
N PRO A 32 -10.82 -4.04 -14.53
CA PRO A 32 -9.93 -5.05 -13.98
C PRO A 32 -8.49 -4.54 -13.93
N ILE A 33 -8.17 -3.66 -14.87
CA ILE A 33 -6.83 -3.10 -14.94
C ILE A 33 -6.89 -1.62 -14.53
N LEU A 34 -6.55 -1.37 -13.28
CA LEU A 34 -6.55 -0.01 -12.76
C LEU A 34 -5.58 0.09 -11.58
N TRP A 35 -5.80 1.09 -10.75
CA TRP A 35 -4.95 1.30 -9.59
C TRP A 35 -5.13 0.10 -8.65
N HIS A 36 -6.38 -0.21 -8.37
CA HIS A 36 -6.69 -1.33 -7.50
C HIS A 36 -5.86 -2.54 -7.89
N GLU A 37 -5.44 -2.54 -9.16
CA GLU A 37 -4.63 -3.64 -9.67
C GLU A 37 -3.20 -3.55 -9.12
N MET A 38 -2.71 -2.32 -9.06
CA MET A 38 -1.36 -2.08 -8.57
C MET A 38 -1.27 -2.41 -7.07
N TRP A 39 -2.38 -2.19 -6.38
CA TRP A 39 -2.43 -2.46 -4.95
C TRP A 39 -2.45 -3.98 -4.76
N HIS A 40 -3.36 -4.63 -5.46
CA HIS A 40 -3.49 -6.06 -5.37
C HIS A 40 -2.16 -6.73 -5.72
N GLU A 41 -1.60 -6.32 -6.85
CA GLU A 41 -0.34 -6.86 -7.32
C GLU A 41 0.79 -6.42 -6.37
N GLY A 42 0.78 -5.15 -6.04
CA GLY A 42 1.80 -4.59 -5.16
C GLY A 42 1.90 -5.41 -3.87
N LEU A 43 0.82 -5.39 -3.10
CA LEU A 43 0.78 -6.12 -1.85
C LEU A 43 1.02 -7.61 -2.12
N GLU A 44 0.54 -8.06 -3.27
CA GLU A 44 0.69 -9.44 -3.66
C GLU A 44 2.17 -9.84 -3.62
N GLU A 45 2.98 -9.07 -4.31
CA GLU A 45 4.41 -9.32 -4.36
C GLU A 45 5.05 -9.05 -2.99
N ALA A 46 4.76 -7.86 -2.47
CA ALA A 46 5.30 -7.46 -1.18
C ALA A 46 5.02 -8.56 -0.16
N SER A 47 3.78 -9.03 -0.16
CA SER A 47 3.38 -10.08 0.77
C SER A 47 4.12 -11.37 0.44
N ARG A 48 4.02 -11.78 -0.81
CA ARG A 48 4.68 -13.00 -1.26
C ARG A 48 6.15 -12.98 -0.85
N LEU A 49 6.81 -11.86 -1.13
CA LEU A 49 8.21 -11.72 -0.80
C LEU A 49 8.36 -11.60 0.72
N TYR A 50 7.48 -10.79 1.31
CA TYR A 50 7.51 -10.58 2.75
C TYR A 50 7.50 -11.91 3.49
N PHE A 51 6.48 -12.71 3.20
CA PHE A 51 6.34 -14.01 3.84
C PHE A 51 7.42 -14.98 3.35
N GLY A 52 7.83 -14.77 2.11
CA GLY A 52 8.86 -15.62 1.51
C GLY A 52 10.03 -15.81 2.46
N GLU A 53 10.77 -14.71 2.67
CA GLU A 53 11.92 -14.75 3.56
C GLU A 53 11.97 -13.47 4.40
N ARG A 54 10.85 -13.17 5.04
CA ARG A 54 10.76 -11.99 5.89
C ARG A 54 11.59 -10.85 5.29
N ASN A 55 11.53 -10.74 3.97
CA ASN A 55 12.28 -9.70 3.27
C ASN A 55 11.37 -8.49 3.06
N VAL A 56 10.98 -7.89 4.17
CA VAL A 56 10.11 -6.72 4.13
C VAL A 56 10.71 -5.68 3.17
N LYS A 57 12.02 -5.80 2.96
CA LYS A 57 12.71 -4.89 2.07
C LYS A 57 11.99 -4.83 0.73
N GLY A 58 11.63 -6.00 0.22
CA GLY A 58 10.94 -6.10 -1.04
C GLY A 58 9.69 -5.22 -1.05
N MET A 59 8.84 -5.43 -0.04
CA MET A 59 7.61 -4.67 0.08
C MET A 59 7.90 -3.17 0.00
N PHE A 60 8.79 -2.72 0.87
CA PHE A 60 9.15 -1.31 0.90
C PHE A 60 9.49 -0.79 -0.49
N GLU A 61 10.24 -1.61 -1.22
CA GLU A 61 10.64 -1.25 -2.58
C GLU A 61 9.48 -1.44 -3.55
N VAL A 62 8.47 -2.17 -3.07
CA VAL A 62 7.30 -2.44 -3.90
C VAL A 62 6.31 -1.27 -3.75
N LEU A 63 6.12 -0.86 -2.51
CA LEU A 63 5.21 0.24 -2.22
C LEU A 63 5.89 1.56 -2.58
N GLU A 64 7.15 1.67 -2.21
CA GLU A 64 7.92 2.87 -2.47
C GLU A 64 7.54 3.44 -3.85
N PRO A 65 7.65 2.57 -4.88
CA PRO A 65 7.32 2.98 -6.24
C PRO A 65 5.81 3.08 -6.43
N LEU A 66 5.12 2.00 -6.07
CA LEU A 66 3.68 1.95 -6.20
C LEU A 66 3.07 3.22 -5.61
N HIS A 67 3.41 3.47 -4.36
CA HIS A 67 2.91 4.66 -3.67
C HIS A 67 3.39 5.91 -4.39
N ALA A 68 4.69 5.97 -4.61
CA ALA A 68 5.28 7.12 -5.30
C ALA A 68 4.53 7.37 -6.60
N MET A 69 4.41 6.31 -7.39
CA MET A 69 3.72 6.41 -8.66
C MET A 69 2.35 7.07 -8.50
N MET A 70 1.69 6.73 -7.40
CA MET A 70 0.39 7.28 -7.11
C MET A 70 0.48 8.79 -6.80
N GLU A 71 1.61 9.16 -6.20
CA GLU A 71 1.84 10.55 -5.84
C GLU A 71 2.23 11.36 -7.09
N ARG A 72 3.38 11.00 -7.64
CA ARG A 72 3.88 11.67 -8.82
C ARG A 72 3.04 11.31 -10.04
N GLY A 73 2.27 10.25 -9.90
CA GLY A 73 1.41 9.78 -10.98
C GLY A 73 -0.06 9.78 -10.55
N PRO A 74 -0.65 11.00 -10.49
CA PRO A 74 -2.03 11.15 -10.10
C PRO A 74 -2.97 10.73 -11.23
N GLN A 75 -4.21 11.17 -11.12
CA GLN A 75 -5.22 10.85 -12.12
C GLN A 75 -6.09 12.07 -12.41
N THR A 76 -7.07 12.26 -11.55
CA THR A 76 -7.99 13.38 -11.70
C THR A 76 -8.64 13.72 -10.36
N LEU A 77 -9.61 14.62 -10.41
CA LEU A 77 -10.32 15.04 -9.22
C LEU A 77 -11.19 13.89 -8.72
N LYS A 78 -11.61 13.06 -9.65
CA LYS A 78 -12.44 11.91 -9.33
C LYS A 78 -11.61 10.89 -8.54
N GLU A 79 -10.35 10.77 -8.94
CA GLU A 79 -9.44 9.85 -8.29
C GLU A 79 -8.86 10.48 -7.02
N THR A 80 -8.90 11.79 -6.98
CA THR A 80 -8.37 12.53 -5.84
C THR A 80 -9.02 12.02 -4.54
N SER A 81 -10.23 11.51 -4.68
CA SER A 81 -10.96 10.99 -3.54
C SER A 81 -10.29 9.72 -3.02
N PHE A 82 -9.80 8.92 -3.95
CA PHE A 82 -9.14 7.68 -3.60
C PHE A 82 -7.82 7.95 -2.87
N ASN A 83 -6.99 8.77 -3.51
CA ASN A 83 -5.70 9.12 -2.94
C ASN A 83 -5.91 9.77 -1.58
N GLN A 84 -7.04 10.46 -1.45
CA GLN A 84 -7.38 11.13 -0.21
C GLN A 84 -7.91 10.13 0.81
N ALA A 85 -8.73 9.21 0.32
CA ALA A 85 -9.32 8.20 1.18
C ALA A 85 -8.21 7.49 1.96
N TYR A 86 -7.07 7.34 1.30
CA TYR A 86 -5.93 6.68 1.93
C TYR A 86 -4.83 7.70 2.26
N GLY A 87 -4.93 8.85 1.62
CA GLY A 87 -3.95 9.91 1.83
C GLY A 87 -3.48 9.94 3.28
N ARG A 88 -4.45 9.87 4.19
CA ARG A 88 -4.15 9.89 5.61
C ARG A 88 -3.70 8.50 6.08
N ASP A 89 -4.36 7.49 5.53
CA ASP A 89 -4.03 6.11 5.88
C ASP A 89 -2.56 5.85 5.54
N LEU A 90 -2.24 6.00 4.27
CA LEU A 90 -0.87 5.78 3.82
C LEU A 90 0.09 6.60 4.67
N MET A 91 -0.34 7.81 4.99
CA MET A 91 0.48 8.71 5.80
C MET A 91 0.85 8.05 7.14
N GLU A 92 -0.15 7.44 7.76
CA GLU A 92 0.05 6.77 9.03
C GLU A 92 0.97 5.55 8.86
N ALA A 93 0.50 4.62 8.05
CA ALA A 93 1.27 3.41 7.78
C ALA A 93 2.68 3.79 7.33
N GLN A 94 2.73 4.80 6.47
CA GLN A 94 4.00 5.28 5.94
C GLN A 94 4.92 5.70 7.10
N GLU A 95 4.34 6.37 8.06
CA GLU A 95 5.09 6.82 9.23
C GLU A 95 5.64 5.63 10.00
N TRP A 96 4.84 4.59 10.08
CA TRP A 96 5.24 3.38 10.79
C TRP A 96 6.29 2.67 9.95
N CYS A 97 6.26 2.95 8.65
CA CYS A 97 7.21 2.35 7.73
C CYS A 97 8.58 2.99 7.95
N ARG A 98 8.62 4.31 7.78
CA ARG A 98 9.85 5.05 7.96
C ARG A 98 10.29 5.02 9.43
N LYS A 99 9.29 4.88 10.30
CA LYS A 99 9.56 4.84 11.72
C LYS A 99 10.28 3.53 12.07
N TYR A 100 9.78 2.45 11.49
CA TYR A 100 10.37 1.14 11.73
C TYR A 100 11.72 1.01 11.02
N MET A 101 11.80 1.60 9.84
CA MET A 101 13.02 1.56 9.06
C MET A 101 14.15 2.32 9.77
N LYS A 102 13.77 3.42 10.38
CA LYS A 102 14.73 4.25 11.11
C LYS A 102 14.88 3.73 12.54
N SER A 103 13.74 3.38 13.12
CA SER A 103 13.72 2.86 14.47
C SER A 103 14.08 1.38 14.49
N GLY A 104 13.15 0.57 14.00
CA GLY A 104 13.36 -0.86 13.94
C GLY A 104 12.53 -1.59 15.00
N ASN A 105 11.32 -1.96 14.60
CA ASN A 105 10.41 -2.65 15.50
C ASN A 105 9.31 -3.33 14.68
N VAL A 106 9.42 -4.65 14.58
CA VAL A 106 8.43 -5.42 13.84
C VAL A 106 7.02 -4.97 14.24
N LYS A 107 6.86 -4.73 15.53
CA LYS A 107 5.56 -4.30 16.05
C LYS A 107 5.06 -3.12 15.21
N ASP A 108 5.95 -2.16 14.99
CA ASP A 108 5.60 -0.98 14.22
C ASP A 108 5.32 -1.40 12.77
N LEU A 109 6.14 -2.33 12.28
CA LEU A 109 5.99 -2.82 10.93
C LEU A 109 4.63 -3.51 10.78
N THR A 110 4.33 -4.36 11.76
CA THR A 110 3.07 -5.08 11.75
C THR A 110 1.89 -4.10 11.70
N GLN A 111 1.99 -3.05 12.49
CA GLN A 111 0.95 -2.04 12.54
C GLN A 111 0.79 -1.38 11.18
N ALA A 112 1.93 -1.11 10.54
CA ALA A 112 1.92 -0.47 9.24
C ALA A 112 1.28 -1.42 8.22
N TRP A 113 1.61 -2.69 8.34
CA TRP A 113 1.07 -3.70 7.45
C TRP A 113 -0.45 -3.77 7.67
N ASP A 114 -0.84 -3.52 8.91
CA ASP A 114 -2.25 -3.54 9.27
C ASP A 114 -2.98 -2.42 8.54
N LEU A 115 -2.43 -1.22 8.66
CA LEU A 115 -3.02 -0.06 8.02
C LEU A 115 -3.18 -0.33 6.53
N TYR A 116 -2.09 -0.80 5.93
CA TYR A 116 -2.10 -1.10 4.51
C TYR A 116 -3.20 -2.10 4.17
N TYR A 117 -3.21 -3.20 4.90
CA TYR A 117 -4.20 -4.24 4.69
C TYR A 117 -5.60 -3.65 4.58
N HIS A 118 -5.90 -2.75 5.51
CA HIS A 118 -7.21 -2.10 5.53
C HIS A 118 -7.39 -1.28 4.25
N VAL A 119 -6.31 -0.59 3.86
CA VAL A 119 -6.34 0.23 2.67
C VAL A 119 -6.52 -0.67 1.44
N PHE A 120 -5.59 -1.61 1.29
CA PHE A 120 -5.64 -2.52 0.16
C PHE A 120 -6.91 -3.38 0.21
N ARG A 121 -7.39 -3.61 1.42
CA ARG A 121 -8.59 -4.42 1.62
C ARG A 121 -9.83 -3.60 1.22
N ARG A 122 -9.72 -2.30 1.39
CA ARG A 122 -10.83 -1.40 1.07
C ARG A 122 -11.00 -1.31 -0.46
N ILE A 123 -9.89 -1.02 -1.12
CA ILE A 123 -9.89 -0.90 -2.57
C ILE A 123 -10.63 -2.08 -3.18
N SER A 124 -10.57 -3.21 -2.47
CA SER A 124 -11.22 -4.42 -2.93
C SER A 124 -12.68 -4.44 -2.46
N LYS A 125 -12.85 -4.21 -1.16
CA LYS A 125 -14.18 -4.19 -0.57
C LYS A 125 -15.14 -3.46 -1.52
N GLN A 126 -16.36 -3.97 -1.57
CA GLN A 126 -17.38 -3.38 -2.43
C GLN A 126 -18.15 -2.30 -1.65
N MET A 26 -19.52 2.21 -13.25
CA MET A 26 -19.19 1.00 -12.52
C MET A 26 -19.73 -0.25 -13.22
N GLU A 27 -18.93 -1.30 -13.18
CA GLU A 27 -19.32 -2.55 -13.80
C GLU A 27 -19.49 -3.64 -12.74
N LEU A 28 -18.74 -3.51 -11.67
CA LEU A 28 -18.80 -4.47 -10.58
C LEU A 28 -17.94 -3.97 -9.42
N ILE A 29 -17.45 -4.93 -8.64
CA ILE A 29 -16.62 -4.59 -7.49
C ILE A 29 -15.67 -3.46 -7.86
N ARG A 30 -14.84 -3.72 -8.87
CA ARG A 30 -13.89 -2.73 -9.33
C ARG A 30 -13.27 -3.16 -10.66
N VAL A 31 -12.45 -2.29 -11.21
CA VAL A 31 -11.79 -2.56 -12.48
C VAL A 31 -10.46 -3.24 -12.21
N PRO A 32 -10.18 -4.31 -13.01
CA PRO A 32 -8.94 -5.06 -12.87
C PRO A 32 -7.77 -4.28 -13.46
N ILE A 33 -8.09 -3.37 -14.37
CA ILE A 33 -7.07 -2.55 -15.00
C ILE A 33 -7.10 -1.15 -14.41
N LEU A 34 -7.13 -1.11 -13.09
CA LEU A 34 -7.17 0.16 -12.37
C LEU A 34 -6.09 0.14 -11.28
N TRP A 35 -5.99 1.27 -10.59
CA TRP A 35 -5.02 1.40 -9.52
C TRP A 35 -5.12 0.17 -8.62
N HIS A 36 -6.35 -0.21 -8.34
CA HIS A 36 -6.61 -1.37 -7.50
C HIS A 36 -5.74 -2.54 -7.97
N GLU A 37 -5.36 -2.48 -9.24
CA GLU A 37 -4.54 -3.52 -9.82
C GLU A 37 -3.12 -3.47 -9.25
N MET A 38 -2.66 -2.25 -8.99
CA MET A 38 -1.33 -2.06 -8.45
C MET A 38 -1.29 -2.43 -6.96
N TRP A 39 -2.42 -2.22 -6.30
CA TRP A 39 -2.52 -2.53 -4.88
C TRP A 39 -2.59 -4.05 -4.73
N HIS A 40 -3.30 -4.67 -5.68
CA HIS A 40 -3.45 -6.11 -5.66
C HIS A 40 -2.11 -6.78 -5.97
N GLU A 41 -1.57 -6.42 -7.12
CA GLU A 41 -0.28 -6.96 -7.55
C GLU A 41 0.84 -6.44 -6.66
N GLY A 42 0.71 -5.18 -6.25
CA GLY A 42 1.70 -4.56 -5.41
C GLY A 42 1.87 -5.33 -4.09
N LEU A 43 0.80 -5.33 -3.31
CA LEU A 43 0.81 -6.02 -2.03
C LEU A 43 1.06 -7.51 -2.27
N GLU A 44 0.59 -7.98 -3.42
CA GLU A 44 0.75 -9.39 -3.78
C GLU A 44 2.23 -9.79 -3.67
N GLU A 45 3.08 -9.01 -4.32
CA GLU A 45 4.50 -9.27 -4.32
C GLU A 45 5.10 -8.90 -2.96
N ALA A 46 4.81 -7.68 -2.54
CA ALA A 46 5.31 -7.18 -1.27
C ALA A 46 4.99 -8.19 -0.17
N SER A 47 3.78 -8.71 -0.23
CA SER A 47 3.33 -9.69 0.75
C SER A 47 4.03 -11.03 0.52
N ARG A 48 3.99 -11.46 -0.73
CA ARG A 48 4.62 -12.72 -1.11
C ARG A 48 6.05 -12.77 -0.58
N LEU A 49 6.80 -11.73 -0.89
CA LEU A 49 8.19 -11.65 -0.45
C LEU A 49 8.23 -11.48 1.07
N TYR A 50 7.41 -10.56 1.55
CA TYR A 50 7.35 -10.30 2.98
C TYR A 50 7.08 -11.58 3.77
N PHE A 51 6.03 -12.28 3.36
CA PHE A 51 5.66 -13.53 4.01
C PHE A 51 6.61 -14.65 3.64
N GLY A 52 6.90 -14.75 2.35
CA GLY A 52 7.79 -15.77 1.85
C GLY A 52 9.18 -15.64 2.47
N GLU A 53 9.74 -14.44 2.33
CA GLU A 53 11.06 -14.17 2.88
C GLU A 53 10.99 -13.06 3.93
N ARG A 54 11.95 -13.08 4.83
CA ARG A 54 12.01 -12.09 5.89
C ARG A 54 12.71 -10.82 5.40
N ASN A 55 12.30 -10.39 4.21
CA ASN A 55 12.88 -9.19 3.61
C ASN A 55 11.75 -8.24 3.21
N VAL A 56 11.35 -7.41 4.15
CA VAL A 56 10.29 -6.45 3.91
C VAL A 56 10.76 -5.43 2.87
N LYS A 57 12.06 -5.45 2.61
CA LYS A 57 12.65 -4.54 1.64
C LYS A 57 11.85 -4.60 0.34
N GLY A 58 11.44 -5.82 0.00
CA GLY A 58 10.68 -6.02 -1.22
C GLY A 58 9.42 -5.15 -1.25
N MET A 59 8.75 -5.12 -0.11
CA MET A 59 7.53 -4.32 0.02
C MET A 59 7.84 -2.83 -0.10
N PHE A 60 8.75 -2.38 0.76
CA PHE A 60 9.15 -0.98 0.75
C PHE A 60 9.50 -0.51 -0.66
N GLU A 61 10.27 -1.33 -1.35
CA GLU A 61 10.69 -1.02 -2.70
C GLU A 61 9.54 -1.24 -3.68
N VAL A 62 8.54 -1.96 -3.21
CA VAL A 62 7.37 -2.24 -4.03
C VAL A 62 6.38 -1.08 -3.92
N LEU A 63 6.17 -0.64 -2.68
CA LEU A 63 5.26 0.46 -2.43
C LEU A 63 5.93 1.78 -2.80
N GLU A 64 7.20 1.89 -2.44
CA GLU A 64 7.96 3.09 -2.73
C GLU A 64 7.57 3.64 -4.10
N PRO A 65 7.68 2.76 -5.14
CA PRO A 65 7.35 3.15 -6.49
C PRO A 65 5.82 3.22 -6.68
N LEU A 66 5.16 2.14 -6.29
CA LEU A 66 3.71 2.08 -6.41
C LEU A 66 3.10 3.36 -5.83
N HIS A 67 3.43 3.61 -4.57
CA HIS A 67 2.93 4.79 -3.89
C HIS A 67 3.37 6.05 -4.63
N ALA A 68 4.67 6.13 -4.86
CA ALA A 68 5.24 7.27 -5.56
C ALA A 68 4.47 7.50 -6.87
N MET A 69 4.34 6.43 -7.64
CA MET A 69 3.63 6.50 -8.91
C MET A 69 2.26 7.15 -8.73
N MET A 70 1.64 6.86 -7.59
CA MET A 70 0.33 7.42 -7.30
C MET A 70 0.42 8.91 -7.02
N GLU A 71 1.55 9.31 -6.46
CA GLU A 71 1.77 10.71 -6.13
C GLU A 71 2.15 11.49 -7.39
N ARG A 72 3.30 11.13 -7.94
CA ARG A 72 3.79 11.79 -9.14
C ARG A 72 2.94 11.40 -10.34
N GLY A 73 2.26 10.27 -10.21
CA GLY A 73 1.41 9.77 -11.28
C GLY A 73 -0.06 9.74 -10.84
N PRO A 74 -0.70 10.94 -10.91
CA PRO A 74 -2.09 11.07 -10.53
C PRO A 74 -3.01 10.48 -11.60
N GLN A 75 -4.27 10.87 -11.54
CA GLN A 75 -5.26 10.39 -12.49
C GLN A 75 -6.29 11.48 -12.79
N THR A 76 -7.20 11.66 -11.84
CA THR A 76 -8.24 12.66 -11.99
C THR A 76 -8.84 13.00 -10.62
N LEU A 77 -9.95 13.74 -10.67
CA LEU A 77 -10.63 14.14 -9.44
C LEU A 77 -11.20 12.89 -8.76
N LYS A 78 -11.50 11.89 -9.57
CA LYS A 78 -12.06 10.65 -9.06
C LYS A 78 -10.98 9.91 -8.27
N GLU A 79 -9.78 9.89 -8.83
CA GLU A 79 -8.67 9.22 -8.19
C GLU A 79 -8.12 10.07 -7.04
N THR A 80 -8.46 11.35 -7.08
CA THR A 80 -8.02 12.27 -6.05
C THR A 80 -8.59 11.87 -4.69
N SER A 81 -9.82 11.37 -4.71
CA SER A 81 -10.47 10.94 -3.49
C SER A 81 -9.82 9.66 -2.96
N PHE A 82 -9.32 8.86 -3.89
CA PHE A 82 -8.66 7.62 -3.52
C PHE A 82 -7.36 7.89 -2.75
N ASN A 83 -6.52 8.71 -3.35
CA ASN A 83 -5.25 9.07 -2.74
C ASN A 83 -5.51 9.80 -1.42
N GLN A 84 -6.64 10.49 -1.38
CA GLN A 84 -7.01 11.25 -0.21
C GLN A 84 -7.59 10.32 0.87
N ALA A 85 -8.58 9.54 0.46
CA ALA A 85 -9.22 8.60 1.36
C ALA A 85 -8.15 7.90 2.19
N TYR A 86 -7.11 7.44 1.50
CA TYR A 86 -6.03 6.75 2.16
C TYR A 86 -4.85 7.69 2.44
N GLY A 87 -4.90 8.84 1.78
CA GLY A 87 -3.86 9.85 1.95
C GLY A 87 -3.41 9.93 3.40
N ARG A 88 -4.38 9.84 4.29
CA ARG A 88 -4.11 9.92 5.72
C ARG A 88 -3.57 8.57 6.22
N ASP A 89 -4.32 7.52 5.90
CA ASP A 89 -3.93 6.18 6.32
C ASP A 89 -2.50 5.90 5.86
N LEU A 90 -2.29 6.08 4.56
CA LEU A 90 -0.98 5.86 3.98
C LEU A 90 0.07 6.66 4.76
N MET A 91 -0.34 7.84 5.19
CA MET A 91 0.55 8.71 5.94
C MET A 91 0.95 8.07 7.27
N GLU A 92 -0.06 7.55 7.97
CA GLU A 92 0.17 6.90 9.25
C GLU A 92 1.04 5.65 9.07
N ALA A 93 0.53 4.73 8.25
CA ALA A 93 1.23 3.49 7.98
C ALA A 93 2.66 3.82 7.52
N GLN A 94 2.76 4.83 6.67
CA GLN A 94 4.05 5.24 6.14
C GLN A 94 4.97 5.67 7.29
N GLU A 95 4.38 6.35 8.26
CA GLU A 95 5.13 6.82 9.42
C GLU A 95 5.65 5.63 10.24
N TRP A 96 4.82 4.61 10.32
CA TRP A 96 5.17 3.42 11.06
C TRP A 96 6.30 2.71 10.32
N CYS A 97 6.26 2.81 9.00
CA CYS A 97 7.27 2.20 8.16
C CYS A 97 8.60 2.92 8.41
N ARG A 98 8.58 4.23 8.23
CA ARG A 98 9.77 5.04 8.42
C ARG A 98 10.29 4.88 9.85
N LYS A 99 9.36 4.90 10.79
CA LYS A 99 9.71 4.76 12.19
C LYS A 99 10.36 3.38 12.41
N TYR A 100 9.87 2.41 11.66
CA TYR A 100 10.40 1.05 11.76
C TYR A 100 11.76 0.94 11.09
N MET A 101 11.87 1.57 9.92
CA MET A 101 13.11 1.54 9.17
C MET A 101 14.24 2.22 9.96
N LYS A 102 13.86 3.21 10.75
CA LYS A 102 14.82 3.94 11.55
C LYS A 102 14.93 3.28 12.94
N SER A 103 13.77 3.03 13.52
CA SER A 103 13.72 2.41 14.84
C SER A 103 13.99 0.91 14.71
N GLY A 104 13.05 0.22 14.08
CA GLY A 104 13.16 -1.21 13.89
C GLY A 104 12.29 -1.98 14.90
N ASN A 105 11.23 -2.55 14.39
CA ASN A 105 10.31 -3.31 15.22
C ASN A 105 9.20 -3.91 14.36
N VAL A 106 9.12 -5.23 14.38
CA VAL A 106 8.12 -5.93 13.61
C VAL A 106 6.73 -5.43 13.99
N LYS A 107 6.55 -5.20 15.28
CA LYS A 107 5.29 -4.71 15.80
C LYS A 107 4.84 -3.50 14.96
N ASP A 108 5.78 -2.60 14.74
CA ASP A 108 5.50 -1.40 13.97
C ASP A 108 5.23 -1.79 12.52
N LEU A 109 5.98 -2.78 12.05
CA LEU A 109 5.84 -3.25 10.68
C LEU A 109 4.43 -3.81 10.49
N THR A 110 3.98 -4.57 11.47
CA THR A 110 2.66 -5.16 11.42
C THR A 110 1.58 -4.07 11.40
N GLN A 111 1.75 -3.11 12.29
CA GLN A 111 0.80 -2.01 12.39
C GLN A 111 0.64 -1.33 11.03
N ALA A 112 1.77 -0.98 10.43
CA ALA A 112 1.77 -0.33 9.14
C ALA A 112 1.10 -1.26 8.11
N TRP A 113 1.48 -2.53 8.17
CA TRP A 113 0.93 -3.52 7.27
C TRP A 113 -0.59 -3.56 7.47
N ASP A 114 -0.99 -3.29 8.71
CA ASP A 114 -2.41 -3.29 9.04
C ASP A 114 -3.11 -2.15 8.32
N LEU A 115 -2.54 -0.96 8.45
CA LEU A 115 -3.10 0.21 7.81
C LEU A 115 -3.26 -0.05 6.31
N TYR A 116 -2.17 -0.48 5.69
CA TYR A 116 -2.19 -0.77 4.27
C TYR A 116 -3.29 -1.76 3.93
N TYR A 117 -3.25 -2.91 4.59
CA TYR A 117 -4.24 -3.94 4.37
C TYR A 117 -5.65 -3.36 4.41
N HIS A 118 -5.84 -2.38 5.27
CA HIS A 118 -7.14 -1.74 5.40
C HIS A 118 -7.49 -1.01 4.11
N VAL A 119 -6.50 -0.31 3.58
CA VAL A 119 -6.69 0.44 2.34
C VAL A 119 -6.63 -0.53 1.16
N PHE A 120 -5.74 -1.51 1.28
CA PHE A 120 -5.58 -2.49 0.23
C PHE A 120 -6.78 -3.44 0.17
N ARG A 121 -7.33 -3.71 1.34
CA ARG A 121 -8.47 -4.60 1.44
C ARG A 121 -9.76 -3.84 1.10
N ARG A 122 -9.73 -2.55 1.36
CA ARG A 122 -10.89 -1.69 1.09
C ARG A 122 -11.07 -1.51 -0.42
N ILE A 123 -9.98 -1.14 -1.07
CA ILE A 123 -10.00 -0.93 -2.52
C ILE A 123 -10.81 -2.06 -3.17
N SER A 124 -10.72 -3.24 -2.56
CA SER A 124 -11.43 -4.39 -3.07
C SER A 124 -12.85 -4.45 -2.49
N LYS A 125 -12.91 -4.42 -1.17
CA LYS A 125 -14.19 -4.46 -0.47
C LYS A 125 -15.17 -3.53 -1.19
N GLN A 126 -16.30 -4.11 -1.58
CA GLN A 126 -17.33 -3.35 -2.28
C GLN A 126 -18.26 -2.69 -1.26
N MET A 26 -15.79 -12.15 -1.31
CA MET A 26 -15.17 -11.90 -2.60
C MET A 26 -16.20 -11.91 -3.72
N GLU A 27 -16.34 -10.75 -4.37
CA GLU A 27 -17.29 -10.60 -5.45
C GLU A 27 -16.66 -11.07 -6.77
N LEU A 28 -15.36 -11.28 -6.72
CA LEU A 28 -14.62 -11.72 -7.90
C LEU A 28 -14.59 -10.58 -8.91
N ILE A 29 -13.99 -10.89 -10.07
CA ILE A 29 -13.88 -9.90 -11.14
C ILE A 29 -13.06 -8.70 -10.63
N ARG A 30 -12.38 -8.05 -11.56
CA ARG A 30 -11.57 -6.90 -11.23
C ARG A 30 -10.92 -6.33 -12.49
N VAL A 31 -11.06 -5.03 -12.66
CA VAL A 31 -10.50 -4.35 -13.82
C VAL A 31 -9.01 -4.73 -13.95
N PRO A 32 -8.60 -5.01 -15.21
CA PRO A 32 -7.22 -5.39 -15.47
C PRO A 32 -6.31 -4.16 -15.42
N ILE A 33 -6.75 -3.10 -16.06
CA ILE A 33 -5.99 -1.86 -16.10
C ILE A 33 -6.63 -0.84 -15.16
N LEU A 34 -6.10 -0.77 -13.95
CA LEU A 34 -6.62 0.16 -12.96
C LEU A 34 -5.63 0.24 -11.79
N TRP A 35 -5.96 1.09 -10.83
CA TRP A 35 -5.12 1.28 -9.66
C TRP A 35 -5.27 0.05 -8.77
N HIS A 36 -6.51 -0.30 -8.49
CA HIS A 36 -6.79 -1.45 -7.65
C HIS A 36 -5.97 -2.64 -8.13
N GLU A 37 -5.56 -2.58 -9.39
CA GLU A 37 -4.77 -3.64 -9.97
C GLU A 37 -3.34 -3.61 -9.42
N MET A 38 -2.86 -2.41 -9.18
CA MET A 38 -1.52 -2.22 -8.66
C MET A 38 -1.46 -2.57 -7.16
N TRP A 39 -2.57 -2.32 -6.49
CA TRP A 39 -2.66 -2.60 -5.07
C TRP A 39 -2.74 -4.12 -4.89
N HIS A 40 -3.66 -4.72 -5.64
CA HIS A 40 -3.84 -6.17 -5.58
C HIS A 40 -2.52 -6.87 -5.86
N GLU A 41 -1.97 -6.59 -7.04
CA GLU A 41 -0.71 -7.17 -7.44
C GLU A 41 0.44 -6.64 -6.58
N GLY A 42 0.32 -5.37 -6.22
CA GLY A 42 1.33 -4.73 -5.40
C GLY A 42 1.51 -5.47 -4.08
N LEU A 43 0.45 -5.46 -3.27
CA LEU A 43 0.49 -6.13 -1.99
C LEU A 43 0.78 -7.62 -2.19
N GLU A 44 0.28 -8.14 -3.31
CA GLU A 44 0.48 -9.55 -3.64
C GLU A 44 1.96 -9.90 -3.58
N GLU A 45 2.77 -9.07 -4.22
CA GLU A 45 4.20 -9.28 -4.24
C GLU A 45 4.82 -8.92 -2.89
N ALA A 46 4.47 -7.73 -2.42
CA ALA A 46 4.98 -7.25 -1.15
C ALA A 46 4.73 -8.32 -0.08
N SER A 47 3.57 -8.94 -0.16
CA SER A 47 3.21 -9.97 0.80
C SER A 47 3.93 -11.27 0.45
N ARG A 48 3.84 -11.65 -0.80
CA ARG A 48 4.48 -12.87 -1.28
C ARG A 48 5.93 -12.91 -0.81
N LEU A 49 6.61 -11.79 -1.01
CA LEU A 49 8.01 -11.69 -0.62
C LEU A 49 8.12 -11.66 0.91
N TYR A 50 7.26 -10.85 1.51
CA TYR A 50 7.24 -10.72 2.96
C TYR A 50 7.11 -12.09 3.63
N PHE A 51 6.18 -12.87 3.11
CA PHE A 51 5.94 -14.21 3.65
C PHE A 51 7.02 -15.19 3.17
N GLY A 52 7.29 -15.13 1.87
CA GLY A 52 8.27 -16.01 1.28
C GLY A 52 9.69 -15.43 1.45
N GLU A 53 9.96 -14.38 0.69
CA GLU A 53 11.27 -13.74 0.75
C GLU A 53 11.66 -13.47 2.20
N ARG A 54 10.65 -13.36 3.05
CA ARG A 54 10.87 -13.11 4.45
C ARG A 54 11.55 -11.75 4.66
N ASN A 55 11.42 -10.91 3.64
CA ASN A 55 12.01 -9.58 3.69
C ASN A 55 10.92 -8.53 3.44
N VAL A 56 10.86 -7.57 4.35
CA VAL A 56 9.88 -6.50 4.26
C VAL A 56 10.39 -5.43 3.29
N LYS A 57 11.67 -5.54 2.98
CA LYS A 57 12.29 -4.58 2.07
C LYS A 57 11.52 -4.56 0.75
N GLY A 58 10.99 -5.71 0.39
CA GLY A 58 10.22 -5.84 -0.84
C GLY A 58 8.88 -5.12 -0.73
N MET A 59 8.28 -5.25 0.45
CA MET A 59 6.99 -4.62 0.71
C MET A 59 7.11 -3.10 0.67
N PHE A 60 8.18 -2.61 1.28
CA PHE A 60 8.42 -1.18 1.32
C PHE A 60 8.86 -0.65 -0.05
N GLU A 61 9.67 -1.45 -0.72
CA GLU A 61 10.17 -1.08 -2.04
C GLU A 61 9.07 -1.27 -3.09
N VAL A 62 8.03 -1.99 -2.70
CA VAL A 62 6.92 -2.25 -3.59
C VAL A 62 5.93 -1.07 -3.52
N LEU A 63 5.69 -0.62 -2.30
CA LEU A 63 4.78 0.49 -2.08
C LEU A 63 5.47 1.80 -2.47
N GLU A 64 6.70 1.94 -1.99
CA GLU A 64 7.48 3.13 -2.26
C GLU A 64 7.18 3.65 -3.67
N PRO A 65 7.35 2.73 -4.67
CA PRO A 65 7.10 3.09 -6.05
C PRO A 65 5.60 3.17 -6.34
N LEU A 66 4.90 2.11 -5.96
CA LEU A 66 3.46 2.06 -6.17
C LEU A 66 2.82 3.35 -5.65
N HIS A 67 3.09 3.63 -4.38
CA HIS A 67 2.55 4.83 -3.75
C HIS A 67 3.05 6.06 -4.50
N ALA A 68 4.35 6.13 -4.68
CA ALA A 68 4.96 7.25 -5.37
C ALA A 68 4.26 7.46 -6.72
N MET A 69 4.16 6.38 -7.47
CA MET A 69 3.51 6.42 -8.77
C MET A 69 2.13 7.07 -8.67
N MET A 70 1.45 6.76 -7.57
CA MET A 70 0.12 7.31 -7.33
C MET A 70 0.18 8.81 -7.06
N GLU A 71 1.28 9.23 -6.46
CA GLU A 71 1.47 10.63 -6.13
C GLU A 71 1.87 11.41 -7.38
N ARG A 72 3.03 11.06 -7.93
CA ARG A 72 3.54 11.72 -9.12
C ARG A 72 2.72 11.30 -10.34
N GLY A 73 2.00 10.19 -10.19
CA GLY A 73 1.17 9.68 -11.26
C GLY A 73 -0.30 9.62 -10.84
N PRO A 74 -0.95 10.81 -10.81
CA PRO A 74 -2.35 10.90 -10.44
C PRO A 74 -3.25 10.39 -11.56
N GLN A 75 -4.52 10.78 -11.47
CA GLN A 75 -5.49 10.37 -12.47
C GLN A 75 -6.53 11.47 -12.67
N THR A 76 -7.37 11.64 -11.67
CA THR A 76 -8.41 12.66 -11.72
C THR A 76 -8.93 12.96 -10.31
N LEU A 77 -10.00 13.74 -10.27
CA LEU A 77 -10.61 14.11 -9.00
C LEU A 77 -11.19 12.87 -8.34
N LYS A 78 -11.69 11.97 -9.17
CA LYS A 78 -12.28 10.74 -8.67
C LYS A 78 -11.20 9.92 -7.95
N GLU A 79 -9.98 10.05 -8.45
CA GLU A 79 -8.86 9.33 -7.86
C GLU A 79 -8.26 10.14 -6.71
N THR A 80 -8.55 11.44 -6.72
CA THR A 80 -8.03 12.32 -5.68
C THR A 80 -8.61 11.93 -4.32
N SER A 81 -9.85 11.47 -4.34
CA SER A 81 -10.52 11.06 -3.12
C SER A 81 -9.92 9.77 -2.60
N PHE A 82 -9.50 8.93 -3.54
CA PHE A 82 -8.90 7.65 -3.19
C PHE A 82 -7.60 7.85 -2.41
N ASN A 83 -6.70 8.62 -3.01
CA ASN A 83 -5.42 8.90 -2.37
C ASN A 83 -5.65 9.64 -1.06
N GLN A 84 -6.75 10.39 -1.02
CA GLN A 84 -7.08 11.15 0.17
C GLN A 84 -7.71 10.23 1.23
N ALA A 85 -8.60 9.37 0.76
CA ALA A 85 -9.27 8.43 1.65
C ALA A 85 -8.22 7.64 2.43
N TYR A 86 -7.21 7.19 1.72
CA TYR A 86 -6.14 6.42 2.32
C TYR A 86 -4.93 7.30 2.61
N GLY A 87 -4.98 8.52 2.09
CA GLY A 87 -3.89 9.46 2.29
C GLY A 87 -3.42 9.46 3.74
N ARG A 88 -4.37 9.53 4.65
CA ARG A 88 -4.07 9.53 6.07
C ARG A 88 -3.48 8.17 6.49
N ASP A 89 -3.88 7.15 5.75
CA ASP A 89 -3.40 5.80 6.03
C ASP A 89 -2.01 5.62 5.43
N LEU A 90 -1.89 5.98 4.16
CA LEU A 90 -0.62 5.86 3.47
C LEU A 90 0.43 6.71 4.17
N MET A 91 0.00 7.90 4.59
CA MET A 91 0.89 8.81 5.27
C MET A 91 1.25 8.29 6.67
N GLU A 92 0.23 7.78 7.35
CA GLU A 92 0.41 7.25 8.68
C GLU A 92 1.29 5.99 8.64
N ALA A 93 0.84 5.02 7.85
CA ALA A 93 1.57 3.77 7.71
C ALA A 93 3.00 4.07 7.28
N GLN A 94 3.13 5.01 6.34
CA GLN A 94 4.42 5.40 5.84
C GLN A 94 5.33 5.84 6.98
N GLU A 95 4.75 6.61 7.89
CA GLU A 95 5.50 7.12 9.04
C GLU A 95 5.93 5.95 9.93
N TRP A 96 5.03 4.99 10.07
CA TRP A 96 5.30 3.82 10.89
C TRP A 96 6.44 3.04 10.24
N CYS A 97 6.45 3.05 8.91
CA CYS A 97 7.47 2.35 8.16
C CYS A 97 8.83 2.94 8.53
N ARG A 98 8.95 4.25 8.36
CA ARG A 98 10.18 4.94 8.68
C ARG A 98 10.57 4.69 10.13
N LYS A 99 9.55 4.54 10.97
CA LYS A 99 9.76 4.30 12.39
C LYS A 99 10.55 2.99 12.56
N TYR A 100 10.04 1.95 11.91
CA TYR A 100 10.67 0.65 11.99
C TYR A 100 11.99 0.62 11.19
N MET A 101 12.02 1.41 10.13
CA MET A 101 13.20 1.49 9.29
C MET A 101 14.36 2.14 10.04
N LYS A 102 14.02 3.13 10.85
CA LYS A 102 15.02 3.84 11.64
C LYS A 102 15.09 3.23 13.04
N SER A 103 13.95 3.22 13.71
CA SER A 103 13.88 2.67 15.05
C SER A 103 14.20 1.18 15.03
N GLY A 104 13.35 0.43 14.35
CA GLY A 104 13.53 -1.01 14.24
C GLY A 104 12.63 -1.74 15.22
N ASN A 105 11.36 -1.84 14.85
CA ASN A 105 10.38 -2.52 15.68
C ASN A 105 9.30 -3.14 14.80
N VAL A 106 9.23 -4.47 14.84
CA VAL A 106 8.24 -5.19 14.06
C VAL A 106 6.85 -4.66 14.36
N LYS A 107 6.66 -4.29 15.62
CA LYS A 107 5.37 -3.77 16.05
C LYS A 107 4.94 -2.65 15.10
N ASP A 108 5.84 -1.71 14.90
CA ASP A 108 5.57 -0.59 14.02
C ASP A 108 5.37 -1.10 12.59
N LEU A 109 6.16 -2.11 12.24
CA LEU A 109 6.08 -2.70 10.92
C LEU A 109 4.70 -3.34 10.73
N THR A 110 4.29 -4.09 11.74
CA THR A 110 2.99 -4.75 11.69
C THR A 110 1.87 -3.72 11.52
N GLN A 111 2.00 -2.63 12.26
CA GLN A 111 1.01 -1.57 12.20
C GLN A 111 0.91 -1.02 10.78
N ALA A 112 2.07 -0.80 10.18
CA ALA A 112 2.13 -0.27 8.83
C ALA A 112 1.44 -1.26 7.87
N TRP A 113 1.68 -2.53 8.12
CA TRP A 113 1.09 -3.58 7.29
C TRP A 113 -0.42 -3.59 7.54
N ASP A 114 -0.78 -3.21 8.76
CA ASP A 114 -2.19 -3.17 9.13
C ASP A 114 -2.87 -2.02 8.40
N LEU A 115 -2.26 -0.85 8.48
CA LEU A 115 -2.80 0.33 7.83
C LEU A 115 -3.00 0.04 6.34
N TYR A 116 -1.94 -0.45 5.73
CA TYR A 116 -1.99 -0.78 4.31
C TYR A 116 -3.16 -1.71 3.99
N TYR A 117 -3.17 -2.84 4.69
CA TYR A 117 -4.23 -3.81 4.50
C TYR A 117 -5.61 -3.16 4.56
N HIS A 118 -5.72 -2.19 5.45
CA HIS A 118 -6.98 -1.47 5.62
C HIS A 118 -7.37 -0.79 4.31
N VAL A 119 -6.39 -0.08 3.74
CA VAL A 119 -6.62 0.61 2.48
C VAL A 119 -6.70 -0.40 1.35
N PHE A 120 -5.74 -1.30 1.32
CA PHE A 120 -5.69 -2.33 0.29
C PHE A 120 -6.93 -3.21 0.36
N ARG A 121 -7.48 -3.35 1.56
CA ARG A 121 -8.67 -4.16 1.76
C ARG A 121 -9.91 -3.41 1.28
N ARG A 122 -9.92 -2.12 1.56
CA ARG A 122 -11.04 -1.27 1.17
C ARG A 122 -11.21 -1.29 -0.35
N ILE A 123 -10.11 -1.02 -1.04
CA ILE A 123 -10.13 -1.01 -2.50
C ILE A 123 -10.85 -2.25 -3.01
N SER A 124 -10.80 -3.30 -2.21
CA SER A 124 -11.45 -4.55 -2.57
C SER A 124 -12.85 -4.61 -1.96
N LYS A 125 -12.92 -4.33 -0.67
CA LYS A 125 -14.18 -4.35 0.04
C LYS A 125 -15.26 -3.72 -0.85
N GLN A 126 -14.83 -2.78 -1.68
CA GLN A 126 -15.74 -2.10 -2.57
C GLN A 126 -14.96 -1.47 -3.73
N MET A 26 -14.64 -11.45 -2.72
CA MET A 26 -14.72 -11.28 -4.17
C MET A 26 -16.15 -11.48 -4.65
N GLU A 27 -16.90 -10.39 -4.63
CA GLU A 27 -18.28 -10.42 -5.08
C GLU A 27 -18.37 -10.17 -6.58
N LEU A 28 -17.34 -9.50 -7.10
CA LEU A 28 -17.29 -9.19 -8.51
C LEU A 28 -15.83 -9.04 -8.95
N ILE A 29 -15.56 -9.49 -10.16
CA ILE A 29 -14.21 -9.41 -10.69
C ILE A 29 -13.62 -8.03 -10.42
N ARG A 30 -12.31 -7.95 -10.47
CA ARG A 30 -11.62 -6.70 -10.22
C ARG A 30 -10.96 -6.19 -11.49
N VAL A 31 -11.33 -4.97 -11.88
CA VAL A 31 -10.78 -4.36 -13.08
C VAL A 31 -9.29 -4.69 -13.18
N PRO A 32 -8.88 -5.12 -14.40
CA PRO A 32 -7.49 -5.45 -14.63
C PRO A 32 -6.62 -4.19 -14.74
N ILE A 33 -7.20 -3.17 -15.36
CA ILE A 33 -6.49 -1.91 -15.53
C ILE A 33 -7.08 -0.87 -14.59
N LEU A 34 -6.40 -0.69 -13.46
CA LEU A 34 -6.84 0.28 -12.46
C LEU A 34 -5.86 0.29 -11.30
N TRP A 35 -5.94 1.35 -10.50
CA TRP A 35 -5.07 1.50 -9.35
C TRP A 35 -5.25 0.26 -8.46
N HIS A 36 -6.51 -0.06 -8.20
CA HIS A 36 -6.83 -1.21 -7.37
C HIS A 36 -6.01 -2.42 -7.82
N GLU A 37 -5.73 -2.44 -9.12
CA GLU A 37 -4.96 -3.53 -9.70
C GLU A 37 -3.51 -3.47 -9.21
N MET A 38 -3.04 -2.25 -8.98
CA MET A 38 -1.68 -2.05 -8.53
C MET A 38 -1.52 -2.51 -7.07
N TRP A 39 -2.54 -2.23 -6.28
CA TRP A 39 -2.51 -2.61 -4.87
C TRP A 39 -2.53 -4.14 -4.80
N HIS A 40 -3.47 -4.73 -5.51
CA HIS A 40 -3.59 -6.18 -5.53
C HIS A 40 -2.24 -6.80 -5.90
N GLU A 41 -1.71 -6.35 -7.03
CA GLU A 41 -0.44 -6.86 -7.51
C GLU A 41 0.69 -6.43 -6.57
N GLY A 42 0.63 -5.16 -6.16
CA GLY A 42 1.63 -4.62 -5.27
C GLY A 42 1.77 -5.48 -4.00
N LEU A 43 0.70 -5.50 -3.23
CA LEU A 43 0.69 -6.27 -2.00
C LEU A 43 0.95 -7.75 -2.32
N GLU A 44 0.54 -8.14 -3.51
CA GLU A 44 0.72 -9.52 -3.95
C GLU A 44 2.20 -9.90 -3.85
N GLU A 45 3.04 -9.06 -4.42
CA GLU A 45 4.47 -9.30 -4.40
C GLU A 45 5.04 -9.01 -3.02
N ALA A 46 4.73 -7.82 -2.52
CA ALA A 46 5.19 -7.40 -1.21
C ALA A 46 4.85 -8.48 -0.18
N SER A 47 3.63 -8.98 -0.29
CA SER A 47 3.17 -10.01 0.63
C SER A 47 3.85 -11.34 0.31
N ARG A 48 3.79 -11.71 -0.97
CA ARG A 48 4.39 -12.95 -1.42
C ARG A 48 5.84 -13.04 -0.93
N LEU A 49 6.58 -11.97 -1.19
CA LEU A 49 7.97 -11.91 -0.80
C LEU A 49 8.06 -11.87 0.73
N TYR A 50 7.22 -11.03 1.32
CA TYR A 50 7.19 -10.89 2.77
C TYR A 50 6.95 -12.23 3.45
N PHE A 51 5.92 -12.92 2.98
CA PHE A 51 5.59 -14.23 3.54
C PHE A 51 6.53 -15.30 3.03
N GLY A 52 6.78 -15.27 1.73
CA GLY A 52 7.67 -16.24 1.11
C GLY A 52 9.13 -15.86 1.34
N GLU A 53 9.55 -14.81 0.65
CA GLU A 53 10.92 -14.34 0.76
C GLU A 53 11.31 -14.19 2.23
N ARG A 54 10.40 -13.62 3.00
CA ARG A 54 10.63 -13.42 4.41
C ARG A 54 11.37 -12.09 4.64
N ASN A 55 11.43 -11.29 3.59
CA ASN A 55 12.09 -10.00 3.66
C ASN A 55 11.05 -8.89 3.53
N VAL A 56 11.06 -8.00 4.51
CA VAL A 56 10.13 -6.89 4.52
C VAL A 56 10.67 -5.77 3.62
N LYS A 57 11.99 -5.75 3.48
CA LYS A 57 12.64 -4.75 2.66
C LYS A 57 11.96 -4.70 1.29
N GLY A 58 11.62 -5.89 0.79
CA GLY A 58 10.97 -5.99 -0.50
C GLY A 58 9.62 -5.26 -0.49
N MET A 59 8.80 -5.59 0.49
CA MET A 59 7.49 -4.98 0.62
C MET A 59 7.60 -3.45 0.60
N PHE A 60 8.61 -2.95 1.29
CA PHE A 60 8.84 -1.52 1.38
C PHE A 60 9.26 -0.95 0.01
N GLU A 61 10.07 -1.74 -0.69
CA GLU A 61 10.55 -1.34 -1.99
C GLU A 61 9.44 -1.48 -3.04
N VAL A 62 8.41 -2.21 -2.66
CA VAL A 62 7.27 -2.43 -3.54
C VAL A 62 6.31 -1.24 -3.44
N LEU A 63 6.04 -0.85 -2.20
CA LEU A 63 5.14 0.26 -1.95
C LEU A 63 5.86 1.57 -2.26
N GLU A 64 7.11 1.64 -1.81
CA GLU A 64 7.91 2.84 -2.03
C GLU A 64 7.59 3.46 -3.39
N PRO A 65 7.75 2.63 -4.46
CA PRO A 65 7.48 3.08 -5.81
C PRO A 65 5.97 3.16 -6.07
N LEU A 66 5.28 2.12 -5.66
CA LEU A 66 3.84 2.06 -5.84
C LEU A 66 3.21 3.37 -5.32
N HIS A 67 3.49 3.66 -4.06
CA HIS A 67 2.97 4.86 -3.44
C HIS A 67 3.47 6.09 -4.22
N ALA A 68 4.78 6.15 -4.39
CA ALA A 68 5.38 7.26 -5.10
C ALA A 68 4.64 7.48 -6.43
N MET A 69 4.49 6.39 -7.18
CA MET A 69 3.81 6.46 -8.45
C MET A 69 2.44 7.13 -8.31
N MET A 70 1.76 6.81 -7.22
CA MET A 70 0.45 7.37 -6.96
C MET A 70 0.56 8.84 -6.55
N GLU A 71 1.72 9.18 -5.99
CA GLU A 71 1.96 10.54 -5.54
C GLU A 71 2.30 11.44 -6.73
N ARG A 72 3.41 11.12 -7.38
CA ARG A 72 3.85 11.88 -8.53
C ARG A 72 2.89 11.68 -9.71
N GLY A 73 2.23 10.52 -9.70
CA GLY A 73 1.29 10.19 -10.75
C GLY A 73 -0.02 9.67 -10.17
N PRO A 74 -0.96 10.62 -9.94
CA PRO A 74 -2.26 10.27 -9.38
C PRO A 74 -3.14 9.60 -10.43
N GLN A 75 -3.99 10.41 -11.06
CA GLN A 75 -4.89 9.91 -12.08
C GLN A 75 -5.80 11.04 -12.57
N THR A 76 -6.75 11.41 -11.73
CA THR A 76 -7.69 12.46 -12.07
C THR A 76 -8.41 12.97 -10.82
N LEU A 77 -9.24 13.97 -11.02
CA LEU A 77 -9.99 14.56 -9.91
C LEU A 77 -10.84 13.47 -9.25
N LYS A 78 -11.18 12.47 -10.04
CA LYS A 78 -12.00 11.37 -9.54
C LYS A 78 -11.18 10.56 -8.53
N GLU A 79 -9.99 10.15 -8.96
CA GLU A 79 -9.11 9.38 -8.10
C GLU A 79 -8.59 10.24 -6.94
N THR A 80 -8.60 11.54 -7.18
CA THR A 80 -8.13 12.49 -6.18
C THR A 80 -8.89 12.29 -4.87
N SER A 81 -10.11 11.79 -5.00
CA SER A 81 -10.95 11.54 -3.83
C SER A 81 -10.45 10.31 -3.08
N PHE A 82 -9.92 9.36 -3.83
CA PHE A 82 -9.39 8.14 -3.24
C PHE A 82 -8.08 8.40 -2.51
N ASN A 83 -7.15 9.00 -3.23
CA ASN A 83 -5.85 9.31 -2.68
C ASN A 83 -6.04 10.15 -1.40
N GLN A 84 -7.10 10.94 -1.40
CA GLN A 84 -7.40 11.78 -0.26
C GLN A 84 -8.00 10.96 0.88
N ALA A 85 -8.89 10.04 0.49
CA ALA A 85 -9.54 9.17 1.46
C ALA A 85 -8.49 8.35 2.20
N TYR A 86 -7.50 7.91 1.46
CA TYR A 86 -6.43 7.11 2.03
C TYR A 86 -5.27 8.00 2.47
N GLY A 87 -5.23 9.20 1.91
CA GLY A 87 -4.19 10.16 2.24
C GLY A 87 -3.77 10.04 3.71
N ARG A 88 -4.78 10.02 4.58
CA ARG A 88 -4.54 9.90 6.01
C ARG A 88 -4.09 8.48 6.36
N ASP A 89 -4.78 7.51 5.77
CA ASP A 89 -4.47 6.12 6.00
C ASP A 89 -3.00 5.86 5.67
N LEU A 90 -2.69 6.00 4.39
CA LEU A 90 -1.33 5.79 3.93
C LEU A 90 -0.37 6.64 4.77
N MET A 91 -0.86 7.79 5.18
CA MET A 91 -0.06 8.71 5.98
C MET A 91 0.41 8.02 7.27
N GLU A 92 -0.53 7.37 7.93
CA GLU A 92 -0.22 6.67 9.17
C GLU A 92 0.72 5.49 8.91
N ALA A 93 0.27 4.61 8.02
CA ALA A 93 1.05 3.45 7.67
C ALA A 93 2.42 3.89 7.15
N GLN A 94 2.40 4.94 6.34
CA GLN A 94 3.63 5.48 5.77
C GLN A 94 4.55 5.97 6.89
N GLU A 95 3.94 6.51 7.93
CA GLU A 95 4.70 7.02 9.06
C GLU A 95 5.38 5.87 9.80
N TRP A 96 4.68 4.76 9.88
CA TRP A 96 5.21 3.58 10.56
C TRP A 96 6.23 2.93 9.63
N CYS A 97 6.12 3.24 8.35
CA CYS A 97 7.04 2.69 7.37
C CYS A 97 8.40 3.34 7.57
N ARG A 98 8.44 4.66 7.44
CA ARG A 98 9.67 5.39 7.60
C ARG A 98 10.15 5.31 9.05
N LYS A 99 9.19 5.13 9.95
CA LYS A 99 9.50 5.03 11.37
C LYS A 99 10.24 3.72 11.63
N TYR A 100 9.84 2.69 10.89
CA TYR A 100 10.46 1.39 11.04
C TYR A 100 11.86 1.37 10.43
N MET A 101 11.96 1.92 9.23
CA MET A 101 13.24 1.98 8.53
C MET A 101 14.25 2.82 9.31
N LYS A 102 13.73 3.85 9.97
CA LYS A 102 14.58 4.75 10.74
C LYS A 102 14.75 4.17 12.16
N SER A 103 13.63 3.80 12.76
CA SER A 103 13.64 3.25 14.09
C SER A 103 14.06 1.77 14.04
N GLY A 104 13.16 0.96 13.50
CA GLY A 104 13.41 -0.46 13.38
C GLY A 104 12.71 -1.25 14.49
N ASN A 105 11.50 -1.68 14.18
CA ASN A 105 10.72 -2.44 15.15
C ASN A 105 9.71 -3.32 14.39
N VAL A 106 9.68 -4.58 14.77
CA VAL A 106 8.77 -5.53 14.14
C VAL A 106 7.33 -5.13 14.45
N LYS A 107 7.08 -4.89 15.74
CA LYS A 107 5.75 -4.51 16.18
C LYS A 107 5.24 -3.36 15.31
N ASP A 108 6.10 -2.35 15.14
CA ASP A 108 5.76 -1.20 14.35
C ASP A 108 5.56 -1.63 12.89
N LEU A 109 6.49 -2.46 12.42
CA LEU A 109 6.43 -2.95 11.05
C LEU A 109 5.06 -3.58 10.80
N THR A 110 4.67 -4.46 11.71
CA THR A 110 3.38 -5.13 11.60
C THR A 110 2.24 -4.11 11.58
N GLN A 111 2.40 -3.09 12.40
CA GLN A 111 1.39 -2.04 12.50
C GLN A 111 1.12 -1.44 11.12
N ALA A 112 2.22 -1.11 10.43
CA ALA A 112 2.12 -0.53 9.11
C ALA A 112 1.44 -1.53 8.17
N TRP A 113 1.88 -2.76 8.25
CA TRP A 113 1.32 -3.82 7.42
C TRP A 113 -0.17 -3.89 7.68
N ASP A 114 -0.55 -3.56 8.90
CA ASP A 114 -1.95 -3.58 9.29
C ASP A 114 -2.67 -2.42 8.61
N LEU A 115 -2.10 -1.24 8.76
CA LEU A 115 -2.68 -0.04 8.18
C LEU A 115 -2.86 -0.25 6.66
N TYR A 116 -1.79 -0.70 6.03
CA TYR A 116 -1.81 -0.95 4.60
C TYR A 116 -2.96 -1.90 4.23
N TYR A 117 -2.96 -3.05 4.88
CA TYR A 117 -4.00 -4.04 4.63
C TYR A 117 -5.39 -3.42 4.68
N HIS A 118 -5.56 -2.51 5.64
CA HIS A 118 -6.83 -1.83 5.80
C HIS A 118 -7.20 -1.09 4.52
N VAL A 119 -6.22 -0.36 4.00
CA VAL A 119 -6.42 0.40 2.78
C VAL A 119 -6.51 -0.57 1.59
N PHE A 120 -5.56 -1.48 1.55
CA PHE A 120 -5.51 -2.46 0.47
C PHE A 120 -6.79 -3.31 0.46
N ARG A 121 -7.34 -3.51 1.65
CA ARG A 121 -8.56 -4.29 1.79
C ARG A 121 -9.78 -3.47 1.37
N ARG A 122 -9.71 -2.18 1.67
CA ARG A 122 -10.79 -1.28 1.33
C ARG A 122 -10.98 -1.21 -0.19
N ILE A 123 -9.88 -0.94 -0.88
CA ILE A 123 -9.90 -0.85 -2.34
C ILE A 123 -10.71 -2.01 -2.90
N SER A 124 -10.62 -3.15 -2.22
CA SER A 124 -11.33 -4.34 -2.65
C SER A 124 -12.79 -4.26 -2.20
N LYS A 125 -12.96 -4.03 -0.90
CA LYS A 125 -14.29 -3.92 -0.33
C LYS A 125 -15.20 -3.15 -1.29
N GLN A 126 -16.15 -3.86 -1.86
CA GLN A 126 -17.09 -3.26 -2.79
C GLN A 126 -16.33 -2.68 -3.99
N MET A 26 -20.71 -8.70 -5.76
CA MET A 26 -19.88 -9.82 -6.16
C MET A 26 -18.40 -9.54 -5.87
N GLU A 27 -17.72 -10.56 -5.36
CA GLU A 27 -16.32 -10.43 -5.03
C GLU A 27 -15.46 -10.80 -6.24
N LEU A 28 -16.12 -11.31 -7.26
CA LEU A 28 -15.43 -11.72 -8.48
C LEU A 28 -15.44 -10.55 -9.47
N ILE A 29 -14.74 -10.75 -10.58
CA ILE A 29 -14.66 -9.73 -11.61
C ILE A 29 -13.96 -8.49 -11.04
N ARG A 30 -13.12 -7.89 -11.88
CA ARG A 30 -12.39 -6.71 -11.47
C ARG A 30 -11.71 -6.06 -12.68
N VAL A 31 -11.72 -4.74 -12.69
CA VAL A 31 -11.10 -4.00 -13.78
C VAL A 31 -9.60 -4.31 -13.82
N PRO A 32 -9.08 -4.45 -15.06
CA PRO A 32 -7.66 -4.74 -15.25
C PRO A 32 -6.81 -3.49 -14.99
N ILE A 33 -6.58 -2.75 -16.06
CA ILE A 33 -5.79 -1.53 -15.96
C ILE A 33 -6.48 -0.54 -15.02
N LEU A 34 -6.26 -0.75 -13.73
CA LEU A 34 -6.86 0.11 -12.73
C LEU A 34 -5.92 0.20 -11.53
N TRP A 35 -6.04 1.32 -10.81
CA TRP A 35 -5.20 1.55 -9.65
C TRP A 35 -5.33 0.33 -8.73
N HIS A 36 -6.55 0.01 -8.38
CA HIS A 36 -6.82 -1.13 -7.52
C HIS A 36 -6.02 -2.34 -8.01
N GLU A 37 -5.67 -2.30 -9.28
CA GLU A 37 -4.91 -3.39 -9.88
C GLU A 37 -3.46 -3.37 -9.37
N MET A 38 -2.94 -2.16 -9.22
CA MET A 38 -1.58 -1.99 -8.75
C MET A 38 -1.47 -2.32 -7.26
N TRP A 39 -2.56 -2.07 -6.55
CA TRP A 39 -2.61 -2.33 -5.11
C TRP A 39 -2.61 -3.84 -4.92
N HIS A 40 -3.50 -4.51 -5.63
CA HIS A 40 -3.62 -5.95 -5.55
C HIS A 40 -2.26 -6.59 -5.88
N GLU A 41 -1.74 -6.22 -7.03
CA GLU A 41 -0.45 -6.75 -7.48
C GLU A 41 0.66 -6.27 -6.54
N GLY A 42 0.55 -5.03 -6.11
CA GLY A 42 1.54 -4.45 -5.22
C GLY A 42 1.72 -5.31 -3.97
N LEU A 43 0.65 -5.38 -3.18
CA LEU A 43 0.68 -6.16 -1.95
C LEU A 43 1.01 -7.62 -2.28
N GLU A 44 0.59 -8.03 -3.47
CA GLU A 44 0.84 -9.39 -3.93
C GLU A 44 2.33 -9.71 -3.83
N GLU A 45 3.13 -8.82 -4.40
CA GLU A 45 4.58 -8.99 -4.39
C GLU A 45 5.14 -8.73 -3.00
N ALA A 46 4.67 -7.63 -2.41
CA ALA A 46 5.11 -7.25 -1.08
C ALA A 46 4.87 -8.41 -0.11
N SER A 47 3.66 -8.93 -0.17
CA SER A 47 3.27 -10.04 0.70
C SER A 47 4.17 -11.24 0.43
N ARG A 48 4.39 -11.50 -0.86
CA ARG A 48 5.22 -12.62 -1.27
C ARG A 48 6.60 -12.52 -0.64
N LEU A 49 7.09 -11.28 -0.54
CA LEU A 49 8.39 -11.04 0.04
C LEU A 49 8.31 -11.27 1.56
N TYR A 50 7.17 -10.92 2.12
CA TYR A 50 6.96 -11.08 3.56
C TYR A 50 6.70 -12.55 3.91
N PHE A 51 5.71 -13.12 3.22
CA PHE A 51 5.35 -14.51 3.45
C PHE A 51 6.38 -15.46 2.83
N GLY A 52 6.75 -15.14 1.60
CA GLY A 52 7.72 -15.95 0.88
C GLY A 52 9.07 -15.96 1.61
N GLU A 53 9.57 -14.76 1.88
CA GLU A 53 10.84 -14.60 2.56
C GLU A 53 10.72 -13.59 3.71
N ARG A 54 11.86 -13.26 4.28
CA ARG A 54 11.88 -12.31 5.39
C ARG A 54 12.51 -10.99 4.93
N ASN A 55 12.31 -10.69 3.66
CA ASN A 55 12.85 -9.47 3.09
C ASN A 55 11.72 -8.44 2.95
N VAL A 56 11.51 -7.69 4.03
CA VAL A 56 10.48 -6.67 4.04
C VAL A 56 10.86 -5.54 3.08
N LYS A 57 12.15 -5.47 2.80
CA LYS A 57 12.65 -4.44 1.89
C LYS A 57 11.87 -4.49 0.59
N GLY A 58 11.67 -5.71 0.10
CA GLY A 58 10.94 -5.90 -1.13
C GLY A 58 9.58 -5.20 -1.10
N MET A 59 8.81 -5.52 -0.07
CA MET A 59 7.50 -4.92 0.10
C MET A 59 7.58 -3.40 0.09
N PHE A 60 8.51 -2.89 0.90
CA PHE A 60 8.70 -1.45 0.99
C PHE A 60 9.09 -0.85 -0.36
N GLU A 61 9.91 -1.60 -1.09
CA GLU A 61 10.36 -1.16 -2.39
C GLU A 61 9.25 -1.34 -3.43
N VAL A 62 8.24 -2.10 -3.04
CA VAL A 62 7.12 -2.37 -3.91
C VAL A 62 6.12 -1.20 -3.82
N LEU A 63 5.86 -0.78 -2.60
CA LEU A 63 4.94 0.31 -2.36
C LEU A 63 5.63 1.64 -2.70
N GLU A 64 6.86 1.77 -2.22
CA GLU A 64 7.63 2.97 -2.45
C GLU A 64 7.32 3.55 -3.84
N PRO A 65 7.47 2.67 -4.87
CA PRO A 65 7.21 3.08 -6.24
C PRO A 65 5.70 3.17 -6.50
N LEU A 66 5.01 2.10 -6.16
CA LEU A 66 3.57 2.04 -6.35
C LEU A 66 2.93 3.31 -5.78
N HIS A 67 3.21 3.54 -4.50
CA HIS A 67 2.68 4.71 -3.83
C HIS A 67 3.15 5.98 -4.54
N ALA A 68 4.46 6.05 -4.73
CA ALA A 68 5.05 7.20 -5.40
C ALA A 68 4.34 7.44 -6.73
N MET A 69 4.21 6.37 -7.50
CA MET A 69 3.55 6.45 -8.79
C MET A 69 2.18 7.11 -8.67
N MET A 70 1.51 6.80 -7.57
CA MET A 70 0.18 7.36 -7.32
C MET A 70 0.27 8.87 -7.06
N GLU A 71 1.35 9.26 -6.39
CA GLU A 71 1.56 10.67 -6.06
C GLU A 71 1.93 11.45 -7.32
N ARG A 72 3.07 11.10 -7.88
CA ARG A 72 3.55 11.76 -9.09
C ARG A 72 2.68 11.37 -10.28
N GLY A 73 2.01 10.24 -10.15
CA GLY A 73 1.14 9.75 -11.21
C GLY A 73 -0.32 9.72 -10.75
N PRO A 74 -0.97 10.91 -10.79
CA PRO A 74 -2.36 11.02 -10.39
C PRO A 74 -3.29 10.44 -11.45
N GLN A 75 -4.55 10.82 -11.36
CA GLN A 75 -5.55 10.35 -12.31
C GLN A 75 -6.55 11.46 -12.63
N THR A 76 -7.34 11.81 -11.64
CA THR A 76 -8.34 12.86 -11.82
C THR A 76 -9.06 13.13 -10.50
N LEU A 77 -9.87 14.18 -10.50
CA LEU A 77 -10.63 14.55 -9.32
C LEU A 77 -11.30 13.31 -8.73
N LYS A 78 -11.60 12.37 -9.61
CA LYS A 78 -12.25 11.13 -9.20
C LYS A 78 -11.28 10.32 -8.34
N GLU A 79 -10.08 10.13 -8.88
CA GLU A 79 -9.06 9.38 -8.17
C GLU A 79 -8.54 10.17 -6.98
N THR A 80 -8.67 11.48 -7.08
CA THR A 80 -8.22 12.37 -6.03
C THR A 80 -8.84 11.97 -4.69
N SER A 81 -10.08 11.50 -4.78
CA SER A 81 -10.80 11.07 -3.58
C SER A 81 -10.17 9.80 -3.01
N PHE A 82 -9.81 8.90 -3.91
CA PHE A 82 -9.20 7.65 -3.51
C PHE A 82 -7.87 7.89 -2.80
N ASN A 83 -7.00 8.63 -3.46
CA ASN A 83 -5.70 8.95 -2.91
C ASN A 83 -5.88 9.67 -1.56
N GLN A 84 -6.98 10.40 -1.47
CA GLN A 84 -7.28 11.14 -0.26
C GLN A 84 -7.88 10.21 0.79
N ALA A 85 -8.66 9.26 0.32
CA ALA A 85 -9.29 8.30 1.20
C ALA A 85 -8.22 7.55 2.00
N TYR A 86 -7.04 7.44 1.39
CA TYR A 86 -5.93 6.76 2.01
C TYR A 86 -4.80 7.73 2.33
N GLY A 87 -4.84 8.88 1.67
CA GLY A 87 -3.83 9.90 1.86
C GLY A 87 -3.35 9.94 3.32
N ARG A 88 -4.32 9.85 4.22
CA ARG A 88 -4.03 9.87 5.64
C ARG A 88 -3.56 8.50 6.11
N ASP A 89 -4.24 7.47 5.61
CA ASP A 89 -3.91 6.10 5.96
C ASP A 89 -2.45 5.82 5.59
N LEU A 90 -2.17 5.93 4.29
CA LEU A 90 -0.83 5.69 3.80
C LEU A 90 0.16 6.54 4.60
N MET A 91 -0.28 7.73 4.97
CA MET A 91 0.55 8.64 5.73
C MET A 91 0.98 8.01 7.06
N GLU A 92 0.00 7.45 7.76
CA GLU A 92 0.26 6.81 9.03
C GLU A 92 1.18 5.59 8.84
N ALA A 93 0.69 4.65 8.05
CA ALA A 93 1.44 3.44 7.78
C ALA A 93 2.84 3.82 7.30
N GLN A 94 2.89 4.82 6.44
CA GLN A 94 4.15 5.29 5.89
C GLN A 94 5.09 5.73 7.03
N GLU A 95 4.50 6.38 8.02
CA GLU A 95 5.25 6.86 9.16
C GLU A 95 5.83 5.69 9.94
N TRP A 96 5.05 4.61 10.00
CA TRP A 96 5.47 3.41 10.72
C TRP A 96 6.53 2.71 9.86
N CYS A 97 6.48 2.97 8.57
CA CYS A 97 7.43 2.37 7.65
C CYS A 97 8.81 2.97 7.91
N ARG A 98 8.87 4.29 7.76
CA ARG A 98 10.13 5.01 7.98
C ARG A 98 10.55 4.90 9.44
N LYS A 99 9.56 4.73 10.31
CA LYS A 99 9.83 4.60 11.73
C LYS A 99 10.49 3.26 12.01
N TYR A 100 10.07 2.26 11.24
CA TYR A 100 10.63 0.92 11.39
C TYR A 100 12.04 0.84 10.81
N MET A 101 12.16 1.29 9.57
CA MET A 101 13.44 1.27 8.89
C MET A 101 14.48 2.09 9.64
N LYS A 102 14.00 3.17 10.26
CA LYS A 102 14.87 4.04 11.02
C LYS A 102 15.37 3.31 12.27
N SER A 103 14.41 2.89 13.09
CA SER A 103 14.73 2.17 14.31
C SER A 103 13.45 1.82 15.06
N GLY A 104 12.71 0.87 14.49
CA GLY A 104 11.47 0.43 15.10
C GLY A 104 11.53 -1.06 15.46
N ASN A 105 10.37 -1.69 15.42
CA ASN A 105 10.28 -3.10 15.75
C ASN A 105 9.16 -3.75 14.93
N VAL A 106 9.24 -5.05 14.79
CA VAL A 106 8.26 -5.80 14.03
C VAL A 106 6.86 -5.32 14.42
N LYS A 107 6.68 -5.12 15.71
CA LYS A 107 5.40 -4.66 16.24
C LYS A 107 4.93 -3.45 15.43
N ASP A 108 5.84 -2.49 15.29
CA ASP A 108 5.54 -1.27 14.55
C ASP A 108 5.28 -1.62 13.08
N LEU A 109 6.12 -2.51 12.56
CA LEU A 109 6.00 -2.93 11.18
C LEU A 109 4.62 -3.54 10.96
N THR A 110 4.22 -4.38 11.90
CA THR A 110 2.92 -5.04 11.83
C THR A 110 1.81 -4.00 11.79
N GLN A 111 1.91 -3.04 12.69
CA GLN A 111 0.92 -1.97 12.78
C GLN A 111 0.75 -1.28 11.42
N ALA A 112 1.89 -0.89 10.86
CA ALA A 112 1.90 -0.23 9.57
C ALA A 112 1.20 -1.11 8.53
N TRP A 113 1.48 -2.40 8.61
CA TRP A 113 0.90 -3.35 7.70
C TRP A 113 -0.61 -3.40 7.95
N ASP A 114 -0.96 -3.21 9.22
CA ASP A 114 -2.35 -3.23 9.62
C ASP A 114 -3.10 -2.13 8.86
N LEU A 115 -2.54 -0.93 8.92
CA LEU A 115 -3.15 0.21 8.24
C LEU A 115 -3.25 -0.08 6.75
N TYR A 116 -2.14 -0.53 6.18
CA TYR A 116 -2.10 -0.85 4.77
C TYR A 116 -3.14 -1.93 4.42
N TYR A 117 -3.10 -3.01 5.19
CA TYR A 117 -4.02 -4.11 4.97
C TYR A 117 -5.45 -3.60 4.83
N HIS A 118 -5.84 -2.74 5.75
CA HIS A 118 -7.19 -2.18 5.74
C HIS A 118 -7.39 -1.37 4.46
N VAL A 119 -6.35 -0.64 4.09
CA VAL A 119 -6.39 0.18 2.89
C VAL A 119 -6.59 -0.73 1.66
N PHE A 120 -5.68 -1.67 1.52
CA PHE A 120 -5.74 -2.59 0.40
C PHE A 120 -6.98 -3.49 0.50
N ARG A 121 -7.40 -3.71 1.73
CA ARG A 121 -8.57 -4.54 1.98
C ARG A 121 -9.85 -3.79 1.61
N ARG A 122 -9.76 -2.47 1.68
CA ARG A 122 -10.89 -1.62 1.37
C ARG A 122 -11.07 -1.51 -0.14
N ILE A 123 -9.99 -1.17 -0.81
CA ILE A 123 -10.01 -1.03 -2.26
C ILE A 123 -10.77 -2.22 -2.87
N SER A 124 -10.68 -3.35 -2.18
CA SER A 124 -11.35 -4.56 -2.65
C SER A 124 -12.79 -4.58 -2.13
N LYS A 125 -12.91 -4.45 -0.82
CA LYS A 125 -14.22 -4.46 -0.19
C LYS A 125 -15.20 -3.65 -1.05
N GLN A 126 -15.17 -2.34 -0.82
CA GLN A 126 -16.04 -1.44 -1.56
C GLN A 126 -15.22 -0.39 -2.30
N MET A 26 -14.68 6.95 -12.29
CA MET A 26 -15.58 6.64 -11.20
C MET A 26 -14.95 5.64 -10.23
N GLU A 27 -15.48 5.64 -9.01
CA GLU A 27 -14.97 4.73 -7.98
C GLU A 27 -15.99 3.62 -7.70
N LEU A 28 -17.17 3.81 -8.25
CA LEU A 28 -18.24 2.83 -8.07
C LEU A 28 -18.10 1.74 -9.13
N ILE A 29 -17.11 1.90 -9.99
CA ILE A 29 -16.86 0.95 -11.05
C ILE A 29 -15.63 0.11 -10.70
N ARG A 30 -15.75 -1.19 -10.92
CA ARG A 30 -14.65 -2.10 -10.64
C ARG A 30 -13.97 -2.53 -11.94
N VAL A 31 -12.71 -2.14 -12.06
CA VAL A 31 -11.92 -2.47 -13.23
C VAL A 31 -10.72 -3.31 -12.81
N PRO A 32 -10.39 -4.30 -13.68
CA PRO A 32 -9.27 -5.19 -13.42
C PRO A 32 -7.94 -4.48 -13.68
N ILE A 33 -7.90 -3.75 -14.78
CA ILE A 33 -6.70 -3.01 -15.15
C ILE A 33 -6.84 -1.56 -14.70
N LEU A 34 -6.71 -1.36 -13.40
CA LEU A 34 -6.80 -0.02 -12.84
C LEU A 34 -5.77 0.14 -11.72
N TRP A 35 -6.04 1.10 -10.86
CA TRP A 35 -5.15 1.37 -9.74
C TRP A 35 -5.25 0.20 -8.76
N HIS A 36 -6.49 -0.12 -8.40
CA HIS A 36 -6.75 -1.21 -7.47
C HIS A 36 -5.91 -2.43 -7.87
N GLU A 37 -5.55 -2.46 -9.14
CA GLU A 37 -4.75 -3.56 -9.66
C GLU A 37 -3.33 -3.50 -9.11
N MET A 38 -2.81 -2.28 -9.04
CA MET A 38 -1.46 -2.07 -8.54
C MET A 38 -1.38 -2.35 -7.04
N TRP A 39 -2.49 -2.07 -6.36
CA TRP A 39 -2.57 -2.28 -4.93
C TRP A 39 -2.53 -3.78 -4.68
N HIS A 40 -3.40 -4.49 -5.38
CA HIS A 40 -3.49 -5.93 -5.24
C HIS A 40 -2.14 -6.57 -5.63
N GLU A 41 -1.69 -6.21 -6.83
CA GLU A 41 -0.43 -6.73 -7.32
C GLU A 41 0.71 -6.37 -6.37
N GLY A 42 0.71 -5.12 -5.95
CA GLY A 42 1.73 -4.63 -5.04
C GLY A 42 1.88 -5.55 -3.83
N LEU A 43 0.80 -5.62 -3.05
CA LEU A 43 0.79 -6.46 -1.86
C LEU A 43 1.12 -7.89 -2.25
N GLU A 44 0.71 -8.26 -3.46
CA GLU A 44 0.96 -9.60 -3.96
C GLU A 44 2.46 -9.92 -3.89
N GLU A 45 3.24 -9.05 -4.51
CA GLU A 45 4.68 -9.23 -4.53
C GLU A 45 5.28 -8.93 -3.15
N ALA A 46 4.83 -7.81 -2.59
CA ALA A 46 5.31 -7.39 -1.28
C ALA A 46 5.14 -8.56 -0.29
N SER A 47 3.94 -9.12 -0.29
CA SER A 47 3.64 -10.23 0.59
C SER A 47 4.54 -11.42 0.27
N ARG A 48 4.73 -11.65 -1.02
CA ARG A 48 5.56 -12.75 -1.47
C ARG A 48 6.98 -12.61 -0.89
N LEU A 49 7.42 -11.37 -0.77
CA LEU A 49 8.74 -11.09 -0.24
C LEU A 49 8.75 -11.40 1.26
N TYR A 50 7.71 -10.94 1.94
CA TYR A 50 7.59 -11.15 3.37
C TYR A 50 7.68 -12.64 3.71
N PHE A 51 6.81 -13.41 3.07
CA PHE A 51 6.78 -14.85 3.31
C PHE A 51 7.95 -15.53 2.60
N GLY A 52 8.36 -14.95 1.48
CA GLY A 52 9.46 -15.49 0.71
C GLY A 52 10.65 -15.82 1.60
N GLU A 53 11.27 -14.77 2.11
CA GLU A 53 12.43 -14.92 2.98
C GLU A 53 12.46 -13.79 4.02
N ARG A 54 11.33 -13.59 4.67
CA ARG A 54 11.22 -12.56 5.68
C ARG A 54 11.93 -11.28 5.22
N ASN A 55 11.84 -11.03 3.93
CA ASN A 55 12.47 -9.85 3.35
C ASN A 55 11.41 -8.77 3.14
N VAL A 56 11.15 -8.02 4.20
CA VAL A 56 10.17 -6.95 4.13
C VAL A 56 10.64 -5.88 3.15
N LYS A 57 11.95 -5.88 2.91
CA LYS A 57 12.54 -4.92 2.00
C LYS A 57 11.78 -4.95 0.68
N GLY A 58 11.44 -6.16 0.25
CA GLY A 58 10.71 -6.33 -0.99
C GLY A 58 9.45 -5.47 -1.03
N MET A 59 8.63 -5.64 0.01
CA MET A 59 7.39 -4.89 0.11
C MET A 59 7.67 -3.39 0.09
N PHE A 60 8.58 -2.97 0.96
CA PHE A 60 8.93 -1.56 1.04
C PHE A 60 9.29 -1.00 -0.34
N GLU A 61 10.09 -1.76 -1.06
CA GLU A 61 10.50 -1.35 -2.39
C GLU A 61 9.35 -1.51 -3.39
N VAL A 62 8.34 -2.24 -2.96
CA VAL A 62 7.17 -2.48 -3.80
C VAL A 62 6.18 -1.32 -3.61
N LEU A 63 5.99 -0.95 -2.37
CA LEU A 63 5.07 0.14 -2.05
C LEU A 63 5.75 1.47 -2.36
N GLU A 64 7.02 1.56 -1.98
CA GLU A 64 7.79 2.77 -2.20
C GLU A 64 7.43 3.38 -3.56
N PRO A 65 7.55 2.55 -4.62
CA PRO A 65 7.23 3.00 -5.97
C PRO A 65 5.73 3.09 -6.18
N LEU A 66 5.04 2.00 -5.84
CA LEU A 66 3.60 1.95 -5.98
C LEU A 66 2.98 3.21 -5.38
N HIS A 67 3.30 3.46 -4.12
CA HIS A 67 2.79 4.63 -3.43
C HIS A 67 3.25 5.90 -4.16
N ALA A 68 4.56 5.98 -4.37
CA ALA A 68 5.13 7.12 -5.06
C ALA A 68 4.40 7.36 -6.37
N MET A 69 4.28 6.29 -7.15
CA MET A 69 3.60 6.37 -8.43
C MET A 69 2.23 7.02 -8.29
N MET A 70 1.56 6.70 -7.19
CA MET A 70 0.24 7.24 -6.92
C MET A 70 0.34 8.74 -6.58
N GLU A 71 1.46 9.11 -5.99
CA GLU A 71 1.68 10.50 -5.61
C GLU A 71 2.07 11.33 -6.84
N ARG A 72 3.21 10.98 -7.41
CA ARG A 72 3.71 11.67 -8.58
C ARG A 72 2.88 11.31 -9.81
N GLY A 73 2.18 10.18 -9.70
CA GLY A 73 1.35 9.71 -10.80
C GLY A 73 -0.13 9.72 -10.39
N PRO A 74 -0.77 10.90 -10.54
CA PRO A 74 -2.17 11.06 -10.20
C PRO A 74 -3.07 10.41 -11.26
N GLN A 75 -4.32 10.82 -11.25
CA GLN A 75 -5.28 10.29 -12.20
C GLN A 75 -6.26 11.38 -12.64
N THR A 76 -7.09 11.80 -11.69
CA THR A 76 -8.08 12.83 -11.95
C THR A 76 -8.82 13.21 -10.68
N LEU A 77 -9.65 14.24 -10.79
CA LEU A 77 -10.42 14.70 -9.65
C LEU A 77 -11.27 13.54 -9.11
N LYS A 78 -11.62 12.64 -10.01
CA LYS A 78 -12.42 11.48 -9.64
C LYS A 78 -11.60 10.57 -8.72
N GLU A 79 -10.30 10.51 -9.01
CA GLU A 79 -9.41 9.67 -8.23
C GLU A 79 -8.87 10.46 -7.04
N THR A 80 -8.96 11.78 -7.13
CA THR A 80 -8.50 12.64 -6.07
C THR A 80 -9.14 12.26 -4.74
N SER A 81 -10.40 11.84 -4.82
CA SER A 81 -11.13 11.44 -3.64
C SER A 81 -10.49 10.20 -3.02
N PHE A 82 -10.02 9.33 -3.89
CA PHE A 82 -9.39 8.10 -3.44
C PHE A 82 -8.02 8.37 -2.82
N ASN A 83 -7.20 9.11 -3.56
CA ASN A 83 -5.88 9.46 -3.10
C ASN A 83 -5.98 10.13 -1.73
N GLN A 84 -7.07 10.86 -1.54
CA GLN A 84 -7.31 11.55 -0.29
C GLN A 84 -7.83 10.59 0.77
N ALA A 85 -8.74 9.72 0.34
CA ALA A 85 -9.33 8.74 1.23
C ALA A 85 -8.22 8.02 2.00
N TYR A 86 -7.13 7.76 1.28
CA TYR A 86 -5.99 7.08 1.88
C TYR A 86 -4.83 8.05 2.12
N GLY A 87 -4.90 9.18 1.42
CA GLY A 87 -3.87 10.19 1.55
C GLY A 87 -3.36 10.28 2.99
N ARG A 88 -4.31 10.29 3.92
CA ARG A 88 -3.96 10.37 5.33
C ARG A 88 -3.54 9.00 5.85
N ASP A 89 -4.30 7.98 5.44
CA ASP A 89 -4.02 6.62 5.86
C ASP A 89 -2.57 6.28 5.50
N LEU A 90 -2.29 6.32 4.21
CA LEU A 90 -0.95 6.02 3.73
C LEU A 90 0.07 6.85 4.50
N MET A 91 -0.32 8.07 4.82
CA MET A 91 0.55 8.97 5.56
C MET A 91 0.93 8.37 6.92
N GLU A 92 -0.07 7.88 7.62
CA GLU A 92 0.15 7.28 8.92
C GLU A 92 1.01 6.02 8.78
N ALA A 93 0.50 5.06 8.02
CA ALA A 93 1.20 3.82 7.80
C ALA A 93 2.61 4.12 7.30
N GLN A 94 2.69 5.08 6.39
CA GLN A 94 3.97 5.48 5.83
C GLN A 94 4.95 5.85 6.94
N GLU A 95 4.44 6.59 7.90
CA GLU A 95 5.26 7.03 9.03
C GLU A 95 5.69 5.83 9.87
N TRP A 96 4.79 4.86 9.96
CA TRP A 96 5.06 3.66 10.73
C TRP A 96 6.20 2.91 10.05
N CYS A 97 6.24 3.02 8.73
CA CYS A 97 7.27 2.36 7.95
C CYS A 97 8.61 3.02 8.27
N ARG A 98 8.64 4.33 8.05
CA ARG A 98 9.86 5.10 8.31
C ARG A 98 10.32 4.88 9.75
N LYS A 99 9.35 4.78 10.65
CA LYS A 99 9.65 4.57 12.05
C LYS A 99 10.34 3.22 12.23
N TYR A 100 9.83 2.24 11.49
CA TYR A 100 10.38 0.89 11.56
C TYR A 100 11.73 0.82 10.84
N MET A 101 11.82 1.54 9.74
CA MET A 101 13.04 1.56 8.96
C MET A 101 14.18 2.21 9.74
N LYS A 102 13.82 3.18 10.57
CA LYS A 102 14.80 3.88 11.38
C LYS A 102 14.96 3.15 12.71
N SER A 103 13.82 2.76 13.28
CA SER A 103 13.82 2.05 14.55
C SER A 103 14.08 0.57 14.33
N GLY A 104 13.10 -0.09 13.73
CA GLY A 104 13.21 -1.51 13.46
C GLY A 104 12.45 -2.33 14.51
N ASN A 105 11.18 -2.57 14.22
CA ASN A 105 10.34 -3.33 15.12
C ASN A 105 9.13 -3.89 14.36
N VAL A 106 9.03 -5.21 14.34
CA VAL A 106 7.94 -5.86 13.65
C VAL A 106 6.61 -5.24 14.09
N LYS A 107 6.53 -4.94 15.38
CA LYS A 107 5.33 -4.34 15.93
C LYS A 107 4.91 -3.15 15.07
N ASP A 108 5.87 -2.27 14.83
CA ASP A 108 5.62 -1.09 14.01
C ASP A 108 5.30 -1.52 12.58
N LEU A 109 5.98 -2.56 12.14
CA LEU A 109 5.79 -3.08 10.80
C LEU A 109 4.36 -3.59 10.66
N THR A 110 3.95 -4.39 11.64
CA THR A 110 2.62 -4.95 11.65
C THR A 110 1.57 -3.84 11.60
N GLN A 111 1.83 -2.80 12.35
CA GLN A 111 0.92 -1.66 12.42
C GLN A 111 0.80 -1.02 11.03
N ALA A 112 1.94 -0.83 10.40
CA ALA A 112 1.97 -0.23 9.08
C ALA A 112 1.22 -1.12 8.09
N TRP A 113 1.54 -2.41 8.15
CA TRP A 113 0.90 -3.38 7.27
C TRP A 113 -0.58 -3.41 7.59
N ASP A 114 -0.89 -3.13 8.86
CA ASP A 114 -2.28 -3.12 9.31
C ASP A 114 -3.02 -1.97 8.62
N LEU A 115 -2.43 -0.79 8.70
CA LEU A 115 -3.01 0.39 8.09
C LEU A 115 -3.24 0.14 6.60
N TYR A 116 -2.22 -0.42 5.97
CA TYR A 116 -2.28 -0.73 4.55
C TYR A 116 -3.38 -1.77 4.26
N TYR A 117 -3.36 -2.82 5.06
CA TYR A 117 -4.33 -3.90 4.91
C TYR A 117 -5.75 -3.34 4.79
N HIS A 118 -6.09 -2.46 5.73
CA HIS A 118 -7.40 -1.85 5.74
C HIS A 118 -7.60 -1.02 4.47
N VAL A 119 -6.55 -0.28 4.12
CA VAL A 119 -6.60 0.56 2.93
C VAL A 119 -6.77 -0.32 1.70
N PHE A 120 -5.84 -1.26 1.54
CA PHE A 120 -5.87 -2.18 0.41
C PHE A 120 -7.12 -3.07 0.47
N ARG A 121 -7.58 -3.30 1.68
CA ARG A 121 -8.77 -4.12 1.89
C ARG A 121 -10.03 -3.37 1.48
N ARG A 122 -9.93 -2.04 1.54
CA ARG A 122 -11.05 -1.20 1.18
C ARG A 122 -11.18 -1.10 -0.34
N ILE A 123 -10.07 -0.75 -0.97
CA ILE A 123 -10.03 -0.61 -2.41
C ILE A 123 -10.48 -1.93 -3.05
N SER A 124 -10.42 -2.98 -2.27
CA SER A 124 -10.82 -4.30 -2.74
C SER A 124 -12.25 -4.60 -2.30
N LYS A 125 -12.53 -4.32 -1.04
CA LYS A 125 -13.85 -4.56 -0.49
C LYS A 125 -14.90 -3.94 -1.40
N GLN A 126 -15.98 -4.67 -1.61
CA GLN A 126 -17.06 -4.20 -2.46
C GLN A 126 -16.50 -3.65 -3.78
N MET A 26 -18.84 6.40 -7.03
CA MET A 26 -18.94 5.11 -7.68
C MET A 26 -18.14 4.04 -6.92
N GLU A 27 -18.87 3.20 -6.21
CA GLU A 27 -18.23 2.13 -5.44
C GLU A 27 -18.56 0.77 -6.06
N LEU A 28 -19.48 0.79 -7.02
CA LEU A 28 -19.89 -0.43 -7.70
C LEU A 28 -18.98 -0.67 -8.90
N ILE A 29 -19.20 -1.81 -9.55
CA ILE A 29 -18.40 -2.16 -10.70
C ILE A 29 -16.94 -2.30 -10.31
N ARG A 30 -16.25 -3.21 -11.00
CA ARG A 30 -14.84 -3.45 -10.71
C ARG A 30 -14.08 -3.69 -12.03
N VAL A 31 -12.85 -3.19 -12.05
CA VAL A 31 -12.00 -3.35 -13.22
C VAL A 31 -10.66 -3.93 -12.80
N PRO A 32 -10.17 -4.92 -13.61
CA PRO A 32 -8.90 -5.55 -13.33
C PRO A 32 -7.73 -4.63 -13.69
N ILE A 33 -8.01 -3.71 -14.60
CA ILE A 33 -7.00 -2.77 -15.04
C ILE A 33 -7.28 -1.40 -14.43
N LEU A 34 -6.64 -1.14 -13.30
CA LEU A 34 -6.82 0.12 -12.61
C LEU A 34 -5.78 0.23 -11.49
N TRP A 35 -6.08 1.09 -10.53
CA TRP A 35 -5.19 1.30 -9.40
C TRP A 35 -5.27 0.06 -8.51
N HIS A 36 -6.49 -0.31 -8.16
CA HIS A 36 -6.71 -1.47 -7.32
C HIS A 36 -5.88 -2.65 -7.83
N GLU A 37 -5.55 -2.58 -9.11
CA GLU A 37 -4.77 -3.63 -9.74
C GLU A 37 -3.32 -3.58 -9.24
N MET A 38 -2.85 -2.36 -9.00
CA MET A 38 -1.50 -2.15 -8.52
C MET A 38 -1.37 -2.56 -7.05
N TRP A 39 -2.47 -2.37 -6.32
CA TRP A 39 -2.49 -2.71 -4.90
C TRP A 39 -2.43 -4.23 -4.79
N HIS A 40 -3.32 -4.88 -5.53
CA HIS A 40 -3.39 -6.34 -5.53
C HIS A 40 -2.02 -6.92 -5.88
N GLU A 41 -1.50 -6.49 -7.01
CA GLU A 41 -0.21 -6.94 -7.48
C GLU A 41 0.90 -6.48 -6.53
N GLY A 42 0.80 -5.21 -6.14
CA GLY A 42 1.78 -4.63 -5.24
C GLY A 42 1.90 -5.45 -3.95
N LEU A 43 0.80 -5.49 -3.21
CA LEU A 43 0.77 -6.23 -1.95
C LEU A 43 1.09 -7.70 -2.24
N GLU A 44 0.72 -8.13 -3.43
CA GLU A 44 0.97 -9.51 -3.83
C GLU A 44 2.45 -9.86 -3.67
N GLU A 45 3.28 -9.03 -4.27
CA GLU A 45 4.73 -9.24 -4.19
C GLU A 45 5.24 -8.90 -2.79
N ALA A 46 4.87 -7.71 -2.33
CA ALA A 46 5.28 -7.26 -1.02
C ALA A 46 4.88 -8.31 0.03
N SER A 47 3.64 -8.73 -0.04
CA SER A 47 3.13 -9.71 0.89
C SER A 47 3.97 -10.99 0.81
N ARG A 48 4.17 -11.44 -0.42
CA ARG A 48 4.96 -12.65 -0.66
C ARG A 48 6.30 -12.55 0.04
N LEU A 49 6.86 -11.34 0.03
CA LEU A 49 8.15 -11.09 0.65
C LEU A 49 7.99 -11.14 2.17
N TYR A 50 6.82 -10.69 2.62
CA TYR A 50 6.53 -10.67 4.05
C TYR A 50 6.13 -12.06 4.54
N PHE A 51 5.09 -12.60 3.93
CA PHE A 51 4.60 -13.92 4.30
C PHE A 51 5.50 -15.01 3.74
N GLY A 52 5.86 -14.85 2.47
CA GLY A 52 6.72 -15.82 1.81
C GLY A 52 8.17 -15.64 2.23
N GLU A 53 8.42 -14.55 2.94
CA GLU A 53 9.76 -14.24 3.41
C GLU A 53 10.72 -14.08 2.23
N ARG A 54 11.63 -13.13 2.37
CA ARG A 54 12.61 -12.87 1.32
C ARG A 54 13.45 -11.64 1.69
N ASN A 55 12.76 -10.56 1.98
CA ASN A 55 13.43 -9.31 2.34
C ASN A 55 12.40 -8.18 2.41
N VAL A 56 12.07 -7.79 3.62
CA VAL A 56 11.10 -6.73 3.83
C VAL A 56 11.42 -5.56 2.89
N LYS A 57 12.71 -5.41 2.62
CA LYS A 57 13.16 -4.34 1.74
C LYS A 57 12.38 -4.40 0.43
N GLY A 58 12.10 -5.61 -0.01
CA GLY A 58 11.35 -5.82 -1.24
C GLY A 58 9.97 -5.16 -1.16
N MET A 59 9.24 -5.51 -0.12
CA MET A 59 7.91 -4.97 0.07
C MET A 59 7.92 -3.44 0.02
N PHE A 60 8.88 -2.87 0.74
CA PHE A 60 9.01 -1.42 0.79
C PHE A 60 9.37 -0.86 -0.60
N GLU A 61 10.17 -1.63 -1.32
CA GLU A 61 10.59 -1.24 -2.64
C GLU A 61 9.44 -1.40 -3.64
N VAL A 62 8.44 -2.14 -3.21
CA VAL A 62 7.27 -2.39 -4.04
C VAL A 62 6.30 -1.21 -3.91
N LEU A 63 6.09 -0.80 -2.67
CA LEU A 63 5.19 0.31 -2.39
C LEU A 63 5.88 1.62 -2.74
N GLU A 64 7.13 1.74 -2.29
CA GLU A 64 7.90 2.94 -2.54
C GLU A 64 7.55 3.52 -3.90
N PRO A 65 7.67 2.66 -4.95
CA PRO A 65 7.37 3.08 -6.31
C PRO A 65 5.85 3.19 -6.53
N LEU A 66 5.15 2.12 -6.17
CA LEU A 66 3.71 2.08 -6.32
C LEU A 66 3.11 3.34 -5.70
N HIS A 67 3.41 3.54 -4.43
CA HIS A 67 2.91 4.69 -3.70
C HIS A 67 3.35 5.97 -4.41
N ALA A 68 4.66 6.06 -4.65
CA ALA A 68 5.22 7.22 -5.31
C ALA A 68 4.45 7.48 -6.62
N MET A 69 4.28 6.42 -7.38
CA MET A 69 3.56 6.52 -8.64
C MET A 69 2.21 7.20 -8.46
N MET A 70 1.58 6.90 -7.34
CA MET A 70 0.28 7.47 -7.03
C MET A 70 0.41 8.96 -6.68
N GLU A 71 1.52 9.29 -6.03
CA GLU A 71 1.77 10.66 -5.64
C GLU A 71 2.04 11.52 -6.88
N ARG A 72 3.13 11.19 -7.56
CA ARG A 72 3.51 11.92 -8.76
C ARG A 72 2.55 11.60 -9.91
N GLY A 73 2.08 10.36 -9.92
CA GLY A 73 1.16 9.92 -10.96
C GLY A 73 -0.19 9.53 -10.35
N PRO A 74 -1.00 10.58 -10.04
CA PRO A 74 -2.31 10.37 -9.47
C PRO A 74 -3.31 9.86 -10.52
N GLN A 75 -4.04 10.80 -11.10
CA GLN A 75 -5.02 10.47 -12.12
C GLN A 75 -5.78 11.72 -12.54
N THR A 76 -6.62 12.20 -11.64
CA THR A 76 -7.41 13.40 -11.90
C THR A 76 -8.23 13.79 -10.66
N LEU A 77 -8.92 14.90 -10.78
CA LEU A 77 -9.74 15.39 -9.68
C LEU A 77 -10.60 14.25 -9.15
N LYS A 78 -10.87 13.29 -10.01
CA LYS A 78 -11.67 12.14 -9.64
C LYS A 78 -10.88 11.26 -8.66
N GLU A 79 -9.67 10.92 -9.08
CA GLU A 79 -8.81 10.08 -8.25
C GLU A 79 -8.28 10.90 -7.07
N THR A 80 -8.33 12.21 -7.21
CA THR A 80 -7.86 13.10 -6.17
C THR A 80 -8.55 12.77 -4.84
N SER A 81 -9.80 12.37 -4.94
CA SER A 81 -10.58 12.03 -3.76
C SER A 81 -10.12 10.68 -3.21
N PHE A 82 -9.76 9.79 -4.14
CA PHE A 82 -9.30 8.46 -3.76
C PHE A 82 -7.97 8.53 -2.99
N ASN A 83 -7.00 9.18 -3.63
CA ASN A 83 -5.69 9.33 -3.03
C ASN A 83 -5.83 10.00 -1.66
N GLN A 84 -6.84 10.85 -1.55
CA GLN A 84 -7.10 11.55 -0.32
C GLN A 84 -7.70 10.62 0.73
N ALA A 85 -8.52 9.69 0.24
CA ALA A 85 -9.16 8.73 1.12
C ALA A 85 -8.10 7.98 1.92
N TYR A 86 -7.07 7.54 1.21
CA TYR A 86 -5.98 6.80 1.83
C TYR A 86 -4.84 7.76 2.22
N GLY A 87 -4.83 8.92 1.58
CA GLY A 87 -3.81 9.91 1.84
C GLY A 87 -3.46 9.95 3.33
N ARG A 88 -4.49 9.86 4.16
CA ARG A 88 -4.31 9.88 5.60
C ARG A 88 -3.88 8.51 6.10
N ASP A 89 -4.70 7.51 5.78
CA ASP A 89 -4.42 6.15 6.19
C ASP A 89 -2.98 5.79 5.82
N LEU A 90 -2.69 5.88 4.53
CA LEU A 90 -1.35 5.57 4.04
C LEU A 90 -0.33 6.39 4.83
N MET A 91 -0.71 7.61 5.15
CA MET A 91 0.16 8.49 5.91
C MET A 91 0.61 7.85 7.22
N GLU A 92 -0.38 7.31 7.93
CA GLU A 92 -0.11 6.66 9.20
C GLU A 92 0.78 5.43 8.99
N ALA A 93 0.32 4.55 8.13
CA ALA A 93 1.06 3.33 7.83
C ALA A 93 2.45 3.71 7.31
N GLN A 94 2.48 4.74 6.47
CA GLN A 94 3.74 5.19 5.90
C GLN A 94 4.69 5.63 7.01
N GLU A 95 4.11 6.19 8.06
CA GLU A 95 4.90 6.66 9.19
C GLU A 95 5.47 5.48 9.97
N TRP A 96 4.65 4.43 10.07
CA TRP A 96 5.07 3.23 10.79
C TRP A 96 6.12 2.52 9.93
N CYS A 97 6.07 2.79 8.64
CA CYS A 97 6.99 2.16 7.71
C CYS A 97 8.35 2.85 7.87
N ARG A 98 8.35 4.15 7.66
CA ARG A 98 9.58 4.94 7.79
C ARG A 98 10.06 4.94 9.24
N LYS A 99 9.10 4.80 10.15
CA LYS A 99 9.41 4.78 11.57
C LYS A 99 10.22 3.53 11.90
N TYR A 100 9.71 2.40 11.41
CA TYR A 100 10.37 1.12 11.66
C TYR A 100 11.71 1.05 10.93
N MET A 101 11.75 1.68 9.76
CA MET A 101 12.96 1.70 8.95
C MET A 101 14.04 2.56 9.61
N LYS A 102 13.59 3.64 10.24
CA LYS A 102 14.50 4.54 10.91
C LYS A 102 15.12 3.84 12.12
N SER A 103 14.24 3.40 13.02
CA SER A 103 14.69 2.72 14.22
C SER A 103 13.49 2.37 15.09
N GLY A 104 12.68 1.45 14.59
CA GLY A 104 11.49 1.02 15.31
C GLY A 104 11.59 -0.45 15.70
N ASN A 105 10.47 -1.14 15.61
CA ASN A 105 10.42 -2.55 15.95
C ASN A 105 9.43 -3.27 15.04
N VAL A 106 9.54 -4.58 15.00
CA VAL A 106 8.65 -5.39 14.17
C VAL A 106 7.20 -4.98 14.43
N LYS A 107 6.90 -4.78 15.70
CA LYS A 107 5.56 -4.37 16.10
C LYS A 107 5.11 -3.20 15.24
N ASP A 108 6.06 -2.36 14.89
CA ASP A 108 5.78 -1.19 14.07
C ASP A 108 5.58 -1.62 12.62
N LEU A 109 6.46 -2.51 12.18
CA LEU A 109 6.41 -3.01 10.82
C LEU A 109 5.06 -3.72 10.60
N THR A 110 4.69 -4.53 11.59
CA THR A 110 3.44 -5.27 11.52
C THR A 110 2.26 -4.30 11.51
N GLN A 111 2.34 -3.32 12.39
CA GLN A 111 1.27 -2.32 12.49
C GLN A 111 1.02 -1.68 11.13
N ALA A 112 2.10 -1.35 10.45
CA ALA A 112 2.01 -0.73 9.14
C ALA A 112 1.35 -1.70 8.16
N TRP A 113 1.78 -2.95 8.25
CA TRP A 113 1.26 -4.00 7.38
C TRP A 113 -0.25 -4.09 7.63
N ASP A 114 -0.63 -3.81 8.86
CA ASP A 114 -2.03 -3.87 9.25
C ASP A 114 -2.80 -2.74 8.55
N LEU A 115 -2.26 -1.53 8.68
CA LEU A 115 -2.87 -0.37 8.07
C LEU A 115 -3.05 -0.63 6.57
N TYR A 116 -2.01 -1.17 5.96
CA TYR A 116 -2.04 -1.47 4.54
C TYR A 116 -3.21 -2.40 4.20
N TYR A 117 -3.23 -3.54 4.87
CA TYR A 117 -4.28 -4.53 4.66
C TYR A 117 -5.66 -3.87 4.70
N HIS A 118 -5.80 -2.90 5.59
CA HIS A 118 -7.05 -2.19 5.75
C HIS A 118 -7.39 -1.47 4.44
N VAL A 119 -6.45 -0.64 4.00
CA VAL A 119 -6.64 0.12 2.77
C VAL A 119 -6.67 -0.85 1.59
N PHE A 120 -5.73 -1.78 1.58
CA PHE A 120 -5.64 -2.75 0.52
C PHE A 120 -6.88 -3.65 0.49
N ARG A 121 -7.46 -3.84 1.67
CA ARG A 121 -8.65 -4.66 1.79
C ARG A 121 -9.89 -3.87 1.38
N ARG A 122 -9.81 -2.57 1.59
CA ARG A 122 -10.91 -1.69 1.24
C ARG A 122 -11.05 -1.58 -0.28
N ILE A 123 -9.94 -1.25 -0.92
CA ILE A 123 -9.93 -1.11 -2.37
C ILE A 123 -10.69 -2.27 -3.00
N SER A 124 -10.58 -3.44 -2.36
CA SER A 124 -11.25 -4.62 -2.85
C SER A 124 -12.69 -4.65 -2.32
N LYS A 125 -12.82 -4.55 -1.02
CA LYS A 125 -14.12 -4.58 -0.38
C LYS A 125 -15.11 -3.76 -1.23
N GLN A 126 -16.08 -4.45 -1.78
CA GLN A 126 -17.09 -3.80 -2.61
C GLN A 126 -16.41 -2.93 -3.67
N MET A 26 -20.08 2.57 -0.41
CA MET A 26 -20.58 1.63 -1.40
C MET A 26 -20.28 2.11 -2.82
N GLU A 27 -19.25 1.52 -3.40
CA GLU A 27 -18.85 1.86 -4.75
C GLU A 27 -19.18 0.73 -5.72
N LEU A 28 -19.27 -0.47 -5.17
CA LEU A 28 -19.59 -1.64 -5.97
C LEU A 28 -18.78 -1.60 -7.27
N ILE A 29 -17.50 -1.31 -7.11
CA ILE A 29 -16.60 -1.24 -8.25
C ILE A 29 -15.49 -2.29 -8.10
N ARG A 30 -15.16 -2.92 -9.22
CA ARG A 30 -14.12 -3.93 -9.23
C ARG A 30 -13.61 -4.17 -10.65
N VAL A 31 -12.43 -3.62 -10.93
CA VAL A 31 -11.83 -3.77 -12.24
C VAL A 31 -10.43 -4.37 -12.09
N PRO A 32 -10.11 -5.33 -13.00
CA PRO A 32 -8.83 -5.98 -12.97
C PRO A 32 -7.72 -5.06 -13.51
N ILE A 33 -8.14 -4.15 -14.38
CA ILE A 33 -7.21 -3.21 -14.98
C ILE A 33 -7.50 -1.81 -14.44
N LEU A 34 -6.75 -1.44 -13.41
CA LEU A 34 -6.92 -0.13 -12.80
C LEU A 34 -5.93 0.01 -11.64
N TRP A 35 -5.95 1.18 -11.03
CA TRP A 35 -5.06 1.46 -9.91
C TRP A 35 -5.20 0.31 -8.90
N HIS A 36 -6.44 -0.02 -8.60
CA HIS A 36 -6.72 -1.10 -7.66
C HIS A 36 -5.89 -2.32 -8.03
N GLU A 37 -5.53 -2.40 -9.30
CA GLU A 37 -4.73 -3.52 -9.79
C GLU A 37 -3.30 -3.43 -9.26
N MET A 38 -2.84 -2.20 -9.09
CA MET A 38 -1.50 -1.96 -8.59
C MET A 38 -1.42 -2.22 -7.09
N TRP A 39 -2.54 -1.99 -6.42
CA TRP A 39 -2.62 -2.19 -4.98
C TRP A 39 -2.59 -3.70 -4.72
N HIS A 40 -3.47 -4.42 -5.41
CA HIS A 40 -3.55 -5.85 -5.26
C HIS A 40 -2.20 -6.49 -5.61
N GLU A 41 -1.77 -6.24 -6.84
CA GLU A 41 -0.50 -6.77 -7.30
C GLU A 41 0.64 -6.26 -6.44
N GLY A 42 0.45 -5.07 -5.90
CA GLY A 42 1.46 -4.46 -5.04
C GLY A 42 1.73 -5.33 -3.81
N LEU A 43 0.71 -5.47 -2.99
CA LEU A 43 0.82 -6.26 -1.77
C LEU A 43 1.09 -7.72 -2.15
N GLU A 44 0.53 -8.11 -3.29
CA GLU A 44 0.70 -9.48 -3.79
C GLU A 44 2.18 -9.84 -3.82
N GLU A 45 2.96 -8.99 -4.45
CA GLU A 45 4.39 -9.21 -4.56
C GLU A 45 5.09 -8.91 -3.22
N ALA A 46 4.75 -7.75 -2.68
CA ALA A 46 5.33 -7.34 -1.42
C ALA A 46 5.14 -8.45 -0.38
N SER A 47 3.92 -8.93 -0.30
CA SER A 47 3.59 -9.99 0.64
C SER A 47 4.28 -11.29 0.23
N ARG A 48 4.28 -11.55 -1.07
CA ARG A 48 4.91 -12.75 -1.61
C ARG A 48 6.34 -12.88 -1.07
N LEU A 49 7.10 -11.81 -1.24
CA LEU A 49 8.47 -11.79 -0.77
C LEU A 49 8.49 -11.74 0.75
N TYR A 50 7.58 -10.95 1.30
CA TYR A 50 7.49 -10.80 2.74
C TYR A 50 7.37 -12.17 3.42
N PHE A 51 6.37 -12.92 2.99
CA PHE A 51 6.13 -14.24 3.55
C PHE A 51 7.18 -15.24 3.06
N GLY A 52 7.62 -15.03 1.83
CA GLY A 52 8.62 -15.90 1.22
C GLY A 52 9.97 -15.74 1.90
N GLU A 53 10.49 -14.52 1.84
CA GLU A 53 11.77 -14.21 2.44
C GLU A 53 11.62 -13.08 3.47
N ARG A 54 12.39 -13.20 4.55
CA ARG A 54 12.35 -12.21 5.60
C ARG A 54 12.99 -10.90 5.13
N ASN A 55 12.44 -10.36 4.06
CA ASN A 55 12.95 -9.12 3.50
C ASN A 55 11.79 -8.16 3.27
N VAL A 56 11.52 -7.36 4.30
CA VAL A 56 10.45 -6.38 4.23
C VAL A 56 10.79 -5.32 3.19
N LYS A 57 12.08 -5.21 2.91
CA LYS A 57 12.56 -4.23 1.94
C LYS A 57 11.76 -4.38 0.64
N GLY A 58 11.49 -5.62 0.30
CA GLY A 58 10.73 -5.91 -0.92
C GLY A 58 9.42 -5.13 -0.95
N MET A 59 8.66 -5.29 0.13
CA MET A 59 7.38 -4.60 0.24
C MET A 59 7.56 -3.08 0.21
N PHE A 60 8.56 -2.63 0.95
CA PHE A 60 8.85 -1.21 1.01
C PHE A 60 9.22 -0.66 -0.36
N GLU A 61 10.03 -1.43 -1.08
CA GLU A 61 10.46 -1.03 -2.40
C GLU A 61 9.33 -1.24 -3.42
N VAL A 62 8.31 -1.95 -2.98
CA VAL A 62 7.16 -2.23 -3.83
C VAL A 62 6.20 -1.04 -3.78
N LEU A 63 5.97 -0.56 -2.56
CA LEU A 63 5.08 0.57 -2.36
C LEU A 63 5.80 1.86 -2.76
N GLU A 64 7.03 1.98 -2.29
CA GLU A 64 7.84 3.16 -2.60
C GLU A 64 7.51 3.67 -4.00
N PRO A 65 7.66 2.76 -4.99
CA PRO A 65 7.38 3.12 -6.38
C PRO A 65 5.88 3.21 -6.64
N LEU A 66 5.17 2.16 -6.22
CA LEU A 66 3.73 2.12 -6.40
C LEU A 66 3.11 3.43 -5.89
N HIS A 67 3.39 3.73 -4.63
CA HIS A 67 2.87 4.93 -4.02
C HIS A 67 3.37 6.16 -4.79
N ALA A 68 4.68 6.21 -4.97
CA ALA A 68 5.30 7.30 -5.69
C ALA A 68 4.59 7.50 -7.04
N MET A 69 4.40 6.39 -7.74
CA MET A 69 3.73 6.42 -9.03
C MET A 69 2.39 7.17 -8.94
N MET A 70 1.69 6.92 -7.84
CA MET A 70 0.41 7.56 -7.62
C MET A 70 0.57 9.05 -7.37
N GLU A 71 1.68 9.40 -6.73
CA GLU A 71 1.96 10.79 -6.42
C GLU A 71 2.33 11.55 -7.71
N ARG A 72 3.43 11.13 -8.32
CA ARG A 72 3.90 11.75 -9.54
C ARG A 72 3.00 11.36 -10.71
N GLY A 73 2.22 10.31 -10.49
CA GLY A 73 1.32 9.83 -11.52
C GLY A 73 -0.13 9.89 -11.05
N PRO A 74 -0.68 11.15 -11.05
CA PRO A 74 -2.06 11.36 -10.62
C PRO A 74 -3.04 10.88 -11.69
N GLN A 75 -4.27 11.37 -11.57
CA GLN A 75 -5.32 11.00 -12.51
C GLN A 75 -6.29 12.16 -12.70
N THR A 76 -7.07 12.41 -11.65
CA THR A 76 -8.04 13.49 -11.69
C THR A 76 -8.67 13.69 -10.31
N LEU A 77 -9.43 14.77 -10.20
CA LEU A 77 -10.08 15.08 -8.93
C LEU A 77 -10.95 13.89 -8.51
N LYS A 78 -11.40 13.14 -9.50
CA LYS A 78 -12.23 11.98 -9.24
C LYS A 78 -11.40 10.91 -8.54
N GLU A 79 -10.13 10.85 -8.91
CA GLU A 79 -9.22 9.88 -8.33
C GLU A 79 -8.64 10.42 -7.02
N THR A 80 -8.67 11.73 -6.90
CA THR A 80 -8.15 12.38 -5.71
C THR A 80 -8.82 11.81 -4.45
N SER A 81 -10.14 11.68 -4.53
CA SER A 81 -10.90 11.14 -3.42
C SER A 81 -10.31 9.80 -2.97
N PHE A 82 -9.82 9.05 -3.95
CA PHE A 82 -9.23 7.76 -3.67
C PHE A 82 -7.85 7.91 -3.03
N ASN A 83 -7.00 8.67 -3.69
CA ASN A 83 -5.66 8.90 -3.19
C ASN A 83 -5.74 9.59 -1.82
N GLN A 84 -6.76 10.41 -1.66
CA GLN A 84 -6.97 11.12 -0.41
C GLN A 84 -7.61 10.20 0.63
N ALA A 85 -8.54 9.40 0.16
CA ALA A 85 -9.24 8.47 1.04
C ALA A 85 -8.22 7.67 1.84
N TYR A 86 -7.04 7.50 1.25
CA TYR A 86 -5.98 6.77 1.90
C TYR A 86 -4.78 7.67 2.19
N GLY A 87 -4.70 8.75 1.41
CA GLY A 87 -3.61 9.70 1.58
C GLY A 87 -3.20 9.84 3.04
N ARG A 88 -4.21 9.72 3.91
CA ARG A 88 -3.97 9.83 5.34
C ARG A 88 -3.42 8.52 5.89
N ASP A 89 -4.11 7.44 5.57
CA ASP A 89 -3.69 6.12 6.02
C ASP A 89 -2.27 5.84 5.54
N LEU A 90 -2.08 6.05 4.25
CA LEU A 90 -0.77 5.82 3.65
C LEU A 90 0.29 6.59 4.43
N MET A 91 -0.13 7.75 4.93
CA MET A 91 0.78 8.59 5.70
C MET A 91 1.13 7.95 7.04
N GLU A 92 0.09 7.49 7.74
CA GLU A 92 0.27 6.85 9.03
C GLU A 92 1.16 5.61 8.88
N ALA A 93 0.70 4.70 8.04
CA ALA A 93 1.44 3.46 7.81
C ALA A 93 2.88 3.80 7.42
N GLN A 94 3.01 4.81 6.57
CA GLN A 94 4.33 5.25 6.13
C GLN A 94 5.20 5.62 7.33
N GLU A 95 4.58 6.30 8.28
CA GLU A 95 5.28 6.72 9.48
C GLU A 95 5.78 5.50 10.27
N TRP A 96 4.94 4.47 10.28
CA TRP A 96 5.27 3.25 10.99
C TRP A 96 6.34 2.51 10.19
N CYS A 97 6.36 2.81 8.90
CA CYS A 97 7.33 2.18 8.00
C CYS A 97 8.70 2.81 8.27
N ARG A 98 8.76 4.12 8.08
CA ARG A 98 10.00 4.84 8.28
C ARG A 98 10.44 4.74 9.75
N LYS A 99 9.44 4.70 10.62
CA LYS A 99 9.71 4.61 12.05
C LYS A 99 10.34 3.25 12.36
N TYR A 100 9.80 2.22 11.73
CA TYR A 100 10.31 0.87 11.92
C TYR A 100 11.67 0.69 11.26
N MET A 101 11.80 1.28 10.07
CA MET A 101 13.04 1.20 9.32
C MET A 101 14.19 1.80 10.12
N LYS A 102 13.91 2.93 10.75
CA LYS A 102 14.93 3.62 11.53
C LYS A 102 14.96 3.02 12.94
N SER A 103 13.79 2.89 13.53
CA SER A 103 13.67 2.33 14.87
C SER A 103 13.93 0.82 14.83
N GLY A 104 12.98 0.10 14.25
CA GLY A 104 13.09 -1.34 14.15
C GLY A 104 12.20 -2.04 15.19
N ASN A 105 10.99 -2.36 14.77
CA ASN A 105 10.05 -3.03 15.66
C ASN A 105 8.91 -3.62 14.84
N VAL A 106 8.92 -4.93 14.74
CA VAL A 106 7.89 -5.64 13.98
C VAL A 106 6.52 -5.09 14.36
N LYS A 107 6.36 -4.81 15.64
CA LYS A 107 5.11 -4.29 16.15
C LYS A 107 4.67 -3.10 15.28
N ASP A 108 5.62 -2.22 15.02
CA ASP A 108 5.35 -1.05 14.21
C ASP A 108 5.08 -1.48 12.77
N LEU A 109 5.73 -2.56 12.37
CA LEU A 109 5.57 -3.09 11.03
C LEU A 109 4.17 -3.68 10.89
N THR A 110 3.79 -4.48 11.88
CA THR A 110 2.48 -5.12 11.87
C THR A 110 1.38 -4.06 11.86
N GLN A 111 1.62 -2.99 12.61
CA GLN A 111 0.65 -1.91 12.68
C GLN A 111 0.51 -1.23 11.31
N ALA A 112 1.64 -0.95 10.71
CA ALA A 112 1.65 -0.30 9.40
C ALA A 112 1.00 -1.24 8.37
N TRP A 113 1.37 -2.51 8.47
CA TRP A 113 0.84 -3.50 7.55
C TRP A 113 -0.68 -3.55 7.73
N ASP A 114 -1.11 -3.34 8.97
CA ASP A 114 -2.53 -3.35 9.29
C ASP A 114 -3.21 -2.19 8.57
N LEU A 115 -2.60 -1.02 8.69
CA LEU A 115 -3.15 0.18 8.06
C LEU A 115 -3.30 -0.07 6.56
N TYR A 116 -2.20 -0.49 5.95
CA TYR A 116 -2.21 -0.77 4.52
C TYR A 116 -3.27 -1.82 4.16
N TYR A 117 -3.25 -2.91 4.91
CA TYR A 117 -4.20 -3.98 4.69
C TYR A 117 -5.62 -3.45 4.57
N HIS A 118 -5.98 -2.60 5.54
CA HIS A 118 -7.30 -2.02 5.57
C HIS A 118 -7.52 -1.19 4.29
N VAL A 119 -6.48 -0.44 3.93
CA VAL A 119 -6.55 0.39 2.73
C VAL A 119 -6.72 -0.50 1.50
N PHE A 120 -5.75 -1.40 1.33
CA PHE A 120 -5.77 -2.30 0.20
C PHE A 120 -6.98 -3.24 0.27
N ARG A 121 -7.43 -3.49 1.49
CA ARG A 121 -8.57 -4.35 1.71
C ARG A 121 -9.87 -3.64 1.32
N ARG A 122 -9.86 -2.33 1.50
CA ARG A 122 -11.03 -1.52 1.17
C ARG A 122 -11.19 -1.44 -0.35
N ILE A 123 -10.11 -1.06 -1.01
CA ILE A 123 -10.12 -0.93 -2.46
C ILE A 123 -10.82 -2.16 -3.07
N SER A 124 -10.67 -3.28 -2.38
CA SER A 124 -11.27 -4.52 -2.84
C SER A 124 -12.71 -4.62 -2.32
N LYS A 125 -12.85 -4.45 -1.02
CA LYS A 125 -14.16 -4.52 -0.40
C LYS A 125 -15.19 -3.83 -1.29
N GLN A 126 -16.33 -4.49 -1.46
CA GLN A 126 -17.40 -3.95 -2.28
C GLN A 126 -18.02 -2.73 -1.62
N MET A 26 -2.90 -8.85 -16.48
CA MET A 26 -3.45 -10.19 -16.30
C MET A 26 -3.43 -10.60 -14.83
N GLU A 27 -4.43 -10.11 -14.11
CA GLU A 27 -4.55 -10.42 -12.69
C GLU A 27 -5.81 -11.24 -12.42
N LEU A 28 -6.68 -11.26 -13.42
CA LEU A 28 -7.92 -12.01 -13.31
C LEU A 28 -8.94 -11.18 -12.53
N ILE A 29 -10.06 -10.92 -13.18
CA ILE A 29 -11.12 -10.14 -12.56
C ILE A 29 -10.64 -8.71 -12.35
N ARG A 30 -9.81 -8.53 -11.32
CA ARG A 30 -9.27 -7.22 -11.01
C ARG A 30 -8.81 -6.51 -12.28
N VAL A 31 -9.55 -5.47 -12.65
CA VAL A 31 -9.23 -4.71 -13.84
C VAL A 31 -7.72 -4.53 -13.94
N PRO A 32 -7.21 -4.72 -15.19
CA PRO A 32 -5.77 -4.59 -15.43
C PRO A 32 -5.36 -3.11 -15.43
N ILE A 33 -6.21 -2.28 -16.01
CA ILE A 33 -5.94 -0.86 -16.09
C ILE A 33 -6.68 -0.14 -14.95
N LEU A 34 -6.33 -0.53 -13.73
CA LEU A 34 -6.94 0.07 -12.55
C LEU A 34 -5.91 0.15 -11.43
N TRP A 35 -6.09 1.16 -10.57
CA TRP A 35 -5.18 1.35 -9.45
C TRP A 35 -5.28 0.13 -8.54
N HIS A 36 -6.51 -0.19 -8.18
CA HIS A 36 -6.75 -1.33 -7.30
C HIS A 36 -5.94 -2.53 -7.79
N GLU A 37 -5.57 -2.49 -9.06
CA GLU A 37 -4.79 -3.56 -9.65
C GLU A 37 -3.37 -3.55 -9.09
N MET A 38 -2.84 -2.35 -8.93
CA MET A 38 -1.49 -2.19 -8.40
C MET A 38 -1.45 -2.52 -6.91
N TRP A 39 -2.54 -2.20 -6.23
CA TRP A 39 -2.64 -2.46 -4.80
C TRP A 39 -2.65 -3.98 -4.60
N HIS A 40 -3.52 -4.64 -5.36
CA HIS A 40 -3.63 -6.09 -5.28
C HIS A 40 -2.32 -6.74 -5.71
N GLU A 41 -1.82 -6.28 -6.84
CA GLU A 41 -0.57 -6.80 -7.38
C GLU A 41 0.60 -6.47 -6.45
N GLY A 42 0.54 -5.26 -5.91
CA GLY A 42 1.58 -4.80 -5.00
C GLY A 42 1.75 -5.76 -3.82
N LEU A 43 0.68 -5.86 -3.03
CA LEU A 43 0.69 -6.72 -1.87
C LEU A 43 0.96 -8.17 -2.32
N GLU A 44 0.48 -8.48 -3.52
CA GLU A 44 0.67 -9.81 -4.07
C GLU A 44 2.15 -10.19 -4.05
N GLU A 45 2.96 -9.31 -4.61
CA GLU A 45 4.39 -9.55 -4.66
C GLU A 45 5.04 -9.20 -3.32
N ALA A 46 4.71 -8.02 -2.83
CA ALA A 46 5.25 -7.57 -1.55
C ALA A 46 5.00 -8.65 -0.49
N SER A 47 3.76 -9.10 -0.43
CA SER A 47 3.38 -10.12 0.54
C SER A 47 4.05 -11.44 0.18
N ARG A 48 4.00 -11.76 -1.10
CA ARG A 48 4.59 -13.00 -1.60
C ARG A 48 6.05 -13.10 -1.15
N LEU A 49 6.80 -12.04 -1.43
CA LEU A 49 8.21 -12.00 -1.06
C LEU A 49 8.34 -11.90 0.46
N TYR A 50 7.46 -11.09 1.03
CA TYR A 50 7.46 -10.89 2.48
C TYR A 50 7.36 -12.24 3.21
N PHE A 51 6.33 -12.99 2.87
CA PHE A 51 6.12 -14.29 3.49
C PHE A 51 7.10 -15.33 2.93
N GLY A 52 7.32 -15.25 1.62
CA GLY A 52 8.23 -16.17 0.96
C GLY A 52 9.66 -15.96 1.43
N GLU A 53 9.93 -14.75 1.89
CA GLU A 53 11.26 -14.40 2.38
C GLU A 53 11.18 -13.25 3.37
N ARG A 54 11.99 -13.34 4.41
CA ARG A 54 12.01 -12.30 5.43
C ARG A 54 12.71 -11.06 4.90
N ASN A 55 12.17 -10.54 3.81
CA ASN A 55 12.73 -9.35 3.20
C ASN A 55 11.64 -8.29 3.05
N VAL A 56 11.25 -7.72 4.19
CA VAL A 56 10.21 -6.70 4.21
C VAL A 56 10.60 -5.58 3.25
N LYS A 57 11.90 -5.46 3.02
CA LYS A 57 12.41 -4.44 2.12
C LYS A 57 11.65 -4.50 0.79
N GLY A 58 11.47 -5.73 0.32
CA GLY A 58 10.77 -5.94 -0.94
C GLY A 58 9.40 -5.25 -0.94
N MET A 59 8.62 -5.56 0.08
CA MET A 59 7.29 -4.98 0.22
C MET A 59 7.36 -3.45 0.17
N PHE A 60 8.29 -2.91 0.96
CA PHE A 60 8.46 -1.48 1.02
C PHE A 60 8.91 -0.91 -0.33
N GLU A 61 9.70 -1.71 -1.04
CA GLU A 61 10.19 -1.31 -2.35
C GLU A 61 9.08 -1.43 -3.40
N VAL A 62 8.03 -2.17 -3.02
CA VAL A 62 6.91 -2.37 -3.92
C VAL A 62 5.95 -1.18 -3.81
N LEU A 63 5.73 -0.76 -2.57
CA LEU A 63 4.85 0.36 -2.31
C LEU A 63 5.57 1.67 -2.64
N GLU A 64 6.80 1.76 -2.16
CA GLU A 64 7.60 2.95 -2.40
C GLU A 64 7.29 3.53 -3.78
N PRO A 65 7.42 2.65 -4.82
CA PRO A 65 7.16 3.06 -6.19
C PRO A 65 5.65 3.20 -6.44
N LEU A 66 4.93 2.14 -6.10
CA LEU A 66 3.49 2.13 -6.29
C LEU A 66 2.90 3.41 -5.69
N HIS A 67 3.18 3.62 -4.42
CA HIS A 67 2.68 4.80 -3.73
C HIS A 67 3.14 6.06 -4.46
N ALA A 68 4.45 6.14 -4.67
CA ALA A 68 5.02 7.28 -5.36
C ALA A 68 4.29 7.51 -6.68
N MET A 69 4.16 6.43 -7.44
CA MET A 69 3.48 6.50 -8.73
C MET A 69 2.11 7.16 -8.59
N MET A 70 1.47 6.88 -7.47
CA MET A 70 0.15 7.44 -7.19
C MET A 70 0.24 8.94 -6.90
N GLU A 71 1.34 9.31 -6.27
CA GLU A 71 1.57 10.71 -5.93
C GLU A 71 1.90 11.52 -7.19
N ARG A 72 3.02 11.17 -7.80
CA ARG A 72 3.46 11.85 -9.00
C ARG A 72 2.58 11.45 -10.19
N GLY A 73 1.98 10.28 -10.06
CA GLY A 73 1.11 9.77 -11.12
C GLY A 73 -0.33 9.67 -10.63
N PRO A 74 -1.08 10.80 -10.76
CA PRO A 74 -2.47 10.84 -10.35
C PRO A 74 -3.36 10.09 -11.34
N GLN A 75 -4.66 10.36 -11.25
CA GLN A 75 -5.62 9.73 -12.12
C GLN A 75 -6.67 10.74 -12.59
N THR A 76 -7.51 11.15 -11.65
CA THR A 76 -8.55 12.11 -11.95
C THR A 76 -9.23 12.58 -10.66
N LEU A 77 -10.13 13.55 -10.82
CA LEU A 77 -10.84 14.10 -9.67
C LEU A 77 -11.55 12.97 -8.94
N LYS A 78 -11.90 11.94 -9.70
CA LYS A 78 -12.59 10.79 -9.12
C LYS A 78 -11.62 10.02 -8.23
N GLU A 79 -10.36 10.00 -8.65
CA GLU A 79 -9.34 9.30 -7.89
C GLU A 79 -8.78 10.20 -6.79
N THR A 80 -9.02 11.50 -6.95
CA THR A 80 -8.55 12.47 -5.97
C THR A 80 -9.05 12.11 -4.58
N SER A 81 -10.24 11.52 -4.54
CA SER A 81 -10.82 11.12 -3.28
C SER A 81 -10.13 9.86 -2.75
N PHE A 82 -9.76 8.99 -3.68
CA PHE A 82 -9.09 7.75 -3.33
C PHE A 82 -7.73 8.03 -2.67
N ASN A 83 -6.93 8.82 -3.37
CA ASN A 83 -5.61 9.18 -2.88
C ASN A 83 -5.75 9.98 -1.59
N GLN A 84 -6.86 10.70 -1.50
CA GLN A 84 -7.13 11.52 -0.32
C GLN A 84 -7.59 10.65 0.84
N ALA A 85 -8.64 9.87 0.57
CA ALA A 85 -9.19 8.98 1.58
C ALA A 85 -8.05 8.30 2.35
N TYR A 86 -7.16 7.70 1.58
CA TYR A 86 -6.02 7.01 2.17
C TYR A 86 -4.82 7.95 2.30
N GLY A 87 -4.91 9.07 1.60
CA GLY A 87 -3.84 10.07 1.63
C GLY A 87 -3.27 10.20 3.05
N ARG A 88 -4.17 10.26 4.02
CA ARG A 88 -3.76 10.38 5.41
C ARG A 88 -3.32 9.02 5.96
N ASP A 89 -4.15 8.02 5.73
CA ASP A 89 -3.86 6.69 6.19
C ASP A 89 -2.45 6.28 5.74
N LEU A 90 -2.24 6.37 4.43
CA LEU A 90 -0.95 6.02 3.86
C LEU A 90 0.15 6.80 4.59
N MET A 91 -0.17 8.04 4.92
CA MET A 91 0.78 8.90 5.61
C MET A 91 1.18 8.30 6.96
N GLU A 92 0.17 7.84 7.69
CA GLU A 92 0.41 7.24 8.99
C GLU A 92 1.25 5.98 8.85
N ALA A 93 0.78 5.07 8.00
CA ALA A 93 1.49 3.83 7.77
C ALA A 93 2.94 4.13 7.37
N GLN A 94 3.09 5.16 6.55
CA GLN A 94 4.40 5.55 6.09
C GLN A 94 5.28 5.95 7.27
N GLU A 95 4.66 6.63 8.23
CA GLU A 95 5.37 7.07 9.41
C GLU A 95 5.84 5.86 10.24
N TRP A 96 4.99 4.84 10.25
CA TRP A 96 5.29 3.63 11.00
C TRP A 96 6.34 2.85 10.20
N CYS A 97 6.36 3.10 8.90
CA CYS A 97 7.29 2.43 8.02
C CYS A 97 8.71 2.88 8.39
N ARG A 98 8.92 4.18 8.30
CA ARG A 98 10.22 4.75 8.62
C ARG A 98 10.56 4.50 10.09
N LYS A 99 9.52 4.40 10.90
CA LYS A 99 9.71 4.15 12.32
C LYS A 99 10.43 2.81 12.52
N TYR A 100 9.90 1.79 11.86
CA TYR A 100 10.48 0.47 11.96
C TYR A 100 11.82 0.40 11.22
N MET A 101 11.82 0.94 10.01
CA MET A 101 13.03 0.94 9.20
C MET A 101 14.17 1.64 9.93
N LYS A 102 13.81 2.63 10.74
CA LYS A 102 14.80 3.38 11.50
C LYS A 102 14.98 2.74 12.87
N SER A 103 13.87 2.63 13.58
CA SER A 103 13.89 2.02 14.92
C SER A 103 14.14 0.52 14.80
N GLY A 104 13.20 -0.17 14.19
CA GLY A 104 13.32 -1.60 14.02
C GLY A 104 12.42 -2.35 15.00
N ASN A 105 11.15 -2.44 14.65
CA ASN A 105 10.18 -3.12 15.50
C ASN A 105 9.04 -3.65 14.64
N VAL A 106 8.87 -4.96 14.68
CA VAL A 106 7.82 -5.61 13.91
C VAL A 106 6.47 -5.00 14.29
N LYS A 107 6.38 -4.54 15.53
CA LYS A 107 5.16 -3.93 16.03
C LYS A 107 4.80 -2.73 15.15
N ASP A 108 5.80 -1.88 14.93
CA ASP A 108 5.61 -0.70 14.12
C ASP A 108 5.38 -1.11 12.66
N LEU A 109 6.14 -2.11 12.25
CA LEU A 109 6.04 -2.62 10.88
C LEU A 109 4.63 -3.20 10.66
N THR A 110 4.22 -4.02 11.60
CA THR A 110 2.91 -4.65 11.52
C THR A 110 1.82 -3.58 11.45
N GLN A 111 1.99 -2.55 12.26
CA GLN A 111 1.02 -1.47 12.30
C GLN A 111 0.88 -0.83 10.92
N ALA A 112 2.03 -0.50 10.33
CA ALA A 112 2.04 0.12 9.02
C ALA A 112 1.31 -0.79 8.03
N TRP A 113 1.67 -2.07 8.08
CA TRP A 113 1.06 -3.05 7.19
C TRP A 113 -0.45 -3.08 7.48
N ASP A 114 -0.77 -2.95 8.76
CA ASP A 114 -2.17 -2.96 9.18
C ASP A 114 -2.91 -1.81 8.48
N LEU A 115 -2.33 -0.62 8.60
CA LEU A 115 -2.93 0.56 7.99
C LEU A 115 -3.17 0.29 6.50
N TYR A 116 -2.10 -0.11 5.82
CA TYR A 116 -2.18 -0.40 4.40
C TYR A 116 -3.29 -1.41 4.11
N TYR A 117 -3.19 -2.55 4.77
CA TYR A 117 -4.18 -3.61 4.60
C TYR A 117 -5.60 -3.05 4.69
N HIS A 118 -5.76 -2.08 5.57
CA HIS A 118 -7.06 -1.45 5.77
C HIS A 118 -7.49 -0.74 4.48
N VAL A 119 -6.54 -0.01 3.91
CA VAL A 119 -6.81 0.72 2.68
C VAL A 119 -6.78 -0.26 1.50
N PHE A 120 -5.90 -1.24 1.60
CA PHE A 120 -5.76 -2.23 0.55
C PHE A 120 -6.96 -3.18 0.54
N ARG A 121 -7.50 -3.42 1.73
CA ARG A 121 -8.64 -4.29 1.88
C ARG A 121 -9.93 -3.57 1.48
N ARG A 122 -9.94 -2.26 1.71
CA ARG A 122 -11.09 -1.46 1.39
C ARG A 122 -11.25 -1.33 -0.13
N ILE A 123 -10.14 -0.95 -0.77
CA ILE A 123 -10.14 -0.79 -2.21
C ILE A 123 -10.89 -1.96 -2.86
N SER A 124 -10.83 -3.10 -2.18
CA SER A 124 -11.51 -4.29 -2.68
C SER A 124 -12.91 -4.38 -2.08
N LYS A 125 -12.97 -4.37 -0.76
CA LYS A 125 -14.23 -4.46 -0.06
C LYS A 125 -15.26 -3.56 -0.76
N GLN A 126 -16.47 -4.08 -0.87
CA GLN A 126 -17.54 -3.34 -1.51
C GLN A 126 -18.52 -2.79 -0.46
N MET A 26 -22.88 4.22 -6.71
CA MET A 26 -21.72 3.35 -6.70
C MET A 26 -21.23 3.05 -8.11
N GLU A 27 -20.18 2.24 -8.19
CA GLU A 27 -19.60 1.87 -9.47
C GLU A 27 -19.86 0.39 -9.76
N LEU A 28 -20.46 -0.27 -8.79
CA LEU A 28 -20.77 -1.69 -8.92
C LEU A 28 -19.47 -2.46 -9.17
N ILE A 29 -19.38 -3.03 -10.37
CA ILE A 29 -18.20 -3.80 -10.73
C ILE A 29 -16.95 -2.99 -10.40
N ARG A 30 -15.80 -3.63 -10.59
CA ARG A 30 -14.53 -2.98 -10.31
C ARG A 30 -13.53 -3.28 -11.44
N VAL A 31 -13.39 -2.32 -12.34
CA VAL A 31 -12.48 -2.47 -13.45
C VAL A 31 -11.17 -3.06 -12.96
N PRO A 32 -10.61 -3.99 -13.77
CA PRO A 32 -9.35 -4.65 -13.43
C PRO A 32 -8.17 -3.70 -13.65
N ILE A 33 -7.72 -3.63 -14.88
CA ILE A 33 -6.60 -2.78 -15.23
C ILE A 33 -6.84 -1.38 -14.65
N LEU A 34 -6.34 -1.18 -13.44
CA LEU A 34 -6.49 0.10 -12.77
C LEU A 34 -5.49 0.18 -11.62
N TRP A 35 -5.78 1.07 -10.69
CA TRP A 35 -4.91 1.27 -9.53
C TRP A 35 -5.04 0.04 -8.64
N HIS A 36 -6.27 -0.31 -8.33
CA HIS A 36 -6.55 -1.46 -7.50
C HIS A 36 -5.72 -2.65 -7.97
N GLU A 37 -5.32 -2.60 -9.23
CA GLU A 37 -4.52 -3.65 -9.82
C GLU A 37 -3.12 -3.65 -9.22
N MET A 38 -2.62 -2.44 -8.97
CA MET A 38 -1.29 -2.28 -8.40
C MET A 38 -1.29 -2.63 -6.91
N TRP A 39 -2.40 -2.34 -6.27
CA TRP A 39 -2.55 -2.61 -4.84
C TRP A 39 -2.57 -4.13 -4.65
N HIS A 40 -3.32 -4.79 -5.51
CA HIS A 40 -3.43 -6.24 -5.46
C HIS A 40 -2.08 -6.88 -5.76
N GLU A 41 -1.57 -6.57 -6.95
CA GLU A 41 -0.29 -7.11 -7.38
C GLU A 41 0.82 -6.64 -6.43
N GLY A 42 0.67 -5.42 -5.96
CA GLY A 42 1.65 -4.84 -5.04
C GLY A 42 1.85 -5.73 -3.82
N LEU A 43 0.77 -5.90 -3.07
CA LEU A 43 0.81 -6.71 -1.86
C LEU A 43 1.23 -8.14 -2.25
N GLU A 44 0.85 -8.53 -3.45
CA GLU A 44 1.18 -9.86 -3.95
C GLU A 44 2.68 -10.10 -3.86
N GLU A 45 3.44 -9.14 -4.37
CA GLU A 45 4.89 -9.23 -4.36
C GLU A 45 5.43 -8.86 -2.98
N ALA A 46 4.89 -7.79 -2.42
CA ALA A 46 5.32 -7.32 -1.12
C ALA A 46 5.09 -8.45 -0.09
N SER A 47 3.90 -9.03 -0.15
CA SER A 47 3.54 -10.10 0.76
C SER A 47 4.43 -11.33 0.49
N ARG A 48 4.66 -11.58 -0.79
CA ARG A 48 5.48 -12.71 -1.20
C ARG A 48 6.86 -12.62 -0.54
N LEU A 49 7.40 -11.41 -0.52
CA LEU A 49 8.71 -11.18 0.06
C LEU A 49 8.61 -11.30 1.58
N TYR A 50 7.47 -10.86 2.11
CA TYR A 50 7.23 -10.92 3.54
C TYR A 50 6.97 -12.34 3.99
N PHE A 51 5.96 -12.95 3.38
CA PHE A 51 5.59 -14.31 3.72
C PHE A 51 6.60 -15.31 3.16
N GLY A 52 6.95 -15.10 1.89
CA GLY A 52 7.89 -15.98 1.23
C GLY A 52 9.27 -15.90 1.90
N GLU A 53 9.82 -14.70 1.90
CA GLU A 53 11.13 -14.47 2.50
C GLU A 53 11.01 -13.51 3.69
N ARG A 54 12.16 -13.09 4.18
CA ARG A 54 12.21 -12.17 5.31
C ARG A 54 12.81 -10.84 4.88
N ASN A 55 12.74 -10.57 3.58
CA ASN A 55 13.28 -9.34 3.04
C ASN A 55 12.15 -8.31 2.90
N VAL A 56 11.81 -7.70 4.03
CA VAL A 56 10.75 -6.70 4.05
C VAL A 56 11.09 -5.58 3.06
N LYS A 57 12.37 -5.48 2.75
CA LYS A 57 12.84 -4.47 1.81
C LYS A 57 12.04 -4.58 0.51
N GLY A 58 11.80 -5.81 0.11
CA GLY A 58 11.05 -6.06 -1.11
C GLY A 58 9.71 -5.33 -1.10
N MET A 59 8.93 -5.60 -0.06
CA MET A 59 7.63 -4.98 0.08
C MET A 59 7.75 -3.46 0.06
N PHE A 60 8.75 -2.96 0.78
CA PHE A 60 8.99 -1.53 0.85
C PHE A 60 9.31 -0.95 -0.53
N GLU A 61 10.10 -1.71 -1.28
CA GLU A 61 10.50 -1.29 -2.61
C GLU A 61 9.33 -1.48 -3.59
N VAL A 62 8.33 -2.22 -3.15
CA VAL A 62 7.16 -2.47 -3.96
C VAL A 62 6.20 -1.29 -3.87
N LEU A 63 5.98 -0.86 -2.64
CA LEU A 63 5.08 0.26 -2.40
C LEU A 63 5.80 1.57 -2.74
N GLU A 64 7.05 1.66 -2.30
CA GLU A 64 7.85 2.84 -2.56
C GLU A 64 7.50 3.43 -3.93
N PRO A 65 7.63 2.56 -4.98
CA PRO A 65 7.33 2.99 -6.34
C PRO A 65 5.83 3.09 -6.56
N LEU A 66 5.13 2.02 -6.22
CA LEU A 66 3.69 1.98 -6.38
C LEU A 66 3.08 3.24 -5.77
N HIS A 67 3.35 3.43 -4.49
CA HIS A 67 2.84 4.59 -3.78
C HIS A 67 3.34 5.87 -4.46
N ALA A 68 4.65 5.93 -4.63
CA ALA A 68 5.28 7.09 -5.25
C ALA A 68 4.54 7.41 -6.56
N MET A 69 4.38 6.39 -7.37
CA MET A 69 3.70 6.55 -8.66
C MET A 69 2.34 7.23 -8.46
N MET A 70 1.67 6.85 -7.39
CA MET A 70 0.36 7.41 -7.08
C MET A 70 0.47 8.90 -6.74
N GLU A 71 1.55 9.25 -6.06
CA GLU A 71 1.80 10.63 -5.67
C GLU A 71 2.13 11.48 -6.90
N ARG A 72 3.25 11.14 -7.52
CA ARG A 72 3.68 11.86 -8.70
C ARG A 72 2.70 11.64 -9.86
N GLY A 73 2.14 10.44 -9.90
CA GLY A 73 1.19 10.09 -10.94
C GLY A 73 -0.12 9.60 -10.33
N PRO A 74 -0.97 10.59 -9.93
CA PRO A 74 -2.26 10.28 -9.34
C PRO A 74 -3.25 9.83 -10.40
N GLN A 75 -4.02 10.78 -10.90
CA GLN A 75 -5.02 10.48 -11.91
C GLN A 75 -5.82 11.73 -12.26
N THR A 76 -6.78 12.04 -11.39
CA THR A 76 -7.62 13.22 -11.58
C THR A 76 -8.41 13.52 -10.31
N LEU A 77 -9.34 14.46 -10.44
CA LEU A 77 -10.16 14.86 -9.31
C LEU A 77 -10.97 13.65 -8.83
N LYS A 78 -11.22 12.73 -9.75
CA LYS A 78 -11.97 11.53 -9.43
C LYS A 78 -11.14 10.64 -8.51
N GLU A 79 -9.90 10.42 -8.93
CA GLU A 79 -8.99 9.58 -8.16
C GLU A 79 -8.49 10.35 -6.93
N THR A 80 -8.59 11.66 -7.01
CA THR A 80 -8.16 12.51 -5.92
C THR A 80 -8.81 12.08 -4.60
N SER A 81 -9.99 11.47 -4.73
CA SER A 81 -10.72 11.01 -3.57
C SER A 81 -10.06 9.75 -3.01
N PHE A 82 -9.65 8.88 -3.93
CA PHE A 82 -9.00 7.63 -3.53
C PHE A 82 -7.69 7.90 -2.80
N ASN A 83 -6.85 8.72 -3.42
CA ASN A 83 -5.57 9.06 -2.83
C ASN A 83 -5.80 9.82 -1.54
N GLN A 84 -6.91 10.53 -1.49
CA GLN A 84 -7.26 11.31 -0.31
C GLN A 84 -7.81 10.39 0.79
N ALA A 85 -8.82 9.61 0.41
CA ALA A 85 -9.44 8.69 1.34
C ALA A 85 -8.36 8.00 2.17
N TYR A 86 -7.36 7.48 1.48
CA TYR A 86 -6.27 6.80 2.14
C TYR A 86 -5.08 7.74 2.38
N GLY A 87 -5.13 8.87 1.68
CA GLY A 87 -4.08 9.86 1.80
C GLY A 87 -3.59 9.98 3.24
N ARG A 88 -4.55 9.94 4.16
CA ARG A 88 -4.23 10.03 5.58
C ARG A 88 -3.75 8.68 6.10
N ASP A 89 -4.54 7.65 5.84
CA ASP A 89 -4.22 6.31 6.28
C ASP A 89 -2.78 5.97 5.85
N LEU A 90 -2.56 6.08 4.55
CA LEU A 90 -1.24 5.79 3.99
C LEU A 90 -0.19 6.60 4.76
N MET A 91 -0.55 7.84 5.05
CA MET A 91 0.35 8.72 5.77
C MET A 91 0.79 8.11 7.09
N GLU A 92 -0.19 7.58 7.82
CA GLU A 92 0.07 6.96 9.10
C GLU A 92 0.98 5.74 8.93
N ALA A 93 0.53 4.83 8.08
CA ALA A 93 1.30 3.61 7.82
C ALA A 93 2.72 4.00 7.41
N GLN A 94 2.82 5.02 6.58
CA GLN A 94 4.11 5.49 6.10
C GLN A 94 4.99 5.88 7.28
N GLU A 95 4.39 6.56 8.24
CA GLU A 95 5.10 6.98 9.43
C GLU A 95 5.66 5.78 10.18
N TRP A 96 4.85 4.74 10.26
CA TRP A 96 5.24 3.52 10.94
C TRP A 96 6.36 2.86 10.13
N CYS A 97 6.26 3.02 8.82
CA CYS A 97 7.25 2.45 7.92
C CYS A 97 8.59 3.13 8.19
N ARG A 98 8.58 4.45 8.08
CA ARG A 98 9.78 5.23 8.31
C ARG A 98 10.38 4.91 9.68
N LYS A 99 9.49 4.68 10.64
CA LYS A 99 9.92 4.37 11.99
C LYS A 99 10.68 3.04 11.98
N TYR A 100 10.14 2.09 11.22
CA TYR A 100 10.76 0.77 11.12
C TYR A 100 12.07 0.85 10.32
N MET A 101 11.98 1.51 9.18
CA MET A 101 13.15 1.66 8.32
C MET A 101 14.30 2.34 9.07
N LYS A 102 13.93 3.29 9.91
CA LYS A 102 14.91 4.01 10.69
C LYS A 102 15.49 3.10 11.78
N SER A 103 14.58 2.61 12.63
CA SER A 103 14.99 1.73 13.71
C SER A 103 13.78 1.38 14.58
N GLY A 104 12.76 0.82 13.93
CA GLY A 104 11.55 0.44 14.62
C GLY A 104 11.56 -1.05 14.98
N ASN A 105 10.37 -1.62 15.05
CA ASN A 105 10.23 -3.03 15.38
C ASN A 105 9.14 -3.64 14.49
N VAL A 106 9.08 -4.97 14.53
CA VAL A 106 8.11 -5.70 13.74
C VAL A 106 6.69 -5.21 14.11
N LYS A 107 6.50 -5.00 15.40
CA LYS A 107 5.21 -4.54 15.90
C LYS A 107 4.76 -3.33 15.08
N ASP A 108 5.67 -2.38 14.92
CA ASP A 108 5.39 -1.19 14.16
C ASP A 108 5.16 -1.55 12.70
N LEU A 109 6.00 -2.46 12.21
CA LEU A 109 5.91 -2.91 10.83
C LEU A 109 4.50 -3.45 10.57
N THR A 110 4.01 -4.22 11.53
CA THR A 110 2.69 -4.81 11.42
C THR A 110 1.62 -3.73 11.41
N GLN A 111 1.77 -2.77 12.33
CA GLN A 111 0.83 -1.68 12.45
C GLN A 111 0.63 -1.02 11.08
N ALA A 112 1.74 -0.64 10.46
CA ALA A 112 1.69 0.00 9.16
C ALA A 112 0.98 -0.91 8.17
N TRP A 113 1.39 -2.17 8.16
CA TRP A 113 0.81 -3.15 7.27
C TRP A 113 -0.69 -3.20 7.55
N ASP A 114 -1.02 -3.17 8.84
CA ASP A 114 -2.41 -3.22 9.26
C ASP A 114 -3.19 -2.09 8.57
N LEU A 115 -2.64 -0.89 8.70
CA LEU A 115 -3.27 0.28 8.10
C LEU A 115 -3.44 0.05 6.59
N TYR A 116 -2.33 -0.32 5.96
CA TYR A 116 -2.34 -0.57 4.52
C TYR A 116 -3.40 -1.60 4.16
N TYR A 117 -3.30 -2.76 4.80
CA TYR A 117 -4.25 -3.83 4.55
C TYR A 117 -5.69 -3.32 4.60
N HIS A 118 -5.92 -2.40 5.52
CA HIS A 118 -7.25 -1.83 5.67
C HIS A 118 -7.65 -1.10 4.39
N VAL A 119 -6.71 -0.32 3.88
CA VAL A 119 -6.95 0.44 2.66
C VAL A 119 -6.88 -0.52 1.46
N PHE A 120 -5.99 -1.48 1.56
CA PHE A 120 -5.81 -2.46 0.50
C PHE A 120 -6.99 -3.43 0.45
N ARG A 121 -7.54 -3.70 1.62
CA ARG A 121 -8.67 -4.61 1.72
C ARG A 121 -9.97 -3.90 1.32
N ARG A 122 -9.96 -2.59 1.49
CA ARG A 122 -11.13 -1.78 1.16
C ARG A 122 -11.24 -1.63 -0.36
N ILE A 123 -10.13 -1.23 -0.98
CA ILE A 123 -10.10 -1.04 -2.41
C ILE A 123 -10.85 -2.20 -3.09
N SER A 124 -10.69 -3.38 -2.52
CA SER A 124 -11.34 -4.57 -3.06
C SER A 124 -12.79 -4.63 -2.57
N LYS A 125 -12.95 -4.39 -1.28
CA LYS A 125 -14.27 -4.42 -0.68
C LYS A 125 -15.19 -3.46 -1.42
N GLN A 126 -16.42 -3.91 -1.62
CA GLN A 126 -17.41 -3.10 -2.32
C GLN A 126 -16.98 -2.88 -3.78
N MET A 26 -2.32 -10.25 -12.73
CA MET A 26 -3.72 -9.95 -12.98
C MET A 26 -4.57 -11.23 -12.90
N GLU A 27 -5.88 -11.02 -12.85
CA GLU A 27 -6.80 -12.14 -12.77
C GLU A 27 -7.57 -12.28 -14.09
N LEU A 28 -7.47 -11.24 -14.91
CA LEU A 28 -8.14 -11.25 -16.20
C LEU A 28 -9.64 -11.05 -15.99
N ILE A 29 -9.99 -10.63 -14.78
CA ILE A 29 -11.38 -10.41 -14.44
C ILE A 29 -11.62 -8.90 -14.24
N ARG A 30 -11.26 -8.43 -13.06
CA ARG A 30 -11.42 -7.02 -12.74
C ARG A 30 -10.88 -6.15 -13.87
N VAL A 31 -11.54 -5.02 -14.06
CA VAL A 31 -11.13 -4.09 -15.11
C VAL A 31 -9.60 -4.05 -15.18
N PRO A 32 -9.09 -4.04 -16.44
CA PRO A 32 -7.66 -3.99 -16.67
C PRO A 32 -7.09 -2.60 -16.39
N ILE A 33 -7.97 -1.62 -16.53
CA ILE A 33 -7.58 -0.24 -16.30
C ILE A 33 -8.10 0.22 -14.94
N LEU A 34 -7.20 0.18 -13.96
CA LEU A 34 -7.54 0.58 -12.60
C LEU A 34 -6.29 0.52 -11.73
N TRP A 35 -6.35 1.26 -10.63
CA TRP A 35 -5.24 1.30 -9.69
C TRP A 35 -5.31 0.06 -8.81
N HIS A 36 -6.52 -0.30 -8.43
CA HIS A 36 -6.74 -1.46 -7.59
C HIS A 36 -5.90 -2.63 -8.10
N GLU A 37 -5.57 -2.56 -9.38
CA GLU A 37 -4.77 -3.60 -10.01
C GLU A 37 -3.35 -3.59 -9.45
N MET A 38 -2.83 -2.38 -9.27
CA MET A 38 -1.49 -2.21 -8.74
C MET A 38 -1.43 -2.58 -7.25
N TRP A 39 -2.54 -2.33 -6.57
CA TRP A 39 -2.63 -2.63 -5.16
C TRP A 39 -2.63 -4.14 -4.98
N HIS A 40 -3.50 -4.80 -5.73
CA HIS A 40 -3.60 -6.25 -5.68
C HIS A 40 -2.23 -6.87 -5.99
N GLU A 41 -1.73 -6.55 -7.18
CA GLU A 41 -0.45 -7.07 -7.62
C GLU A 41 0.66 -6.55 -6.70
N GLY A 42 0.55 -5.28 -6.35
CA GLY A 42 1.54 -4.65 -5.49
C GLY A 42 1.69 -5.42 -4.18
N LEU A 43 0.61 -5.46 -3.41
CA LEU A 43 0.61 -6.15 -2.14
C LEU A 43 0.99 -7.62 -2.37
N GLU A 44 0.59 -8.13 -3.53
CA GLU A 44 0.88 -9.51 -3.88
C GLU A 44 2.38 -9.78 -3.77
N GLU A 45 3.16 -8.94 -4.46
CA GLU A 45 4.60 -9.08 -4.45
C GLU A 45 5.17 -8.74 -3.06
N ALA A 46 4.74 -7.59 -2.55
CA ALA A 46 5.19 -7.14 -1.25
C ALA A 46 4.90 -8.23 -0.22
N SER A 47 3.68 -8.72 -0.24
CA SER A 47 3.27 -9.76 0.69
C SER A 47 4.19 -10.97 0.55
N ARG A 48 4.44 -11.35 -0.68
CA ARG A 48 5.31 -12.48 -0.96
C ARG A 48 6.70 -12.25 -0.37
N LEU A 49 7.12 -10.99 -0.40
CA LEU A 49 8.41 -10.61 0.13
C LEU A 49 8.40 -10.75 1.66
N TYR A 50 7.24 -10.46 2.23
CA TYR A 50 7.08 -10.54 3.67
C TYR A 50 6.79 -11.97 4.12
N PHE A 51 5.75 -12.54 3.52
CA PHE A 51 5.36 -13.90 3.83
C PHE A 51 6.34 -14.91 3.24
N GLY A 52 6.67 -14.70 1.98
CA GLY A 52 7.59 -15.58 1.29
C GLY A 52 9.01 -15.46 1.87
N GLU A 53 9.52 -14.25 1.84
CA GLU A 53 10.86 -14.00 2.36
C GLU A 53 10.78 -13.07 3.58
N ARG A 54 11.95 -12.66 4.05
CA ARG A 54 12.03 -11.79 5.21
C ARG A 54 12.64 -10.45 4.82
N ASN A 55 12.44 -10.08 3.56
CA ASN A 55 12.96 -8.83 3.05
C ASN A 55 11.88 -7.76 3.12
N VAL A 56 11.84 -7.06 4.24
CA VAL A 56 10.86 -6.02 4.44
C VAL A 56 11.12 -4.87 3.45
N LYS A 57 12.27 -4.96 2.80
CA LYS A 57 12.67 -3.95 1.83
C LYS A 57 11.80 -4.10 0.57
N GLY A 58 11.58 -5.35 0.20
CA GLY A 58 10.79 -5.65 -0.98
C GLY A 58 9.39 -5.04 -0.87
N MET A 59 8.70 -5.41 0.21
CA MET A 59 7.36 -4.90 0.44
C MET A 59 7.34 -3.37 0.48
N PHE A 60 8.29 -2.82 1.22
CA PHE A 60 8.41 -1.37 1.35
C PHE A 60 8.83 -0.74 0.03
N GLU A 61 9.70 -1.44 -0.68
CA GLU A 61 10.20 -0.96 -1.96
C GLU A 61 9.14 -1.14 -3.04
N VAL A 62 8.12 -1.93 -2.71
CA VAL A 62 7.04 -2.19 -3.63
C VAL A 62 6.01 -1.07 -3.53
N LEU A 63 5.71 -0.70 -2.30
CA LEU A 63 4.73 0.36 -2.05
C LEU A 63 5.38 1.72 -2.34
N GLU A 64 6.58 1.89 -1.81
CA GLU A 64 7.33 3.12 -2.00
C GLU A 64 7.04 3.71 -3.39
N PRO A 65 7.29 2.86 -4.43
CA PRO A 65 7.06 3.27 -5.80
C PRO A 65 5.57 3.29 -6.13
N LEU A 66 4.92 2.19 -5.83
CA LEU A 66 3.49 2.06 -6.09
C LEU A 66 2.77 3.30 -5.55
N HIS A 67 2.97 3.54 -4.26
CA HIS A 67 2.34 4.68 -3.62
C HIS A 67 2.79 5.98 -4.31
N ALA A 68 4.10 6.11 -4.42
CA ALA A 68 4.67 7.30 -5.05
C ALA A 68 4.00 7.50 -6.42
N MET A 69 3.91 6.42 -7.17
CA MET A 69 3.31 6.48 -8.49
C MET A 69 1.92 7.13 -8.43
N MET A 70 1.21 6.81 -7.36
CA MET A 70 -0.13 7.36 -7.18
C MET A 70 -0.06 8.86 -6.84
N GLU A 71 0.99 9.23 -6.15
CA GLU A 71 1.18 10.62 -5.76
C GLU A 71 1.54 11.46 -6.99
N ARG A 72 2.70 11.14 -7.56
CA ARG A 72 3.17 11.86 -8.73
C ARG A 72 2.36 11.46 -9.96
N GLY A 73 1.75 10.28 -9.88
CA GLY A 73 0.94 9.77 -10.97
C GLY A 73 -0.53 9.65 -10.57
N PRO A 74 -1.26 10.79 -10.74
CA PRO A 74 -2.68 10.82 -10.40
C PRO A 74 -3.51 10.07 -11.43
N GLN A 75 -4.81 10.31 -11.39
CA GLN A 75 -5.72 9.66 -12.31
C GLN A 75 -6.87 10.61 -12.67
N THR A 76 -7.76 10.81 -11.70
CA THR A 76 -8.91 11.69 -11.91
C THR A 76 -9.41 12.22 -10.57
N LEU A 77 -10.17 13.29 -10.64
CA LEU A 77 -10.73 13.91 -9.45
C LEU A 77 -11.41 12.84 -8.61
N LYS A 78 -11.87 11.80 -9.28
CA LYS A 78 -12.55 10.70 -8.61
C LYS A 78 -11.53 9.91 -7.79
N GLU A 79 -10.44 9.53 -8.45
CA GLU A 79 -9.40 8.77 -7.80
C GLU A 79 -8.67 9.64 -6.77
N THR A 80 -8.74 10.95 -7.00
CA THR A 80 -8.10 11.90 -6.11
C THR A 80 -8.56 11.69 -4.67
N SER A 81 -9.86 11.46 -4.53
CA SER A 81 -10.44 11.23 -3.23
C SER A 81 -9.90 9.96 -2.60
N PHE A 82 -9.94 8.89 -3.39
CA PHE A 82 -9.45 7.60 -2.93
C PHE A 82 -7.97 7.69 -2.55
N ASN A 83 -7.22 8.37 -3.40
CA ASN A 83 -5.79 8.54 -3.17
C ASN A 83 -5.58 9.46 -1.98
N GLN A 84 -6.52 10.37 -1.79
CA GLN A 84 -6.45 11.32 -0.70
C GLN A 84 -6.87 10.65 0.61
N ALA A 85 -8.07 10.08 0.59
CA ALA A 85 -8.58 9.41 1.77
C ALA A 85 -7.54 8.43 2.30
N TYR A 86 -6.77 7.87 1.38
CA TYR A 86 -5.73 6.93 1.74
C TYR A 86 -4.37 7.62 1.85
N GLY A 87 -4.25 8.74 1.14
CA GLY A 87 -3.02 9.49 1.14
C GLY A 87 -2.45 9.61 2.55
N ARG A 88 -3.34 9.87 3.49
CA ARG A 88 -2.94 10.01 4.89
C ARG A 88 -2.57 8.65 5.47
N ASP A 89 -3.41 7.67 5.20
CA ASP A 89 -3.18 6.32 5.69
C ASP A 89 -1.80 5.85 5.23
N LEU A 90 -1.56 5.99 3.93
CA LEU A 90 -0.29 5.57 3.36
C LEU A 90 0.85 6.32 4.06
N MET A 91 0.55 7.55 4.45
CA MET A 91 1.53 8.38 5.13
C MET A 91 1.86 7.82 6.52
N GLU A 92 0.80 7.44 7.23
CA GLU A 92 0.96 6.88 8.56
C GLU A 92 1.81 5.61 8.51
N ALA A 93 1.34 4.64 7.74
CA ALA A 93 2.05 3.39 7.59
C ALA A 93 3.49 3.66 7.18
N GLN A 94 3.64 4.61 6.27
CA GLN A 94 4.95 4.98 5.78
C GLN A 94 5.85 5.42 6.93
N GLU A 95 5.25 6.14 7.87
CA GLU A 95 5.99 6.62 9.03
C GLU A 95 6.42 5.44 9.91
N TRP A 96 5.54 4.45 9.97
CA TRP A 96 5.82 3.27 10.78
C TRP A 96 6.89 2.45 10.05
N CYS A 97 6.95 2.65 8.75
CA CYS A 97 7.92 1.93 7.92
C CYS A 97 9.31 2.48 8.23
N ARG A 98 9.46 3.78 8.01
CA ARG A 98 10.73 4.45 8.25
C ARG A 98 11.04 4.46 9.75
N LYS A 99 9.98 4.44 10.54
CA LYS A 99 10.13 4.44 11.99
C LYS A 99 10.66 3.09 12.45
N TYR A 100 10.18 2.04 11.78
CA TYR A 100 10.61 0.69 12.10
C TYR A 100 11.97 0.38 11.50
N MET A 101 12.13 0.76 10.24
CA MET A 101 13.39 0.52 9.54
C MET A 101 14.54 1.26 10.23
N LYS A 102 14.24 2.46 10.70
CA LYS A 102 15.24 3.27 11.37
C LYS A 102 15.67 2.58 12.66
N SER A 103 14.69 2.35 13.53
CA SER A 103 14.95 1.70 14.80
C SER A 103 13.63 1.50 15.57
N GLY A 104 12.90 0.49 15.16
CA GLY A 104 11.63 0.19 15.80
C GLY A 104 11.51 -1.31 16.11
N ASN A 105 10.30 -1.82 15.93
CA ASN A 105 10.05 -3.23 16.18
C ASN A 105 8.95 -3.73 15.25
N VAL A 106 8.93 -5.04 15.04
CA VAL A 106 7.94 -5.65 14.17
C VAL A 106 6.56 -5.07 14.50
N LYS A 107 6.35 -4.81 15.78
CA LYS A 107 5.08 -4.26 16.22
C LYS A 107 4.70 -3.07 15.35
N ASP A 108 5.68 -2.18 15.15
CA ASP A 108 5.46 -1.00 14.34
C ASP A 108 5.25 -1.42 12.89
N LEU A 109 6.02 -2.42 12.47
CA LEU A 109 5.93 -2.92 11.11
C LEU A 109 4.52 -3.49 10.88
N THR A 110 4.09 -4.29 11.84
CA THR A 110 2.77 -4.91 11.75
C THR A 110 1.68 -3.84 11.66
N GLN A 111 1.84 -2.80 12.48
CA GLN A 111 0.89 -1.71 12.50
C GLN A 111 0.75 -1.09 11.10
N ALA A 112 1.90 -0.79 10.51
CA ALA A 112 1.93 -0.20 9.18
C ALA A 112 1.20 -1.12 8.20
N TRP A 113 1.48 -2.42 8.34
CA TRP A 113 0.87 -3.41 7.47
C TRP A 113 -0.64 -3.37 7.73
N ASP A 114 -1.00 -3.08 8.97
CA ASP A 114 -2.40 -3.02 9.36
C ASP A 114 -3.09 -1.91 8.57
N LEU A 115 -2.48 -0.74 8.61
CA LEU A 115 -3.02 0.42 7.90
C LEU A 115 -3.22 0.06 6.42
N TYR A 116 -2.16 -0.44 5.82
CA TYR A 116 -2.21 -0.82 4.41
C TYR A 116 -3.31 -1.86 4.17
N TYR A 117 -3.34 -2.86 5.03
CA TYR A 117 -4.33 -3.92 4.93
C TYR A 117 -5.74 -3.34 4.77
N HIS A 118 -6.05 -2.38 5.64
CA HIS A 118 -7.35 -1.74 5.61
C HIS A 118 -7.53 -1.01 4.28
N VAL A 119 -6.44 -0.41 3.82
CA VAL A 119 -6.47 0.32 2.57
C VAL A 119 -6.64 -0.66 1.41
N PHE A 120 -5.71 -1.61 1.34
CA PHE A 120 -5.75 -2.62 0.28
C PHE A 120 -7.01 -3.48 0.39
N ARG A 121 -7.49 -3.61 1.62
CA ARG A 121 -8.69 -4.41 1.87
C ARG A 121 -9.94 -3.63 1.45
N ARG A 122 -9.84 -2.31 1.56
CA ARG A 122 -10.95 -1.44 1.20
C ARG A 122 -11.11 -1.40 -0.32
N ILE A 123 -10.00 -1.10 -0.99
CA ILE A 123 -10.01 -1.02 -2.44
C ILE A 123 -10.83 -2.18 -3.01
N SER A 124 -10.80 -3.29 -2.29
CA SER A 124 -11.54 -4.48 -2.71
C SER A 124 -12.99 -4.39 -2.22
N LYS A 125 -13.13 -4.19 -0.91
CA LYS A 125 -14.44 -4.09 -0.31
C LYS A 125 -15.36 -3.27 -1.23
N GLN A 126 -16.51 -3.85 -1.54
CA GLN A 126 -17.47 -3.19 -2.40
C GLN A 126 -18.85 -3.15 -1.72
N MET A 26 -22.01 2.97 -5.34
CA MET A 26 -22.51 2.00 -6.31
C MET A 26 -22.03 2.33 -7.71
N GLU A 27 -20.72 2.38 -7.86
CA GLU A 27 -20.11 2.68 -9.15
C GLU A 27 -20.46 1.59 -10.16
N LEU A 28 -20.98 0.48 -9.64
CA LEU A 28 -21.36 -0.64 -10.49
C LEU A 28 -20.11 -1.45 -10.83
N ILE A 29 -20.18 -2.12 -11.98
CA ILE A 29 -19.07 -2.94 -12.43
C ILE A 29 -17.75 -2.23 -12.10
N ARG A 30 -16.71 -3.03 -11.95
CA ARG A 30 -15.39 -2.49 -11.63
C ARG A 30 -14.45 -2.66 -12.83
N VAL A 31 -13.17 -2.54 -12.56
CA VAL A 31 -12.16 -2.66 -13.60
C VAL A 31 -10.98 -3.47 -13.06
N PRO A 32 -10.60 -4.52 -13.84
CA PRO A 32 -9.50 -5.38 -13.46
C PRO A 32 -8.16 -4.68 -13.69
N ILE A 33 -8.16 -3.77 -14.65
CA ILE A 33 -6.96 -3.03 -14.99
C ILE A 33 -7.13 -1.57 -14.56
N LEU A 34 -6.51 -1.24 -13.44
CA LEU A 34 -6.58 0.12 -12.91
C LEU A 34 -5.60 0.26 -11.75
N TRP A 35 -5.85 1.27 -10.93
CA TRP A 35 -5.00 1.53 -9.78
C TRP A 35 -5.16 0.36 -8.80
N HIS A 36 -6.42 0.06 -8.49
CA HIS A 36 -6.72 -1.02 -7.57
C HIS A 36 -5.89 -2.26 -7.94
N GLU A 37 -5.53 -2.32 -9.20
CA GLU A 37 -4.74 -3.44 -9.71
C GLU A 37 -3.32 -3.38 -9.14
N MET A 38 -2.85 -2.17 -8.92
CA MET A 38 -1.52 -1.96 -8.37
C MET A 38 -1.49 -2.26 -6.87
N TRP A 39 -2.61 -1.99 -6.23
CA TRP A 39 -2.73 -2.22 -4.80
C TRP A 39 -2.74 -3.73 -4.56
N HIS A 40 -3.60 -4.41 -5.31
CA HIS A 40 -3.71 -5.86 -5.18
C HIS A 40 -2.38 -6.50 -5.54
N GLU A 41 -1.94 -6.25 -6.76
CA GLU A 41 -0.68 -6.80 -7.24
C GLU A 41 0.48 -6.26 -6.41
N GLY A 42 0.34 -5.03 -5.97
CA GLY A 42 1.37 -4.39 -5.16
C GLY A 42 1.58 -5.16 -3.85
N LEU A 43 0.54 -5.16 -3.03
CA LEU A 43 0.60 -5.85 -1.75
C LEU A 43 0.85 -7.33 -1.99
N GLU A 44 0.32 -7.82 -3.09
CA GLU A 44 0.48 -9.23 -3.45
C GLU A 44 1.96 -9.61 -3.48
N GLU A 45 2.73 -8.77 -4.16
CA GLU A 45 4.17 -9.00 -4.27
C GLU A 45 4.86 -8.68 -2.95
N ALA A 46 4.54 -7.50 -2.43
CA ALA A 46 5.13 -7.06 -1.17
C ALA A 46 4.84 -8.10 -0.09
N SER A 47 3.65 -8.67 -0.15
CA SER A 47 3.25 -9.67 0.81
C SER A 47 3.93 -11.00 0.51
N ARG A 48 3.79 -11.44 -0.73
CA ARG A 48 4.39 -12.69 -1.17
C ARG A 48 5.87 -12.72 -0.78
N LEU A 49 6.54 -11.62 -1.02
CA LEU A 49 7.95 -11.51 -0.70
C LEU A 49 8.12 -11.47 0.82
N TYR A 50 7.33 -10.62 1.46
CA TYR A 50 7.39 -10.47 2.91
C TYR A 50 7.21 -11.83 3.59
N PHE A 51 6.23 -12.57 3.12
CA PHE A 51 5.95 -13.89 3.69
C PHE A 51 6.96 -14.92 3.19
N GLY A 52 7.18 -14.91 1.88
CA GLY A 52 8.10 -15.84 1.26
C GLY A 52 9.55 -15.31 1.35
N GLU A 53 9.81 -14.30 0.54
CA GLU A 53 11.14 -13.70 0.51
C GLU A 53 11.62 -13.42 1.93
N ARG A 54 10.66 -13.24 2.82
CA ARG A 54 10.98 -12.97 4.22
C ARG A 54 11.77 -11.68 4.34
N ASN A 55 11.69 -10.87 3.29
CA ASN A 55 12.39 -9.60 3.26
C ASN A 55 11.37 -8.46 3.19
N VAL A 56 11.40 -7.63 4.22
CA VAL A 56 10.48 -6.49 4.29
C VAL A 56 10.93 -5.42 3.30
N LYS A 57 12.23 -5.42 3.03
CA LYS A 57 12.80 -4.45 2.11
C LYS A 57 12.00 -4.46 0.80
N GLY A 58 11.54 -5.65 0.43
CA GLY A 58 10.76 -5.80 -0.79
C GLY A 58 9.45 -5.00 -0.70
N MET A 59 8.72 -5.25 0.36
CA MET A 59 7.45 -4.58 0.58
C MET A 59 7.62 -3.06 0.47
N PHE A 60 8.69 -2.57 1.09
CA PHE A 60 8.97 -1.16 1.08
C PHE A 60 9.35 -0.68 -0.32
N GLU A 61 10.08 -1.53 -1.03
CA GLU A 61 10.52 -1.21 -2.37
C GLU A 61 9.35 -1.37 -3.35
N VAL A 62 8.30 -2.02 -2.87
CA VAL A 62 7.12 -2.23 -3.69
C VAL A 62 6.21 -1.01 -3.62
N LEU A 63 6.04 -0.51 -2.40
CA LEU A 63 5.21 0.67 -2.17
C LEU A 63 5.97 1.92 -2.62
N GLU A 64 7.23 1.99 -2.21
CA GLU A 64 8.07 3.12 -2.56
C GLU A 64 7.72 3.61 -3.97
N PRO A 65 7.82 2.68 -4.95
CA PRO A 65 7.52 3.01 -6.33
C PRO A 65 6.01 3.15 -6.56
N LEU A 66 5.28 2.13 -6.11
CA LEU A 66 3.84 2.13 -6.26
C LEU A 66 3.28 3.47 -5.77
N HIS A 67 3.61 3.79 -4.52
CA HIS A 67 3.15 5.04 -3.92
C HIS A 67 3.62 6.22 -4.77
N ALA A 68 4.92 6.25 -5.02
CA ALA A 68 5.51 7.32 -5.81
C ALA A 68 4.73 7.45 -7.13
N MET A 69 4.55 6.33 -7.79
CA MET A 69 3.83 6.31 -9.04
C MET A 69 2.50 7.04 -8.93
N MET A 70 1.85 6.83 -7.80
CA MET A 70 0.56 7.46 -7.54
C MET A 70 0.72 8.98 -7.36
N GLU A 71 1.86 9.36 -6.82
CA GLU A 71 2.15 10.77 -6.59
C GLU A 71 2.53 11.44 -7.90
N ARG A 72 3.64 11.00 -8.47
CA ARG A 72 4.12 11.57 -9.72
C ARG A 72 3.22 11.13 -10.88
N GLY A 73 2.45 10.08 -10.63
CA GLY A 73 1.54 9.56 -11.63
C GLY A 73 0.09 9.65 -11.16
N PRO A 74 -0.46 10.88 -11.23
CA PRO A 74 -1.84 11.10 -10.81
C PRO A 74 -2.83 10.56 -11.85
N GLN A 75 -4.06 11.05 -11.76
CA GLN A 75 -5.10 10.62 -12.68
C GLN A 75 -6.11 11.75 -12.89
N THR A 76 -6.96 11.94 -11.91
CA THR A 76 -7.98 12.98 -11.98
C THR A 76 -8.47 13.35 -10.58
N LEU A 77 -9.37 14.33 -10.54
CA LEU A 77 -9.93 14.77 -9.29
C LEU A 77 -10.74 13.64 -8.65
N LYS A 78 -11.25 12.77 -9.52
CA LYS A 78 -12.04 11.65 -9.06
C LYS A 78 -11.14 10.68 -8.29
N GLU A 79 -9.93 10.51 -8.79
CA GLU A 79 -8.97 9.61 -8.16
C GLU A 79 -8.36 10.28 -6.93
N THR A 80 -8.35 11.61 -6.96
CA THR A 80 -7.80 12.38 -5.85
C THR A 80 -8.47 11.98 -4.54
N SER A 81 -9.71 11.54 -4.66
CA SER A 81 -10.47 11.12 -3.48
C SER A 81 -9.96 9.76 -2.98
N PHE A 82 -9.61 8.91 -3.94
CA PHE A 82 -9.12 7.59 -3.62
C PHE A 82 -7.80 7.66 -2.86
N ASN A 83 -6.87 8.42 -3.42
CA ASN A 83 -5.57 8.59 -2.80
C ASN A 83 -5.73 9.29 -1.46
N GLN A 84 -6.76 10.13 -1.39
CA GLN A 84 -7.04 10.86 -0.16
C GLN A 84 -7.73 9.97 0.86
N ALA A 85 -8.72 9.23 0.38
CA ALA A 85 -9.46 8.32 1.25
C ALA A 85 -8.48 7.56 2.14
N TYR A 86 -7.43 7.06 1.52
CA TYR A 86 -6.41 6.32 2.25
C TYR A 86 -5.21 7.20 2.56
N GLY A 87 -5.12 8.31 1.84
CA GLY A 87 -4.01 9.24 2.04
C GLY A 87 -3.67 9.38 3.52
N ARG A 88 -4.68 9.18 4.35
CA ARG A 88 -4.49 9.28 5.79
C ARG A 88 -3.85 8.00 6.33
N ASP A 89 -4.39 6.87 5.89
CA ASP A 89 -3.87 5.58 6.33
C ASP A 89 -2.41 5.45 5.89
N LEU A 90 -2.21 5.59 4.59
CA LEU A 90 -0.87 5.48 4.03
C LEU A 90 0.07 6.41 4.80
N MET A 91 -0.40 7.63 5.01
CA MET A 91 0.40 8.62 5.73
C MET A 91 0.92 8.05 7.04
N GLU A 92 0.01 7.45 7.80
CA GLU A 92 0.37 6.86 9.08
C GLU A 92 1.21 5.60 8.87
N ALA A 93 0.72 4.75 7.98
CA ALA A 93 1.42 3.51 7.68
C ALA A 93 2.86 3.82 7.30
N GLN A 94 3.02 4.83 6.46
CA GLN A 94 4.34 5.24 6.01
C GLN A 94 5.19 5.70 7.20
N GLU A 95 4.52 6.39 8.12
CA GLU A 95 5.20 6.90 9.31
C GLU A 95 5.78 5.73 10.12
N TRP A 96 5.03 4.65 10.15
CA TRP A 96 5.45 3.47 10.89
C TRP A 96 6.54 2.77 10.07
N CYS A 97 6.50 3.00 8.77
CA CYS A 97 7.47 2.39 7.87
C CYS A 97 8.83 3.05 8.13
N ARG A 98 8.86 4.36 7.95
CA ARG A 98 10.09 5.11 8.16
C ARG A 98 10.50 5.06 9.63
N LYS A 99 9.50 4.91 10.49
CA LYS A 99 9.74 4.84 11.92
C LYS A 99 10.42 3.51 12.25
N TYR A 100 10.04 2.49 11.50
CA TYR A 100 10.61 1.16 11.69
C TYR A 100 12.02 1.07 11.12
N MET A 101 12.17 1.59 9.90
CA MET A 101 13.45 1.58 9.23
C MET A 101 14.50 2.34 10.03
N LYS A 102 14.07 3.47 10.59
CA LYS A 102 14.96 4.30 11.38
C LYS A 102 15.43 3.50 12.61
N SER A 103 14.47 3.06 13.39
CA SER A 103 14.77 2.29 14.59
C SER A 103 13.47 1.94 15.32
N GLY A 104 12.78 0.94 14.80
CA GLY A 104 11.53 0.50 15.39
C GLY A 104 11.57 -0.99 15.71
N ASN A 105 10.40 -1.61 15.63
CA ASN A 105 10.28 -3.03 15.91
C ASN A 105 9.28 -3.65 14.93
N VAL A 106 9.06 -4.95 15.12
CA VAL A 106 8.13 -5.68 14.27
C VAL A 106 6.70 -5.23 14.57
N LYS A 107 6.44 -5.05 15.86
CA LYS A 107 5.12 -4.62 16.30
C LYS A 107 4.69 -3.41 15.49
N ASP A 108 5.60 -2.44 15.39
CA ASP A 108 5.33 -1.22 14.65
C ASP A 108 5.17 -1.56 13.16
N LEU A 109 6.07 -2.42 12.69
CA LEU A 109 6.04 -2.83 11.30
C LEU A 109 4.69 -3.48 10.99
N THR A 110 4.28 -4.37 11.87
CA THR A 110 3.02 -5.07 11.70
C THR A 110 1.86 -4.08 11.64
N GLN A 111 1.93 -3.08 12.52
CA GLN A 111 0.91 -2.06 12.56
C GLN A 111 0.76 -1.38 11.20
N ALA A 112 1.89 -0.95 10.66
CA ALA A 112 1.90 -0.29 9.37
C ALA A 112 1.27 -1.20 8.33
N TRP A 113 1.74 -2.45 8.32
CA TRP A 113 1.23 -3.43 7.38
C TRP A 113 -0.28 -3.53 7.56
N ASP A 114 -0.71 -3.30 8.79
CA ASP A 114 -2.12 -3.36 9.12
C ASP A 114 -2.86 -2.22 8.41
N LEU A 115 -2.30 -1.03 8.55
CA LEU A 115 -2.89 0.14 7.92
C LEU A 115 -3.08 -0.13 6.42
N TYR A 116 -2.00 -0.54 5.79
CA TYR A 116 -2.05 -0.84 4.36
C TYR A 116 -3.11 -1.88 4.05
N TYR A 117 -2.97 -3.03 4.70
CA TYR A 117 -3.92 -4.13 4.50
C TYR A 117 -5.36 -3.64 4.64
N HIS A 118 -5.52 -2.59 5.43
CA HIS A 118 -6.83 -2.01 5.65
C HIS A 118 -7.31 -1.30 4.38
N VAL A 119 -6.49 -0.38 3.91
CA VAL A 119 -6.81 0.38 2.71
C VAL A 119 -6.87 -0.58 1.51
N PHE A 120 -5.89 -1.47 1.47
CA PHE A 120 -5.81 -2.44 0.39
C PHE A 120 -6.97 -3.42 0.46
N ARG A 121 -7.43 -3.66 1.68
CA ARG A 121 -8.53 -4.58 1.90
C ARG A 121 -9.86 -3.91 1.53
N ARG A 122 -9.89 -2.60 1.67
CA ARG A 122 -11.08 -1.83 1.36
C ARG A 122 -11.26 -1.71 -0.16
N ILE A 123 -10.19 -1.28 -0.81
CA ILE A 123 -10.22 -1.12 -2.26
C ILE A 123 -10.86 -2.35 -2.89
N SER A 124 -10.61 -3.50 -2.27
CA SER A 124 -11.17 -4.75 -2.76
C SER A 124 -12.64 -4.87 -2.37
N LYS A 125 -12.90 -4.58 -1.10
CA LYS A 125 -14.26 -4.64 -0.58
C LYS A 125 -15.22 -4.06 -1.62
N GLN A 126 -16.20 -4.86 -1.99
CA GLN A 126 -17.19 -4.44 -2.97
C GLN A 126 -18.19 -3.47 -2.32
N MET A 26 -0.41 -12.04 -12.68
CA MET A 26 -1.66 -12.47 -12.09
C MET A 26 -2.57 -11.27 -11.80
N GLU A 27 -3.54 -11.07 -12.69
CA GLU A 27 -4.48 -9.97 -12.55
C GLU A 27 -5.84 -10.50 -12.11
N LEU A 28 -6.01 -11.81 -12.22
CA LEU A 28 -7.25 -12.45 -11.84
C LEU A 28 -8.43 -11.63 -12.39
N ILE A 29 -9.61 -11.95 -11.89
CA ILE A 29 -10.82 -11.26 -12.34
C ILE A 29 -10.63 -9.76 -12.14
N ARG A 30 -9.85 -9.41 -11.13
CA ARG A 30 -9.58 -8.02 -10.84
C ARG A 30 -9.20 -7.26 -12.11
N VAL A 31 -9.92 -6.18 -12.37
CA VAL A 31 -9.66 -5.37 -13.54
C VAL A 31 -8.15 -5.25 -13.75
N PRO A 32 -7.71 -5.53 -15.00
CA PRO A 32 -6.29 -5.46 -15.34
C PRO A 32 -5.84 -4.00 -15.48
N ILE A 33 -6.78 -3.17 -15.93
CA ILE A 33 -6.49 -1.75 -16.11
C ILE A 33 -7.22 -0.95 -15.02
N LEU A 34 -6.53 -0.78 -13.90
CA LEU A 34 -7.11 -0.03 -12.79
C LEU A 34 -6.06 0.09 -11.68
N TRP A 35 -6.30 1.03 -10.78
CA TRP A 35 -5.39 1.26 -9.67
C TRP A 35 -5.49 0.06 -8.73
N HIS A 36 -6.71 -0.26 -8.34
CA HIS A 36 -6.94 -1.38 -7.45
C HIS A 36 -6.15 -2.59 -7.93
N GLU A 37 -5.86 -2.60 -9.23
CA GLU A 37 -5.11 -3.69 -9.82
C GLU A 37 -3.66 -3.67 -9.33
N MET A 38 -3.15 -2.46 -9.15
CA MET A 38 -1.78 -2.29 -8.69
C MET A 38 -1.66 -2.62 -7.20
N TRP A 39 -2.74 -2.36 -6.48
CA TRP A 39 -2.78 -2.62 -5.06
C TRP A 39 -2.75 -4.13 -4.85
N HIS A 40 -3.65 -4.81 -5.54
CA HIS A 40 -3.73 -6.26 -5.45
C HIS A 40 -2.39 -6.88 -5.81
N GLU A 41 -1.94 -6.57 -7.02
CA GLU A 41 -0.67 -7.09 -7.50
C GLU A 41 0.48 -6.57 -6.63
N GLY A 42 0.35 -5.33 -6.22
CA GLY A 42 1.37 -4.70 -5.38
C GLY A 42 1.58 -5.50 -4.09
N LEU A 43 0.54 -5.54 -3.28
CA LEU A 43 0.60 -6.26 -2.02
C LEU A 43 0.93 -7.73 -2.29
N GLU A 44 0.47 -8.19 -3.44
CA GLU A 44 0.72 -9.57 -3.84
C GLU A 44 2.20 -9.90 -3.78
N GLU A 45 2.98 -9.07 -4.46
CA GLU A 45 4.43 -9.26 -4.48
C GLU A 45 5.04 -8.90 -3.12
N ALA A 46 4.64 -7.73 -2.64
CA ALA A 46 5.14 -7.27 -1.35
C ALA A 46 4.87 -8.33 -0.29
N SER A 47 3.64 -8.81 -0.27
CA SER A 47 3.25 -9.83 0.69
C SER A 47 4.11 -11.08 0.50
N ARG A 48 4.30 -11.45 -0.76
CA ARG A 48 5.09 -12.62 -1.08
C ARG A 48 6.52 -12.47 -0.54
N LEU A 49 6.99 -11.23 -0.53
CA LEU A 49 8.32 -10.94 -0.04
C LEU A 49 8.36 -11.13 1.48
N TYR A 50 7.31 -10.65 2.12
CA TYR A 50 7.20 -10.78 3.57
C TYR A 50 6.85 -12.20 3.98
N PHE A 51 5.75 -12.68 3.43
CA PHE A 51 5.29 -14.03 3.73
C PHE A 51 6.22 -15.08 3.13
N GLY A 52 6.53 -14.88 1.85
CA GLY A 52 7.41 -15.80 1.15
C GLY A 52 8.85 -15.68 1.65
N GLU A 53 9.40 -14.47 1.51
CA GLU A 53 10.76 -14.21 1.94
C GLU A 53 10.75 -13.44 3.27
N ARG A 54 11.91 -12.90 3.61
CA ARG A 54 12.05 -12.16 4.85
C ARG A 54 12.65 -10.77 4.56
N ASN A 55 12.52 -10.36 3.31
CA ASN A 55 13.04 -9.06 2.90
C ASN A 55 11.92 -8.03 2.96
N VAL A 56 11.87 -7.33 4.08
CA VAL A 56 10.85 -6.31 4.28
C VAL A 56 11.08 -5.16 3.29
N LYS A 57 12.23 -5.21 2.64
CA LYS A 57 12.59 -4.19 1.67
C LYS A 57 11.75 -4.38 0.41
N GLY A 58 11.54 -5.64 0.06
CA GLY A 58 10.75 -5.98 -1.12
C GLY A 58 9.37 -5.32 -1.07
N MET A 59 8.67 -5.60 0.02
CA MET A 59 7.33 -5.04 0.20
C MET A 59 7.38 -3.51 0.24
N PHE A 60 8.30 -3.00 1.06
CA PHE A 60 8.47 -1.56 1.20
C PHE A 60 8.83 -0.92 -0.14
N GLU A 61 9.74 -1.57 -0.85
CA GLU A 61 10.19 -1.08 -2.13
C GLU A 61 9.10 -1.28 -3.18
N VAL A 62 8.11 -2.08 -2.82
CA VAL A 62 7.00 -2.36 -3.72
C VAL A 62 5.95 -1.26 -3.58
N LEU A 63 5.66 -0.91 -2.34
CA LEU A 63 4.68 0.12 -2.07
C LEU A 63 5.31 1.50 -2.30
N GLU A 64 6.53 1.64 -1.84
CA GLU A 64 7.25 2.89 -1.99
C GLU A 64 6.95 3.52 -3.35
N PRO A 65 7.17 2.71 -4.42
CA PRO A 65 6.91 3.16 -5.77
C PRO A 65 5.42 3.21 -6.07
N LEU A 66 4.75 2.11 -5.73
CA LEU A 66 3.32 2.01 -5.96
C LEU A 66 2.63 3.27 -5.43
N HIS A 67 2.88 3.55 -4.16
CA HIS A 67 2.29 4.72 -3.52
C HIS A 67 2.76 5.98 -4.24
N ALA A 68 4.08 6.09 -4.40
CA ALA A 68 4.66 7.24 -5.05
C ALA A 68 3.97 7.44 -6.41
N MET A 69 3.87 6.36 -7.16
CA MET A 69 3.24 6.41 -8.47
C MET A 69 1.87 7.09 -8.39
N MET A 70 1.14 6.76 -7.34
CA MET A 70 -0.19 7.33 -7.14
C MET A 70 -0.10 8.84 -6.90
N GLU A 71 0.97 9.23 -6.21
CA GLU A 71 1.19 10.64 -5.91
C GLU A 71 1.64 11.39 -7.16
N ARG A 72 2.80 11.00 -7.66
CA ARG A 72 3.35 11.62 -8.85
C ARG A 72 2.57 11.21 -10.09
N GLY A 73 1.67 10.26 -9.89
CA GLY A 73 0.83 9.76 -10.98
C GLY A 73 -0.65 9.85 -10.62
N PRO A 74 -1.13 11.13 -10.52
CA PRO A 74 -2.53 11.37 -10.19
C PRO A 74 -3.43 11.09 -11.39
N GLN A 75 -4.63 11.65 -11.33
CA GLN A 75 -5.60 11.47 -12.40
C GLN A 75 -6.57 12.65 -12.45
N THR A 76 -7.47 12.68 -11.48
CA THR A 76 -8.45 13.74 -11.41
C THR A 76 -9.02 13.83 -9.99
N LEU A 77 -9.87 14.84 -9.80
CA LEU A 77 -10.48 15.05 -8.50
C LEU A 77 -11.18 13.78 -8.05
N LYS A 78 -11.58 12.98 -9.04
CA LYS A 78 -12.25 11.72 -8.76
C LYS A 78 -11.23 10.71 -8.23
N GLU A 79 -10.12 10.60 -8.93
CA GLU A 79 -9.06 9.68 -8.54
C GLU A 79 -8.41 10.15 -7.24
N THR A 80 -8.28 11.46 -7.12
CA THR A 80 -7.67 12.05 -5.93
C THR A 80 -8.39 11.55 -4.67
N SER A 81 -9.69 11.38 -4.79
CA SER A 81 -10.50 10.91 -3.68
C SER A 81 -9.92 9.59 -3.13
N PHE A 82 -9.44 8.77 -4.05
CA PHE A 82 -8.87 7.49 -3.68
C PHE A 82 -7.51 7.68 -3.01
N ASN A 83 -6.63 8.40 -3.71
CA ASN A 83 -5.30 8.65 -3.20
C ASN A 83 -5.40 9.50 -1.92
N GLN A 84 -6.45 10.32 -1.88
CA GLN A 84 -6.67 11.18 -0.73
C GLN A 84 -7.26 10.38 0.44
N ALA A 85 -8.32 9.65 0.14
CA ALA A 85 -8.98 8.83 1.14
C ALA A 85 -7.92 8.12 1.99
N TYR A 86 -7.01 7.46 1.29
CA TYR A 86 -5.94 6.73 1.96
C TYR A 86 -4.68 7.60 2.09
N GLY A 87 -4.67 8.67 1.31
CA GLY A 87 -3.53 9.58 1.33
C GLY A 87 -2.96 9.74 2.74
N ARG A 88 -3.86 9.99 3.68
CA ARG A 88 -3.47 10.15 5.08
C ARG A 88 -3.07 8.81 5.67
N ASP A 89 -3.89 7.80 5.41
CA ASP A 89 -3.63 6.47 5.93
C ASP A 89 -2.24 6.02 5.49
N LEU A 90 -2.01 6.08 4.17
CA LEU A 90 -0.73 5.69 3.61
C LEU A 90 0.38 6.48 4.31
N MET A 91 0.06 7.72 4.64
CA MET A 91 1.02 8.60 5.30
C MET A 91 1.40 8.05 6.68
N GLU A 92 0.38 7.67 7.43
CA GLU A 92 0.58 7.13 8.77
C GLU A 92 1.44 5.88 8.70
N ALA A 93 0.98 4.92 7.90
CA ALA A 93 1.69 3.67 7.74
C ALA A 93 3.15 3.95 7.39
N GLN A 94 3.32 4.94 6.52
CA GLN A 94 4.66 5.33 6.08
C GLN A 94 5.51 5.76 7.28
N GLU A 95 4.89 6.52 8.16
CA GLU A 95 5.57 7.01 9.34
C GLU A 95 6.03 5.83 10.21
N TRP A 96 5.19 4.81 10.25
CA TRP A 96 5.50 3.61 11.03
C TRP A 96 6.60 2.85 10.31
N CYS A 97 6.61 2.97 8.99
CA CYS A 97 7.61 2.30 8.17
C CYS A 97 8.97 2.92 8.48
N ARG A 98 9.06 4.22 8.26
CA ARG A 98 10.30 4.94 8.51
C ARG A 98 10.77 4.71 9.94
N LYS A 99 9.81 4.79 10.87
CA LYS A 99 10.11 4.60 12.27
C LYS A 99 10.69 3.20 12.48
N TYR A 100 10.15 2.25 11.72
CA TYR A 100 10.60 0.87 11.82
C TYR A 100 11.95 0.70 11.10
N MET A 101 12.04 1.25 9.91
CA MET A 101 13.25 1.16 9.12
C MET A 101 14.45 1.71 9.89
N LYS A 102 14.16 2.71 10.73
CA LYS A 102 15.20 3.33 11.53
C LYS A 102 15.27 2.65 12.90
N SER A 103 14.12 2.63 13.57
CA SER A 103 14.03 2.02 14.88
C SER A 103 14.19 0.50 14.76
N GLY A 104 13.23 -0.11 14.09
CA GLY A 104 13.25 -1.55 13.89
C GLY A 104 12.38 -2.26 14.93
N ASN A 105 11.14 -2.52 14.55
CA ASN A 105 10.21 -3.19 15.44
C ASN A 105 9.02 -3.70 14.63
N VAL A 106 8.90 -5.02 14.56
CA VAL A 106 7.81 -5.64 13.83
C VAL A 106 6.49 -5.01 14.26
N LYS A 107 6.41 -4.70 15.54
CA LYS A 107 5.19 -4.09 16.08
C LYS A 107 4.79 -2.91 15.21
N ASP A 108 5.76 -2.05 14.95
CA ASP A 108 5.52 -0.88 14.12
C ASP A 108 5.29 -1.31 12.67
N LEU A 109 5.97 -2.38 12.30
CA LEU A 109 5.86 -2.91 10.95
C LEU A 109 4.43 -3.40 10.72
N THR A 110 3.95 -4.20 11.66
CA THR A 110 2.60 -4.74 11.58
C THR A 110 1.57 -3.62 11.54
N GLN A 111 1.71 -2.71 12.49
CA GLN A 111 0.80 -1.57 12.58
C GLN A 111 0.69 -0.87 11.23
N ALA A 112 1.85 -0.55 10.67
CA ALA A 112 1.89 0.12 9.38
C ALA A 112 1.18 -0.74 8.34
N TRP A 113 1.45 -2.03 8.40
CA TRP A 113 0.84 -2.98 7.46
C TRP A 113 -0.67 -2.95 7.70
N ASP A 114 -1.04 -2.90 8.96
CA ASP A 114 -2.45 -2.88 9.33
C ASP A 114 -3.14 -1.73 8.59
N LEU A 115 -2.51 -0.57 8.64
CA LEU A 115 -3.05 0.61 7.97
C LEU A 115 -3.20 0.32 6.48
N TYR A 116 -2.09 -0.07 5.88
CA TYR A 116 -2.08 -0.37 4.46
C TYR A 116 -3.14 -1.42 4.11
N TYR A 117 -3.04 -2.56 4.77
CA TYR A 117 -3.97 -3.65 4.54
C TYR A 117 -5.42 -3.15 4.59
N HIS A 118 -5.67 -2.27 5.55
CA HIS A 118 -7.00 -1.72 5.73
C HIS A 118 -7.43 -1.02 4.43
N VAL A 119 -6.52 -0.24 3.88
CA VAL A 119 -6.79 0.48 2.64
C VAL A 119 -6.81 -0.51 1.48
N PHE A 120 -5.88 -1.46 1.53
CA PHE A 120 -5.79 -2.47 0.49
C PHE A 120 -7.00 -3.40 0.51
N ARG A 121 -7.54 -3.59 1.71
CA ARG A 121 -8.69 -4.45 1.87
C ARG A 121 -9.97 -3.72 1.44
N ARG A 122 -10.00 -2.43 1.72
CA ARG A 122 -11.15 -1.62 1.36
C ARG A 122 -11.29 -1.55 -0.16
N ILE A 123 -10.19 -1.20 -0.82
CA ILE A 123 -10.19 -1.10 -2.26
C ILE A 123 -10.90 -2.31 -2.87
N SER A 124 -10.63 -3.47 -2.27
CA SER A 124 -11.23 -4.70 -2.73
C SER A 124 -12.67 -4.82 -2.20
N LYS A 125 -12.80 -4.63 -0.89
CA LYS A 125 -14.10 -4.71 -0.26
C LYS A 125 -15.14 -4.03 -1.16
N GLN A 126 -16.08 -4.84 -1.64
CA GLN A 126 -17.13 -4.33 -2.51
C GLN A 126 -17.99 -3.31 -1.76
N MET A 26 3.78 -11.77 -9.99
CA MET A 26 2.43 -12.19 -9.67
C MET A 26 1.48 -11.00 -9.62
N GLU A 27 0.92 -10.69 -10.79
CA GLU A 27 -0.01 -9.57 -10.89
C GLU A 27 -1.29 -9.88 -10.12
N LEU A 28 -1.71 -11.13 -10.20
CA LEU A 28 -2.92 -11.56 -9.50
C LEU A 28 -4.14 -11.19 -10.34
N ILE A 29 -4.86 -12.22 -10.77
CA ILE A 29 -6.05 -12.01 -11.58
C ILE A 29 -6.80 -10.77 -11.08
N ARG A 30 -6.88 -9.77 -11.95
CA ARG A 30 -7.56 -8.54 -11.60
C ARG A 30 -7.53 -7.57 -12.79
N VAL A 31 -8.52 -6.69 -12.81
CA VAL A 31 -8.61 -5.70 -13.89
C VAL A 31 -7.21 -5.21 -14.24
N PRO A 32 -6.97 -5.09 -15.58
CA PRO A 32 -5.68 -4.64 -16.08
C PRO A 32 -5.53 -3.13 -15.87
N ILE A 33 -6.42 -2.39 -16.52
CA ILE A 33 -6.38 -0.94 -16.44
C ILE A 33 -7.17 -0.49 -15.20
N LEU A 34 -6.45 -0.38 -14.09
CA LEU A 34 -7.07 0.04 -12.84
C LEU A 34 -6.00 0.22 -11.78
N TRP A 35 -6.30 1.06 -10.80
CA TRP A 35 -5.37 1.31 -9.71
C TRP A 35 -5.40 0.12 -8.77
N HIS A 36 -6.61 -0.29 -8.43
CA HIS A 36 -6.79 -1.43 -7.53
C HIS A 36 -5.91 -2.59 -7.97
N GLU A 37 -5.55 -2.56 -9.25
CA GLU A 37 -4.71 -3.60 -9.82
C GLU A 37 -3.29 -3.50 -9.25
N MET A 38 -2.86 -2.27 -9.02
CA MET A 38 -1.54 -2.02 -8.47
C MET A 38 -1.51 -2.28 -6.96
N TRP A 39 -2.65 -2.03 -6.34
CA TRP A 39 -2.75 -2.23 -4.90
C TRP A 39 -2.76 -3.74 -4.63
N HIS A 40 -3.56 -4.45 -5.41
CA HIS A 40 -3.66 -5.89 -5.26
C HIS A 40 -2.32 -6.53 -5.61
N GLU A 41 -1.89 -6.31 -6.84
CA GLU A 41 -0.62 -6.86 -7.30
C GLU A 41 0.54 -6.31 -6.47
N GLY A 42 0.41 -5.04 -6.11
CA GLY A 42 1.43 -4.38 -5.32
C GLY A 42 1.63 -5.08 -3.97
N LEU A 43 0.58 -5.02 -3.16
CA LEU A 43 0.63 -5.65 -1.85
C LEU A 43 0.87 -7.15 -2.01
N GLU A 44 0.41 -7.68 -3.13
CA GLU A 44 0.57 -9.09 -3.42
C GLU A 44 2.05 -9.48 -3.33
N GLU A 45 2.87 -8.75 -4.08
CA GLU A 45 4.30 -9.01 -4.09
C GLU A 45 4.91 -8.66 -2.74
N ALA A 46 4.61 -7.45 -2.28
CA ALA A 46 5.13 -6.98 -1.01
C ALA A 46 4.75 -7.98 0.08
N SER A 47 3.48 -8.37 0.09
CA SER A 47 2.99 -9.31 1.07
C SER A 47 3.78 -10.61 1.00
N ARG A 48 4.08 -11.02 -0.22
CA ARG A 48 4.84 -12.24 -0.44
C ARG A 48 6.24 -12.11 0.16
N LEU A 49 6.77 -10.90 0.09
CA LEU A 49 8.09 -10.64 0.62
C LEU A 49 8.05 -10.70 2.15
N TYR A 50 6.93 -10.25 2.70
CA TYR A 50 6.75 -10.25 4.14
C TYR A 50 6.27 -11.61 4.62
N PHE A 51 5.15 -12.05 4.06
CA PHE A 51 4.59 -13.33 4.43
C PHE A 51 5.40 -14.49 3.84
N GLY A 52 5.72 -14.36 2.57
CA GLY A 52 6.49 -15.38 1.87
C GLY A 52 7.96 -15.35 2.33
N GLU A 53 8.63 -14.26 1.97
CA GLU A 53 10.04 -14.10 2.33
C GLU A 53 10.15 -13.30 3.63
N ARG A 54 11.38 -12.89 3.92
CA ARG A 54 11.65 -12.12 5.12
C ARG A 54 12.36 -10.81 4.76
N ASN A 55 12.18 -10.39 3.53
CA ASN A 55 12.79 -9.16 3.05
C ASN A 55 11.73 -8.06 3.00
N VAL A 56 11.68 -7.29 4.08
CA VAL A 56 10.72 -6.19 4.17
C VAL A 56 11.01 -5.17 3.08
N LYS A 57 12.26 -5.19 2.61
CA LYS A 57 12.68 -4.27 1.57
C LYS A 57 11.78 -4.45 0.35
N GLY A 58 11.40 -5.70 0.10
CA GLY A 58 10.54 -6.01 -1.02
C GLY A 58 9.29 -5.12 -1.03
N MET A 59 8.63 -5.07 0.11
CA MET A 59 7.43 -4.27 0.25
C MET A 59 7.74 -2.79 0.09
N PHE A 60 8.70 -2.33 0.89
CA PHE A 60 9.10 -0.94 0.86
C PHE A 60 9.43 -0.49 -0.57
N GLU A 61 10.21 -1.33 -1.25
CA GLU A 61 10.60 -1.04 -2.62
C GLU A 61 9.41 -1.26 -3.57
N VAL A 62 8.41 -1.94 -3.05
CA VAL A 62 7.21 -2.22 -3.84
C VAL A 62 6.23 -1.06 -3.70
N LEU A 63 6.10 -0.57 -2.48
CA LEU A 63 5.21 0.54 -2.21
C LEU A 63 5.86 1.85 -2.65
N GLU A 64 7.16 1.93 -2.39
CA GLU A 64 7.91 3.12 -2.75
C GLU A 64 7.51 3.61 -4.14
N PRO A 65 7.58 2.67 -5.12
CA PRO A 65 7.22 2.99 -6.50
C PRO A 65 5.70 3.09 -6.65
N LEU A 66 5.01 2.10 -6.10
CA LEU A 66 3.56 2.06 -6.18
C LEU A 66 3.00 3.42 -5.73
N HIS A 67 3.39 3.82 -4.53
CA HIS A 67 2.94 5.08 -3.97
C HIS A 67 3.37 6.23 -4.89
N ALA A 68 4.66 6.23 -5.21
CA ALA A 68 5.22 7.26 -6.07
C ALA A 68 4.40 7.33 -7.36
N MET A 69 4.21 6.17 -7.96
CA MET A 69 3.46 6.08 -9.20
C MET A 69 2.10 6.79 -9.07
N MET A 70 1.51 6.66 -7.90
CA MET A 70 0.22 7.28 -7.63
C MET A 70 0.35 8.80 -7.54
N GLU A 71 1.50 9.23 -7.04
CA GLU A 71 1.77 10.65 -6.89
C GLU A 71 2.04 11.28 -8.26
N ARG A 72 3.12 10.83 -8.88
CA ARG A 72 3.52 11.33 -10.18
C ARG A 72 2.57 10.79 -11.26
N GLY A 73 1.89 9.70 -10.92
CA GLY A 73 0.97 9.08 -11.85
C GLY A 73 -0.45 9.03 -11.26
N PRO A 74 -1.11 10.22 -11.24
CA PRO A 74 -2.46 10.31 -10.71
C PRO A 74 -3.48 9.71 -11.67
N GLN A 75 -4.73 10.06 -11.46
CA GLN A 75 -5.81 9.57 -12.30
C GLN A 75 -6.74 10.73 -12.71
N THR A 76 -7.13 11.49 -11.71
CA THR A 76 -8.03 12.62 -11.95
C THR A 76 -8.32 13.35 -10.64
N LEU A 77 -8.81 14.58 -10.77
CA LEU A 77 -9.15 15.38 -9.62
C LEU A 77 -10.00 14.56 -8.64
N LYS A 78 -10.70 13.58 -9.20
CA LYS A 78 -11.55 12.71 -8.40
C LYS A 78 -10.67 11.75 -7.60
N GLU A 79 -9.57 11.33 -8.22
CA GLU A 79 -8.65 10.42 -7.57
C GLU A 79 -8.34 10.89 -6.15
N THR A 80 -8.54 12.19 -5.94
CA THR A 80 -8.29 12.78 -4.64
C THR A 80 -9.05 12.02 -3.54
N SER A 81 -10.30 11.69 -3.86
CA SER A 81 -11.12 10.96 -2.91
C SER A 81 -10.41 9.70 -2.45
N PHE A 82 -9.83 8.99 -3.41
CA PHE A 82 -9.11 7.77 -3.10
C PHE A 82 -7.78 8.07 -2.40
N ASN A 83 -6.99 8.91 -3.04
CA ASN A 83 -5.70 9.29 -2.48
C ASN A 83 -5.90 9.87 -1.08
N GLN A 84 -7.01 10.57 -0.92
CA GLN A 84 -7.33 11.18 0.36
C GLN A 84 -7.95 10.14 1.30
N ALA A 85 -8.90 9.38 0.76
CA ALA A 85 -9.57 8.37 1.54
C ALA A 85 -8.54 7.62 2.40
N TYR A 86 -7.49 7.15 1.73
CA TYR A 86 -6.43 6.43 2.42
C TYR A 86 -5.22 7.33 2.66
N GLY A 87 -5.23 8.48 2.00
CA GLY A 87 -4.15 9.43 2.13
C GLY A 87 -3.69 9.55 3.59
N ARG A 88 -4.65 9.42 4.49
CA ARG A 88 -4.36 9.49 5.91
C ARG A 88 -3.80 8.17 6.42
N ASP A 89 -4.38 7.08 5.93
CA ASP A 89 -3.94 5.76 6.32
C ASP A 89 -2.48 5.55 5.90
N LEU A 90 -2.26 5.68 4.59
CA LEU A 90 -0.93 5.52 4.05
C LEU A 90 0.04 6.42 4.82
N MET A 91 -0.40 7.64 5.05
CA MET A 91 0.42 8.61 5.77
C MET A 91 0.95 8.02 7.08
N GLU A 92 0.04 7.43 7.84
CA GLU A 92 0.41 6.82 9.11
C GLU A 92 1.19 5.53 8.87
N ALA A 93 0.66 4.71 7.98
CA ALA A 93 1.31 3.44 7.66
C ALA A 93 2.76 3.70 7.25
N GLN A 94 2.94 4.73 6.43
CA GLN A 94 4.27 5.09 5.97
C GLN A 94 5.13 5.54 7.14
N GLU A 95 4.51 6.27 8.06
CA GLU A 95 5.20 6.77 9.22
C GLU A 95 5.79 5.61 10.03
N TRP A 96 5.04 4.53 10.08
CA TRP A 96 5.46 3.35 10.81
C TRP A 96 6.57 2.66 10.00
N CYS A 97 6.45 2.79 8.68
CA CYS A 97 7.43 2.20 7.79
C CYS A 97 8.78 2.89 8.01
N ARG A 98 8.73 4.21 8.02
CA ARG A 98 9.94 5.00 8.22
C ARG A 98 10.50 4.75 9.62
N LYS A 99 9.60 4.67 10.59
CA LYS A 99 9.99 4.44 11.97
C LYS A 99 10.68 3.07 12.07
N TYR A 100 10.21 2.15 11.25
CA TYR A 100 10.78 0.81 11.24
C TYR A 100 12.17 0.80 10.61
N MET A 101 12.27 1.46 9.46
CA MET A 101 13.53 1.54 8.75
C MET A 101 14.59 2.26 9.60
N LYS A 102 14.11 3.17 10.43
CA LYS A 102 15.00 3.93 11.30
C LYS A 102 15.22 3.16 12.60
N SER A 103 14.12 2.78 13.22
CA SER A 103 14.17 2.04 14.47
C SER A 103 14.39 0.55 14.19
N GLY A 104 13.38 -0.05 13.58
CA GLY A 104 13.43 -1.46 13.25
C GLY A 104 12.65 -2.30 14.27
N ASN A 105 11.37 -2.47 13.99
CA ASN A 105 10.51 -3.25 14.87
C ASN A 105 9.42 -3.92 14.04
N VAL A 106 9.22 -5.21 14.31
CA VAL A 106 8.22 -5.98 13.60
C VAL A 106 6.82 -5.56 14.07
N LYS A 107 6.71 -5.33 15.37
CA LYS A 107 5.45 -4.92 15.96
C LYS A 107 4.94 -3.66 15.24
N ASP A 108 5.84 -2.69 15.14
CA ASP A 108 5.50 -1.44 14.48
C ASP A 108 5.23 -1.70 13.00
N LEU A 109 6.12 -2.48 12.40
CA LEU A 109 5.99 -2.81 10.99
C LEU A 109 4.64 -3.50 10.76
N THR A 110 4.26 -4.33 11.72
CA THR A 110 3.00 -5.06 11.63
C THR A 110 1.82 -4.08 11.59
N GLN A 111 1.83 -3.16 12.54
CA GLN A 111 0.77 -2.17 12.62
C GLN A 111 0.63 -1.43 11.29
N ALA A 112 1.77 -1.00 10.76
CA ALA A 112 1.77 -0.29 9.50
C ALA A 112 1.11 -1.14 8.43
N TRP A 113 1.53 -2.40 8.38
CA TRP A 113 0.98 -3.33 7.41
C TRP A 113 -0.54 -3.36 7.57
N ASP A 114 -0.97 -3.26 8.83
CA ASP A 114 -2.39 -3.28 9.14
C ASP A 114 -3.07 -2.10 8.44
N LEU A 115 -2.46 -0.93 8.57
CA LEU A 115 -3.00 0.27 7.96
C LEU A 115 -3.18 0.02 6.46
N TYR A 116 -2.10 -0.40 5.82
CA TYR A 116 -2.13 -0.67 4.40
C TYR A 116 -3.21 -1.69 4.05
N TYR A 117 -3.12 -2.85 4.69
CA TYR A 117 -4.09 -3.92 4.46
C TYR A 117 -5.52 -3.39 4.59
N HIS A 118 -5.69 -2.42 5.47
CA HIS A 118 -6.99 -1.83 5.68
C HIS A 118 -7.46 -1.12 4.40
N VAL A 119 -6.62 -0.22 3.91
CA VAL A 119 -6.93 0.50 2.70
C VAL A 119 -6.95 -0.46 1.51
N PHE A 120 -5.96 -1.32 1.48
CA PHE A 120 -5.84 -2.30 0.41
C PHE A 120 -6.99 -3.30 0.47
N ARG A 121 -7.48 -3.53 1.67
CA ARG A 121 -8.58 -4.46 1.89
C ARG A 121 -9.90 -3.82 1.45
N ARG A 122 -9.98 -2.51 1.64
CA ARG A 122 -11.18 -1.78 1.28
C ARG A 122 -11.34 -1.73 -0.24
N ILE A 123 -10.27 -1.31 -0.90
CA ILE A 123 -10.27 -1.21 -2.35
C ILE A 123 -10.93 -2.46 -2.94
N SER A 124 -10.63 -3.59 -2.32
CA SER A 124 -11.19 -4.86 -2.77
C SER A 124 -12.62 -5.02 -2.24
N LYS A 125 -12.75 -4.89 -0.94
CA LYS A 125 -14.05 -5.03 -0.30
C LYS A 125 -15.11 -4.34 -1.16
N GLN A 126 -16.31 -4.89 -1.12
CA GLN A 126 -17.42 -4.35 -1.89
C GLN A 126 -18.38 -3.58 -0.99
N MET A 26 -12.79 -11.36 1.59
CA MET A 26 -11.91 -11.01 0.49
C MET A 26 -12.54 -11.38 -0.86
N GLU A 27 -13.13 -10.37 -1.49
CA GLU A 27 -13.77 -10.58 -2.78
C GLU A 27 -12.72 -10.80 -3.86
N LEU A 28 -11.48 -10.55 -3.50
CA LEU A 28 -10.37 -10.71 -4.43
C LEU A 28 -10.48 -9.66 -5.53
N ILE A 29 -10.61 -8.41 -5.10
CA ILE A 29 -10.71 -7.31 -6.04
C ILE A 29 -11.83 -7.60 -7.04
N ARG A 30 -12.10 -6.62 -7.88
CA ARG A 30 -13.14 -6.76 -8.89
C ARG A 30 -12.91 -5.76 -10.03
N VAL A 31 -11.67 -5.72 -10.50
CA VAL A 31 -11.31 -4.82 -11.59
C VAL A 31 -10.16 -5.43 -12.39
N PRO A 32 -10.29 -5.31 -13.73
CA PRO A 32 -9.27 -5.85 -14.63
C PRO A 32 -8.03 -4.96 -14.64
N ILE A 33 -8.16 -3.80 -15.24
CA ILE A 33 -7.06 -2.85 -15.31
C ILE A 33 -7.47 -1.55 -14.60
N LEU A 34 -6.71 -1.23 -13.56
CA LEU A 34 -6.97 -0.02 -12.79
C LEU A 34 -5.97 0.07 -11.64
N TRP A 35 -5.98 1.21 -10.98
CA TRP A 35 -5.08 1.43 -9.86
C TRP A 35 -5.19 0.23 -8.93
N HIS A 36 -6.42 -0.10 -8.56
CA HIS A 36 -6.68 -1.22 -7.68
C HIS A 36 -5.87 -2.44 -8.15
N GLU A 37 -5.53 -2.42 -9.44
CA GLU A 37 -4.77 -3.51 -10.02
C GLU A 37 -3.32 -3.48 -9.50
N MET A 38 -2.83 -2.27 -9.30
CA MET A 38 -1.47 -2.10 -8.82
C MET A 38 -1.39 -2.35 -7.30
N TRP A 39 -2.50 -2.07 -6.63
CA TRP A 39 -2.57 -2.27 -5.19
C TRP A 39 -2.54 -3.77 -4.92
N HIS A 40 -3.40 -4.48 -5.63
CA HIS A 40 -3.50 -5.93 -5.48
C HIS A 40 -2.16 -6.57 -5.85
N GLU A 41 -1.71 -6.28 -7.07
CA GLU A 41 -0.45 -6.82 -7.56
C GLU A 41 0.69 -6.40 -6.63
N GLY A 42 0.66 -5.14 -6.23
CA GLY A 42 1.69 -4.61 -5.35
C GLY A 42 1.87 -5.51 -4.12
N LEU A 43 0.81 -5.59 -3.33
CA LEU A 43 0.83 -6.40 -2.12
C LEU A 43 1.21 -7.83 -2.49
N GLU A 44 0.82 -8.22 -3.70
CA GLU A 44 1.11 -9.56 -4.18
C GLU A 44 2.61 -9.86 -4.08
N GLU A 45 3.38 -8.99 -4.71
CA GLU A 45 4.83 -9.14 -4.69
C GLU A 45 5.39 -8.85 -3.29
N ALA A 46 4.91 -7.75 -2.73
CA ALA A 46 5.35 -7.34 -1.41
C ALA A 46 5.08 -8.46 -0.41
N SER A 47 3.87 -9.00 -0.48
CA SER A 47 3.48 -10.08 0.39
C SER A 47 4.45 -11.27 0.25
N ARG A 48 4.75 -11.59 -1.00
CA ARG A 48 5.66 -12.68 -1.29
C ARG A 48 7.03 -12.41 -0.67
N LEU A 49 7.38 -11.13 -0.61
CA LEU A 49 8.65 -10.73 -0.05
C LEU A 49 8.63 -10.94 1.47
N TYR A 50 7.45 -10.72 2.04
CA TYR A 50 7.28 -10.88 3.47
C TYR A 50 7.01 -12.34 3.83
N PHE A 51 5.99 -12.90 3.21
CA PHE A 51 5.63 -14.29 3.45
C PHE A 51 6.68 -15.24 2.88
N GLY A 52 7.05 -14.98 1.64
CA GLY A 52 8.04 -15.81 0.97
C GLY A 52 9.36 -15.82 1.74
N GLU A 53 9.89 -14.62 1.95
CA GLU A 53 11.14 -14.48 2.68
C GLU A 53 10.98 -13.47 3.82
N ARG A 54 11.98 -13.45 4.69
CA ARG A 54 11.96 -12.55 5.83
C ARG A 54 12.58 -11.20 5.45
N ASN A 55 12.21 -10.73 4.26
CA ASN A 55 12.73 -9.46 3.77
C ASN A 55 11.56 -8.53 3.45
N VAL A 56 11.19 -7.74 4.45
CA VAL A 56 10.09 -6.80 4.29
C VAL A 56 10.53 -5.65 3.37
N LYS A 57 11.84 -5.57 3.17
CA LYS A 57 12.40 -4.53 2.32
C LYS A 57 11.66 -4.52 0.98
N GLY A 58 11.45 -5.72 0.45
CA GLY A 58 10.76 -5.85 -0.82
C GLY A 58 9.42 -5.13 -0.79
N MET A 59 8.62 -5.45 0.21
CA MET A 59 7.31 -4.84 0.35
C MET A 59 7.42 -3.32 0.36
N PHE A 60 8.36 -2.82 1.14
CA PHE A 60 8.57 -1.38 1.24
C PHE A 60 9.01 -0.80 -0.10
N GLU A 61 9.85 -1.55 -0.79
CA GLU A 61 10.36 -1.13 -2.10
C GLU A 61 9.28 -1.29 -3.17
N VAL A 62 8.24 -2.03 -2.79
CA VAL A 62 7.13 -2.28 -3.71
C VAL A 62 6.15 -1.11 -3.64
N LEU A 63 5.88 -0.69 -2.41
CA LEU A 63 4.96 0.41 -2.18
C LEU A 63 5.65 1.73 -2.51
N GLU A 64 6.87 1.87 -2.01
CA GLU A 64 7.64 3.07 -2.25
C GLU A 64 7.36 3.62 -3.65
N PRO A 65 7.55 2.74 -4.66
CA PRO A 65 7.32 3.12 -6.04
C PRO A 65 5.82 3.20 -6.34
N LEU A 66 5.13 2.12 -6.01
CA LEU A 66 3.70 2.04 -6.24
C LEU A 66 3.03 3.30 -5.69
N HIS A 67 3.26 3.55 -4.41
CA HIS A 67 2.69 4.71 -3.75
C HIS A 67 3.18 5.99 -4.46
N ALA A 68 4.49 6.05 -4.63
CA ALA A 68 5.09 7.21 -5.27
C ALA A 68 4.40 7.46 -6.61
N MET A 69 4.27 6.41 -7.39
CA MET A 69 3.63 6.50 -8.69
C MET A 69 2.25 7.17 -8.57
N MET A 70 1.55 6.82 -7.50
CA MET A 70 0.23 7.39 -7.26
C MET A 70 0.32 8.87 -6.94
N GLU A 71 1.41 9.24 -6.28
CA GLU A 71 1.62 10.63 -5.90
C GLU A 71 2.00 11.46 -7.15
N ARG A 72 3.14 11.12 -7.73
CA ARG A 72 3.62 11.82 -8.91
C ARG A 72 2.76 11.45 -10.12
N GLY A 73 2.04 10.35 -9.99
CA GLY A 73 1.17 9.89 -11.06
C GLY A 73 -0.30 9.91 -10.63
N PRO A 74 -0.90 11.12 -10.67
CA PRO A 74 -2.29 11.28 -10.28
C PRO A 74 -3.23 10.75 -11.37
N GLN A 75 -4.47 11.18 -11.29
CA GLN A 75 -5.47 10.77 -12.26
C GLN A 75 -6.46 11.90 -12.54
N THR A 76 -7.41 12.04 -11.62
CA THR A 76 -8.42 13.08 -11.75
C THR A 76 -9.03 13.42 -10.39
N LEU A 77 -10.05 14.26 -10.42
CA LEU A 77 -10.71 14.67 -9.19
C LEU A 77 -11.32 13.43 -8.51
N LYS A 78 -11.74 12.50 -9.34
CA LYS A 78 -12.34 11.27 -8.83
C LYS A 78 -11.28 10.46 -8.09
N GLU A 79 -10.08 10.45 -8.66
CA GLU A 79 -8.96 9.72 -8.08
C GLU A 79 -8.38 10.51 -6.91
N THR A 80 -8.65 11.80 -6.90
CA THR A 80 -8.16 12.67 -5.85
C THR A 80 -8.71 12.24 -4.49
N SER A 81 -9.96 11.79 -4.51
CA SER A 81 -10.62 11.34 -3.30
C SER A 81 -10.00 10.04 -2.82
N PHE A 82 -9.63 9.20 -3.79
CA PHE A 82 -9.03 7.91 -3.48
C PHE A 82 -7.70 8.09 -2.75
N ASN A 83 -6.84 8.90 -3.36
CA ASN A 83 -5.52 9.16 -2.78
C ASN A 83 -5.70 9.84 -1.43
N GLN A 84 -6.79 10.58 -1.30
CA GLN A 84 -7.09 11.29 -0.06
C GLN A 84 -7.68 10.33 0.96
N ALA A 85 -8.54 9.44 0.47
CA ALA A 85 -9.19 8.46 1.33
C ALA A 85 -8.11 7.64 2.05
N TYR A 86 -6.95 7.57 1.42
CA TYR A 86 -5.84 6.81 2.01
C TYR A 86 -4.66 7.73 2.30
N GLY A 87 -4.72 8.94 1.75
CA GLY A 87 -3.66 9.90 1.95
C GLY A 87 -3.22 9.94 3.42
N ARG A 88 -4.20 9.83 4.30
CA ARG A 88 -3.93 9.84 5.72
C ARG A 88 -3.46 8.46 6.19
N ASP A 89 -3.89 7.45 5.46
CA ASP A 89 -3.53 6.08 5.78
C ASP A 89 -2.11 5.79 5.27
N LEU A 90 -1.92 6.08 3.99
CA LEU A 90 -0.63 5.85 3.36
C LEU A 90 0.45 6.63 4.12
N MET A 91 0.11 7.86 4.46
CA MET A 91 1.03 8.72 5.19
C MET A 91 1.27 8.18 6.60
N GLU A 92 0.20 7.72 7.21
CA GLU A 92 0.28 7.18 8.56
C GLU A 92 1.09 5.88 8.57
N ALA A 93 0.61 4.92 7.77
CA ALA A 93 1.28 3.64 7.68
C ALA A 93 2.73 3.85 7.25
N GLN A 94 2.90 4.73 6.27
CA GLN A 94 4.23 5.04 5.77
C GLN A 94 5.13 5.54 6.90
N GLU A 95 4.54 6.34 7.76
CA GLU A 95 5.27 6.90 8.89
C GLU A 95 5.72 5.78 9.83
N TRP A 96 4.85 4.80 10.00
CA TRP A 96 5.15 3.67 10.86
C TRP A 96 6.32 2.89 10.24
N CYS A 97 6.33 2.86 8.92
CA CYS A 97 7.37 2.16 8.19
C CYS A 97 8.71 2.82 8.53
N ARG A 98 8.73 4.14 8.45
CA ARG A 98 9.93 4.90 8.75
C ARG A 98 10.39 4.64 10.19
N LYS A 99 9.40 4.54 11.07
CA LYS A 99 9.68 4.30 12.47
C LYS A 99 10.41 2.97 12.62
N TYR A 100 9.96 1.99 11.87
CA TYR A 100 10.57 0.67 11.91
C TYR A 100 11.92 0.67 11.19
N MET A 101 11.92 1.24 10.00
CA MET A 101 13.14 1.31 9.21
C MET A 101 14.25 2.03 9.97
N LYS A 102 13.83 2.95 10.83
CA LYS A 102 14.78 3.71 11.63
C LYS A 102 14.96 3.03 12.98
N SER A 103 13.85 2.85 13.68
CA SER A 103 13.86 2.21 14.98
C SER A 103 14.14 0.72 14.84
N GLY A 104 13.22 0.04 14.16
CA GLY A 104 13.34 -1.39 13.94
C GLY A 104 12.47 -2.16 14.93
N ASN A 105 11.20 -2.30 14.57
CA ASN A 105 10.27 -3.02 15.42
C ASN A 105 9.14 -3.57 14.55
N VAL A 106 8.98 -4.89 14.59
CA VAL A 106 7.95 -5.55 13.82
C VAL A 106 6.58 -4.99 14.22
N LYS A 107 6.55 -4.40 15.40
CA LYS A 107 5.31 -3.81 15.91
C LYS A 107 4.87 -2.68 14.99
N ASP A 108 5.81 -1.79 14.71
CA ASP A 108 5.52 -0.65 13.85
C ASP A 108 5.34 -1.15 12.41
N LEU A 109 6.14 -2.14 12.05
CA LEU A 109 6.09 -2.70 10.72
C LEU A 109 4.73 -3.39 10.52
N THR A 110 4.36 -4.20 11.51
CA THR A 110 3.10 -4.91 11.47
C THR A 110 1.93 -3.94 11.36
N GLN A 111 2.01 -2.87 12.14
CA GLN A 111 0.97 -1.86 12.14
C GLN A 111 0.86 -1.22 10.75
N ALA A 112 2.01 -0.93 10.17
CA ALA A 112 2.06 -0.32 8.85
C ALA A 112 1.31 -1.22 7.86
N TRP A 113 1.58 -2.51 7.95
CA TRP A 113 0.95 -3.47 7.07
C TRP A 113 -0.55 -3.50 7.40
N ASP A 114 -0.84 -3.25 8.66
CA ASP A 114 -2.22 -3.25 9.13
C ASP A 114 -2.98 -2.10 8.45
N LEU A 115 -2.39 -0.92 8.53
CA LEU A 115 -2.99 0.26 7.94
C LEU A 115 -3.20 0.01 6.44
N TYR A 116 -2.16 -0.49 5.80
CA TYR A 116 -2.23 -0.78 4.38
C TYR A 116 -3.30 -1.83 4.06
N TYR A 117 -3.28 -2.89 4.86
CA TYR A 117 -4.25 -3.97 4.68
C TYR A 117 -5.67 -3.42 4.58
N HIS A 118 -6.00 -2.54 5.51
CA HIS A 118 -7.32 -1.93 5.54
C HIS A 118 -7.54 -1.11 4.26
N VAL A 119 -6.51 -0.35 3.92
CA VAL A 119 -6.57 0.49 2.72
C VAL A 119 -6.75 -0.40 1.50
N PHE A 120 -5.82 -1.33 1.33
CA PHE A 120 -5.86 -2.24 0.20
C PHE A 120 -7.09 -3.15 0.27
N ARG A 121 -7.55 -3.37 1.50
CA ARG A 121 -8.70 -4.22 1.73
C ARG A 121 -9.98 -3.48 1.32
N ARG A 122 -9.91 -2.16 1.38
CA ARG A 122 -11.06 -1.34 1.03
C ARG A 122 -11.19 -1.25 -0.49
N ILE A 123 -10.09 -0.90 -1.14
CA ILE A 123 -10.07 -0.78 -2.58
C ILE A 123 -10.81 -1.96 -3.20
N SER A 124 -10.69 -3.11 -2.54
CA SER A 124 -11.34 -4.32 -3.00
C SER A 124 -12.79 -4.35 -2.51
N LYS A 125 -12.94 -4.20 -1.21
CA LYS A 125 -14.27 -4.22 -0.61
C LYS A 125 -15.23 -3.38 -1.46
N GLN A 126 -16.51 -3.64 -1.28
CA GLN A 126 -17.54 -2.93 -2.03
C GLN A 126 -17.24 -2.99 -3.53
N MET A 26 3.35 -10.68 -12.85
CA MET A 26 2.36 -11.43 -12.11
C MET A 26 1.27 -10.50 -11.55
N GLU A 27 0.11 -10.56 -12.18
CA GLU A 27 -1.02 -9.73 -11.76
C GLU A 27 -2.17 -10.61 -11.27
N LEU A 28 -2.05 -11.91 -11.57
CA LEU A 28 -3.08 -12.86 -11.17
C LEU A 28 -4.35 -12.59 -11.97
N ILE A 29 -5.36 -12.09 -11.27
CA ILE A 29 -6.63 -11.79 -11.90
C ILE A 29 -7.19 -10.50 -11.30
N ARG A 30 -7.28 -9.48 -12.16
CA ARG A 30 -7.81 -8.20 -11.73
C ARG A 30 -7.78 -7.21 -12.90
N VAL A 31 -8.75 -6.31 -12.89
CA VAL A 31 -8.86 -5.31 -13.95
C VAL A 31 -7.45 -4.83 -14.33
N PRO A 32 -7.28 -4.56 -15.64
CA PRO A 32 -6.00 -4.10 -16.14
C PRO A 32 -5.77 -2.62 -15.79
N ILE A 33 -6.20 -1.75 -16.67
CA ILE A 33 -6.05 -0.32 -16.46
C ILE A 33 -6.86 0.09 -15.23
N LEU A 34 -6.26 -0.12 -14.07
CA LEU A 34 -6.91 0.22 -12.81
C LEU A 34 -5.86 0.36 -11.71
N TRP A 35 -6.20 1.14 -10.70
CA TRP A 35 -5.30 1.36 -9.59
C TRP A 35 -5.37 0.14 -8.67
N HIS A 36 -6.59 -0.23 -8.31
CA HIS A 36 -6.81 -1.38 -7.45
C HIS A 36 -5.97 -2.56 -7.95
N GLU A 37 -5.62 -2.50 -9.23
CA GLU A 37 -4.83 -3.55 -9.83
C GLU A 37 -3.41 -3.55 -9.27
N MET A 38 -2.93 -2.35 -8.98
CA MET A 38 -1.59 -2.19 -8.44
C MET A 38 -1.57 -2.49 -6.94
N TRP A 39 -2.69 -2.15 -6.29
CA TRP A 39 -2.81 -2.37 -4.86
C TRP A 39 -2.85 -3.88 -4.61
N HIS A 40 -3.68 -4.55 -5.39
CA HIS A 40 -3.82 -6.00 -5.27
C HIS A 40 -2.50 -6.67 -5.66
N GLU A 41 -2.06 -6.40 -6.88
CA GLU A 41 -0.83 -6.97 -7.38
C GLU A 41 0.35 -6.54 -6.50
N GLY A 42 0.25 -5.31 -6.01
CA GLY A 42 1.30 -4.76 -5.17
C GLY A 42 1.54 -5.63 -3.93
N LEU A 43 0.49 -5.73 -3.13
CA LEU A 43 0.56 -6.54 -1.90
C LEU A 43 0.85 -7.99 -2.28
N GLU A 44 0.37 -8.38 -3.44
CA GLU A 44 0.57 -9.73 -3.93
C GLU A 44 2.06 -10.07 -3.95
N GLU A 45 2.83 -9.16 -4.50
CA GLU A 45 4.27 -9.34 -4.59
C GLU A 45 4.92 -9.05 -3.24
N ALA A 46 4.58 -7.89 -2.69
CA ALA A 46 5.13 -7.48 -1.40
C ALA A 46 4.89 -8.59 -0.38
N SER A 47 3.66 -9.09 -0.37
CA SER A 47 3.28 -10.14 0.55
C SER A 47 4.02 -11.43 0.20
N ARG A 48 4.05 -11.72 -1.08
CA ARG A 48 4.73 -12.92 -1.56
C ARG A 48 6.18 -12.96 -1.07
N LEU A 49 6.87 -11.86 -1.31
CA LEU A 49 8.26 -11.76 -0.90
C LEU A 49 8.33 -11.65 0.63
N TYR A 50 7.40 -10.88 1.18
CA TYR A 50 7.35 -10.68 2.61
C TYR A 50 7.28 -12.02 3.34
N PHE A 51 6.29 -12.82 2.96
CA PHE A 51 6.10 -14.13 3.57
C PHE A 51 7.12 -15.13 3.03
N GLY A 52 7.32 -15.08 1.71
CA GLY A 52 8.26 -15.98 1.05
C GLY A 52 9.70 -15.56 1.33
N GLU A 53 10.08 -14.45 0.72
CA GLU A 53 11.43 -13.93 0.88
C GLU A 53 11.75 -13.75 2.37
N ARG A 54 10.74 -13.32 3.11
CA ARG A 54 10.91 -13.12 4.54
C ARG A 54 11.49 -11.73 4.81
N ASN A 55 11.50 -10.91 3.77
CA ASN A 55 12.03 -9.56 3.87
C ASN A 55 10.89 -8.56 3.69
N VAL A 56 10.80 -7.63 4.63
CA VAL A 56 9.77 -6.61 4.59
C VAL A 56 10.23 -5.47 3.67
N LYS A 57 11.54 -5.31 3.58
CA LYS A 57 12.11 -4.27 2.75
C LYS A 57 11.48 -4.33 1.37
N GLY A 58 11.26 -5.54 0.89
CA GLY A 58 10.66 -5.75 -0.41
C GLY A 58 9.29 -5.07 -0.50
N MET A 59 8.43 -5.41 0.45
CA MET A 59 7.10 -4.84 0.50
C MET A 59 7.15 -3.31 0.46
N PHE A 60 8.09 -2.77 1.22
CA PHE A 60 8.26 -1.33 1.28
C PHE A 60 8.70 -0.76 -0.07
N GLU A 61 9.55 -1.53 -0.74
CA GLU A 61 10.06 -1.13 -2.04
C GLU A 61 8.98 -1.32 -3.12
N VAL A 62 7.95 -2.07 -2.75
CA VAL A 62 6.86 -2.34 -3.67
C VAL A 62 5.86 -1.18 -3.61
N LEU A 63 5.57 -0.74 -2.39
CA LEU A 63 4.63 0.35 -2.18
C LEU A 63 5.33 1.68 -2.51
N GLU A 64 6.55 1.80 -2.01
CA GLU A 64 7.32 3.01 -2.23
C GLU A 64 7.05 3.56 -3.63
N PRO A 65 7.24 2.68 -4.65
CA PRO A 65 7.01 3.07 -6.02
C PRO A 65 5.51 3.16 -6.34
N LEU A 66 4.80 2.09 -5.98
CA LEU A 66 3.38 2.04 -6.21
C LEU A 66 2.73 3.32 -5.71
N HIS A 67 2.98 3.62 -4.44
CA HIS A 67 2.42 4.82 -3.83
C HIS A 67 2.92 6.05 -4.59
N ALA A 68 4.23 6.12 -4.75
CA ALA A 68 4.84 7.25 -5.45
C ALA A 68 4.16 7.43 -6.80
N MET A 69 4.04 6.32 -7.53
CA MET A 69 3.42 6.34 -8.84
C MET A 69 2.05 7.02 -8.78
N MET A 70 1.34 6.76 -7.69
CA MET A 70 0.02 7.33 -7.50
C MET A 70 0.11 8.85 -7.29
N GLU A 71 1.17 9.27 -6.62
CA GLU A 71 1.39 10.68 -6.36
C GLU A 71 1.78 11.40 -7.64
N ARG A 72 2.93 11.01 -8.17
CA ARG A 72 3.44 11.62 -9.39
C ARG A 72 2.61 11.16 -10.60
N GLY A 73 1.83 10.11 -10.37
CA GLY A 73 0.98 9.57 -11.42
C GLY A 73 -0.48 9.56 -11.00
N PRO A 74 -1.08 10.78 -10.98
CA PRO A 74 -2.47 10.93 -10.59
C PRO A 74 -3.41 10.47 -11.70
N GLN A 75 -4.65 10.88 -11.60
CA GLN A 75 -5.65 10.51 -12.60
C GLN A 75 -6.67 11.65 -12.77
N THR A 76 -7.52 11.79 -11.77
CA THR A 76 -8.54 12.83 -11.80
C THR A 76 -8.98 13.18 -10.38
N LEU A 77 -9.87 14.17 -10.30
CA LEU A 77 -10.37 14.62 -9.01
C LEU A 77 -11.13 13.46 -8.35
N LYS A 78 -11.67 12.59 -9.18
CA LYS A 78 -12.42 11.45 -8.67
C LYS A 78 -11.47 10.47 -7.99
N GLU A 79 -10.28 10.33 -8.59
CA GLU A 79 -9.28 9.43 -8.04
C GLU A 79 -8.57 10.10 -6.87
N THR A 80 -8.64 11.42 -6.83
CA THR A 80 -8.00 12.18 -5.77
C THR A 80 -8.57 11.77 -4.41
N SER A 81 -9.81 11.30 -4.43
CA SER A 81 -10.47 10.87 -3.21
C SER A 81 -9.89 9.53 -2.74
N PHE A 82 -9.48 8.73 -3.71
CA PHE A 82 -8.89 7.43 -3.40
C PHE A 82 -7.53 7.59 -2.72
N ASN A 83 -6.71 8.43 -3.32
CA ASN A 83 -5.37 8.67 -2.79
C ASN A 83 -5.49 9.49 -1.49
N GLN A 84 -6.54 10.28 -1.43
CA GLN A 84 -6.79 11.12 -0.26
C GLN A 84 -7.39 10.29 0.88
N ALA A 85 -8.47 9.59 0.54
CA ALA A 85 -9.15 8.75 1.51
C ALA A 85 -8.11 8.00 2.35
N TYR A 86 -7.17 7.37 1.64
CA TYR A 86 -6.12 6.61 2.31
C TYR A 86 -4.86 7.46 2.48
N GLY A 87 -4.81 8.56 1.73
CA GLY A 87 -3.68 9.46 1.79
C GLY A 87 -3.21 9.66 3.24
N ARG A 88 -4.17 9.63 4.14
CA ARG A 88 -3.87 9.80 5.55
C ARG A 88 -3.35 8.49 6.15
N ASP A 89 -3.98 7.41 5.74
CA ASP A 89 -3.59 6.09 6.22
C ASP A 89 -2.16 5.80 5.80
N LEU A 90 -1.94 5.84 4.48
CA LEU A 90 -0.63 5.58 3.92
C LEU A 90 0.40 6.48 4.63
N MET A 91 0.03 7.74 4.79
CA MET A 91 0.90 8.71 5.44
C MET A 91 1.40 8.17 6.78
N GLU A 92 0.46 7.70 7.59
CA GLU A 92 0.79 7.16 8.89
C GLU A 92 1.53 5.82 8.74
N ALA A 93 0.96 4.96 7.92
CA ALA A 93 1.54 3.65 7.68
C ALA A 93 3.00 3.82 7.26
N GLN A 94 3.22 4.76 6.36
CA GLN A 94 4.56 5.03 5.87
C GLN A 94 5.46 5.52 7.00
N GLU A 95 4.85 6.31 7.89
CA GLU A 95 5.59 6.85 9.02
C GLU A 95 6.07 5.71 9.93
N TRP A 96 5.24 4.68 10.02
CA TRP A 96 5.57 3.53 10.84
C TRP A 96 6.61 2.69 10.09
N CYS A 97 6.60 2.82 8.78
CA CYS A 97 7.53 2.09 7.94
C CYS A 97 8.92 2.68 8.13
N ARG A 98 9.03 3.97 7.85
CA ARG A 98 10.30 4.66 7.99
C ARG A 98 10.71 4.72 9.47
N LYS A 99 9.71 4.71 10.32
CA LYS A 99 9.95 4.76 11.76
C LYS A 99 10.57 3.44 12.21
N TYR A 100 10.08 2.36 11.62
CA TYR A 100 10.57 1.03 11.95
C TYR A 100 11.93 0.77 11.30
N MET A 101 12.04 1.21 10.05
CA MET A 101 13.27 1.03 9.30
C MET A 101 14.44 1.73 10.00
N LYS A 102 14.18 2.95 10.45
CA LYS A 102 15.20 3.73 11.13
C LYS A 102 15.68 2.97 12.36
N SER A 103 14.73 2.65 13.23
CA SER A 103 15.05 1.92 14.44
C SER A 103 13.78 1.72 15.27
N GLY A 104 13.02 0.70 14.88
CA GLY A 104 11.78 0.38 15.57
C GLY A 104 11.70 -1.12 15.90
N ASN A 105 10.50 -1.66 15.73
CA ASN A 105 10.28 -3.07 15.99
C ASN A 105 9.17 -3.59 15.07
N VAL A 106 9.16 -4.90 14.90
CA VAL A 106 8.15 -5.53 14.06
C VAL A 106 6.78 -4.94 14.37
N LYS A 107 6.57 -4.68 15.65
CA LYS A 107 5.30 -4.12 16.10
C LYS A 107 4.94 -2.92 15.22
N ASP A 108 5.91 -2.03 15.07
CA ASP A 108 5.71 -0.85 14.25
C ASP A 108 5.48 -1.26 12.80
N LEU A 109 6.23 -2.25 12.38
CA LEU A 109 6.12 -2.75 11.02
C LEU A 109 4.72 -3.32 10.79
N THR A 110 4.28 -4.11 11.74
CA THR A 110 2.96 -4.72 11.67
C THR A 110 1.88 -3.64 11.58
N GLN A 111 2.08 -2.59 12.35
CA GLN A 111 1.14 -1.48 12.37
C GLN A 111 1.03 -0.87 10.97
N ALA A 112 2.17 -0.56 10.39
CA ALA A 112 2.21 0.03 9.06
C ALA A 112 1.41 -0.85 8.09
N TRP A 113 1.72 -2.14 8.14
CA TRP A 113 1.04 -3.08 7.27
C TRP A 113 -0.46 -3.05 7.60
N ASP A 114 -0.74 -2.90 8.89
CA ASP A 114 -2.11 -2.84 9.35
C ASP A 114 -2.85 -1.70 8.63
N LEU A 115 -2.23 -0.53 8.67
CA LEU A 115 -2.82 0.64 8.04
C LEU A 115 -3.09 0.32 6.57
N TYR A 116 -2.04 -0.13 5.88
CA TYR A 116 -2.17 -0.46 4.48
C TYR A 116 -3.29 -1.48 4.24
N TYR A 117 -3.21 -2.58 4.97
CA TYR A 117 -4.22 -3.63 4.85
C TYR A 117 -5.63 -3.05 4.94
N HIS A 118 -5.77 -2.07 5.82
CA HIS A 118 -7.06 -1.42 6.01
C HIS A 118 -7.50 -0.77 4.70
N VAL A 119 -6.63 0.07 4.16
CA VAL A 119 -6.92 0.76 2.92
C VAL A 119 -7.01 -0.26 1.78
N PHE A 120 -5.99 -1.10 1.71
CA PHE A 120 -5.94 -2.12 0.69
C PHE A 120 -7.12 -3.09 0.80
N ARG A 121 -7.60 -3.23 2.03
CA ARG A 121 -8.72 -4.12 2.28
C ARG A 121 -10.03 -3.47 1.81
N ARG A 122 -10.07 -2.16 1.90
CA ARG A 122 -11.24 -1.41 1.48
C ARG A 122 -11.37 -1.44 -0.04
N ILE A 123 -10.28 -1.09 -0.71
CA ILE A 123 -10.27 -1.09 -2.16
C ILE A 123 -10.92 -2.37 -2.69
N SER A 124 -10.77 -3.43 -1.91
CA SER A 124 -11.34 -4.72 -2.29
C SER A 124 -12.81 -4.77 -1.88
N LYS A 125 -13.05 -4.56 -0.59
CA LYS A 125 -14.40 -4.58 -0.06
C LYS A 125 -15.34 -3.90 -1.06
N GLN A 126 -16.47 -4.55 -1.29
CA GLN A 126 -17.46 -4.02 -2.21
C GLN A 126 -16.79 -3.53 -3.49
N MET A 26 -16.04 -14.24 -1.23
CA MET A 26 -15.68 -13.59 -2.48
C MET A 26 -15.64 -12.07 -2.31
N GLU A 27 -14.58 -11.62 -1.64
CA GLU A 27 -14.39 -10.19 -1.40
C GLU A 27 -13.13 -9.70 -2.11
N LEU A 28 -12.35 -10.65 -2.58
CA LEU A 28 -11.10 -10.33 -3.28
C LEU A 28 -11.41 -10.13 -4.77
N ILE A 29 -12.34 -9.23 -5.03
CA ILE A 29 -12.72 -8.94 -6.40
C ILE A 29 -12.49 -7.45 -6.69
N ARG A 30 -11.97 -7.19 -7.88
CA ARG A 30 -11.69 -5.81 -8.28
C ARG A 30 -11.41 -5.76 -9.79
N VAL A 31 -11.20 -4.54 -10.27
CA VAL A 31 -10.92 -4.33 -11.68
C VAL A 31 -9.50 -4.78 -11.98
N PRO A 32 -9.33 -5.39 -13.19
CA PRO A 32 -8.03 -5.87 -13.62
C PRO A 32 -7.13 -4.71 -14.04
N ILE A 33 -7.71 -3.79 -14.79
CA ILE A 33 -6.97 -2.63 -15.27
C ILE A 33 -7.42 -1.40 -14.48
N LEU A 34 -6.74 -1.17 -13.37
CA LEU A 34 -7.05 -0.03 -12.53
C LEU A 34 -6.02 0.06 -11.40
N TRP A 35 -5.99 1.22 -10.76
CA TRP A 35 -5.05 1.46 -9.67
C TRP A 35 -5.16 0.28 -8.71
N HIS A 36 -6.39 -0.06 -8.36
CA HIS A 36 -6.63 -1.17 -7.45
C HIS A 36 -5.80 -2.38 -7.87
N GLU A 37 -5.42 -2.37 -9.14
CA GLU A 37 -4.62 -3.47 -9.68
C GLU A 37 -3.20 -3.41 -9.11
N MET A 38 -2.71 -2.20 -8.95
CA MET A 38 -1.37 -2.00 -8.41
C MET A 38 -1.33 -2.28 -6.90
N TRP A 39 -2.45 -1.98 -6.27
CA TRP A 39 -2.56 -2.19 -4.83
C TRP A 39 -2.54 -3.70 -4.56
N HIS A 40 -3.40 -4.40 -5.30
CA HIS A 40 -3.49 -5.84 -5.16
C HIS A 40 -2.18 -6.50 -5.60
N GLU A 41 -1.66 -6.00 -6.72
CA GLU A 41 -0.41 -6.52 -7.25
C GLU A 41 0.75 -6.20 -6.30
N GLY A 42 0.71 -4.98 -5.77
CA GLY A 42 1.75 -4.53 -4.85
C GLY A 42 1.88 -5.49 -3.66
N LEU A 43 0.78 -5.57 -2.91
CA LEU A 43 0.76 -6.44 -1.74
C LEU A 43 1.03 -7.88 -2.17
N GLU A 44 0.57 -8.20 -3.37
CA GLU A 44 0.76 -9.54 -3.91
C GLU A 44 2.25 -9.92 -3.85
N GLU A 45 3.07 -9.07 -4.44
CA GLU A 45 4.51 -9.31 -4.46
C GLU A 45 5.13 -8.90 -3.14
N ALA A 46 4.75 -7.72 -2.67
CA ALA A 46 5.27 -7.19 -1.43
C ALA A 46 5.05 -8.23 -0.31
N SER A 47 3.85 -8.78 -0.30
CA SER A 47 3.50 -9.79 0.70
C SER A 47 4.17 -11.11 0.37
N ARG A 48 4.06 -11.51 -0.89
CA ARG A 48 4.67 -12.75 -1.34
C ARG A 48 6.14 -12.81 -0.94
N LEU A 49 6.85 -11.74 -1.27
CA LEU A 49 8.26 -11.66 -0.95
C LEU A 49 8.44 -11.57 0.57
N TYR A 50 7.59 -10.77 1.18
CA TYR A 50 7.63 -10.59 2.62
C TYR A 50 7.50 -11.93 3.35
N PHE A 51 6.50 -12.69 2.93
CA PHE A 51 6.26 -14.00 3.52
C PHE A 51 7.27 -15.03 3.02
N GLY A 52 7.46 -15.03 1.70
CA GLY A 52 8.38 -15.95 1.08
C GLY A 52 9.83 -15.46 1.21
N GLU A 53 10.13 -14.41 0.47
CA GLU A 53 11.46 -13.83 0.49
C GLU A 53 11.93 -13.62 1.94
N ARG A 54 11.03 -13.05 2.74
CA ARG A 54 11.34 -12.79 4.13
C ARG A 54 12.05 -11.45 4.29
N ASN A 55 11.99 -10.66 3.23
CA ASN A 55 12.64 -9.35 3.22
C ASN A 55 11.56 -8.28 3.08
N VAL A 56 11.28 -7.62 4.20
CA VAL A 56 10.28 -6.56 4.22
C VAL A 56 10.71 -5.44 3.26
N LYS A 57 12.02 -5.36 3.06
CA LYS A 57 12.59 -4.34 2.18
C LYS A 57 11.84 -4.37 0.84
N GLY A 58 11.43 -5.58 0.45
CA GLY A 58 10.72 -5.75 -0.80
C GLY A 58 9.39 -5.01 -0.78
N MET A 59 8.59 -5.31 0.25
CA MET A 59 7.29 -4.68 0.39
C MET A 59 7.41 -3.15 0.33
N PHE A 60 8.44 -2.65 0.99
CA PHE A 60 8.67 -1.21 1.02
C PHE A 60 9.09 -0.70 -0.37
N GLU A 61 9.87 -1.51 -1.06
CA GLU A 61 10.34 -1.15 -2.38
C GLU A 61 9.21 -1.33 -3.41
N VAL A 62 8.17 -2.02 -2.98
CA VAL A 62 7.03 -2.27 -3.85
C VAL A 62 6.08 -1.07 -3.78
N LEU A 63 5.86 -0.60 -2.56
CA LEU A 63 4.97 0.54 -2.35
C LEU A 63 5.71 1.82 -2.74
N GLU A 64 6.95 1.92 -2.29
CA GLU A 64 7.76 3.10 -2.58
C GLU A 64 7.45 3.61 -3.98
N PRO A 65 7.58 2.71 -4.99
CA PRO A 65 7.32 3.06 -6.37
C PRO A 65 5.82 3.18 -6.63
N LEU A 66 5.09 2.14 -6.23
CA LEU A 66 3.65 2.11 -6.41
C LEU A 66 3.06 3.42 -5.90
N HIS A 67 3.33 3.72 -4.64
CA HIS A 67 2.84 4.93 -4.03
C HIS A 67 3.33 6.16 -4.81
N ALA A 68 4.64 6.19 -5.01
CA ALA A 68 5.24 7.29 -5.75
C ALA A 68 4.53 7.47 -7.08
N MET A 69 4.38 6.36 -7.79
CA MET A 69 3.70 6.38 -9.08
C MET A 69 2.35 7.08 -8.99
N MET A 70 1.68 6.85 -7.87
CA MET A 70 0.38 7.45 -7.63
C MET A 70 0.49 8.96 -7.45
N GLU A 71 1.61 9.36 -6.87
CA GLU A 71 1.85 10.78 -6.62
C GLU A 71 2.27 11.48 -7.92
N ARG A 72 3.42 11.05 -8.43
CA ARG A 72 3.95 11.63 -9.66
C ARG A 72 3.10 11.18 -10.86
N GLY A 73 2.32 10.13 -10.63
CA GLY A 73 1.47 9.59 -11.68
C GLY A 73 0.00 9.63 -11.25
N PRO A 74 -0.58 10.86 -11.32
CA PRO A 74 -1.97 11.05 -10.94
C PRO A 74 -2.91 10.51 -12.03
N GLN A 75 -4.15 10.96 -11.97
CA GLN A 75 -5.14 10.54 -12.95
C GLN A 75 -6.20 11.64 -13.13
N THR A 76 -7.09 11.72 -12.16
CA THR A 76 -8.16 12.71 -12.20
C THR A 76 -8.66 13.01 -10.79
N LEU A 77 -9.64 13.91 -10.73
CA LEU A 77 -10.21 14.29 -9.45
C LEU A 77 -10.82 13.06 -8.78
N LYS A 78 -11.23 12.11 -9.61
CA LYS A 78 -11.82 10.89 -9.10
C LYS A 78 -10.77 10.10 -8.30
N GLU A 79 -9.54 10.20 -8.76
CA GLU A 79 -8.44 9.52 -8.10
C GLU A 79 -7.94 10.34 -6.91
N THR A 80 -8.21 11.63 -6.97
CA THR A 80 -7.81 12.53 -5.91
C THR A 80 -8.44 12.12 -4.58
N SER A 81 -9.66 11.65 -4.67
CA SER A 81 -10.39 11.22 -3.49
C SER A 81 -9.84 9.88 -2.99
N PHE A 82 -9.37 9.08 -3.94
CA PHE A 82 -8.81 7.78 -3.61
C PHE A 82 -7.52 7.93 -2.81
N ASN A 83 -6.61 8.73 -3.36
CA ASN A 83 -5.33 8.96 -2.70
C ASN A 83 -5.56 9.71 -1.39
N GLN A 84 -6.63 10.50 -1.37
CA GLN A 84 -6.97 11.27 -0.19
C GLN A 84 -7.64 10.38 0.86
N ALA A 85 -8.66 9.66 0.41
CA ALA A 85 -9.39 8.77 1.28
C ALA A 85 -8.39 8.04 2.20
N TYR A 86 -7.42 7.40 1.57
CA TYR A 86 -6.41 6.66 2.30
C TYR A 86 -5.19 7.54 2.59
N GLY A 87 -5.10 8.64 1.86
CA GLY A 87 -4.00 9.57 2.03
C GLY A 87 -3.66 9.76 3.51
N ARG A 88 -4.68 9.61 4.34
CA ARG A 88 -4.51 9.75 5.77
C ARG A 88 -3.93 8.47 6.37
N ASP A 89 -4.51 7.34 5.95
CA ASP A 89 -4.06 6.05 6.43
C ASP A 89 -2.60 5.83 6.02
N LEU A 90 -2.37 5.88 4.72
CA LEU A 90 -1.03 5.70 4.19
C LEU A 90 -0.07 6.65 4.90
N MET A 91 -0.57 7.83 5.20
CA MET A 91 0.23 8.84 5.88
C MET A 91 0.79 8.31 7.19
N GLU A 92 -0.12 7.80 8.02
CA GLU A 92 0.27 7.26 9.31
C GLU A 92 0.98 5.92 9.13
N ALA A 93 0.51 5.16 8.15
CA ALA A 93 1.09 3.86 7.86
C ALA A 93 2.54 4.04 7.42
N GLN A 94 2.75 5.06 6.59
CA GLN A 94 4.08 5.34 6.09
C GLN A 94 5.00 5.78 7.23
N GLU A 95 4.40 6.46 8.20
CA GLU A 95 5.15 6.94 9.34
C GLU A 95 5.60 5.77 10.21
N TRP A 96 4.74 4.77 10.29
CA TRP A 96 5.04 3.58 11.08
C TRP A 96 6.18 2.84 10.40
N CYS A 97 6.15 2.86 9.07
CA CYS A 97 7.17 2.19 8.30
C CYS A 97 8.52 2.83 8.62
N ARG A 98 8.55 4.15 8.54
CA ARG A 98 9.77 4.89 8.83
C ARG A 98 10.25 4.61 10.25
N LYS A 99 9.28 4.55 11.16
CA LYS A 99 9.59 4.28 12.56
C LYS A 99 10.35 2.97 12.67
N TYR A 100 9.84 1.96 11.97
CA TYR A 100 10.46 0.65 11.97
C TYR A 100 11.80 0.68 11.23
N MET A 101 11.78 1.29 10.06
CA MET A 101 12.98 1.38 9.23
C MET A 101 14.10 2.10 10.00
N LYS A 102 13.69 2.96 10.92
CA LYS A 102 14.65 3.71 11.72
C LYS A 102 14.94 2.94 13.01
N SER A 103 13.88 2.65 13.74
CA SER A 103 14.01 1.93 14.99
C SER A 103 14.19 0.43 14.72
N GLY A 104 13.17 -0.17 14.13
CA GLY A 104 13.21 -1.57 13.80
C GLY A 104 12.39 -2.39 14.80
N ASN A 105 11.10 -2.50 14.52
CA ASN A 105 10.20 -3.24 15.39
C ASN A 105 9.04 -3.79 14.57
N VAL A 106 8.94 -5.11 14.54
CA VAL A 106 7.87 -5.77 13.80
C VAL A 106 6.53 -5.19 14.23
N LYS A 107 6.47 -4.78 15.48
CA LYS A 107 5.25 -4.22 16.02
C LYS A 107 4.82 -3.02 15.17
N ASP A 108 5.77 -2.13 14.94
CA ASP A 108 5.51 -0.94 14.16
C ASP A 108 5.25 -1.34 12.71
N LEU A 109 6.02 -2.31 12.25
CA LEU A 109 5.89 -2.80 10.89
C LEU A 109 4.50 -3.40 10.70
N THR A 110 4.09 -4.17 11.70
CA THR A 110 2.77 -4.81 11.66
C THR A 110 1.67 -3.75 11.57
N GLN A 111 1.79 -2.75 12.42
CA GLN A 111 0.80 -1.67 12.45
C GLN A 111 0.70 -1.01 11.08
N ALA A 112 1.85 -0.75 10.49
CA ALA A 112 1.90 -0.13 9.18
C ALA A 112 1.20 -1.03 8.16
N TRP A 113 1.55 -2.31 8.22
CA TRP A 113 0.96 -3.28 7.32
C TRP A 113 -0.54 -3.36 7.61
N ASP A 114 -0.88 -3.11 8.87
CA ASP A 114 -2.27 -3.14 9.29
C ASP A 114 -3.03 -1.99 8.62
N LEU A 115 -2.44 -0.81 8.72
CA LEU A 115 -3.05 0.38 8.12
C LEU A 115 -3.26 0.14 6.62
N TYR A 116 -2.19 -0.27 5.97
CA TYR A 116 -2.25 -0.52 4.53
C TYR A 116 -3.37 -1.51 4.21
N TYR A 117 -3.31 -2.67 4.84
CA TYR A 117 -4.31 -3.70 4.62
C TYR A 117 -5.72 -3.12 4.72
N HIS A 118 -5.90 -2.21 5.66
CA HIS A 118 -7.19 -1.57 5.86
C HIS A 118 -7.62 -0.86 4.57
N VAL A 119 -6.74 0.01 4.09
CA VAL A 119 -7.00 0.75 2.88
C VAL A 119 -7.02 -0.21 1.68
N PHE A 120 -5.98 -1.03 1.62
CA PHE A 120 -5.87 -2.00 0.53
C PHE A 120 -7.05 -2.97 0.54
N ARG A 121 -7.59 -3.20 1.73
CA ARG A 121 -8.72 -4.09 1.89
C ARG A 121 -10.00 -3.43 1.39
N ARG A 122 -10.08 -2.12 1.60
CA ARG A 122 -11.24 -1.36 1.18
C ARG A 122 -11.31 -1.32 -0.35
N ILE A 123 -10.20 -0.93 -0.95
CA ILE A 123 -10.13 -0.84 -2.40
C ILE A 123 -10.76 -2.09 -3.01
N SER A 124 -10.59 -3.20 -2.31
CA SER A 124 -11.14 -4.47 -2.78
C SER A 124 -12.57 -4.64 -2.27
N LYS A 125 -12.72 -4.49 -0.97
CA LYS A 125 -14.03 -4.63 -0.35
C LYS A 125 -15.07 -3.90 -1.20
N GLN A 126 -16.13 -4.62 -1.53
CA GLN A 126 -17.20 -4.07 -2.34
C GLN A 126 -18.09 -3.16 -1.49
N MET A 26 -22.94 -1.23 -3.41
CA MET A 26 -23.28 -0.65 -4.70
C MET A 26 -22.30 0.47 -5.07
N GLU A 27 -21.37 0.12 -5.96
CA GLU A 27 -20.37 1.09 -6.40
C GLU A 27 -20.62 1.45 -7.87
N LEU A 28 -21.53 0.71 -8.49
CA LEU A 28 -21.85 0.96 -9.88
C LEU A 28 -20.65 0.62 -10.75
N ILE A 29 -20.12 1.66 -11.39
CA ILE A 29 -18.96 1.50 -12.25
C ILE A 29 -17.81 0.87 -11.45
N ARG A 30 -16.92 0.21 -12.17
CA ARG A 30 -15.77 -0.43 -11.53
C ARG A 30 -14.91 -1.14 -12.59
N VAL A 31 -13.61 -0.97 -12.44
CA VAL A 31 -12.67 -1.58 -13.36
C VAL A 31 -11.67 -2.44 -12.58
N PRO A 32 -11.60 -3.73 -12.97
CA PRO A 32 -10.69 -4.66 -12.30
C PRO A 32 -9.25 -4.42 -12.75
N ILE A 33 -9.10 -3.77 -13.90
CA ILE A 33 -7.80 -3.47 -14.43
C ILE A 33 -7.54 -1.96 -14.34
N LEU A 34 -6.82 -1.58 -13.29
CA LEU A 34 -6.52 -0.18 -13.07
C LEU A 34 -5.61 -0.05 -11.83
N TRP A 35 -5.63 1.15 -11.26
CA TRP A 35 -4.82 1.41 -10.08
C TRP A 35 -4.97 0.22 -9.13
N HIS A 36 -6.23 -0.10 -8.84
CA HIS A 36 -6.52 -1.22 -7.95
C HIS A 36 -5.62 -2.40 -8.29
N GLU A 37 -5.39 -2.58 -9.58
CA GLU A 37 -4.55 -3.67 -10.05
C GLU A 37 -3.14 -3.54 -9.46
N MET A 38 -2.69 -2.31 -9.34
CA MET A 38 -1.37 -2.03 -8.80
C MET A 38 -1.33 -2.31 -7.30
N TRP A 39 -2.48 -2.13 -6.66
CA TRP A 39 -2.58 -2.36 -5.23
C TRP A 39 -2.51 -3.87 -4.99
N HIS A 40 -3.31 -4.60 -5.76
CA HIS A 40 -3.35 -6.04 -5.63
C HIS A 40 -1.98 -6.63 -5.99
N GLU A 41 -1.56 -6.36 -7.22
CA GLU A 41 -0.28 -6.84 -7.70
C GLU A 41 0.85 -6.33 -6.81
N GLY A 42 0.79 -5.03 -6.53
CA GLY A 42 1.80 -4.40 -5.69
C GLY A 42 1.98 -5.16 -4.37
N LEU A 43 0.91 -5.18 -3.59
CA LEU A 43 0.94 -5.87 -2.30
C LEU A 43 1.29 -7.33 -2.53
N GLU A 44 0.88 -7.83 -3.69
CA GLU A 44 1.15 -9.23 -4.04
C GLU A 44 2.65 -9.52 -3.94
N GLU A 45 3.43 -8.63 -4.51
CA GLU A 45 4.88 -8.78 -4.50
C GLU A 45 5.43 -8.48 -3.09
N ALA A 46 5.02 -7.34 -2.56
CA ALA A 46 5.46 -6.94 -1.24
C ALA A 46 5.11 -8.04 -0.23
N SER A 47 3.87 -8.48 -0.30
CA SER A 47 3.39 -9.52 0.60
C SER A 47 4.26 -10.77 0.46
N ARG A 48 4.55 -11.11 -0.79
CA ARG A 48 5.36 -12.27 -1.09
C ARG A 48 6.73 -12.14 -0.43
N LEU A 49 7.22 -10.91 -0.38
CA LEU A 49 8.52 -10.64 0.22
C LEU A 49 8.42 -10.83 1.73
N TYR A 50 7.27 -10.48 2.27
CA TYR A 50 7.03 -10.60 3.70
C TYR A 50 6.63 -12.03 4.07
N PHE A 51 5.57 -12.50 3.42
CA PHE A 51 5.07 -13.84 3.67
C PHE A 51 6.00 -14.89 3.04
N GLY A 52 6.36 -14.66 1.80
CA GLY A 52 7.25 -15.57 1.08
C GLY A 52 8.64 -15.56 1.69
N GLU A 53 9.24 -14.38 1.72
CA GLU A 53 10.58 -14.22 2.26
C GLU A 53 10.53 -13.41 3.57
N ARG A 54 11.71 -13.20 4.14
CA ARG A 54 11.80 -12.45 5.37
C ARG A 54 12.47 -11.10 5.12
N ASN A 55 12.30 -10.60 3.90
CA ASN A 55 12.87 -9.32 3.53
C ASN A 55 11.75 -8.32 3.27
N VAL A 56 11.43 -7.56 4.31
CA VAL A 56 10.38 -6.56 4.22
C VAL A 56 10.82 -5.44 3.27
N LYS A 57 12.13 -5.37 3.07
CA LYS A 57 12.70 -4.36 2.19
C LYS A 57 11.96 -4.38 0.85
N GLY A 58 11.67 -5.59 0.39
CA GLY A 58 10.98 -5.76 -0.87
C GLY A 58 9.70 -4.93 -0.90
N MET A 59 8.87 -5.12 0.12
CA MET A 59 7.62 -4.41 0.22
C MET A 59 7.85 -2.88 0.18
N PHE A 60 8.72 -2.43 1.07
CA PHE A 60 9.04 -1.02 1.14
C PHE A 60 9.42 -0.46 -0.23
N GLU A 61 10.26 -1.21 -0.94
CA GLU A 61 10.70 -0.80 -2.25
C GLU A 61 9.57 -0.98 -3.27
N VAL A 62 8.57 -1.74 -2.85
CA VAL A 62 7.42 -2.01 -3.71
C VAL A 62 6.38 -0.89 -3.54
N LEU A 63 6.17 -0.52 -2.28
CA LEU A 63 5.22 0.53 -1.97
C LEU A 63 5.85 1.89 -2.26
N GLU A 64 7.13 2.00 -1.94
CA GLU A 64 7.85 3.24 -2.16
C GLU A 64 7.49 3.82 -3.53
N PRO A 65 7.68 2.98 -4.58
CA PRO A 65 7.38 3.40 -5.94
C PRO A 65 5.87 3.43 -6.18
N LEU A 66 5.22 2.34 -5.81
CA LEU A 66 3.78 2.23 -5.98
C LEU A 66 3.10 3.49 -5.43
N HIS A 67 3.39 3.78 -4.17
CA HIS A 67 2.82 4.94 -3.53
C HIS A 67 3.25 6.21 -4.27
N ALA A 68 4.56 6.34 -4.46
CA ALA A 68 5.11 7.49 -5.16
C ALA A 68 4.38 7.67 -6.49
N MET A 69 4.29 6.58 -7.23
CA MET A 69 3.62 6.59 -8.51
C MET A 69 2.24 7.23 -8.40
N MET A 70 1.56 6.91 -7.30
CA MET A 70 0.23 7.43 -7.06
C MET A 70 0.27 8.94 -6.76
N GLU A 71 1.39 9.36 -6.18
CA GLU A 71 1.57 10.77 -5.84
C GLU A 71 1.94 11.57 -7.08
N ARG A 72 3.09 11.24 -7.64
CA ARG A 72 3.58 11.92 -8.83
C ARG A 72 2.77 11.48 -10.05
N GLY A 73 2.14 10.33 -9.93
CA GLY A 73 1.33 9.79 -11.01
C GLY A 73 -0.14 9.69 -10.60
N PRO A 74 -0.85 10.84 -10.74
CA PRO A 74 -2.26 10.89 -10.39
C PRO A 74 -3.12 10.19 -11.45
N GLN A 75 -4.40 10.50 -11.42
CA GLN A 75 -5.33 9.89 -12.36
C GLN A 75 -6.42 10.91 -12.74
N THR A 76 -7.31 11.17 -11.79
CA THR A 76 -8.39 12.11 -12.01
C THR A 76 -8.98 12.57 -10.68
N LEU A 77 -9.92 13.50 -10.77
CA LEU A 77 -10.57 14.02 -9.59
C LEU A 77 -11.17 12.87 -8.78
N LYS A 78 -11.72 11.91 -9.50
CA LYS A 78 -12.33 10.75 -8.87
C LYS A 78 -11.26 10.01 -8.05
N GLU A 79 -10.21 9.61 -8.75
CA GLU A 79 -9.12 8.90 -8.11
C GLU A 79 -8.44 9.79 -7.06
N THR A 80 -8.45 11.08 -7.34
CA THR A 80 -7.84 12.04 -6.43
C THR A 80 -8.43 11.89 -5.03
N SER A 81 -9.70 11.53 -5.00
CA SER A 81 -10.40 11.36 -3.73
C SER A 81 -9.94 10.06 -3.05
N PHE A 82 -9.82 9.02 -3.87
CA PHE A 82 -9.38 7.72 -3.36
C PHE A 82 -7.96 7.80 -2.79
N ASN A 83 -7.05 8.32 -3.61
CA ASN A 83 -5.67 8.45 -3.19
C ASN A 83 -5.59 9.37 -1.97
N GLN A 84 -6.54 10.29 -1.90
CA GLN A 84 -6.59 11.23 -0.80
C GLN A 84 -7.17 10.56 0.45
N ALA A 85 -8.34 9.97 0.27
CA ALA A 85 -9.02 9.29 1.37
C ALA A 85 -8.05 8.29 1.99
N TYR A 86 -7.20 7.72 1.15
CA TYR A 86 -6.23 6.74 1.61
C TYR A 86 -4.92 7.41 2.01
N GLY A 87 -4.63 8.52 1.34
CA GLY A 87 -3.41 9.26 1.62
C GLY A 87 -3.16 9.37 3.12
N ARG A 88 -4.25 9.32 3.87
CA ARG A 88 -4.16 9.42 5.32
C ARG A 88 -3.58 8.12 5.89
N ASP A 89 -4.07 7.00 5.38
CA ASP A 89 -3.61 5.70 5.83
C ASP A 89 -2.15 5.52 5.41
N LEU A 90 -1.91 5.67 4.12
CA LEU A 90 -0.56 5.52 3.59
C LEU A 90 0.40 6.41 4.37
N MET A 91 -0.05 7.63 4.63
CA MET A 91 0.75 8.58 5.37
C MET A 91 1.16 8.01 6.73
N GLU A 92 0.17 7.52 7.46
CA GLU A 92 0.41 6.94 8.76
C GLU A 92 1.26 5.68 8.64
N ALA A 93 0.84 4.80 7.74
CA ALA A 93 1.56 3.56 7.52
C ALA A 93 3.02 3.87 7.18
N GLN A 94 3.19 4.88 6.36
CA GLN A 94 4.53 5.29 5.94
C GLN A 94 5.34 5.71 7.16
N GLU A 95 4.67 6.37 8.09
CA GLU A 95 5.32 6.84 9.29
C GLU A 95 5.81 5.65 10.14
N TRP A 96 5.00 4.61 10.14
CA TRP A 96 5.34 3.41 10.89
C TRP A 96 6.44 2.67 10.13
N CYS A 97 6.48 2.92 8.83
CA CYS A 97 7.48 2.28 7.98
C CYS A 97 8.86 2.80 8.40
N ARG A 98 9.02 4.11 8.30
CA ARG A 98 10.28 4.74 8.66
C ARG A 98 10.60 4.49 10.14
N LYS A 99 9.54 4.33 10.92
CA LYS A 99 9.68 4.10 12.34
C LYS A 99 10.45 2.79 12.56
N TYR A 100 9.97 1.76 11.90
CA TYR A 100 10.59 0.45 12.00
C TYR A 100 11.95 0.42 11.30
N MET A 101 11.98 1.03 10.12
CA MET A 101 13.21 1.09 9.34
C MET A 101 14.35 1.70 10.15
N LYS A 102 13.99 2.69 10.97
CA LYS A 102 14.97 3.36 11.80
C LYS A 102 15.01 2.70 13.18
N SER A 103 13.85 2.66 13.82
CA SER A 103 13.73 2.06 15.14
C SER A 103 14.07 0.57 15.06
N GLY A 104 13.26 -0.15 14.30
CA GLY A 104 13.46 -1.58 14.13
C GLY A 104 12.55 -2.37 15.09
N ASN A 105 11.32 -2.56 14.65
CA ASN A 105 10.35 -3.29 15.45
C ASN A 105 9.18 -3.73 14.56
N VAL A 106 9.07 -5.03 14.39
CA VAL A 106 8.01 -5.59 13.57
C VAL A 106 6.66 -5.03 14.04
N LYS A 107 6.61 -4.71 15.32
CA LYS A 107 5.39 -4.18 15.90
C LYS A 107 4.91 -2.98 15.07
N ASP A 108 5.82 -2.04 14.85
CA ASP A 108 5.50 -0.85 14.07
C ASP A 108 5.24 -1.26 12.63
N LEU A 109 5.97 -2.28 12.18
CA LEU A 109 5.82 -2.77 10.82
C LEU A 109 4.43 -3.37 10.65
N THR A 110 4.03 -4.15 11.64
CA THR A 110 2.72 -4.79 11.62
C THR A 110 1.62 -3.74 11.53
N GLN A 111 1.68 -2.79 12.46
CA GLN A 111 0.69 -1.72 12.50
C GLN A 111 0.58 -1.05 11.13
N ALA A 112 1.73 -0.69 10.58
CA ALA A 112 1.78 -0.03 9.29
C ALA A 112 1.10 -0.94 8.24
N TRP A 113 1.49 -2.21 8.26
CA TRP A 113 0.93 -3.16 7.33
C TRP A 113 -0.59 -3.22 7.56
N ASP A 114 -0.97 -3.02 8.81
CA ASP A 114 -2.39 -3.05 9.16
C ASP A 114 -3.12 -1.96 8.39
N LEU A 115 -2.59 -0.74 8.47
CA LEU A 115 -3.17 0.39 7.78
C LEU A 115 -3.28 0.07 6.29
N TYR A 116 -2.17 -0.33 5.71
CA TYR A 116 -2.13 -0.66 4.30
C TYR A 116 -3.14 -1.77 3.97
N TYR A 117 -3.13 -2.79 4.81
CA TYR A 117 -4.04 -3.91 4.62
C TYR A 117 -5.47 -3.43 4.42
N HIS A 118 -5.88 -2.50 5.26
CA HIS A 118 -7.22 -1.95 5.19
C HIS A 118 -7.40 -1.22 3.86
N VAL A 119 -6.37 -0.47 3.48
CA VAL A 119 -6.41 0.28 2.24
C VAL A 119 -6.58 -0.69 1.07
N PHE A 120 -5.66 -1.65 1.00
CA PHE A 120 -5.71 -2.65 -0.06
C PHE A 120 -6.90 -3.58 0.11
N ARG A 121 -7.32 -3.73 1.36
CA ARG A 121 -8.45 -4.59 1.67
C ARG A 121 -9.77 -3.90 1.31
N ARG A 122 -9.72 -2.57 1.31
CA ARG A 122 -10.89 -1.78 0.97
C ARG A 122 -11.11 -1.76 -0.53
N ILE A 123 -10.05 -1.42 -1.25
CA ILE A 123 -10.11 -1.35 -2.70
C ILE A 123 -10.89 -2.56 -3.23
N SER A 124 -10.82 -3.65 -2.48
CA SER A 124 -11.51 -4.86 -2.85
C SER A 124 -12.91 -4.89 -2.21
N LYS A 125 -12.93 -4.64 -0.91
CA LYS A 125 -14.17 -4.64 -0.17
C LYS A 125 -15.21 -3.81 -0.93
N GLN A 126 -16.46 -3.93 -0.50
CA GLN A 126 -17.54 -3.19 -1.13
C GLN A 126 -17.67 -3.58 -2.60
N MET A 26 -21.43 4.29 -3.11
CA MET A 26 -21.54 3.34 -4.20
C MET A 26 -20.38 2.35 -4.20
N GLU A 27 -20.51 1.31 -5.01
CA GLU A 27 -19.49 0.29 -5.11
C GLU A 27 -18.18 0.90 -5.62
N LEU A 28 -18.29 2.10 -6.16
CA LEU A 28 -17.13 2.80 -6.68
C LEU A 28 -16.64 2.10 -7.95
N ILE A 29 -17.45 1.15 -8.40
CA ILE A 29 -17.12 0.39 -9.61
C ILE A 29 -15.80 -0.36 -9.39
N ARG A 30 -15.76 -1.57 -9.91
CA ARG A 30 -14.58 -2.40 -9.78
C ARG A 30 -14.02 -2.75 -11.17
N VAL A 31 -12.72 -2.53 -11.32
CA VAL A 31 -12.06 -2.82 -12.57
C VAL A 31 -10.79 -3.64 -12.31
N PRO A 32 -10.52 -4.61 -13.23
CA PRO A 32 -9.35 -5.45 -13.10
C PRO A 32 -8.07 -4.69 -13.47
N ILE A 33 -8.17 -3.93 -14.55
CA ILE A 33 -7.04 -3.15 -15.03
C ILE A 33 -7.21 -1.70 -14.57
N LEU A 34 -6.50 -1.35 -13.51
CA LEU A 34 -6.56 0.00 -12.98
C LEU A 34 -5.58 0.13 -11.81
N TRP A 35 -5.86 1.11 -10.95
CA TRP A 35 -5.02 1.34 -9.79
C TRP A 35 -5.17 0.13 -8.85
N HIS A 36 -6.41 -0.16 -8.52
CA HIS A 36 -6.70 -1.28 -7.63
C HIS A 36 -5.88 -2.50 -8.07
N GLU A 37 -5.52 -2.51 -9.34
CA GLU A 37 -4.74 -3.61 -9.89
C GLU A 37 -3.32 -3.58 -9.33
N MET A 38 -2.82 -2.37 -9.15
CA MET A 38 -1.47 -2.18 -8.63
C MET A 38 -1.43 -2.45 -7.13
N TRP A 39 -2.53 -2.14 -6.46
CA TRP A 39 -2.64 -2.34 -5.03
C TRP A 39 -2.66 -3.84 -4.76
N HIS A 40 -3.44 -4.54 -5.59
CA HIS A 40 -3.58 -5.98 -5.45
C HIS A 40 -2.23 -6.66 -5.79
N GLU A 41 -1.77 -6.40 -7.00
CA GLU A 41 -0.52 -6.97 -7.46
C GLU A 41 0.65 -6.46 -6.60
N GLY A 42 0.61 -5.16 -6.35
CA GLY A 42 1.65 -4.53 -5.54
C GLY A 42 1.82 -5.26 -4.21
N LEU A 43 0.77 -5.21 -3.40
CA LEU A 43 0.80 -5.87 -2.10
C LEU A 43 1.08 -7.36 -2.29
N GLU A 44 0.66 -7.87 -3.43
CA GLU A 44 0.87 -9.27 -3.74
C GLU A 44 2.35 -9.63 -3.58
N GLU A 45 3.18 -8.86 -4.24
CA GLU A 45 4.63 -9.09 -4.19
C GLU A 45 5.17 -8.68 -2.82
N ALA A 46 4.83 -7.46 -2.42
CA ALA A 46 5.28 -6.94 -1.14
C ALA A 46 4.91 -7.93 -0.03
N SER A 47 3.65 -8.34 -0.05
CA SER A 47 3.15 -9.28 0.93
C SER A 47 3.92 -10.60 0.84
N ARG A 48 4.15 -11.02 -0.39
CA ARG A 48 4.86 -12.26 -0.64
C ARG A 48 6.22 -12.23 0.06
N LEU A 49 6.83 -11.06 0.06
CA LEU A 49 8.13 -10.89 0.70
C LEU A 49 7.97 -10.96 2.21
N TYR A 50 6.88 -10.36 2.69
CA TYR A 50 6.61 -10.35 4.12
C TYR A 50 6.09 -11.71 4.58
N PHE A 51 5.02 -12.15 3.95
CA PHE A 51 4.41 -13.43 4.29
C PHE A 51 5.27 -14.59 3.76
N GLY A 52 5.65 -14.47 2.51
CA GLY A 52 6.46 -15.49 1.86
C GLY A 52 7.93 -15.37 2.27
N GLU A 53 8.20 -14.34 3.07
CA GLU A 53 9.55 -14.10 3.54
C GLU A 53 10.49 -13.87 2.36
N ARG A 54 11.42 -12.95 2.56
CA ARG A 54 12.39 -12.62 1.52
C ARG A 54 13.23 -11.42 1.95
N ASN A 55 12.55 -10.32 2.22
CA ASN A 55 13.22 -9.10 2.64
C ASN A 55 12.20 -7.95 2.65
N VAL A 56 11.87 -7.51 3.86
CA VAL A 56 10.93 -6.42 4.02
C VAL A 56 11.28 -5.29 3.07
N LYS A 57 12.58 -5.16 2.81
CA LYS A 57 13.06 -4.13 1.91
C LYS A 57 12.35 -4.26 0.56
N GLY A 58 12.07 -5.49 0.19
CA GLY A 58 11.38 -5.76 -1.07
C GLY A 58 10.05 -5.02 -1.13
N MET A 59 9.22 -5.27 -0.12
CA MET A 59 7.91 -4.64 -0.06
C MET A 59 8.03 -3.11 -0.15
N PHE A 60 8.84 -2.57 0.75
CA PHE A 60 9.04 -1.13 0.78
C PHE A 60 9.44 -0.60 -0.60
N GLU A 61 10.24 -1.40 -1.30
CA GLU A 61 10.70 -1.03 -2.62
C GLU A 61 9.58 -1.22 -3.65
N VAL A 62 8.58 -1.98 -3.24
CA VAL A 62 7.43 -2.24 -4.11
C VAL A 62 6.41 -1.12 -3.97
N LEU A 63 6.20 -0.69 -2.73
CA LEU A 63 5.27 0.38 -2.45
C LEU A 63 5.91 1.72 -2.79
N GLU A 64 7.15 1.87 -2.37
CA GLU A 64 7.89 3.09 -2.62
C GLU A 64 7.54 3.64 -4.01
N PRO A 65 7.72 2.77 -5.04
CA PRO A 65 7.43 3.16 -6.40
C PRO A 65 5.92 3.20 -6.65
N LEU A 66 5.27 2.10 -6.29
CA LEU A 66 3.83 2.01 -6.48
C LEU A 66 3.16 3.26 -5.91
N HIS A 67 3.41 3.51 -4.64
CA HIS A 67 2.84 4.66 -3.97
C HIS A 67 3.30 5.94 -4.68
N ALA A 68 4.60 6.03 -4.88
CA ALA A 68 5.18 7.18 -5.54
C ALA A 68 4.46 7.42 -6.87
N MET A 69 4.29 6.34 -7.61
CA MET A 69 3.63 6.41 -8.90
C MET A 69 2.28 7.10 -8.78
N MET A 70 1.58 6.80 -7.69
CA MET A 70 0.28 7.38 -7.45
C MET A 70 0.41 8.87 -7.11
N GLU A 71 1.53 9.21 -6.50
CA GLU A 71 1.78 10.60 -6.11
C GLU A 71 2.17 11.42 -7.33
N ARG A 72 3.30 11.06 -7.93
CA ARG A 72 3.78 11.74 -9.11
C ARG A 72 2.95 11.37 -10.34
N GLY A 73 2.21 10.29 -10.19
CA GLY A 73 1.36 9.81 -11.29
C GLY A 73 -0.10 9.74 -10.84
N PRO A 74 -0.73 10.94 -10.74
CA PRO A 74 -2.13 11.02 -10.33
C PRO A 74 -3.06 10.59 -11.47
N GLN A 75 -4.31 10.98 -11.35
CA GLN A 75 -5.31 10.65 -12.35
C GLN A 75 -6.23 11.85 -12.60
N THR A 76 -7.07 12.11 -11.62
CA THR A 76 -8.01 13.23 -11.72
C THR A 76 -8.71 13.45 -10.38
N LEU A 77 -9.45 14.55 -10.31
CA LEU A 77 -10.18 14.88 -9.10
C LEU A 77 -10.97 13.67 -8.62
N LYS A 78 -11.34 12.83 -9.59
CA LYS A 78 -12.10 11.64 -9.28
C LYS A 78 -11.20 10.65 -8.52
N GLU A 79 -9.94 10.62 -8.93
CA GLU A 79 -8.98 9.73 -8.30
C GLU A 79 -8.38 10.40 -7.05
N THR A 80 -8.47 11.71 -7.02
CA THR A 80 -7.95 12.48 -5.90
C THR A 80 -8.56 11.98 -4.59
N SER A 81 -9.80 11.52 -4.68
CA SER A 81 -10.50 11.02 -3.51
C SER A 81 -9.87 9.71 -3.05
N PHE A 82 -9.38 8.95 -4.03
CA PHE A 82 -8.75 7.67 -3.73
C PHE A 82 -7.45 7.87 -2.96
N ASN A 83 -6.58 8.70 -3.52
CA ASN A 83 -5.30 8.97 -2.90
C ASN A 83 -5.54 9.64 -1.55
N GLN A 84 -6.63 10.37 -1.45
CA GLN A 84 -6.97 11.06 -0.23
C GLN A 84 -7.60 10.09 0.77
N ALA A 85 -8.58 9.34 0.29
CA ALA A 85 -9.26 8.37 1.13
C ALA A 85 -8.24 7.62 1.99
N TYR A 86 -7.25 7.06 1.31
CA TYR A 86 -6.20 6.33 2.01
C TYR A 86 -5.01 7.24 2.32
N GLY A 87 -4.94 8.34 1.58
CA GLY A 87 -3.86 9.29 1.77
C GLY A 87 -3.52 9.46 3.25
N ARG A 88 -4.54 9.29 4.08
CA ARG A 88 -4.38 9.41 5.51
C ARG A 88 -3.78 8.13 6.10
N ASP A 89 -4.33 7.00 5.65
CA ASP A 89 -3.86 5.71 6.11
C ASP A 89 -2.39 5.54 5.74
N LEU A 90 -2.12 5.61 4.45
CA LEU A 90 -0.76 5.48 3.96
C LEU A 90 0.16 6.41 4.72
N MET A 91 -0.31 7.64 4.90
CA MET A 91 0.46 8.63 5.63
C MET A 91 0.95 8.09 6.98
N GLU A 92 0.00 7.51 7.71
CA GLU A 92 0.32 6.95 9.02
C GLU A 92 1.14 5.67 8.86
N ALA A 93 0.66 4.81 7.96
CA ALA A 93 1.34 3.55 7.71
C ALA A 93 2.80 3.82 7.34
N GLN A 94 2.98 4.84 6.51
CA GLN A 94 4.32 5.21 6.08
C GLN A 94 5.15 5.70 7.26
N GLU A 95 4.48 6.42 8.15
CA GLU A 95 5.13 6.96 9.33
C GLU A 95 5.65 5.82 10.21
N TRP A 96 4.85 4.77 10.30
CA TRP A 96 5.22 3.61 11.10
C TRP A 96 6.39 2.90 10.41
N CYS A 97 6.36 2.96 9.08
CA CYS A 97 7.41 2.33 8.29
C CYS A 97 8.75 2.94 8.70
N ARG A 98 8.82 4.26 8.57
CA ARG A 98 10.03 4.98 8.92
C ARG A 98 10.45 4.66 10.36
N LYS A 99 9.45 4.58 11.23
CA LYS A 99 9.69 4.28 12.63
C LYS A 99 10.43 2.95 12.74
N TYR A 100 9.92 1.97 12.01
CA TYR A 100 10.51 0.64 12.02
C TYR A 100 11.83 0.63 11.24
N MET A 101 11.87 1.43 10.20
CA MET A 101 13.07 1.52 9.37
C MET A 101 14.24 2.11 10.16
N LYS A 102 13.92 3.04 11.04
CA LYS A 102 14.93 3.68 11.86
C LYS A 102 15.00 2.97 13.22
N SER A 103 13.86 2.94 13.89
CA SER A 103 13.78 2.31 15.20
C SER A 103 14.08 0.81 15.07
N GLY A 104 13.22 0.12 14.33
CA GLY A 104 13.39 -1.31 14.13
C GLY A 104 12.52 -2.11 15.10
N ASN A 105 11.25 -2.20 14.77
CA ASN A 105 10.30 -2.94 15.60
C ASN A 105 9.18 -3.50 14.72
N VAL A 106 9.20 -4.82 14.56
CA VAL A 106 8.20 -5.49 13.76
C VAL A 106 6.81 -4.99 14.15
N LYS A 107 6.66 -4.71 15.43
CA LYS A 107 5.39 -4.22 15.94
C LYS A 107 4.90 -3.06 15.08
N ASP A 108 5.79 -2.09 14.91
CA ASP A 108 5.48 -0.91 14.11
C ASP A 108 5.26 -1.34 12.66
N LEU A 109 6.03 -2.32 12.24
CA LEU A 109 5.93 -2.83 10.88
C LEU A 109 4.55 -3.44 10.67
N THR A 110 4.16 -4.28 11.62
CA THR A 110 2.87 -4.95 11.56
C THR A 110 1.74 -3.92 11.51
N GLN A 111 1.88 -2.89 12.33
CA GLN A 111 0.88 -1.83 12.39
C GLN A 111 0.72 -1.18 11.01
N ALA A 112 1.86 -0.86 10.41
CA ALA A 112 1.86 -0.23 9.09
C ALA A 112 1.20 -1.17 8.09
N TRP A 113 1.53 -2.45 8.21
CA TRP A 113 0.97 -3.45 7.32
C TRP A 113 -0.55 -3.45 7.49
N ASP A 114 -0.97 -3.34 8.74
CA ASP A 114 -2.38 -3.32 9.05
C ASP A 114 -3.05 -2.16 8.32
N LEU A 115 -2.46 -0.98 8.46
CA LEU A 115 -2.98 0.21 7.81
C LEU A 115 -3.13 -0.06 6.31
N TYR A 116 -2.03 -0.49 5.70
CA TYR A 116 -2.03 -0.78 4.28
C TYR A 116 -3.13 -1.78 3.92
N TYR A 117 -3.06 -2.94 4.56
CA TYR A 117 -4.03 -4.00 4.32
C TYR A 117 -5.46 -3.45 4.43
N HIS A 118 -5.62 -2.47 5.31
CA HIS A 118 -6.93 -1.85 5.51
C HIS A 118 -7.37 -1.16 4.22
N VAL A 119 -6.50 -0.31 3.72
CA VAL A 119 -6.78 0.42 2.50
C VAL A 119 -6.80 -0.55 1.32
N PHE A 120 -5.80 -1.41 1.28
CA PHE A 120 -5.69 -2.39 0.22
C PHE A 120 -6.86 -3.37 0.26
N ARG A 121 -7.37 -3.59 1.46
CA ARG A 121 -8.48 -4.50 1.65
C ARG A 121 -9.80 -3.83 1.23
N ARG A 122 -9.86 -2.52 1.47
CA ARG A 122 -11.04 -1.76 1.12
C ARG A 122 -11.20 -1.67 -0.39
N ILE A 123 -10.11 -1.26 -1.04
CA ILE A 123 -10.11 -1.13 -2.49
C ILE A 123 -10.77 -2.36 -3.11
N SER A 124 -10.48 -3.51 -2.51
CA SER A 124 -11.04 -4.77 -3.00
C SER A 124 -12.45 -4.96 -2.44
N LYS A 125 -12.56 -4.86 -1.13
CA LYS A 125 -13.83 -5.02 -0.45
C LYS A 125 -14.93 -4.34 -1.28
N GLN A 126 -16.03 -5.06 -1.46
CA GLN A 126 -17.14 -4.53 -2.23
C GLN A 126 -18.46 -5.09 -1.69
N MET A 26 -23.64 -7.23 -4.45
CA MET A 26 -23.46 -6.79 -5.82
C MET A 26 -22.53 -5.57 -5.88
N GLU A 27 -21.51 -5.69 -6.72
CA GLU A 27 -20.54 -4.62 -6.88
C GLU A 27 -20.53 -4.13 -8.33
N LEU A 28 -21.28 -4.84 -9.16
CA LEU A 28 -21.36 -4.48 -10.57
C LEU A 28 -19.98 -4.66 -11.22
N ILE A 29 -20.00 -4.69 -12.54
CA ILE A 29 -18.76 -4.84 -13.29
C ILE A 29 -17.67 -3.98 -12.65
N ARG A 30 -16.44 -4.50 -12.72
CA ARG A 30 -15.31 -3.80 -12.15
C ARG A 30 -14.17 -3.72 -13.17
N VAL A 31 -13.78 -2.48 -13.47
CA VAL A 31 -12.71 -2.26 -14.43
C VAL A 31 -11.60 -3.29 -14.22
N PRO A 32 -10.99 -3.71 -15.35
CA PRO A 32 -9.92 -4.69 -15.29
C PRO A 32 -8.61 -4.06 -14.77
N ILE A 33 -8.04 -3.20 -15.59
CA ILE A 33 -6.81 -2.53 -15.23
C ILE A 33 -7.14 -1.19 -14.55
N LEU A 34 -6.66 -1.07 -13.32
CA LEU A 34 -6.90 0.14 -12.55
C LEU A 34 -5.93 0.19 -11.37
N TRP A 35 -5.93 1.33 -10.69
CA TRP A 35 -5.06 1.52 -9.54
C TRP A 35 -5.19 0.29 -8.64
N HIS A 36 -6.44 -0.05 -8.34
CA HIS A 36 -6.71 -1.20 -7.49
C HIS A 36 -5.84 -2.37 -7.92
N GLU A 37 -5.44 -2.35 -9.18
CA GLU A 37 -4.62 -3.41 -9.73
C GLU A 37 -3.21 -3.33 -9.14
N MET A 38 -2.75 -2.11 -8.94
CA MET A 38 -1.43 -1.87 -8.38
C MET A 38 -1.38 -2.28 -6.90
N TRP A 39 -2.46 -1.97 -6.20
CA TRP A 39 -2.55 -2.29 -4.79
C TRP A 39 -2.57 -3.82 -4.66
N HIS A 40 -3.39 -4.44 -5.48
CA HIS A 40 -3.50 -5.89 -5.46
C HIS A 40 -2.16 -6.52 -5.83
N GLU A 41 -1.68 -6.18 -7.00
CA GLU A 41 -0.41 -6.70 -7.48
C GLU A 41 0.72 -6.30 -6.52
N GLY A 42 0.67 -5.05 -6.09
CA GLY A 42 1.68 -4.52 -5.18
C GLY A 42 1.84 -5.43 -3.97
N LEU A 43 0.77 -5.53 -3.19
CA LEU A 43 0.78 -6.37 -1.99
C LEU A 43 1.15 -7.80 -2.39
N GLU A 44 0.74 -8.17 -3.59
CA GLU A 44 1.02 -9.51 -4.09
C GLU A 44 2.51 -9.81 -3.98
N GLU A 45 3.32 -8.92 -4.55
CA GLU A 45 4.75 -9.08 -4.52
C GLU A 45 5.30 -8.78 -3.12
N ALA A 46 4.85 -7.66 -2.58
CA ALA A 46 5.28 -7.26 -1.25
C ALA A 46 5.06 -8.41 -0.27
N SER A 47 3.85 -8.96 -0.32
CA SER A 47 3.50 -10.07 0.56
C SER A 47 4.43 -11.25 0.30
N ARG A 48 4.57 -11.58 -0.98
CA ARG A 48 5.42 -12.69 -1.37
C ARG A 48 6.80 -12.56 -0.72
N LEU A 49 7.25 -11.32 -0.58
CA LEU A 49 8.54 -11.05 0.03
C LEU A 49 8.46 -11.33 1.52
N TYR A 50 7.43 -10.78 2.15
CA TYR A 50 7.24 -10.97 3.58
C TYR A 50 7.20 -12.45 3.94
N PHE A 51 6.32 -13.17 3.28
CA PHE A 51 6.18 -14.60 3.52
C PHE A 51 7.33 -15.37 2.88
N GLY A 52 7.82 -14.84 1.77
CA GLY A 52 8.91 -15.47 1.06
C GLY A 52 10.06 -15.81 2.01
N GLU A 53 10.72 -14.76 2.49
CA GLU A 53 11.84 -14.92 3.41
C GLU A 53 11.86 -13.79 4.43
N ARG A 54 10.73 -13.61 5.09
CA ARG A 54 10.61 -12.57 6.09
C ARG A 54 11.40 -11.33 5.67
N ASN A 55 11.32 -11.03 4.39
CA ASN A 55 12.02 -9.88 3.84
C ASN A 55 11.00 -8.80 3.46
N VAL A 56 10.70 -7.96 4.43
CA VAL A 56 9.75 -6.88 4.22
C VAL A 56 10.37 -5.84 3.29
N LYS A 57 11.69 -5.91 3.16
CA LYS A 57 12.42 -4.98 2.32
C LYS A 57 11.75 -4.93 0.94
N GLY A 58 11.44 -6.11 0.43
CA GLY A 58 10.80 -6.22 -0.88
C GLY A 58 9.55 -5.34 -0.95
N MET A 59 8.67 -5.55 0.01
CA MET A 59 7.42 -4.79 0.07
C MET A 59 7.70 -3.28 0.02
N PHE A 60 8.59 -2.85 0.92
CA PHE A 60 8.95 -1.45 0.99
C PHE A 60 9.37 -0.92 -0.38
N GLU A 61 10.12 -1.74 -1.10
CA GLU A 61 10.59 -1.37 -2.41
C GLU A 61 9.46 -1.50 -3.45
N VAL A 62 8.41 -2.21 -3.04
CA VAL A 62 7.27 -2.41 -3.90
C VAL A 62 6.29 -1.25 -3.74
N LEU A 63 6.09 -0.86 -2.48
CA LEU A 63 5.18 0.23 -2.17
C LEU A 63 5.88 1.56 -2.48
N GLU A 64 7.15 1.61 -2.16
CA GLU A 64 7.94 2.82 -2.39
C GLU A 64 7.60 3.41 -3.76
N PRO A 65 7.75 2.55 -4.81
CA PRO A 65 7.46 2.98 -6.17
C PRO A 65 5.96 3.07 -6.41
N LEU A 66 5.28 1.99 -6.06
CA LEU A 66 3.83 1.93 -6.23
C LEU A 66 3.20 3.20 -5.65
N HIS A 67 3.50 3.44 -4.39
CA HIS A 67 2.97 4.62 -3.71
C HIS A 67 3.44 5.88 -4.43
N ALA A 68 4.74 5.97 -4.59
CA ALA A 68 5.34 7.12 -5.24
C ALA A 68 4.61 7.38 -6.56
N MET A 69 4.45 6.32 -7.34
CA MET A 69 3.76 6.41 -8.62
C MET A 69 2.40 7.08 -8.46
N MET A 70 1.72 6.73 -7.39
CA MET A 70 0.41 7.28 -7.10
C MET A 70 0.51 8.75 -6.72
N GLU A 71 1.65 9.11 -6.15
CA GLU A 71 1.88 10.48 -5.72
C GLU A 71 2.22 11.35 -6.93
N ARG A 72 3.34 11.03 -7.56
CA ARG A 72 3.79 11.77 -8.72
C ARG A 72 2.94 11.42 -9.95
N GLY A 73 2.31 10.26 -9.86
CA GLY A 73 1.46 9.79 -10.94
C GLY A 73 0.00 9.69 -10.50
N PRO A 74 -0.69 10.86 -10.50
CA PRO A 74 -2.08 10.91 -10.10
C PRO A 74 -2.98 10.35 -11.19
N GLN A 75 -4.26 10.69 -11.10
CA GLN A 75 -5.24 10.22 -12.07
C GLN A 75 -6.23 11.33 -12.40
N THR A 76 -6.96 11.76 -11.39
CA THR A 76 -7.94 12.82 -11.56
C THR A 76 -8.66 13.10 -10.23
N LEU A 77 -9.41 14.20 -10.23
CA LEU A 77 -10.15 14.59 -9.05
C LEU A 77 -10.95 13.40 -8.52
N LYS A 78 -11.33 12.53 -9.46
CA LYS A 78 -12.10 11.35 -9.11
C LYS A 78 -11.22 10.38 -8.33
N GLU A 79 -9.94 10.35 -8.70
CA GLU A 79 -8.99 9.47 -8.04
C GLU A 79 -8.40 10.17 -6.81
N THR A 80 -8.52 11.48 -6.80
CA THR A 80 -8.00 12.27 -5.69
C THR A 80 -8.63 11.82 -4.38
N SER A 81 -9.87 11.32 -4.48
CA SER A 81 -10.58 10.86 -3.31
C SER A 81 -10.03 9.51 -2.86
N PHE A 82 -9.61 8.72 -3.83
CA PHE A 82 -9.05 7.41 -3.55
C PHE A 82 -7.73 7.52 -2.79
N ASN A 83 -6.88 8.40 -3.28
CA ASN A 83 -5.58 8.62 -2.66
C ASN A 83 -5.76 9.39 -1.35
N GLN A 84 -6.84 10.17 -1.30
CA GLN A 84 -7.14 10.95 -0.12
C GLN A 84 -7.79 10.08 0.95
N ALA A 85 -8.87 9.41 0.54
CA ALA A 85 -9.57 8.53 1.46
C ALA A 85 -8.57 7.73 2.30
N TYR A 86 -7.53 7.26 1.62
CA TYR A 86 -6.50 6.49 2.29
C TYR A 86 -5.28 7.36 2.60
N GLY A 87 -5.20 8.47 1.89
CA GLY A 87 -4.10 9.40 2.08
C GLY A 87 -3.73 9.55 3.56
N ARG A 88 -4.75 9.38 4.39
CA ARG A 88 -4.57 9.48 5.83
C ARG A 88 -3.91 8.22 6.38
N ASP A 89 -4.45 7.09 5.95
CA ASP A 89 -3.94 5.80 6.39
C ASP A 89 -2.49 5.65 5.92
N LEU A 90 -2.30 5.76 4.61
CA LEU A 90 -0.98 5.64 4.03
C LEU A 90 -0.02 6.57 4.76
N MET A 91 -0.48 7.80 4.98
CA MET A 91 0.33 8.79 5.67
C MET A 91 0.88 8.23 6.98
N GLU A 92 -0.03 7.68 7.77
CA GLU A 92 0.35 7.12 9.06
C GLU A 92 1.13 5.82 8.86
N ALA A 93 0.57 4.96 8.02
CA ALA A 93 1.20 3.68 7.73
C ALA A 93 2.65 3.92 7.29
N GLN A 94 2.82 4.93 6.45
CA GLN A 94 4.14 5.28 5.94
C GLN A 94 5.05 5.71 7.10
N GLU A 95 4.47 6.47 8.02
CA GLU A 95 5.22 6.96 9.17
C GLU A 95 5.79 5.78 9.96
N TRP A 96 4.99 4.73 10.07
CA TRP A 96 5.42 3.55 10.80
C TRP A 96 6.48 2.83 9.96
N CYS A 97 6.34 2.96 8.66
CA CYS A 97 7.29 2.34 7.74
C CYS A 97 8.63 3.05 7.88
N ARG A 98 8.61 4.34 7.61
CA ARG A 98 9.82 5.15 7.71
C ARG A 98 10.35 5.14 9.14
N LYS A 99 9.42 5.13 10.09
CA LYS A 99 9.78 5.12 11.49
C LYS A 99 10.46 3.79 11.84
N TYR A 100 10.04 2.75 11.13
CA TYR A 100 10.60 1.44 11.34
C TYR A 100 11.96 1.29 10.66
N MET A 101 12.10 1.98 9.53
CA MET A 101 13.34 1.94 8.78
C MET A 101 14.44 2.72 9.51
N LYS A 102 14.04 3.77 10.19
CA LYS A 102 14.99 4.60 10.92
C LYS A 102 15.16 4.03 12.34
N SER A 103 14.17 3.25 12.75
CA SER A 103 14.20 2.65 14.07
C SER A 103 14.33 1.13 13.94
N GLY A 104 13.23 0.50 13.57
CA GLY A 104 13.20 -0.95 13.41
C GLY A 104 12.38 -1.61 14.51
N ASN A 105 11.23 -2.14 14.10
CA ASN A 105 10.33 -2.81 15.04
C ASN A 105 9.23 -3.53 14.26
N VAL A 106 9.27 -4.85 14.34
CA VAL A 106 8.28 -5.66 13.64
C VAL A 106 6.88 -5.19 14.03
N LYS A 107 6.70 -4.96 15.32
CA LYS A 107 5.42 -4.52 15.84
C LYS A 107 4.92 -3.35 15.00
N ASP A 108 5.82 -2.40 14.76
CA ASP A 108 5.48 -1.23 13.98
C ASP A 108 5.14 -1.65 12.56
N LEU A 109 5.91 -2.61 12.05
CA LEU A 109 5.71 -3.11 10.70
C LEU A 109 4.28 -3.65 10.59
N THR A 110 3.90 -4.44 11.57
CA THR A 110 2.55 -5.03 11.58
C THR A 110 1.50 -3.92 11.59
N GLN A 111 1.74 -2.92 12.42
CA GLN A 111 0.82 -1.80 12.53
C GLN A 111 0.68 -1.09 11.19
N ALA A 112 1.82 -0.78 10.60
CA ALA A 112 1.84 -0.10 9.31
C ALA A 112 1.10 -0.95 8.27
N TRP A 113 1.47 -2.22 8.22
CA TRP A 113 0.85 -3.14 7.29
C TRP A 113 -0.65 -3.17 7.58
N ASP A 114 -0.99 -2.97 8.84
CA ASP A 114 -2.38 -2.97 9.26
C ASP A 114 -3.12 -1.84 8.54
N LEU A 115 -2.55 -0.65 8.63
CA LEU A 115 -3.13 0.52 8.01
C LEU A 115 -3.36 0.24 6.52
N TYR A 116 -2.30 -0.20 5.87
CA TYR A 116 -2.37 -0.51 4.45
C TYR A 116 -3.48 -1.52 4.16
N TYR A 117 -3.39 -2.66 4.84
CA TYR A 117 -4.38 -3.71 4.68
C TYR A 117 -5.80 -3.14 4.75
N HIS A 118 -5.96 -2.15 5.60
CA HIS A 118 -7.26 -1.51 5.77
C HIS A 118 -7.68 -0.85 4.46
N VAL A 119 -6.81 0.00 3.95
CA VAL A 119 -7.07 0.70 2.71
C VAL A 119 -7.07 -0.29 1.56
N PHE A 120 -6.04 -1.11 1.53
CA PHE A 120 -5.90 -2.12 0.49
C PHE A 120 -7.07 -3.10 0.51
N ARG A 121 -7.61 -3.29 1.70
CA ARG A 121 -8.74 -4.19 1.87
C ARG A 121 -10.02 -3.56 1.32
N ARG A 122 -10.15 -2.26 1.55
CA ARG A 122 -11.32 -1.53 1.08
C ARG A 122 -11.38 -1.54 -0.45
N ILE A 123 -10.25 -1.16 -1.05
CA ILE A 123 -10.16 -1.13 -2.50
C ILE A 123 -10.71 -2.44 -3.08
N SER A 124 -10.51 -3.51 -2.31
CA SER A 124 -10.96 -4.83 -2.73
C SER A 124 -12.41 -5.05 -2.27
N LYS A 125 -12.60 -4.97 -0.96
CA LYS A 125 -13.92 -5.16 -0.38
C LYS A 125 -14.96 -4.46 -1.26
N GLN A 126 -14.52 -3.39 -1.91
CA GLN A 126 -15.40 -2.63 -2.78
C GLN A 126 -14.60 -2.05 -3.95
N MET A 26 -0.99 -11.38 -12.53
CA MET A 26 -2.30 -11.59 -11.94
C MET A 26 -3.24 -10.44 -12.27
N GLU A 27 -3.94 -10.59 -13.40
CA GLU A 27 -4.87 -9.56 -13.83
C GLU A 27 -6.29 -10.15 -13.93
N LEU A 28 -6.37 -11.45 -13.68
CA LEU A 28 -7.65 -12.13 -13.72
C LEU A 28 -8.60 -11.53 -12.68
N ILE A 29 -9.85 -11.37 -13.07
CA ILE A 29 -10.85 -10.80 -12.19
C ILE A 29 -10.51 -9.35 -11.90
N ARG A 30 -9.64 -9.17 -10.90
CA ARG A 30 -9.22 -7.83 -10.51
C ARG A 30 -8.83 -7.01 -11.74
N VAL A 31 -9.73 -6.12 -12.13
CA VAL A 31 -9.49 -5.27 -13.29
C VAL A 31 -8.04 -4.81 -13.28
N PRO A 32 -7.37 -5.03 -14.45
CA PRO A 32 -5.97 -4.64 -14.60
C PRO A 32 -5.84 -3.13 -14.75
N ILE A 33 -6.80 -2.55 -15.46
CA ILE A 33 -6.80 -1.11 -15.68
C ILE A 33 -7.50 -0.41 -14.51
N LEU A 34 -6.75 -0.25 -13.44
CA LEU A 34 -7.28 0.40 -12.25
C LEU A 34 -6.20 0.43 -11.17
N TRP A 35 -6.24 1.49 -10.36
CA TRP A 35 -5.28 1.65 -9.29
C TRP A 35 -5.31 0.37 -8.44
N HIS A 36 -6.51 -0.08 -8.15
CA HIS A 36 -6.69 -1.29 -7.35
C HIS A 36 -5.78 -2.39 -7.89
N GLU A 37 -5.43 -2.26 -9.15
CA GLU A 37 -4.57 -3.25 -9.80
C GLU A 37 -3.16 -3.18 -9.22
N MET A 38 -2.76 -1.96 -8.86
CA MET A 38 -1.44 -1.75 -8.29
C MET A 38 -1.40 -2.16 -6.82
N TRP A 39 -2.53 -1.94 -6.15
CA TRP A 39 -2.65 -2.28 -4.74
C TRP A 39 -2.76 -3.80 -4.63
N HIS A 40 -3.48 -4.38 -5.59
CA HIS A 40 -3.67 -5.82 -5.60
C HIS A 40 -2.33 -6.51 -5.91
N GLU A 41 -1.78 -6.17 -7.05
CA GLU A 41 -0.50 -6.76 -7.46
C GLU A 41 0.63 -6.26 -6.56
N GLY A 42 0.46 -5.04 -6.07
CA GLY A 42 1.44 -4.44 -5.19
C GLY A 42 1.64 -5.28 -3.94
N LEU A 43 0.59 -5.36 -3.14
CA LEU A 43 0.64 -6.12 -1.91
C LEU A 43 0.93 -7.59 -2.23
N GLU A 44 0.43 -8.02 -3.39
CA GLU A 44 0.63 -9.39 -3.82
C GLU A 44 2.11 -9.75 -3.80
N GLU A 45 2.91 -8.88 -4.40
CA GLU A 45 4.34 -9.09 -4.46
C GLU A 45 4.99 -8.72 -3.13
N ALA A 46 4.56 -7.57 -2.60
CA ALA A 46 5.09 -7.09 -1.33
C ALA A 46 4.84 -8.14 -0.26
N SER A 47 3.64 -8.69 -0.27
CA SER A 47 3.26 -9.71 0.70
C SER A 47 3.89 -11.05 0.32
N ARG A 48 3.77 -11.39 -0.94
CA ARG A 48 4.31 -12.64 -1.44
C ARG A 48 5.79 -12.76 -1.05
N LEU A 49 6.52 -11.67 -1.26
CA LEU A 49 7.93 -11.65 -0.93
C LEU A 49 8.11 -11.63 0.58
N TYR A 50 7.30 -10.80 1.24
CA TYR A 50 7.36 -10.68 2.69
C TYR A 50 7.21 -12.06 3.34
N PHE A 51 6.15 -12.75 2.97
CA PHE A 51 5.88 -14.06 3.52
C PHE A 51 6.88 -15.10 2.99
N GLY A 52 7.29 -14.89 1.75
CA GLY A 52 8.24 -15.79 1.12
C GLY A 52 9.64 -15.62 1.72
N GLU A 53 9.91 -14.39 2.16
CA GLU A 53 11.21 -14.09 2.75
C GLU A 53 11.07 -12.92 3.72
N ARG A 54 11.81 -13.01 4.82
CA ARG A 54 11.78 -11.97 5.83
C ARG A 54 12.52 -10.72 5.32
N ASN A 55 12.03 -10.21 4.21
CA ASN A 55 12.63 -9.03 3.61
C ASN A 55 11.57 -7.92 3.50
N VAL A 56 11.38 -7.22 4.61
CA VAL A 56 10.40 -6.15 4.64
C VAL A 56 10.80 -5.06 3.65
N LYS A 57 12.03 -5.16 3.18
CA LYS A 57 12.56 -4.20 2.22
C LYS A 57 11.86 -4.40 0.87
N GLY A 58 11.65 -5.67 0.54
CA GLY A 58 11.00 -6.00 -0.72
C GLY A 58 9.63 -5.32 -0.83
N MET A 59 8.79 -5.58 0.16
CA MET A 59 7.46 -5.00 0.18
C MET A 59 7.53 -3.47 0.19
N PHE A 60 8.46 -2.96 0.98
CA PHE A 60 8.65 -1.52 1.09
C PHE A 60 9.03 -0.91 -0.26
N GLU A 61 9.91 -1.61 -0.96
CA GLU A 61 10.36 -1.16 -2.26
C GLU A 61 9.27 -1.36 -3.31
N VAL A 62 8.27 -2.14 -2.93
CA VAL A 62 7.17 -2.42 -3.82
C VAL A 62 6.15 -1.27 -3.76
N LEU A 63 5.83 -0.88 -2.52
CA LEU A 63 4.89 0.20 -2.31
C LEU A 63 5.58 1.54 -2.56
N GLU A 64 6.80 1.63 -2.06
CA GLU A 64 7.58 2.85 -2.22
C GLU A 64 7.31 3.48 -3.59
N PRO A 65 7.50 2.64 -4.65
CA PRO A 65 7.27 3.10 -6.01
C PRO A 65 5.78 3.21 -6.31
N LEU A 66 5.07 2.13 -6.04
CA LEU A 66 3.63 2.10 -6.28
C LEU A 66 2.99 3.37 -5.70
N HIS A 67 3.26 3.60 -4.42
CA HIS A 67 2.71 4.76 -3.74
C HIS A 67 3.25 6.03 -4.41
N ALA A 68 4.55 6.04 -4.63
CA ALA A 68 5.20 7.18 -5.26
C ALA A 68 4.51 7.49 -6.59
N MET A 69 4.34 6.44 -7.38
CA MET A 69 3.70 6.58 -8.67
C MET A 69 2.36 7.31 -8.55
N MET A 70 1.65 6.99 -7.48
CA MET A 70 0.35 7.59 -7.23
C MET A 70 0.49 9.10 -6.98
N GLU A 71 1.46 9.43 -6.14
CA GLU A 71 1.71 10.82 -5.81
C GLU A 71 1.99 11.64 -7.08
N ARG A 72 3.08 11.26 -7.75
CA ARG A 72 3.48 11.94 -8.97
C ARG A 72 2.41 11.72 -10.06
N GLY A 73 1.80 10.55 -10.02
CA GLY A 73 0.77 10.23 -10.99
C GLY A 73 -0.53 9.82 -10.30
N PRO A 74 -1.39 10.84 -10.03
CA PRO A 74 -2.66 10.61 -9.37
C PRO A 74 -3.66 9.97 -10.34
N GLN A 75 -4.47 10.82 -10.95
CA GLN A 75 -5.48 10.36 -11.89
C GLN A 75 -6.30 11.54 -12.39
N THR A 76 -7.30 11.91 -11.60
CA THR A 76 -8.18 13.01 -11.95
C THR A 76 -8.79 13.63 -10.69
N LEU A 77 -9.77 14.49 -10.92
CA LEU A 77 -10.43 15.17 -9.81
C LEU A 77 -11.27 14.14 -9.03
N LYS A 78 -11.69 13.11 -9.73
CA LYS A 78 -12.50 12.07 -9.12
C LYS A 78 -11.59 11.15 -8.31
N GLU A 79 -10.66 10.51 -9.01
CA GLU A 79 -9.73 9.59 -8.36
C GLU A 79 -9.02 10.30 -7.20
N THR A 80 -9.03 11.62 -7.25
CA THR A 80 -8.40 12.43 -6.22
C THR A 80 -8.93 12.04 -4.84
N SER A 81 -10.15 11.53 -4.84
CA SER A 81 -10.78 11.11 -3.59
C SER A 81 -10.15 9.81 -3.09
N PHE A 82 -9.88 8.92 -4.04
CA PHE A 82 -9.28 7.64 -3.71
C PHE A 82 -7.87 7.83 -3.11
N ASN A 83 -7.07 8.61 -3.81
CA ASN A 83 -5.72 8.88 -3.37
C ASN A 83 -5.76 9.66 -2.05
N GLN A 84 -6.83 10.42 -1.89
CA GLN A 84 -7.01 11.22 -0.69
C GLN A 84 -7.49 10.34 0.47
N ALA A 85 -8.54 9.58 0.19
CA ALA A 85 -9.12 8.69 1.19
C ALA A 85 -7.99 7.98 1.94
N TYR A 86 -7.10 7.38 1.17
CA TYR A 86 -5.97 6.67 1.74
C TYR A 86 -4.72 7.56 1.79
N GLY A 87 -4.81 8.68 1.08
CA GLY A 87 -3.70 9.62 1.04
C GLY A 87 -3.04 9.76 2.41
N ARG A 88 -3.88 9.98 3.41
CA ARG A 88 -3.40 10.13 4.77
C ARG A 88 -3.11 8.76 5.39
N ASP A 89 -4.05 7.85 5.21
CA ASP A 89 -3.90 6.50 5.74
C ASP A 89 -2.54 5.95 5.33
N LEU A 90 -2.33 5.87 4.03
CA LEU A 90 -1.08 5.36 3.50
C LEU A 90 0.09 6.14 4.12
N MET A 91 -0.14 7.43 4.32
CA MET A 91 0.88 8.29 4.90
C MET A 91 1.27 7.82 6.30
N GLU A 92 0.26 7.43 7.06
CA GLU A 92 0.48 6.95 8.41
C GLU A 92 1.31 5.67 8.39
N ALA A 93 0.80 4.68 7.66
CA ALA A 93 1.47 3.40 7.56
C ALA A 93 2.92 3.63 7.12
N GLN A 94 3.08 4.52 6.14
CA GLN A 94 4.40 4.84 5.63
C GLN A 94 5.30 5.36 6.75
N GLU A 95 4.71 6.21 7.59
CA GLU A 95 5.44 6.78 8.71
C GLU A 95 5.98 5.67 9.62
N TRP A 96 5.16 4.65 9.80
CA TRP A 96 5.53 3.53 10.64
C TRP A 96 6.65 2.76 9.93
N CYS A 97 6.58 2.77 8.61
CA CYS A 97 7.57 2.08 7.80
C CYS A 97 8.94 2.68 8.10
N ARG A 98 9.04 3.99 7.88
CA ARG A 98 10.28 4.70 8.13
C ARG A 98 10.71 4.51 9.59
N LYS A 99 9.72 4.52 10.47
CA LYS A 99 9.99 4.36 11.90
C LYS A 99 10.62 2.99 12.13
N TYR A 100 10.19 2.02 11.34
CA TYR A 100 10.70 0.67 11.46
C TYR A 100 12.09 0.56 10.82
N MET A 101 12.20 1.08 9.61
CA MET A 101 13.46 1.04 8.88
C MET A 101 14.57 1.72 9.67
N LYS A 102 14.18 2.72 10.46
CA LYS A 102 15.13 3.45 11.27
C LYS A 102 15.21 2.80 12.65
N SER A 103 14.06 2.71 13.30
CA SER A 103 13.99 2.12 14.63
C SER A 103 14.20 0.61 14.54
N GLY A 104 13.27 -0.05 13.87
CA GLY A 104 13.34 -1.49 13.71
C GLY A 104 12.50 -2.21 14.75
N ASN A 105 11.24 -2.44 14.41
CA ASN A 105 10.31 -3.11 15.30
C ASN A 105 9.16 -3.71 14.49
N VAL A 106 8.98 -5.01 14.66
CA VAL A 106 7.93 -5.72 13.95
C VAL A 106 6.57 -5.17 14.41
N LYS A 107 6.46 -4.93 15.71
CA LYS A 107 5.23 -4.41 16.27
C LYS A 107 4.76 -3.20 15.44
N ASP A 108 5.67 -2.26 15.25
CA ASP A 108 5.36 -1.07 14.49
C ASP A 108 5.14 -1.45 13.03
N LEU A 109 5.91 -2.43 12.58
CA LEU A 109 5.80 -2.90 11.21
C LEU A 109 4.40 -3.47 10.97
N THR A 110 3.96 -4.28 11.92
CA THR A 110 2.65 -4.89 11.83
C THR A 110 1.56 -3.82 11.78
N GLN A 111 1.68 -2.85 12.68
CA GLN A 111 0.72 -1.77 12.75
C GLN A 111 0.59 -1.09 11.38
N ALA A 112 1.73 -0.74 10.81
CA ALA A 112 1.76 -0.09 9.52
C ALA A 112 1.02 -0.97 8.50
N TRP A 113 1.35 -2.25 8.52
CA TRP A 113 0.73 -3.20 7.62
C TRP A 113 -0.78 -3.20 7.88
N ASP A 114 -1.13 -3.03 9.14
CA ASP A 114 -2.52 -3.00 9.54
C ASP A 114 -3.24 -1.89 8.77
N LEU A 115 -2.65 -0.72 8.78
CA LEU A 115 -3.22 0.43 8.10
C LEU A 115 -3.38 0.10 6.61
N TYR A 116 -2.28 -0.34 6.01
CA TYR A 116 -2.27 -0.69 4.61
C TYR A 116 -3.36 -1.73 4.30
N TYR A 117 -3.26 -2.86 4.99
CA TYR A 117 -4.22 -3.93 4.81
C TYR A 117 -5.65 -3.40 4.87
N HIS A 118 -5.85 -2.41 5.74
CA HIS A 118 -7.16 -1.82 5.91
C HIS A 118 -7.60 -1.16 4.61
N VAL A 119 -6.68 -0.37 4.04
CA VAL A 119 -6.96 0.32 2.80
C VAL A 119 -6.87 -0.67 1.64
N PHE A 120 -5.92 -1.58 1.75
CA PHE A 120 -5.71 -2.58 0.72
C PHE A 120 -6.86 -3.58 0.70
N ARG A 121 -7.42 -3.83 1.88
CA ARG A 121 -8.52 -4.77 2.01
C ARG A 121 -9.85 -4.08 1.65
N ARG A 122 -9.86 -2.77 1.83
CA ARG A 122 -11.04 -1.99 1.54
C ARG A 122 -11.24 -1.88 0.02
N ILE A 123 -10.19 -1.45 -0.65
CA ILE A 123 -10.23 -1.30 -2.10
C ILE A 123 -10.96 -2.50 -2.72
N SER A 124 -10.85 -3.62 -2.02
CA SER A 124 -11.49 -4.84 -2.48
C SER A 124 -12.93 -4.92 -1.97
N LYS A 125 -13.06 -4.77 -0.66
CA LYS A 125 -14.38 -4.82 -0.03
C LYS A 125 -15.33 -3.90 -0.80
N GLN A 126 -16.62 -4.13 -0.59
CA GLN A 126 -17.64 -3.33 -1.25
C GLN A 126 -17.24 -3.04 -2.70
N MET A 26 -20.65 -0.90 -9.36
CA MET A 26 -21.38 -0.51 -10.55
C MET A 26 -21.11 -1.48 -11.71
N GLU A 27 -19.82 -1.67 -11.97
CA GLU A 27 -19.41 -2.57 -13.04
C GLU A 27 -19.19 -3.98 -12.49
N LEU A 28 -18.72 -4.04 -11.25
CA LEU A 28 -18.45 -5.31 -10.61
C LEU A 28 -17.69 -5.07 -9.31
N ILE A 29 -17.23 -6.16 -8.71
CA ILE A 29 -16.48 -6.09 -7.47
C ILE A 29 -15.42 -4.99 -7.59
N ARG A 30 -14.63 -5.09 -8.65
CA ARG A 30 -13.58 -4.13 -8.90
C ARG A 30 -13.10 -4.22 -10.34
N VAL A 31 -12.08 -3.42 -10.65
CA VAL A 31 -11.51 -3.41 -11.99
C VAL A 31 -10.10 -3.99 -11.94
N PRO A 32 -9.87 -5.01 -12.82
CA PRO A 32 -8.58 -5.65 -12.89
C PRO A 32 -7.56 -4.76 -13.60
N ILE A 33 -8.08 -3.84 -14.41
CA ILE A 33 -7.23 -2.92 -15.15
C ILE A 33 -7.42 -1.50 -14.60
N LEU A 34 -6.76 -1.26 -13.47
CA LEU A 34 -6.85 0.04 -12.84
C LEU A 34 -5.80 0.14 -11.73
N TRP A 35 -5.93 1.18 -10.92
CA TRP A 35 -5.00 1.39 -9.81
C TRP A 35 -5.10 0.18 -8.87
N HIS A 36 -6.34 -0.15 -8.53
CA HIS A 36 -6.59 -1.27 -7.64
C HIS A 36 -5.75 -2.47 -8.09
N GLU A 37 -5.41 -2.48 -9.36
CA GLU A 37 -4.61 -3.56 -9.93
C GLU A 37 -3.20 -3.51 -9.36
N MET A 38 -2.68 -2.30 -9.21
CA MET A 38 -1.34 -2.12 -8.69
C MET A 38 -1.30 -2.38 -7.18
N TRP A 39 -2.41 -2.09 -6.54
CA TRP A 39 -2.51 -2.30 -5.10
C TRP A 39 -2.48 -3.80 -4.83
N HIS A 40 -3.30 -4.52 -5.58
CA HIS A 40 -3.37 -5.96 -5.43
C HIS A 40 -2.05 -6.60 -5.88
N GLU A 41 -1.53 -6.09 -6.99
CA GLU A 41 -0.29 -6.60 -7.53
C GLU A 41 0.87 -6.29 -6.58
N GLY A 42 0.89 -5.03 -6.12
CA GLY A 42 1.93 -4.59 -5.21
C GLY A 42 2.02 -5.52 -4.00
N LEU A 43 0.91 -5.63 -3.29
CA LEU A 43 0.84 -6.48 -2.10
C LEU A 43 1.12 -7.92 -2.51
N GLU A 44 0.70 -8.26 -3.72
CA GLU A 44 0.90 -9.60 -4.23
C GLU A 44 2.37 -10.02 -4.10
N GLU A 45 3.24 -9.16 -4.63
CA GLU A 45 4.67 -9.42 -4.58
C GLU A 45 5.23 -9.06 -3.20
N ALA A 46 4.90 -7.85 -2.77
CA ALA A 46 5.34 -7.37 -1.48
C ALA A 46 4.98 -8.39 -0.39
N SER A 47 3.71 -8.80 -0.42
CA SER A 47 3.23 -9.77 0.54
C SER A 47 3.83 -11.14 0.26
N ARG A 48 3.98 -11.43 -1.02
CA ARG A 48 4.55 -12.71 -1.44
C ARG A 48 5.90 -12.93 -0.78
N LEU A 49 6.77 -11.94 -0.92
CA LEU A 49 8.10 -12.02 -0.35
C LEU A 49 7.99 -11.87 1.17
N TYR A 50 7.14 -10.94 1.59
CA TYR A 50 6.94 -10.69 3.01
C TYR A 50 6.46 -11.95 3.72
N PHE A 51 5.36 -12.49 3.24
CA PHE A 51 4.79 -13.70 3.82
C PHE A 51 5.70 -14.91 3.57
N GLY A 52 6.14 -15.03 2.32
CA GLY A 52 7.00 -16.13 1.93
C GLY A 52 8.36 -16.03 2.62
N GLU A 53 9.10 -14.98 2.25
CA GLU A 53 10.41 -14.76 2.82
C GLU A 53 11.31 -14.06 1.81
N ARG A 54 12.00 -13.03 2.29
CA ARG A 54 12.90 -12.27 1.43
C ARG A 54 13.45 -11.05 2.19
N ASN A 55 12.52 -10.29 2.75
CA ASN A 55 12.89 -9.09 3.49
C ASN A 55 11.74 -8.08 3.44
N VAL A 56 11.81 -7.11 4.33
CA VAL A 56 10.79 -6.07 4.39
C VAL A 56 11.10 -5.00 3.36
N LYS A 57 12.31 -5.07 2.81
CA LYS A 57 12.74 -4.11 1.81
C LYS A 57 11.94 -4.33 0.52
N GLY A 58 11.69 -5.59 0.24
CA GLY A 58 10.94 -5.96 -0.96
C GLY A 58 9.55 -5.32 -0.95
N MET A 59 8.81 -5.60 0.10
CA MET A 59 7.46 -5.07 0.24
C MET A 59 7.48 -3.54 0.34
N PHE A 60 8.49 -3.04 1.04
CA PHE A 60 8.64 -1.60 1.21
C PHE A 60 9.05 -0.93 -0.11
N GLU A 61 9.95 -1.60 -0.82
CA GLU A 61 10.43 -1.08 -2.08
C GLU A 61 9.37 -1.27 -3.17
N VAL A 62 8.37 -2.08 -2.85
CA VAL A 62 7.29 -2.35 -3.78
C VAL A 62 6.25 -1.23 -3.69
N LEU A 63 5.92 -0.87 -2.45
CA LEU A 63 4.94 0.18 -2.22
C LEU A 63 5.61 1.54 -2.45
N GLU A 64 6.81 1.68 -1.91
CA GLU A 64 7.55 2.91 -2.04
C GLU A 64 7.29 3.55 -3.41
N PRO A 65 7.55 2.74 -4.48
CA PRO A 65 7.34 3.22 -5.84
C PRO A 65 5.85 3.25 -6.19
N LEU A 66 5.19 2.14 -5.91
CA LEU A 66 3.76 2.04 -6.18
C LEU A 66 3.05 3.26 -5.63
N HIS A 67 3.23 3.49 -4.34
CA HIS A 67 2.60 4.62 -3.68
C HIS A 67 3.09 5.91 -4.32
N ALA A 68 4.41 6.04 -4.41
CA ALA A 68 5.01 7.22 -5.00
C ALA A 68 4.38 7.49 -6.37
N MET A 69 4.29 6.44 -7.17
CA MET A 69 3.71 6.54 -8.50
C MET A 69 2.33 7.21 -8.43
N MET A 70 1.58 6.84 -7.39
CA MET A 70 0.25 7.40 -7.21
C MET A 70 0.32 8.88 -6.90
N GLU A 71 1.36 9.27 -6.19
CA GLU A 71 1.55 10.65 -5.81
C GLU A 71 2.02 11.48 -7.02
N ARG A 72 3.19 11.14 -7.52
CA ARG A 72 3.75 11.82 -8.66
C ARG A 72 2.97 11.48 -9.93
N GLY A 73 2.22 10.38 -9.84
CA GLY A 73 1.42 9.94 -10.96
C GLY A 73 -0.07 9.95 -10.62
N PRO A 74 -0.65 11.18 -10.64
CA PRO A 74 -2.06 11.35 -10.32
C PRO A 74 -2.94 10.88 -11.49
N GLN A 75 -4.18 11.33 -11.46
CA GLN A 75 -5.13 10.97 -12.51
C GLN A 75 -6.15 12.09 -12.71
N THR A 76 -7.10 12.16 -11.80
CA THR A 76 -8.14 13.18 -11.87
C THR A 76 -8.73 13.43 -10.48
N LEU A 77 -9.87 14.12 -10.48
CA LEU A 77 -10.54 14.43 -9.23
C LEU A 77 -11.00 13.13 -8.56
N LYS A 78 -11.22 12.12 -9.39
CA LYS A 78 -11.65 10.83 -8.89
C LYS A 78 -10.54 10.21 -8.03
N GLU A 79 -9.40 10.01 -8.66
CA GLU A 79 -8.26 9.43 -7.98
C GLU A 79 -7.88 10.29 -6.76
N THR A 80 -8.13 11.58 -6.90
CA THR A 80 -7.82 12.51 -5.83
C THR A 80 -8.48 12.06 -4.53
N SER A 81 -9.69 11.55 -4.66
CA SER A 81 -10.44 11.08 -3.50
C SER A 81 -9.86 9.75 -3.01
N PHE A 82 -9.35 8.98 -3.96
CA PHE A 82 -8.77 7.69 -3.65
C PHE A 82 -7.46 7.84 -2.86
N ASN A 83 -6.57 8.65 -3.42
CA ASN A 83 -5.29 8.89 -2.80
C ASN A 83 -5.50 9.61 -1.46
N GLN A 84 -6.58 10.38 -1.41
CA GLN A 84 -6.91 11.13 -0.20
C GLN A 84 -7.59 10.20 0.81
N ALA A 85 -8.61 9.51 0.34
CA ALA A 85 -9.35 8.59 1.20
C ALA A 85 -8.36 7.82 2.08
N TYR A 86 -7.36 7.26 1.45
CA TYR A 86 -6.35 6.50 2.17
C TYR A 86 -5.11 7.36 2.44
N GLY A 87 -5.04 8.48 1.74
CA GLY A 87 -3.92 9.39 1.88
C GLY A 87 -3.56 9.57 3.36
N ARG A 88 -4.56 9.42 4.21
CA ARG A 88 -4.37 9.56 5.64
C ARG A 88 -3.74 8.29 6.21
N ASP A 89 -4.28 7.15 5.80
CA ASP A 89 -3.78 5.87 6.26
C ASP A 89 -2.35 5.68 5.79
N LEU A 90 -2.17 5.77 4.47
CA LEU A 90 -0.86 5.62 3.88
C LEU A 90 0.13 6.53 4.59
N MET A 91 -0.30 7.76 4.82
CA MET A 91 0.54 8.74 5.49
C MET A 91 1.05 8.20 6.83
N GLU A 92 0.12 7.70 7.62
CA GLU A 92 0.46 7.14 8.92
C GLU A 92 1.21 5.83 8.75
N ALA A 93 0.67 4.98 7.90
CA ALA A 93 1.29 3.69 7.64
C ALA A 93 2.75 3.89 7.25
N GLN A 94 2.97 4.86 6.39
CA GLN A 94 4.32 5.17 5.92
C GLN A 94 5.19 5.62 7.10
N GLU A 95 4.57 6.39 7.98
CA GLU A 95 5.28 6.90 9.15
C GLU A 95 5.78 5.74 10.01
N TRP A 96 4.97 4.69 10.08
CA TRP A 96 5.33 3.52 10.86
C TRP A 96 6.38 2.73 10.07
N CYS A 97 6.36 2.92 8.76
CA CYS A 97 7.29 2.23 7.89
C CYS A 97 8.69 2.83 8.10
N ARG A 98 8.77 4.13 7.85
CA ARG A 98 10.02 4.84 8.02
C ARG A 98 10.44 4.86 9.49
N LYS A 99 9.44 4.81 10.36
CA LYS A 99 9.69 4.81 11.79
C LYS A 99 10.34 3.49 12.20
N TYR A 100 9.88 2.42 11.56
CA TYR A 100 10.41 1.10 11.84
C TYR A 100 11.80 0.91 11.21
N MET A 101 11.94 1.46 10.01
CA MET A 101 13.19 1.37 9.29
C MET A 101 14.30 2.15 10.01
N LYS A 102 13.89 3.25 10.62
CA LYS A 102 14.84 4.09 11.35
C LYS A 102 14.93 3.61 12.80
N SER A 103 13.79 3.17 13.32
CA SER A 103 13.73 2.69 14.69
C SER A 103 14.00 1.18 14.72
N GLY A 104 13.01 0.44 14.25
CA GLY A 104 13.13 -1.02 14.21
C GLY A 104 12.19 -1.66 15.24
N ASN A 105 11.05 -2.12 14.76
CA ASN A 105 10.07 -2.75 15.62
C ASN A 105 9.00 -3.42 14.77
N VAL A 106 8.94 -4.75 14.87
CA VAL A 106 7.97 -5.51 14.11
C VAL A 106 6.56 -4.97 14.40
N LYS A 107 6.34 -4.64 15.66
CA LYS A 107 5.04 -4.10 16.07
C LYS A 107 4.67 -2.93 15.17
N ASP A 108 5.63 -2.03 15.00
CA ASP A 108 5.41 -0.85 14.17
C ASP A 108 5.27 -1.29 12.70
N LEU A 109 5.99 -2.34 12.35
CA LEU A 109 5.96 -2.86 11.00
C LEU A 109 4.56 -3.41 10.71
N THR A 110 4.08 -4.24 11.63
CA THR A 110 2.76 -4.83 11.48
C THR A 110 1.69 -3.75 11.41
N GLN A 111 1.79 -2.80 12.33
CA GLN A 111 0.84 -1.70 12.39
C GLN A 111 0.74 -1.02 11.02
N ALA A 112 1.89 -0.67 10.48
CA ALA A 112 1.94 -0.01 9.18
C ALA A 112 1.20 -0.86 8.16
N TRP A 113 1.55 -2.14 8.13
CA TRP A 113 0.91 -3.08 7.20
C TRP A 113 -0.59 -3.06 7.48
N ASP A 114 -0.93 -2.89 8.75
CA ASP A 114 -2.31 -2.87 9.16
C ASP A 114 -3.04 -1.74 8.42
N LEU A 115 -2.44 -0.56 8.47
CA LEU A 115 -3.02 0.60 7.82
C LEU A 115 -3.22 0.29 6.34
N TYR A 116 -2.15 -0.16 5.70
CA TYR A 116 -2.21 -0.50 4.29
C TYR A 116 -3.27 -1.56 4.02
N TYR A 117 -3.13 -2.68 4.72
CA TYR A 117 -4.07 -3.78 4.56
C TYR A 117 -5.51 -3.29 4.65
N HIS A 118 -5.70 -2.22 5.43
CA HIS A 118 -7.02 -1.66 5.60
C HIS A 118 -7.47 -0.99 4.31
N VAL A 119 -6.64 -0.09 3.82
CA VAL A 119 -6.93 0.63 2.59
C VAL A 119 -6.95 -0.37 1.42
N PHE A 120 -5.92 -1.20 1.38
CA PHE A 120 -5.82 -2.20 0.33
C PHE A 120 -6.97 -3.19 0.39
N ARG A 121 -7.48 -3.40 1.60
CA ARG A 121 -8.58 -4.32 1.82
C ARG A 121 -9.89 -3.69 1.33
N ARG A 122 -9.96 -2.38 1.45
CA ARG A 122 -11.14 -1.65 1.02
C ARG A 122 -11.24 -1.63 -0.51
N ILE A 123 -10.14 -1.23 -1.13
CA ILE A 123 -10.09 -1.16 -2.59
C ILE A 123 -10.69 -2.44 -3.17
N SER A 124 -10.52 -3.52 -2.42
CA SER A 124 -11.03 -4.81 -2.87
C SER A 124 -12.47 -4.99 -2.39
N LYS A 125 -12.68 -4.66 -1.12
CA LYS A 125 -14.01 -4.78 -0.52
C LYS A 125 -15.05 -4.27 -1.51
N GLN A 126 -16.14 -5.02 -1.63
CA GLN A 126 -17.22 -4.66 -2.53
C GLN A 126 -17.53 -3.17 -2.41
N MET A 26 -16.45 -14.84 -1.92
CA MET A 26 -15.90 -14.51 -3.22
C MET A 26 -15.02 -13.27 -3.15
N GLU A 27 -14.12 -13.16 -4.13
CA GLU A 27 -13.21 -12.03 -4.18
C GLU A 27 -13.58 -11.09 -5.34
N LEU A 28 -14.39 -11.63 -6.25
CA LEU A 28 -14.82 -10.86 -7.40
C LEU A 28 -13.61 -10.45 -8.24
N ILE A 29 -13.81 -10.45 -9.55
CA ILE A 29 -12.75 -10.09 -10.47
C ILE A 29 -12.26 -8.68 -10.15
N ARG A 30 -11.23 -8.25 -10.88
CA ARG A 30 -10.67 -6.93 -10.69
C ARG A 30 -10.15 -6.38 -12.01
N VAL A 31 -10.59 -5.18 -12.34
CA VAL A 31 -10.17 -4.53 -13.58
C VAL A 31 -8.68 -4.80 -13.80
N PRO A 32 -8.34 -5.08 -15.08
CA PRO A 32 -6.96 -5.34 -15.45
C PRO A 32 -6.13 -4.05 -15.46
N ILE A 33 -6.75 -2.99 -15.97
CA ILE A 33 -6.08 -1.70 -16.04
C ILE A 33 -6.78 -0.72 -15.09
N LEU A 34 -6.21 -0.62 -13.90
CA LEU A 34 -6.75 0.27 -12.88
C LEU A 34 -5.77 0.37 -11.72
N TRP A 35 -6.17 1.14 -10.71
CA TRP A 35 -5.34 1.33 -9.54
C TRP A 35 -5.44 0.06 -8.68
N HIS A 36 -6.67 -0.34 -8.43
CA HIS A 36 -6.92 -1.54 -7.64
C HIS A 36 -6.04 -2.68 -8.12
N GLU A 37 -5.62 -2.57 -9.37
CA GLU A 37 -4.77 -3.58 -9.97
C GLU A 37 -3.35 -3.49 -9.41
N MET A 38 -2.93 -2.27 -9.15
CA MET A 38 -1.60 -2.03 -8.61
C MET A 38 -1.53 -2.46 -7.14
N TRP A 39 -2.65 -2.32 -6.45
CA TRP A 39 -2.73 -2.68 -5.05
C TRP A 39 -2.71 -4.22 -4.96
N HIS A 40 -3.60 -4.83 -5.73
CA HIS A 40 -3.70 -6.27 -5.74
C HIS A 40 -2.33 -6.88 -6.03
N GLU A 41 -1.78 -6.53 -7.18
CA GLU A 41 -0.48 -7.02 -7.58
C GLU A 41 0.61 -6.45 -6.68
N GLY A 42 0.36 -5.24 -6.20
CA GLY A 42 1.31 -4.57 -5.33
C GLY A 42 1.57 -5.39 -4.07
N LEU A 43 0.54 -5.51 -3.26
CA LEU A 43 0.65 -6.27 -2.02
C LEU A 43 0.99 -7.73 -2.35
N GLU A 44 0.53 -8.16 -3.51
CA GLU A 44 0.79 -9.53 -3.95
C GLU A 44 2.28 -9.82 -3.90
N GLU A 45 3.06 -8.92 -4.49
CA GLU A 45 4.50 -9.08 -4.53
C GLU A 45 5.09 -8.83 -3.14
N ALA A 46 4.69 -7.71 -2.55
CA ALA A 46 5.18 -7.34 -1.24
C ALA A 46 4.90 -8.49 -0.26
N SER A 47 3.67 -8.97 -0.31
CA SER A 47 3.27 -10.07 0.56
C SER A 47 4.18 -11.28 0.35
N ARG A 48 4.37 -11.61 -0.92
CA ARG A 48 5.21 -12.74 -1.27
C ARG A 48 6.58 -12.61 -0.62
N LEU A 49 7.07 -11.37 -0.56
CA LEU A 49 8.36 -11.09 0.03
C LEU A 49 8.26 -11.27 1.54
N TYR A 50 7.12 -10.89 2.09
CA TYR A 50 6.89 -10.99 3.52
C TYR A 50 6.63 -12.45 3.92
N PHE A 51 5.64 -13.04 3.27
CA PHE A 51 5.27 -14.42 3.55
C PHE A 51 6.31 -15.39 2.96
N GLY A 52 6.68 -15.13 1.72
CA GLY A 52 7.66 -15.97 1.04
C GLY A 52 9.04 -15.84 1.71
N GLU A 53 9.51 -14.61 1.79
CA GLU A 53 10.80 -14.34 2.39
C GLU A 53 10.63 -13.50 3.66
N ARG A 54 11.68 -12.76 3.99
CA ARG A 54 11.66 -11.92 5.17
C ARG A 54 12.20 -10.52 4.84
N ASN A 55 12.45 -10.32 3.55
CA ASN A 55 12.97 -9.05 3.08
C ASN A 55 11.85 -8.00 3.13
N VAL A 56 11.69 -7.40 4.30
CA VAL A 56 10.67 -6.39 4.50
C VAL A 56 10.95 -5.21 3.57
N LYS A 57 12.15 -5.21 3.01
CA LYS A 57 12.56 -4.15 2.10
C LYS A 57 11.80 -4.29 0.78
N GLY A 58 11.68 -5.54 0.34
CA GLY A 58 10.98 -5.82 -0.90
C GLY A 58 9.57 -5.23 -0.89
N MET A 59 8.79 -5.64 0.11
CA MET A 59 7.43 -5.17 0.25
C MET A 59 7.39 -3.63 0.33
N PHE A 60 8.24 -3.11 1.21
CA PHE A 60 8.30 -1.66 1.40
C PHE A 60 8.73 -0.95 0.10
N GLU A 61 9.60 -1.63 -0.63
CA GLU A 61 10.09 -1.08 -1.89
C GLU A 61 9.03 -1.23 -2.99
N VAL A 62 8.04 -2.06 -2.70
CA VAL A 62 6.97 -2.30 -3.64
C VAL A 62 5.89 -1.22 -3.47
N LEU A 63 5.60 -0.92 -2.21
CA LEU A 63 4.60 0.09 -1.90
C LEU A 63 5.20 1.48 -2.09
N GLU A 64 6.43 1.62 -1.59
CA GLU A 64 7.13 2.89 -1.70
C GLU A 64 6.82 3.56 -3.05
N PRO A 65 7.04 2.78 -4.14
CA PRO A 65 6.79 3.28 -5.48
C PRO A 65 5.30 3.33 -5.78
N LEU A 66 4.63 2.22 -5.52
CA LEU A 66 3.20 2.11 -5.76
C LEU A 66 2.50 3.33 -5.14
N HIS A 67 2.74 3.52 -3.86
CA HIS A 67 2.14 4.64 -3.13
C HIS A 67 2.64 5.95 -3.74
N ALA A 68 3.95 6.03 -3.92
CA ALA A 68 4.56 7.22 -4.47
C ALA A 68 3.88 7.56 -5.80
N MET A 69 3.80 6.55 -6.66
CA MET A 69 3.19 6.71 -7.96
C MET A 69 1.80 7.34 -7.84
N MET A 70 1.10 6.94 -6.79
CA MET A 70 -0.24 7.46 -6.55
C MET A 70 -0.19 8.95 -6.20
N GLU A 71 0.80 9.32 -5.40
CA GLU A 71 0.97 10.70 -5.00
C GLU A 71 1.32 11.57 -6.21
N ARG A 72 2.48 11.30 -6.78
CA ARG A 72 2.94 12.04 -7.94
C ARG A 72 2.02 11.80 -9.14
N GLY A 73 1.59 10.54 -9.26
CA GLY A 73 0.72 10.15 -10.35
C GLY A 73 -0.63 9.65 -9.82
N PRO A 74 -1.51 10.63 -9.51
CA PRO A 74 -2.84 10.31 -8.99
C PRO A 74 -3.75 9.79 -10.10
N GLN A 75 -4.52 10.72 -10.67
CA GLN A 75 -5.43 10.37 -11.75
C GLN A 75 -6.24 11.60 -12.17
N THR A 76 -7.30 11.85 -11.43
CA THR A 76 -8.16 13.00 -11.73
C THR A 76 -8.89 13.44 -10.46
N LEU A 77 -9.48 14.63 -10.55
CA LEU A 77 -10.22 15.18 -9.43
C LEU A 77 -11.14 14.11 -8.84
N LYS A 78 -11.54 13.19 -9.71
CA LYS A 78 -12.43 12.10 -9.29
C LYS A 78 -11.62 11.10 -8.46
N GLU A 79 -10.41 10.82 -8.93
CA GLU A 79 -9.55 9.88 -8.24
C GLU A 79 -8.83 10.57 -7.08
N THR A 80 -8.80 11.89 -7.14
CA THR A 80 -8.16 12.68 -6.10
C THR A 80 -8.78 12.36 -4.73
N SER A 81 -10.04 11.95 -4.77
CA SER A 81 -10.76 11.61 -3.56
C SER A 81 -10.17 10.34 -2.94
N PHE A 82 -10.08 9.31 -3.77
CA PHE A 82 -9.55 8.03 -3.32
C PHE A 82 -8.08 8.16 -2.92
N ASN A 83 -7.29 8.70 -3.84
CA ASN A 83 -5.87 8.89 -3.59
C ASN A 83 -5.68 9.60 -2.26
N GLN A 84 -6.60 10.50 -1.97
CA GLN A 84 -6.55 11.26 -0.73
C GLN A 84 -7.07 10.41 0.43
N ALA A 85 -8.29 9.92 0.27
CA ALA A 85 -8.91 9.10 1.29
C ALA A 85 -7.88 8.10 1.83
N TYR A 86 -7.11 7.54 0.91
CA TYR A 86 -6.09 6.57 1.27
C TYR A 86 -4.73 7.24 1.47
N GLY A 87 -4.51 8.29 0.68
CA GLY A 87 -3.27 9.03 0.76
C GLY A 87 -2.88 9.31 2.22
N ARG A 88 -3.89 9.35 3.07
CA ARG A 88 -3.68 9.60 4.49
C ARG A 88 -3.23 8.32 5.19
N ASP A 89 -3.79 7.20 4.73
CA ASP A 89 -3.46 5.92 5.31
C ASP A 89 -2.00 5.58 5.00
N LEU A 90 -1.70 5.51 3.71
CA LEU A 90 -0.35 5.19 3.27
C LEU A 90 0.64 6.15 3.95
N MET A 91 0.27 7.42 3.96
CA MET A 91 1.11 8.44 4.57
C MET A 91 1.49 8.05 6.00
N GLU A 92 0.47 7.69 6.77
CA GLU A 92 0.68 7.30 8.16
C GLU A 92 1.55 6.04 8.22
N ALA A 93 1.07 4.99 7.55
CA ALA A 93 1.79 3.73 7.52
C ALA A 93 3.22 3.97 7.04
N GLN A 94 3.34 4.83 6.05
CA GLN A 94 4.64 5.16 5.49
C GLN A 94 5.59 5.65 6.60
N GLU A 95 5.06 6.51 7.43
CA GLU A 95 5.83 7.06 8.53
C GLU A 95 6.21 5.95 9.52
N TRP A 96 5.31 5.00 9.65
CA TRP A 96 5.54 3.88 10.55
C TRP A 96 6.71 3.05 10.00
N CYS A 97 6.77 2.99 8.68
CA CYS A 97 7.83 2.24 8.02
C CYS A 97 9.16 2.91 8.32
N ARG A 98 9.20 4.21 8.07
CA ARG A 98 10.41 4.99 8.32
C ARG A 98 10.87 4.80 9.77
N LYS A 99 9.91 4.77 10.67
CA LYS A 99 10.20 4.60 12.08
C LYS A 99 10.75 3.19 12.31
N TYR A 100 10.26 2.26 11.50
CA TYR A 100 10.69 0.88 11.61
C TYR A 100 12.05 0.67 10.95
N MET A 101 12.17 1.19 9.74
CA MET A 101 13.41 1.07 8.99
C MET A 101 14.58 1.69 9.76
N LYS A 102 14.27 2.76 10.48
CA LYS A 102 15.28 3.45 11.27
C LYS A 102 15.39 2.79 12.65
N SER A 103 14.24 2.75 13.32
CA SER A 103 14.18 2.15 14.66
C SER A 103 14.31 0.63 14.55
N GLY A 104 13.28 0.02 13.97
CA GLY A 104 13.26 -1.42 13.80
C GLY A 104 12.41 -2.08 14.88
N ASN A 105 11.12 -2.19 14.58
CA ASN A 105 10.19 -2.80 15.53
C ASN A 105 9.07 -3.50 14.74
N VAL A 106 8.90 -4.78 15.04
CA VAL A 106 7.87 -5.57 14.37
C VAL A 106 6.50 -4.96 14.65
N LYS A 107 6.31 -4.56 15.90
CA LYS A 107 5.05 -3.96 16.30
C LYS A 107 4.72 -2.79 15.36
N ASP A 108 5.72 -1.96 15.14
CA ASP A 108 5.56 -0.81 14.27
C ASP A 108 5.33 -1.29 12.82
N LEU A 109 6.08 -2.31 12.45
CA LEU A 109 5.97 -2.87 11.12
C LEU A 109 4.55 -3.43 10.93
N THR A 110 4.09 -4.16 11.93
CA THR A 110 2.77 -4.75 11.88
C THR A 110 1.70 -3.67 11.69
N GLN A 111 1.82 -2.62 12.51
CA GLN A 111 0.88 -1.52 12.44
C GLN A 111 0.84 -0.94 11.03
N ALA A 112 2.03 -0.74 10.46
CA ALA A 112 2.13 -0.20 9.12
C ALA A 112 1.36 -1.09 8.15
N TRP A 113 1.51 -2.39 8.33
CA TRP A 113 0.84 -3.36 7.48
C TRP A 113 -0.66 -3.25 7.75
N ASP A 114 -0.98 -2.87 8.98
CA ASP A 114 -2.38 -2.74 9.38
C ASP A 114 -3.04 -1.66 8.51
N LEU A 115 -2.39 -0.50 8.45
CA LEU A 115 -2.90 0.61 7.68
C LEU A 115 -3.04 0.18 6.21
N TYR A 116 -1.95 -0.34 5.67
CA TYR A 116 -1.93 -0.79 4.30
C TYR A 116 -3.03 -1.83 4.05
N TYR A 117 -3.03 -2.85 4.90
CA TYR A 117 -4.02 -3.92 4.78
C TYR A 117 -5.42 -3.35 4.60
N HIS A 118 -5.74 -2.34 5.41
CA HIS A 118 -7.04 -1.70 5.35
C HIS A 118 -7.23 -1.07 3.97
N VAL A 119 -6.18 -0.41 3.50
CA VAL A 119 -6.22 0.24 2.20
C VAL A 119 -6.44 -0.82 1.11
N PHE A 120 -5.52 -1.78 1.06
CA PHE A 120 -5.60 -2.84 0.09
C PHE A 120 -6.85 -3.69 0.29
N ARG A 121 -7.30 -3.72 1.55
CA ARG A 121 -8.48 -4.49 1.90
C ARG A 121 -9.74 -3.76 1.45
N ARG A 122 -9.75 -2.45 1.70
CA ARG A 122 -10.89 -1.63 1.34
C ARG A 122 -11.12 -1.69 -0.18
N ILE A 123 -10.05 -1.42 -0.91
CA ILE A 123 -10.12 -1.43 -2.37
C ILE A 123 -10.90 -2.66 -2.83
N SER A 124 -10.79 -3.72 -2.03
CA SER A 124 -11.47 -4.96 -2.35
C SER A 124 -12.92 -4.90 -1.84
N LYS A 125 -13.05 -4.52 -0.58
CA LYS A 125 -14.36 -4.43 0.04
C LYS A 125 -15.28 -3.61 -0.86
N GLN A 126 -16.37 -4.24 -1.28
CA GLN A 126 -17.34 -3.58 -2.14
C GLN A 126 -17.71 -2.21 -1.58
N MET A 26 -16.57 9.70 -1.42
CA MET A 26 -16.97 9.57 -2.81
C MET A 26 -16.82 8.13 -3.31
N GLU A 27 -17.91 7.63 -3.88
CA GLU A 27 -17.92 6.27 -4.39
C GLU A 27 -17.98 6.28 -5.92
N LEU A 28 -18.06 7.48 -6.46
CA LEU A 28 -18.12 7.64 -7.91
C LEU A 28 -16.70 7.76 -8.46
N ILE A 29 -16.59 7.61 -9.78
CA ILE A 29 -15.30 7.70 -10.44
C ILE A 29 -14.39 6.58 -9.91
N ARG A 30 -13.66 5.98 -10.83
CA ARG A 30 -12.74 4.91 -10.48
C ARG A 30 -11.55 4.90 -11.43
N VAL A 31 -10.55 4.09 -11.07
CA VAL A 31 -9.35 3.98 -11.88
C VAL A 31 -9.74 3.67 -13.32
N PRO A 32 -9.02 4.34 -14.26
CA PRO A 32 -9.28 4.16 -15.68
C PRO A 32 -8.74 2.80 -16.16
N ILE A 33 -7.54 2.48 -15.69
CA ILE A 33 -6.90 1.23 -16.06
C ILE A 33 -7.23 0.16 -15.01
N LEU A 34 -6.46 0.19 -13.93
CA LEU A 34 -6.65 -0.76 -12.85
C LEU A 34 -5.57 -0.53 -11.78
N TRP A 35 -5.92 0.29 -10.81
CA TRP A 35 -5.00 0.60 -9.72
C TRP A 35 -5.04 -0.56 -8.72
N HIS A 36 -6.25 -0.98 -8.40
CA HIS A 36 -6.44 -2.07 -7.46
C HIS A 36 -5.53 -3.24 -7.86
N GLU A 37 -5.17 -3.27 -9.13
CA GLU A 37 -4.31 -4.32 -9.65
C GLU A 37 -2.92 -4.24 -9.01
N MET A 38 -2.52 -3.00 -8.73
CA MET A 38 -1.21 -2.76 -8.13
C MET A 38 -1.25 -3.05 -6.62
N TRP A 39 -2.39 -2.72 -6.02
CA TRP A 39 -2.55 -2.93 -4.59
C TRP A 39 -2.59 -4.44 -4.34
N HIS A 40 -3.26 -5.15 -5.24
CA HIS A 40 -3.36 -6.59 -5.14
C HIS A 40 -2.01 -7.24 -5.46
N GLU A 41 -1.55 -6.98 -6.67
CA GLU A 41 -0.29 -7.52 -7.13
C GLU A 41 0.86 -7.00 -6.25
N GLY A 42 0.73 -5.74 -5.86
CA GLY A 42 1.74 -5.11 -5.02
C GLY A 42 1.88 -5.84 -3.69
N LEU A 43 0.82 -5.80 -2.91
CA LEU A 43 0.82 -6.45 -1.61
C LEU A 43 1.06 -7.95 -1.80
N GLU A 44 0.60 -8.46 -2.93
CA GLU A 44 0.76 -9.87 -3.25
C GLU A 44 2.23 -10.26 -3.18
N GLU A 45 3.05 -9.50 -3.89
CA GLU A 45 4.48 -9.76 -3.92
C GLU A 45 5.12 -9.35 -2.59
N ALA A 46 4.85 -8.11 -2.20
CA ALA A 46 5.39 -7.58 -0.95
C ALA A 46 5.03 -8.52 0.20
N SER A 47 3.75 -8.86 0.28
CA SER A 47 3.26 -9.75 1.31
C SER A 47 3.82 -11.15 1.10
N ARG A 48 4.03 -11.49 -0.17
CA ARG A 48 4.56 -12.80 -0.51
C ARG A 48 5.94 -13.00 0.09
N LEU A 49 6.81 -12.03 -0.17
CA LEU A 49 8.17 -12.07 0.35
C LEU A 49 8.14 -11.80 1.85
N TYR A 50 7.31 -10.85 2.24
CA TYR A 50 7.18 -10.48 3.64
C TYR A 50 6.79 -11.69 4.49
N PHE A 51 5.68 -12.31 4.10
CA PHE A 51 5.19 -13.47 4.82
C PHE A 51 6.08 -14.69 4.57
N GLY A 52 6.46 -14.86 3.31
CA GLY A 52 7.32 -15.97 2.94
C GLY A 52 8.72 -15.81 3.52
N GLU A 53 9.44 -14.84 3.00
CA GLU A 53 10.79 -14.57 3.45
C GLU A 53 11.63 -13.97 2.32
N ARG A 54 12.35 -12.90 2.66
CA ARG A 54 13.19 -12.23 1.69
C ARG A 54 13.77 -10.95 2.29
N ASN A 55 12.89 -10.14 2.87
CA ASN A 55 13.30 -8.89 3.48
C ASN A 55 12.13 -7.92 3.46
N VAL A 56 12.32 -6.81 4.18
CA VAL A 56 11.29 -5.79 4.26
C VAL A 56 11.38 -4.89 3.04
N LYS A 57 12.59 -4.76 2.52
CA LYS A 57 12.83 -3.93 1.35
C LYS A 57 11.90 -4.38 0.22
N GLY A 58 11.66 -5.68 0.16
CA GLY A 58 10.79 -6.24 -0.85
C GLY A 58 9.47 -5.48 -0.95
N MET A 59 8.83 -5.33 0.21
CA MET A 59 7.56 -4.63 0.28
C MET A 59 7.74 -3.14 0.00
N PHE A 60 8.64 -2.53 0.77
CA PHE A 60 8.91 -1.12 0.62
C PHE A 60 9.25 -0.78 -0.83
N GLU A 61 10.18 -1.56 -1.39
CA GLU A 61 10.60 -1.36 -2.76
C GLU A 61 9.46 -1.67 -3.73
N VAL A 62 8.47 -2.39 -3.21
CA VAL A 62 7.32 -2.77 -4.01
C VAL A 62 6.29 -1.63 -3.99
N LEU A 63 6.07 -1.10 -2.79
CA LEU A 63 5.13 0.00 -2.62
C LEU A 63 5.78 1.30 -3.08
N GLU A 64 7.04 1.46 -2.70
CA GLU A 64 7.78 2.65 -3.05
C GLU A 64 7.41 3.11 -4.47
N PRO A 65 7.53 2.17 -5.43
CA PRO A 65 7.22 2.45 -6.81
C PRO A 65 5.70 2.51 -7.04
N LEU A 66 5.03 1.46 -6.58
CA LEU A 66 3.59 1.37 -6.72
C LEU A 66 2.96 2.68 -6.22
N HIS A 67 3.27 3.02 -4.98
CA HIS A 67 2.75 4.23 -4.38
C HIS A 67 3.19 5.45 -5.21
N ALA A 68 4.49 5.50 -5.46
CA ALA A 68 5.06 6.60 -6.23
C ALA A 68 4.27 6.76 -7.53
N MET A 69 4.11 5.64 -8.23
CA MET A 69 3.39 5.64 -9.49
C MET A 69 2.03 6.34 -9.34
N MET A 70 1.40 6.09 -8.21
CA MET A 70 0.10 6.68 -7.92
C MET A 70 0.21 8.20 -7.76
N GLU A 71 1.33 8.61 -7.17
CA GLU A 71 1.57 10.02 -6.95
C GLU A 71 1.92 10.72 -8.27
N ARG A 72 3.04 10.29 -8.85
CA ARG A 72 3.50 10.86 -10.10
C ARG A 72 2.61 10.39 -11.25
N GLY A 73 1.74 9.45 -10.93
CA GLY A 73 0.83 8.91 -11.93
C GLY A 73 -0.62 8.92 -11.42
N PRO A 74 -1.12 10.15 -11.16
CA PRO A 74 -2.48 10.31 -10.67
C PRO A 74 -3.50 10.09 -11.78
N GLN A 75 -4.71 10.58 -11.55
CA GLN A 75 -5.77 10.44 -12.52
C GLN A 75 -6.49 11.77 -12.72
N THR A 76 -7.20 12.19 -11.68
CA THR A 76 -7.93 13.45 -11.72
C THR A 76 -8.52 13.76 -10.34
N LEU A 77 -8.92 15.02 -10.18
CA LEU A 77 -9.51 15.47 -8.93
C LEU A 77 -10.60 14.48 -8.50
N LYS A 78 -11.20 13.84 -9.49
CA LYS A 78 -12.25 12.87 -9.24
C LYS A 78 -11.65 11.62 -8.60
N GLU A 79 -10.51 11.20 -9.15
CA GLU A 79 -9.82 10.03 -8.64
C GLU A 79 -9.11 10.35 -7.32
N THR A 80 -8.84 11.63 -7.13
CA THR A 80 -8.17 12.09 -5.93
C THR A 80 -8.93 11.60 -4.68
N SER A 81 -10.22 11.40 -4.85
CA SER A 81 -11.05 10.93 -3.76
C SER A 81 -10.46 9.65 -3.16
N PHE A 82 -10.04 8.76 -4.04
CA PHE A 82 -9.46 7.50 -3.61
C PHE A 82 -8.09 7.72 -2.97
N ASN A 83 -7.23 8.40 -3.71
CA ASN A 83 -5.88 8.68 -3.22
C ASN A 83 -5.97 9.25 -1.81
N GLN A 84 -7.01 10.04 -1.58
CA GLN A 84 -7.21 10.64 -0.28
C GLN A 84 -7.81 9.63 0.70
N ALA A 85 -8.82 8.91 0.20
CA ALA A 85 -9.49 7.91 1.01
C ALA A 85 -8.44 7.08 1.76
N TYR A 86 -7.31 6.88 1.11
CA TYR A 86 -6.23 6.11 1.69
C TYR A 86 -5.05 7.02 2.06
N GLY A 87 -4.94 8.12 1.34
CA GLY A 87 -3.88 9.07 1.58
C GLY A 87 -3.65 9.29 3.08
N ARG A 88 -4.72 9.07 3.83
CA ARG A 88 -4.67 9.22 5.28
C ARG A 88 -4.04 7.99 5.93
N ASP A 89 -4.51 6.83 5.50
CA ASP A 89 -4.01 5.57 6.02
C ASP A 89 -2.55 5.41 5.61
N LEU A 90 -2.30 5.58 4.32
CA LEU A 90 -0.95 5.44 3.79
C LEU A 90 -0.01 6.37 4.57
N MET A 91 -0.51 7.56 4.85
CA MET A 91 0.27 8.55 5.58
C MET A 91 0.70 8.00 6.95
N GLU A 92 -0.28 7.46 7.66
CA GLU A 92 -0.02 6.90 8.98
C GLU A 92 0.76 5.58 8.85
N ALA A 93 0.26 4.72 7.98
CA ALA A 93 0.89 3.43 7.76
C ALA A 93 2.34 3.65 7.31
N GLN A 94 2.50 4.60 6.40
CA GLN A 94 3.82 4.92 5.88
C GLN A 94 4.71 5.47 7.00
N GLU A 95 4.08 6.17 7.93
CA GLU A 95 4.80 6.75 9.05
C GLU A 95 5.31 5.65 9.98
N TRP A 96 4.51 4.60 10.11
CA TRP A 96 4.86 3.48 10.96
C TRP A 96 6.01 2.73 10.30
N CYS A 97 5.97 2.70 8.97
CA CYS A 97 7.01 2.02 8.20
C CYS A 97 8.31 2.80 8.35
N ARG A 98 8.22 4.10 8.09
CA ARG A 98 9.39 4.96 8.19
C ARG A 98 9.96 4.92 9.60
N LYS A 99 9.06 5.06 10.58
CA LYS A 99 9.46 5.04 11.97
C LYS A 99 10.19 3.72 12.27
N TYR A 100 9.69 2.66 11.68
CA TYR A 100 10.28 1.34 11.88
C TYR A 100 11.63 1.24 11.16
N MET A 101 11.67 1.81 9.97
CA MET A 101 12.89 1.79 9.17
C MET A 101 14.04 2.47 9.91
N LYS A 102 13.70 3.56 10.59
CA LYS A 102 14.69 4.32 11.33
C LYS A 102 14.79 3.75 12.76
N SER A 103 13.64 3.68 13.41
CA SER A 103 13.58 3.16 14.77
C SER A 103 13.96 1.68 14.78
N GLY A 104 13.11 0.87 14.17
CA GLY A 104 13.34 -0.56 14.11
C GLY A 104 12.55 -1.29 15.20
N ASN A 105 11.34 -1.69 14.83
CA ASN A 105 10.48 -2.41 15.77
C ASN A 105 9.37 -3.11 14.99
N VAL A 106 9.48 -4.43 14.94
CA VAL A 106 8.49 -5.23 14.23
C VAL A 106 7.09 -4.77 14.61
N LYS A 107 6.92 -4.47 15.89
CA LYS A 107 5.64 -4.01 16.40
C LYS A 107 5.13 -2.87 15.51
N ASP A 108 6.06 -1.98 15.16
CA ASP A 108 5.71 -0.85 14.32
C ASP A 108 5.40 -1.34 12.91
N LEU A 109 6.19 -2.29 12.46
CA LEU A 109 6.02 -2.85 11.13
C LEU A 109 4.66 -3.54 11.05
N THR A 110 4.35 -4.30 12.10
CA THR A 110 3.09 -5.01 12.17
C THR A 110 1.92 -4.03 12.11
N GLN A 111 2.02 -2.98 12.90
CA GLN A 111 0.99 -1.97 12.95
C GLN A 111 0.83 -1.30 11.59
N ALA A 112 1.97 -0.97 10.99
CA ALA A 112 1.98 -0.33 9.69
C ALA A 112 1.39 -1.29 8.65
N TRP A 113 1.80 -2.54 8.74
CA TRP A 113 1.32 -3.56 7.82
C TRP A 113 -0.19 -3.69 8.00
N ASP A 114 -0.63 -3.44 9.23
CA ASP A 114 -2.05 -3.51 9.54
C ASP A 114 -2.80 -2.40 8.82
N LEU A 115 -2.27 -1.20 8.95
CA LEU A 115 -2.88 -0.04 8.32
C LEU A 115 -3.04 -0.31 6.82
N TYR A 116 -1.95 -0.73 6.21
CA TYR A 116 -1.94 -1.03 4.79
C TYR A 116 -2.97 -2.11 4.46
N TYR A 117 -2.96 -3.15 5.27
CA TYR A 117 -3.88 -4.26 5.08
C TYR A 117 -5.31 -3.77 4.93
N HIS A 118 -5.70 -2.89 5.84
CA HIS A 118 -7.04 -2.33 5.82
C HIS A 118 -7.26 -1.57 4.51
N VAL A 119 -6.26 -0.78 4.14
CA VAL A 119 -6.34 0.00 2.92
C VAL A 119 -6.57 -0.94 1.73
N PHE A 120 -5.67 -1.90 1.61
CA PHE A 120 -5.77 -2.87 0.52
C PHE A 120 -7.01 -3.75 0.67
N ARG A 121 -7.43 -3.90 1.92
CA ARG A 121 -8.61 -4.71 2.21
C ARG A 121 -9.88 -3.96 1.81
N ARG A 122 -9.77 -2.64 1.77
CA ARG A 122 -10.90 -1.81 1.40
C ARG A 122 -11.08 -1.81 -0.12
N ILE A 123 -9.99 -1.55 -0.82
CA ILE A 123 -10.02 -1.53 -2.27
C ILE A 123 -10.46 -2.89 -2.79
N SER A 124 -10.20 -3.91 -2.00
CA SER A 124 -10.57 -5.26 -2.36
C SER A 124 -12.04 -5.53 -2.03
N LYS A 125 -12.39 -5.22 -0.79
CA LYS A 125 -13.76 -5.41 -0.33
C LYS A 125 -14.73 -4.92 -1.41
N GLN A 126 -15.76 -5.70 -1.64
CA GLN A 126 -16.76 -5.37 -2.64
C GLN A 126 -17.17 -3.90 -2.50
#